data_7DD9
#
_entry.id   7DD9
#
_cell.length_a   1.00
_cell.length_b   1.00
_cell.length_c   1.00
_cell.angle_alpha   90.00
_cell.angle_beta   90.00
_cell.angle_gamma   90.00
#
_symmetry.space_group_name_H-M   'P 1'
#
loop_
_entity.id
_entity.type
_entity.pdbx_description
1 polymer 'Alpha-mannosidase,ZZ-type zinc finger-containing protein P35G2.11c,Maltose/maltodextrin-binding periplasmic protein'
2 non-polymer 'ZINC ION'
3 water water
#
_entity_poly.entity_id   1
_entity_poly.type   'polypeptide(L)'
_entity_poly.pdbx_seq_one_letter_code
;MTLFPVLNNTPVGKQVDSIYESRLDQFLSEGQYRDFNLPSVYDHARIDNPSGDVNNDLSKGFVDLKVYRVPDLSRPSFNE
VVGHKKFDETASKGDTFGPSWATFWFEVHIRLPKSWAKYEQVIFQWNCDNEGLVYSQDGVPLQAFSGSERTDFILPDSWK
TTEDTFYIEMACNGMFGTGAGSQIAPPDPNRYFTLTKADLVAPNLPAMALAYDFLLMQQCVKQLPSNCWQKYKARQICND
IMNTFHPNDLSTINECRNLAKAFLGNDIDSEAVFEKNNDKANVFAIGHCHIDTAWLWPFAETRRKIVRSWATQMNIMDRY
PEYQFVCSQALQYLWLKEDHPDVFEKLKEYVNQNKFIPIGGSWVEHDTNIPNGESLIRQFLLGQHFFEKEFGVRCRTFWL
PDTFGYSSQIPQICRLCGMDRFLTQKLSWNNINSFPTSTFNWVALDGSQVICHMPPANTYTADTNVNDVLHSIDQHKNLV
NDQAGLLVFGIGDGGGGPTPEMLEKLRRCKGIANTVGYLPNVKLGNTVDEFFDGILKRTNAGQTLPSWNGELYFEFHRGT
YTTQAELKKLMRKVEIALHDAEYVSTLASIFSKDYSYPKESLQDLWRDTLLCQFHDVLPGSCIEMVYKDAIPIMSKVLKN
TEALLWQAIEQLGFKKASSSDNKEQLCLLNTLPWNVRGVITETEENKLVYFESCDGKGILTAAHTSLKHPAAAYQKDDNF
ILVNDHLRVTIAPNGLILSLFDLHKEREILDLKSGKNHAGANQYVLFEDTPLSWQAWDTEVFSLEKYEVLDKGKVSIKES
GPLRASVVVDIPISELSHMKATISLEGYNDCSEFTGVNFTCEVDWHESCKFLKVEFPVDIHSEFASYETQFGITKRPTHY
NTSWDVAKFEVCHQKFADYSDFTYGVSVLNDCKYGFSTHGNLMRLSLLRSPKQPDAHADMGKHTIRYAVYPHSKPLDSST
VRAAHKFNSNFRLLTRASDTANLDIFDAFQLVGEPNVILSHIKMAEKGKSIILRVYESLGGKSRARLVIKSLTVASVTKC
NGLEEDLEELCTLKSNDYYEVPIELRAFEIATFKVNLGFKKASSSDNKEQPTLRSSSVACNTCLKIIRNDSFHCTKCFDF
DVCRDCYAKQAFLHPCPKPHFVLVRSSIPSVASLTCSVNSMSVSPQSNFMYAICDHCEQPIHNVRYKCSVCDDYDICESC
LTDNSHSNTHAFVRITKAKIEEGKLVIWINGDKGYNGLAEVGKKFEKDTGIKVTVEHPDKLEEKFPQVAATGDGPDIIFW
AHDRFGGYAQSGLLAEITPDKAFQDKLYPFTWDAVRYNGKLIAYPIAVEALSLIYNKDLLPNPPKTWEEIPALDKELKAK
GKSALMFNLQEPYFTWPLIAADGGYAFKYENGKYDIKDVGVDNAGAKAGLTFLVDLIKNKHMNADTDYSIAEAAFNKGET
AMTINGPWAWSNIDTSKVNYGVTVLPTFKGQPSKPFVGVLSAGINAASPNKELAKEFLENYLLTDEGLEAVNKDKPLGAV
ALKSYEEELAKDPRIAATMENAQKGEIMPNIPQMSAFWYAVRTAVINAASGRQTVDEALKDAQT
;
_entity_poly.pdbx_strand_id   A,C,E,G
#
loop_
_chem_comp.id
_chem_comp.type
_chem_comp.name
_chem_comp.formula
ZN non-polymer 'ZINC ION' 'Zn 2'
#
# COMPACT_ATOMS: atom_id res chain seq x y z
N THR A 2 -4.36 47.14 -11.03
CA THR A 2 -4.27 45.70 -10.89
C THR A 2 -5.21 44.98 -11.86
N LEU A 3 -4.86 43.74 -12.21
CA LEU A 3 -5.71 42.92 -13.04
C LEU A 3 -6.60 42.00 -12.23
N PHE A 4 -6.29 41.79 -10.96
CA PHE A 4 -7.08 40.93 -10.09
C PHE A 4 -8.41 41.61 -9.75
N PRO A 5 -9.54 41.12 -10.24
CA PRO A 5 -10.81 41.80 -9.97
C PRO A 5 -11.16 41.75 -8.50
N VAL A 6 -11.84 42.81 -8.06
CA VAL A 6 -12.28 42.87 -6.66
C VAL A 6 -13.36 41.84 -6.40
N LEU A 7 -14.37 41.79 -7.26
CA LEU A 7 -15.55 40.96 -7.03
C LEU A 7 -15.45 39.66 -7.81
N ASN A 8 -15.82 38.57 -7.15
CA ASN A 8 -15.84 37.24 -7.75
C ASN A 8 -17.28 36.75 -7.65
N ASN A 9 -18.00 36.75 -8.76
CA ASN A 9 -19.34 36.19 -8.83
C ASN A 9 -19.40 34.96 -9.71
N THR A 10 -18.27 34.31 -9.95
CA THR A 10 -18.21 33.12 -10.80
C THR A 10 -17.44 32.04 -10.06
N PRO A 11 -18.12 31.26 -9.23
CA PRO A 11 -17.41 30.20 -8.50
C PRO A 11 -16.80 29.20 -9.46
N VAL A 12 -15.60 28.76 -9.12
CA VAL A 12 -14.89 27.73 -9.87
C VAL A 12 -14.68 26.55 -8.93
N GLY A 13 -15.04 25.37 -9.39
CA GLY A 13 -14.87 24.19 -8.59
C GLY A 13 -13.50 23.56 -8.80
N LYS A 14 -13.05 22.85 -7.79
CA LYS A 14 -11.84 22.05 -7.95
C LYS A 14 -12.16 20.85 -8.84
N GLN A 15 -11.32 20.61 -9.83
CA GLN A 15 -11.56 19.55 -10.79
C GLN A 15 -11.48 18.18 -10.11
N VAL A 16 -12.45 17.33 -10.38
CA VAL A 16 -12.40 15.96 -9.92
C VAL A 16 -11.38 15.20 -10.74
N ASP A 17 -10.45 14.53 -10.08
CA ASP A 17 -9.32 13.92 -10.77
C ASP A 17 -9.80 12.86 -11.76
N SER A 18 -10.64 11.93 -11.32
CA SER A 18 -11.02 10.80 -12.17
C SER A 18 -11.79 11.27 -13.39
N ILE A 19 -12.73 12.20 -13.22
CA ILE A 19 -13.56 12.65 -14.32
C ILE A 19 -12.71 13.32 -15.39
N TYR A 20 -11.84 14.23 -14.97
CA TYR A 20 -11.03 14.97 -15.93
C TYR A 20 -9.90 14.15 -16.51
N GLU A 21 -9.46 13.10 -15.82
CA GLU A 21 -8.50 12.19 -16.40
C GLU A 21 -9.13 11.28 -17.44
N SER A 22 -10.33 10.78 -17.16
CA SER A 22 -11.00 9.93 -18.15
C SER A 22 -11.60 10.72 -19.28
N ARG A 23 -11.78 12.04 -19.12
CA ARG A 23 -12.13 12.86 -20.26
C ARG A 23 -11.02 12.85 -21.31
N LEU A 24 -9.78 12.64 -20.88
CA LEU A 24 -8.65 12.69 -21.82
C LEU A 24 -8.73 11.58 -22.85
N ASP A 25 -9.39 10.48 -22.52
CA ASP A 25 -9.41 9.33 -23.42
C ASP A 25 -10.18 9.57 -24.70
N GLN A 26 -11.09 10.54 -24.73
CA GLN A 26 -11.95 10.68 -25.89
C GLN A 26 -11.42 11.68 -26.92
N PHE A 27 -10.29 12.32 -26.68
CA PHE A 27 -9.73 13.22 -27.69
C PHE A 27 -9.19 12.45 -28.88
N LEU A 28 -8.60 11.28 -28.64
CA LEU A 28 -8.08 10.45 -29.72
C LEU A 28 -8.91 9.20 -29.95
N SER A 29 -10.04 9.08 -29.27
CA SER A 29 -10.88 7.89 -29.42
C SER A 29 -11.61 7.93 -30.76
N GLU A 30 -11.70 6.76 -31.40
CA GLU A 30 -12.48 6.59 -32.62
C GLU A 30 -13.85 6.00 -32.34
N GLY A 31 -14.44 6.34 -31.20
CA GLY A 31 -15.72 5.81 -30.80
C GLY A 31 -16.88 6.75 -31.04
N GLN A 32 -17.76 6.88 -30.05
CA GLN A 32 -19.00 7.61 -30.24
C GLN A 32 -18.75 9.08 -30.56
N TYR A 33 -17.80 9.70 -29.89
CA TYR A 33 -17.51 11.12 -30.10
C TYR A 33 -16.40 11.35 -31.09
N ARG A 34 -16.16 10.39 -31.98
CA ARG A 34 -15.10 10.54 -32.98
C ARG A 34 -15.27 11.80 -33.81
N ASP A 35 -16.51 12.17 -34.12
CA ASP A 35 -16.76 13.30 -35.01
C ASP A 35 -16.44 14.64 -34.38
N PHE A 36 -16.30 14.71 -33.06
CA PHE A 36 -16.04 15.95 -32.36
C PHE A 36 -14.61 16.08 -31.90
N ASN A 37 -13.77 15.10 -32.19
CA ASN A 37 -12.42 15.08 -31.65
C ASN A 37 -11.38 14.94 -32.75
N LEU A 38 -10.12 14.73 -32.35
CA LEU A 38 -9.02 14.75 -33.31
C LEU A 38 -9.13 13.73 -34.44
N PRO A 39 -9.56 12.48 -34.22
CA PRO A 39 -9.55 11.51 -35.34
C PRO A 39 -10.41 11.92 -36.52
N SER A 40 -11.33 12.86 -36.33
CA SER A 40 -12.14 13.32 -37.45
C SER A 40 -11.34 14.11 -38.47
N VAL A 41 -10.16 14.62 -38.11
CA VAL A 41 -9.40 15.45 -39.02
C VAL A 41 -8.04 14.83 -39.31
N TYR A 42 -7.97 13.50 -39.26
CA TYR A 42 -6.72 12.82 -39.56
C TYR A 42 -6.43 12.77 -41.06
N ASP A 43 -7.45 12.74 -41.90
CA ASP A 43 -7.34 12.12 -43.22
C ASP A 43 -7.03 13.07 -44.36
N HIS A 44 -7.77 14.17 -44.52
CA HIS A 44 -7.79 14.95 -45.77
C HIS A 44 -8.26 14.08 -46.95
N ALA A 45 -9.51 13.66 -46.88
CA ALA A 45 -10.22 13.08 -48.03
C ALA A 45 -9.55 11.80 -48.54
N ARG A 46 -9.66 10.76 -47.72
CA ARG A 46 -9.28 9.42 -48.13
C ARG A 46 -10.07 8.95 -49.35
N ILE A 47 -9.39 8.20 -50.24
CA ILE A 47 -9.98 7.70 -51.48
C ILE A 47 -9.78 6.18 -51.54
N ASP A 48 -10.85 5.44 -51.83
CA ASP A 48 -10.71 3.99 -51.95
C ASP A 48 -11.55 3.37 -53.05
N ASN A 49 -11.98 4.14 -54.04
CA ASN A 49 -12.90 3.60 -55.02
C ASN A 49 -12.18 2.82 -56.11
N PRO A 50 -12.83 1.83 -56.71
CA PRO A 50 -12.28 1.20 -57.91
C PRO A 50 -12.37 2.14 -59.11
N SER A 51 -11.64 1.79 -60.17
CA SER A 51 -11.68 2.59 -61.38
C SER A 51 -13.01 2.49 -62.11
N GLY A 52 -13.76 1.41 -61.90
CA GLY A 52 -15.08 1.31 -62.49
C GLY A 52 -16.07 2.34 -61.97
N ASP A 53 -15.80 2.91 -60.80
CA ASP A 53 -16.62 3.99 -60.28
C ASP A 53 -16.30 5.34 -60.90
N VAL A 54 -15.22 5.43 -61.68
CA VAL A 54 -14.77 6.70 -62.27
C VAL A 54 -14.44 6.43 -63.73
N ASN A 55 -15.40 6.68 -64.61
CA ASN A 55 -15.20 6.56 -66.04
C ASN A 55 -15.38 7.88 -66.78
N ASN A 56 -16.40 8.64 -66.42
CA ASN A 56 -16.65 9.94 -67.04
C ASN A 56 -15.64 10.99 -66.61
N ASP A 57 -15.00 10.77 -65.46
CA ASP A 57 -14.04 11.74 -64.96
C ASP A 57 -12.63 11.17 -64.76
N LEU A 58 -11.66 11.85 -65.35
CA LEU A 58 -10.26 11.47 -65.25
C LEU A 58 -9.54 12.24 -64.14
N SER A 59 -10.24 12.58 -63.06
CA SER A 59 -9.68 13.49 -62.08
C SER A 59 -9.80 13.04 -60.62
N LYS A 60 -10.61 12.04 -60.31
CA LYS A 60 -10.88 11.72 -58.92
C LYS A 60 -10.20 10.45 -58.42
N GLY A 61 -9.28 9.89 -59.20
CA GLY A 61 -8.43 8.82 -58.71
C GLY A 61 -9.14 7.52 -58.38
N PHE A 62 -8.38 6.46 -58.15
CA PHE A 62 -8.97 5.16 -57.85
C PHE A 62 -7.88 4.25 -57.31
N VAL A 63 -8.32 3.09 -56.81
CA VAL A 63 -7.44 2.00 -56.41
C VAL A 63 -7.99 0.72 -57.04
N ASP A 64 -7.19 0.06 -57.86
CA ASP A 64 -7.57 -1.17 -58.53
C ASP A 64 -6.67 -2.30 -58.07
N LEU A 65 -7.27 -3.42 -57.69
CA LEU A 65 -6.54 -4.57 -57.17
C LEU A 65 -6.82 -5.78 -58.01
N LYS A 66 -5.77 -6.34 -58.61
CA LYS A 66 -5.86 -7.63 -59.27
C LYS A 66 -5.12 -8.65 -58.42
N VAL A 67 -5.78 -9.76 -58.09
CA VAL A 67 -5.22 -10.76 -57.20
C VAL A 67 -4.86 -12.00 -58.01
N TYR A 68 -3.63 -12.47 -57.84
CA TYR A 68 -3.19 -13.77 -58.31
C TYR A 68 -3.04 -14.69 -57.11
N ARG A 69 -3.63 -15.87 -57.20
CA ARG A 69 -3.62 -16.82 -56.09
C ARG A 69 -2.62 -17.93 -56.37
N VAL A 70 -1.67 -18.11 -55.47
CA VAL A 70 -0.70 -19.19 -55.62
C VAL A 70 -1.41 -20.52 -55.43
N PRO A 71 -1.29 -21.46 -56.37
CA PRO A 71 -2.12 -22.67 -56.33
C PRO A 71 -1.92 -23.51 -55.07
N ASP A 72 -0.70 -23.92 -54.83
CA ASP A 72 -0.38 -24.71 -53.65
C ASP A 72 -0.18 -23.78 -52.47
N LEU A 73 0.41 -24.28 -51.38
CA LEU A 73 0.83 -23.43 -50.28
C LEU A 73 2.27 -22.96 -50.44
N SER A 74 2.74 -22.86 -51.68
CA SER A 74 4.11 -22.43 -51.95
C SER A 74 4.24 -20.92 -51.85
N ARG A 75 5.48 -20.46 -51.88
CA ARG A 75 5.81 -19.04 -51.71
C ARG A 75 6.73 -18.61 -52.85
N PRO A 76 6.18 -18.43 -54.04
CA PRO A 76 7.02 -18.00 -55.17
C PRO A 76 7.59 -16.61 -54.96
N SER A 77 8.76 -16.38 -55.54
CA SER A 77 9.41 -15.09 -55.42
C SER A 77 8.79 -14.09 -56.38
N PHE A 78 9.27 -12.85 -56.30
CA PHE A 78 8.73 -11.79 -57.15
C PHE A 78 8.95 -12.10 -58.62
N ASN A 79 10.14 -12.57 -58.97
CA ASN A 79 10.45 -12.82 -60.37
C ASN A 79 9.73 -14.03 -60.93
N GLU A 80 9.30 -14.94 -60.06
CA GLU A 80 8.50 -16.08 -60.49
C GLU A 80 7.02 -15.74 -60.63
N VAL A 81 6.62 -14.53 -60.28
CA VAL A 81 5.21 -14.15 -60.34
C VAL A 81 5.03 -12.99 -61.30
N VAL A 82 5.66 -11.86 -61.00
CA VAL A 82 5.43 -10.64 -61.77
C VAL A 82 6.10 -10.77 -63.13
N GLY A 83 5.30 -10.70 -64.18
CA GLY A 83 5.76 -10.90 -65.53
C GLY A 83 5.51 -12.29 -66.08
N HIS A 84 5.17 -13.24 -65.22
CA HIS A 84 4.88 -14.61 -65.63
C HIS A 84 3.43 -14.97 -65.38
N LYS A 85 2.95 -14.84 -64.15
CA LYS A 85 1.57 -15.17 -63.85
C LYS A 85 0.65 -14.05 -64.32
N LYS A 86 -0.64 -14.37 -64.39
CA LYS A 86 -1.65 -13.45 -64.89
C LYS A 86 -2.45 -12.91 -63.71
N PHE A 87 -2.47 -11.59 -63.57
CA PHE A 87 -3.31 -10.93 -62.57
C PHE A 87 -4.62 -10.58 -63.27
N ASP A 88 -5.60 -11.48 -63.14
CA ASP A 88 -6.88 -11.33 -63.84
C ASP A 88 -8.05 -11.14 -62.89
N GLU A 89 -8.15 -11.97 -61.86
CA GLU A 89 -9.23 -11.83 -60.90
C GLU A 89 -9.12 -10.50 -60.18
N THR A 90 -10.27 -9.85 -59.99
CA THR A 90 -10.31 -8.55 -59.33
C THR A 90 -10.66 -8.73 -57.86
N ALA A 91 -9.93 -8.05 -56.99
CA ALA A 91 -10.19 -8.08 -55.56
C ALA A 91 -10.67 -6.71 -55.10
N SER A 92 -11.43 -6.72 -54.01
CA SER A 92 -12.00 -5.49 -53.48
C SER A 92 -12.11 -5.61 -51.97
N LYS A 93 -12.29 -4.47 -51.32
CA LYS A 93 -12.45 -4.45 -49.88
C LYS A 93 -13.64 -5.31 -49.47
N GLY A 94 -13.47 -6.08 -48.39
CA GLY A 94 -14.44 -7.05 -47.97
C GLY A 94 -14.23 -8.44 -48.51
N ASP A 95 -13.28 -8.62 -49.43
CA ASP A 95 -12.99 -9.94 -49.95
C ASP A 95 -12.31 -10.80 -48.90
N THR A 96 -12.34 -12.11 -49.13
CA THR A 96 -11.77 -13.08 -48.21
C THR A 96 -10.75 -13.92 -48.97
N PHE A 97 -9.63 -14.22 -48.33
CA PHE A 97 -8.48 -14.76 -49.03
C PHE A 97 -7.92 -15.98 -48.32
N GLY A 98 -8.08 -17.14 -48.96
CA GLY A 98 -7.20 -18.28 -48.78
C GLY A 98 -7.23 -18.96 -47.43
N PRO A 99 -6.81 -20.22 -47.41
CA PRO A 99 -6.60 -20.92 -46.14
C PRO A 99 -5.32 -20.43 -45.48
N SER A 100 -4.99 -21.04 -44.35
CA SER A 100 -3.79 -20.65 -43.62
C SER A 100 -2.54 -20.90 -44.46
N TRP A 101 -1.55 -20.01 -44.31
CA TRP A 101 -0.26 -20.07 -44.97
C TRP A 101 -0.35 -19.88 -46.48
N ALA A 102 -1.51 -19.56 -47.01
CA ALA A 102 -1.64 -19.31 -48.44
C ALA A 102 -1.07 -17.94 -48.80
N THR A 103 -0.58 -17.83 -50.02
CA THR A 103 0.04 -16.61 -50.51
C THR A 103 -0.82 -16.02 -51.63
N PHE A 104 -1.04 -14.72 -51.57
CA PHE A 104 -1.74 -13.98 -52.61
C PHE A 104 -0.88 -12.82 -53.06
N TRP A 105 -0.86 -12.55 -54.35
CA TRP A 105 -0.15 -11.42 -54.89
C TRP A 105 -1.17 -10.42 -55.42
N PHE A 106 -0.99 -9.16 -55.07
CA PHE A 106 -1.88 -8.10 -55.50
C PHE A 106 -1.11 -7.14 -56.38
N GLU A 107 -1.61 -6.93 -57.59
CA GLU A 107 -1.19 -5.81 -58.42
C GLU A 107 -2.11 -4.65 -58.09
N VAL A 108 -1.53 -3.58 -57.56
CA VAL A 108 -2.26 -2.40 -57.13
C VAL A 108 -1.95 -1.29 -58.11
N HIS A 109 -2.97 -0.82 -58.79
CA HIS A 109 -2.87 0.30 -59.71
C HIS A 109 -3.63 1.47 -59.09
N ILE A 110 -2.94 2.56 -58.83
CA ILE A 110 -3.55 3.68 -58.14
C ILE A 110 -3.50 4.90 -59.04
N ARG A 111 -4.53 5.73 -58.91
CA ARG A 111 -4.56 7.05 -59.55
C ARG A 111 -4.85 8.08 -58.47
N LEU A 112 -3.90 8.94 -58.23
CA LEU A 112 -4.12 10.05 -57.31
C LEU A 112 -4.98 11.10 -58.02
N PRO A 113 -6.03 11.60 -57.37
CA PRO A 113 -6.73 12.77 -57.94
C PRO A 113 -5.77 13.94 -58.04
N LYS A 114 -5.90 14.73 -59.12
CA LYS A 114 -5.04 15.90 -59.25
C LYS A 114 -5.31 16.96 -58.20
N SER A 115 -6.47 16.92 -57.53
CA SER A 115 -6.66 17.81 -56.40
C SER A 115 -5.69 17.51 -55.28
N TRP A 116 -5.07 16.33 -55.30
CA TRP A 116 -4.00 15.99 -54.38
C TRP A 116 -2.63 16.43 -54.88
N ALA A 117 -2.56 17.42 -55.77
CA ALA A 117 -1.26 18.01 -56.09
C ALA A 117 -0.64 18.64 -54.86
N LYS A 118 -1.49 19.13 -53.95
CA LYS A 118 -1.12 19.50 -52.59
C LYS A 118 -0.99 18.21 -51.80
N TYR A 119 -1.06 18.27 -50.47
CA TYR A 119 -0.96 17.06 -49.66
C TYR A 119 0.43 16.43 -49.81
N GLU A 120 1.41 17.12 -49.25
CA GLU A 120 2.81 16.76 -49.39
C GLU A 120 3.14 15.32 -48.99
N GLN A 121 2.19 14.62 -48.37
CA GLN A 121 2.37 13.20 -48.09
C GLN A 121 1.10 12.45 -48.43
N VAL A 122 1.23 11.34 -49.16
CA VAL A 122 0.11 10.51 -49.54
C VAL A 122 0.39 9.09 -49.10
N ILE A 123 -0.58 8.47 -48.44
CA ILE A 123 -0.42 7.17 -47.82
C ILE A 123 -1.31 6.18 -48.56
N PHE A 124 -0.78 4.99 -48.81
CA PHE A 124 -1.60 3.85 -49.19
C PHE A 124 -1.80 2.99 -47.95
N GLN A 125 -3.05 2.84 -47.54
CA GLN A 125 -3.39 2.08 -46.36
C GLN A 125 -3.84 0.69 -46.77
N TRP A 126 -3.28 -0.33 -46.14
CA TRP A 126 -3.59 -1.71 -46.47
C TRP A 126 -3.81 -2.47 -45.18
N ASN A 127 -5.03 -2.93 -44.95
CA ASN A 127 -5.33 -3.71 -43.76
C ASN A 127 -6.10 -4.95 -44.16
N CYS A 128 -5.37 -5.99 -44.54
CA CYS A 128 -5.81 -7.36 -44.40
C CYS A 128 -5.05 -7.92 -43.22
N ASP A 129 -5.75 -8.59 -42.31
CA ASP A 129 -5.14 -8.84 -41.00
C ASP A 129 -4.04 -9.88 -41.08
N ASN A 130 -3.02 -9.60 -41.88
CA ASN A 130 -1.95 -10.55 -42.15
C ASN A 130 -0.74 -9.78 -42.65
N GLU A 131 0.20 -10.49 -43.27
CA GLU A 131 1.48 -9.94 -43.67
C GLU A 131 1.39 -9.20 -45.00
N GLY A 132 2.33 -8.27 -45.21
CA GLY A 132 2.27 -7.30 -46.29
C GLY A 132 3.35 -7.42 -47.35
N LEU A 133 4.40 -6.62 -47.22
CA LEU A 133 5.50 -6.53 -48.20
C LEU A 133 5.03 -6.00 -49.55
N VAL A 134 4.78 -4.68 -49.56
CA VAL A 134 4.75 -3.93 -50.81
C VAL A 134 6.02 -4.21 -51.60
N TYR A 135 5.86 -4.50 -52.89
CA TYR A 135 6.97 -4.60 -53.83
C TYR A 135 6.83 -3.51 -54.87
N SER A 136 7.95 -2.86 -55.19
CA SER A 136 7.94 -1.95 -56.32
C SER A 136 7.84 -2.75 -57.62
N GLN A 137 7.70 -2.03 -58.73
CA GLN A 137 7.62 -2.70 -60.03
C GLN A 137 8.91 -3.43 -60.36
N ASP A 138 10.05 -2.82 -60.02
CA ASP A 138 11.35 -3.44 -60.25
C ASP A 138 11.68 -4.54 -59.25
N GLY A 139 10.73 -4.96 -58.43
CA GLY A 139 10.95 -6.04 -57.50
C GLY A 139 11.57 -5.66 -56.18
N VAL A 140 11.74 -4.38 -55.92
CA VAL A 140 12.36 -3.91 -54.69
C VAL A 140 11.34 -3.96 -53.55
N PRO A 141 11.60 -4.69 -52.47
CA PRO A 141 10.71 -4.64 -51.31
C PRO A 141 10.79 -3.27 -50.65
N LEU A 142 9.65 -2.71 -50.32
CA LEU A 142 9.58 -1.34 -49.86
C LEU A 142 9.03 -1.17 -48.46
N GLN A 143 7.98 -1.91 -48.12
CA GLN A 143 7.25 -1.64 -46.89
C GLN A 143 6.42 -2.87 -46.54
N ALA A 144 6.44 -3.25 -45.28
CA ALA A 144 5.65 -4.37 -44.81
C ALA A 144 4.33 -3.91 -44.22
N PHE A 145 3.36 -4.82 -44.21
CA PHE A 145 2.10 -4.62 -43.52
C PHE A 145 1.92 -5.76 -42.53
N SER A 146 1.45 -5.41 -41.33
CA SER A 146 1.23 -6.41 -40.27
C SER A 146 -0.08 -6.06 -39.59
N GLY A 147 -1.19 -6.61 -40.10
CA GLY A 147 -2.48 -6.39 -39.49
C GLY A 147 -2.77 -4.90 -39.39
N SER A 148 -3.22 -4.47 -38.21
CA SER A 148 -3.53 -3.07 -37.97
C SER A 148 -2.39 -2.30 -37.34
N GLU A 149 -1.36 -2.98 -36.83
CA GLU A 149 -0.25 -2.27 -36.22
C GLU A 149 0.66 -1.61 -37.24
N ARG A 150 0.65 -2.09 -38.49
CA ARG A 150 1.46 -1.50 -39.56
C ARG A 150 0.61 -1.56 -40.83
N THR A 151 0.01 -0.44 -41.20
CA THR A 151 -0.89 -0.38 -42.34
C THR A 151 -0.51 0.63 -43.41
N ASP A 152 0.33 1.60 -43.10
CA ASP A 152 0.59 2.70 -44.00
C ASP A 152 1.82 2.43 -44.85
N PHE A 153 1.77 2.85 -46.11
CA PHE A 153 2.90 2.84 -47.02
C PHE A 153 2.97 4.21 -47.66
N ILE A 154 4.07 4.92 -47.43
CA ILE A 154 4.21 6.29 -47.94
C ILE A 154 4.64 6.22 -49.39
N LEU A 155 3.84 6.80 -50.28
CA LEU A 155 4.18 6.84 -51.69
C LEU A 155 5.44 7.69 -51.87
N PRO A 156 6.45 7.18 -52.57
CA PRO A 156 7.78 7.80 -52.50
C PRO A 156 7.99 9.01 -53.39
N ASP A 157 7.00 9.90 -53.47
CA ASP A 157 7.17 11.22 -54.07
C ASP A 157 7.60 11.16 -55.53
N SER A 158 7.75 9.95 -56.06
CA SER A 158 8.14 9.75 -57.45
C SER A 158 7.00 9.24 -58.31
N TRP A 159 6.07 8.49 -57.72
CA TRP A 159 4.93 7.98 -58.48
C TRP A 159 3.60 8.47 -57.90
N LYS A 160 3.62 9.58 -57.16
CA LYS A 160 2.38 10.27 -56.86
C LYS A 160 1.86 11.01 -58.09
N THR A 161 2.77 11.61 -58.87
CA THR A 161 2.35 12.32 -60.07
C THR A 161 1.96 11.35 -61.17
N THR A 162 2.74 10.29 -61.38
CA THR A 162 2.46 9.32 -62.42
C THR A 162 1.56 8.22 -61.89
N GLU A 163 0.55 7.87 -62.67
CA GLU A 163 -0.39 6.82 -62.29
C GLU A 163 0.30 5.46 -62.34
N ASP A 164 0.83 5.01 -61.20
CA ASP A 164 1.74 3.87 -61.17
C ASP A 164 1.09 2.67 -60.50
N THR A 165 1.85 1.57 -60.49
CA THR A 165 1.40 0.31 -59.92
C THR A 165 2.51 -0.25 -59.04
N PHE A 166 2.11 -1.08 -58.08
CA PHE A 166 3.06 -1.84 -57.28
C PHE A 166 2.43 -3.18 -56.95
N TYR A 167 3.10 -3.96 -56.14
CA TYR A 167 2.65 -5.30 -55.82
C TYR A 167 2.71 -5.51 -54.31
N ILE A 168 1.82 -6.36 -53.83
CA ILE A 168 1.75 -6.71 -52.41
C ILE A 168 1.70 -8.23 -52.32
N GLU A 169 2.69 -8.82 -51.64
CA GLU A 169 2.75 -10.26 -51.47
C GLU A 169 2.12 -10.60 -50.13
N MET A 170 0.82 -10.86 -50.15
CA MET A 170 0.09 -11.16 -48.93
C MET A 170 0.32 -12.60 -48.49
N ALA A 171 0.60 -12.78 -47.20
CA ALA A 171 0.72 -14.10 -46.61
C ALA A 171 -0.44 -14.32 -45.66
N CYS A 172 -1.17 -15.41 -45.83
CA CYS A 172 -2.38 -15.66 -45.07
C CYS A 172 -2.04 -16.31 -43.73
N ASN A 173 -1.40 -15.52 -42.88
CA ASN A 173 -1.10 -15.90 -41.52
C ASN A 173 -0.86 -14.65 -40.71
N GLY A 174 -1.08 -14.74 -39.41
CA GLY A 174 -0.85 -13.62 -38.53
C GLY A 174 0.63 -13.43 -38.26
N MET A 175 0.90 -12.49 -37.34
CA MET A 175 2.27 -12.26 -36.91
C MET A 175 2.87 -13.48 -36.24
N PHE A 176 2.02 -14.37 -35.70
CA PHE A 176 2.43 -15.52 -34.92
C PHE A 176 1.79 -16.79 -35.45
N GLY A 177 1.67 -16.90 -36.77
CA GLY A 177 0.99 -18.04 -37.35
C GLY A 177 -0.52 -17.89 -37.23
N THR A 178 -1.19 -19.04 -37.24
CA THR A 178 -2.65 -19.06 -37.18
C THR A 178 -3.16 -19.23 -35.75
N GLY A 179 -2.84 -20.35 -35.13
CA GLY A 179 -3.08 -20.49 -33.70
C GLY A 179 -4.23 -21.37 -33.27
N ALA A 180 -5.39 -21.26 -33.91
CA ALA A 180 -6.59 -22.04 -33.56
C ALA A 180 -7.02 -21.78 -32.11
N GLY A 181 -7.49 -20.56 -31.88
CA GLY A 181 -8.04 -20.21 -30.59
C GLY A 181 -7.08 -19.51 -29.65
N SER A 182 -5.89 -20.07 -29.47
CA SER A 182 -4.84 -19.43 -28.70
C SER A 182 -3.59 -19.33 -29.56
N GLN A 183 -2.68 -18.46 -29.14
CA GLN A 183 -1.47 -18.25 -29.94
C GLN A 183 -0.62 -19.50 -30.04
N ILE A 184 -0.45 -20.23 -28.93
CA ILE A 184 0.40 -21.40 -28.90
C ILE A 184 -0.39 -22.70 -29.08
N ALA A 185 -1.67 -22.61 -29.37
CA ALA A 185 -2.43 -23.79 -29.74
C ALA A 185 -2.03 -24.22 -31.15
N PRO A 186 -2.30 -25.47 -31.53
CA PRO A 186 -1.82 -25.95 -32.83
C PRO A 186 -2.44 -25.16 -33.95
N PRO A 187 -1.74 -25.03 -35.08
CA PRO A 187 -2.23 -24.13 -36.15
C PRO A 187 -3.60 -24.54 -36.68
N ASP A 188 -4.40 -23.53 -36.99
CA ASP A 188 -5.68 -23.74 -37.66
C ASP A 188 -5.44 -23.69 -39.16
N PRO A 189 -5.63 -24.80 -39.89
CA PRO A 189 -5.28 -24.82 -41.32
C PRO A 189 -6.31 -24.20 -42.23
N ASN A 190 -7.47 -23.78 -41.71
CA ASN A 190 -8.56 -23.28 -42.55
C ASN A 190 -8.93 -21.85 -42.19
N ARG A 191 -7.97 -21.06 -41.73
CA ARG A 191 -8.24 -19.67 -41.40
C ARG A 191 -8.39 -18.84 -42.66
N TYR A 192 -9.30 -17.88 -42.62
CA TYR A 192 -9.53 -16.99 -43.75
C TYR A 192 -9.45 -15.54 -43.28
N PHE A 193 -8.94 -14.70 -44.16
CA PHE A 193 -8.63 -13.31 -43.83
C PHE A 193 -9.40 -12.37 -44.74
N THR A 194 -9.83 -11.24 -44.18
CA THR A 194 -10.69 -10.30 -44.86
C THR A 194 -9.97 -8.99 -45.08
N LEU A 195 -10.01 -8.48 -46.31
CA LEU A 195 -9.40 -7.21 -46.64
C LEU A 195 -10.33 -6.08 -46.18
N THR A 196 -9.87 -5.29 -45.22
CA THR A 196 -10.69 -4.23 -44.64
C THR A 196 -10.24 -2.83 -45.02
N LYS A 197 -9.06 -2.66 -45.58
CA LYS A 197 -8.61 -1.35 -46.02
C LYS A 197 -7.65 -1.51 -47.18
N ALA A 198 -7.94 -0.81 -48.28
CA ALA A 198 -7.06 -0.71 -49.43
C ALA A 198 -7.10 0.71 -49.96
N ASP A 199 -7.01 1.67 -49.07
CA ASP A 199 -7.36 3.06 -49.37
C ASP A 199 -6.12 3.90 -49.66
N LEU A 200 -6.33 4.96 -50.42
CA LEU A 200 -5.36 6.04 -50.55
C LEU A 200 -5.74 7.13 -49.58
N VAL A 201 -4.76 7.61 -48.82
CA VAL A 201 -5.00 8.62 -47.79
C VAL A 201 -4.00 9.74 -47.98
N ALA A 202 -4.37 10.94 -47.56
CA ALA A 202 -3.51 12.11 -47.65
C ALA A 202 -3.43 12.76 -46.27
N PRO A 203 -2.73 12.12 -45.33
CA PRO A 203 -2.94 12.43 -43.91
C PRO A 203 -2.66 13.88 -43.57
N ASN A 204 -3.39 14.37 -42.58
CA ASN A 204 -3.17 15.70 -42.00
C ASN A 204 -1.98 15.60 -41.07
N LEU A 205 -0.81 16.04 -41.54
CA LEU A 205 0.41 15.88 -40.76
C LEU A 205 0.39 16.64 -39.44
N PRO A 206 -0.03 17.91 -39.38
CA PRO A 206 -0.16 18.54 -38.05
C PRO A 206 -1.11 17.83 -37.12
N ALA A 207 -2.19 17.26 -37.65
CA ALA A 207 -3.11 16.52 -36.79
C ALA A 207 -2.46 15.28 -36.20
N MET A 208 -1.67 14.55 -36.98
CA MET A 208 -1.01 13.37 -36.45
C MET A 208 0.10 13.75 -35.48
N ALA A 209 0.79 14.86 -35.74
CA ALA A 209 1.77 15.35 -34.78
C ALA A 209 1.11 15.71 -33.46
N LEU A 210 -0.03 16.38 -33.51
CA LEU A 210 -0.79 16.68 -32.29
C LEU A 210 -1.28 15.41 -31.63
N ALA A 211 -1.64 14.40 -32.41
CA ALA A 211 -2.07 13.14 -31.83
C ALA A 211 -0.95 12.49 -31.03
N TYR A 212 0.27 12.53 -31.57
CA TYR A 212 1.41 11.98 -30.83
C TYR A 212 1.68 12.78 -29.57
N ASP A 213 1.66 14.12 -29.68
CA ASP A 213 1.84 14.97 -28.50
C ASP A 213 0.84 14.62 -27.42
N PHE A 214 -0.43 14.56 -27.79
CA PHE A 214 -1.49 14.30 -26.83
C PHE A 214 -1.39 12.91 -26.26
N LEU A 215 -1.01 11.93 -27.08
CA LEU A 215 -0.86 10.57 -26.57
C LEU A 215 0.21 10.50 -25.50
N LEU A 216 1.36 11.14 -25.73
CA LEU A 216 2.42 11.13 -24.73
C LEU A 216 2.00 11.86 -23.47
N MET A 217 1.36 13.02 -23.61
CA MET A 217 0.93 13.77 -22.44
C MET A 217 -0.14 13.02 -21.65
N GLN A 218 -1.05 12.35 -22.35
CA GLN A 218 -2.08 11.58 -21.68
C GLN A 218 -1.50 10.37 -20.97
N GLN A 219 -0.48 9.75 -21.55
CA GLN A 219 0.21 8.67 -20.85
C GLN A 219 0.92 9.19 -19.61
N CYS A 220 1.48 10.41 -19.68
CA CYS A 220 2.04 11.01 -18.48
C CYS A 220 0.98 11.23 -17.42
N VAL A 221 -0.22 11.65 -17.84
CA VAL A 221 -1.32 11.82 -16.91
C VAL A 221 -1.69 10.49 -16.24
N LYS A 222 -1.71 9.42 -17.01
CA LYS A 222 -2.15 8.14 -16.48
C LYS A 222 -1.08 7.41 -15.67
N GLN A 223 0.20 7.62 -15.98
CA GLN A 223 1.26 6.80 -15.41
C GLN A 223 1.99 7.46 -14.26
N LEU A 224 2.15 8.79 -14.28
CA LEU A 224 2.99 9.44 -13.29
C LEU A 224 2.34 9.37 -11.91
N PRO A 225 3.15 9.43 -10.84
CA PRO A 225 2.60 9.34 -9.50
C PRO A 225 1.62 10.47 -9.19
N SER A 226 0.66 10.17 -8.31
CA SER A 226 -0.42 11.11 -8.05
C SER A 226 0.03 12.39 -7.37
N ASN A 227 1.23 12.40 -6.79
CA ASN A 227 1.76 13.61 -6.17
C ASN A 227 2.81 14.29 -7.03
N CYS A 228 2.99 13.84 -8.26
CA CYS A 228 3.95 14.42 -9.20
C CYS A 228 3.30 15.60 -9.91
N TRP A 229 3.95 16.77 -9.86
CA TRP A 229 3.33 17.95 -10.43
C TRP A 229 3.34 17.92 -11.95
N GLN A 230 4.27 17.18 -12.55
CA GLN A 230 4.29 17.06 -14.01
C GLN A 230 3.03 16.36 -14.52
N LYS A 231 2.49 15.44 -13.73
CA LYS A 231 1.24 14.78 -14.12
C LYS A 231 0.11 15.77 -14.26
N TYR A 232 0.00 16.70 -13.32
CA TYR A 232 -1.06 17.70 -13.36
C TYR A 232 -0.79 18.78 -14.38
N LYS A 233 0.47 19.12 -14.62
CA LYS A 233 0.79 20.02 -15.71
C LYS A 233 0.36 19.42 -17.05
N ALA A 234 0.65 18.14 -17.24
CA ALA A 234 0.22 17.46 -18.45
C ALA A 234 -1.31 17.42 -18.55
N ARG A 235 -1.99 17.13 -17.45
CA ARG A 235 -3.45 17.07 -17.50
C ARG A 235 -4.05 18.43 -17.84
N GLN A 236 -3.47 19.47 -17.27
CA GLN A 236 -3.93 20.83 -17.52
C GLN A 236 -3.76 21.20 -19.00
N ILE A 237 -2.60 20.88 -19.55
CA ILE A 237 -2.34 21.18 -20.95
C ILE A 237 -3.26 20.37 -21.87
N CYS A 238 -3.47 19.09 -21.56
CA CYS A 238 -4.36 18.26 -22.36
C CYS A 238 -5.79 18.79 -22.32
N ASN A 239 -6.24 19.22 -21.15
CA ASN A 239 -7.57 19.79 -21.03
C ASN A 239 -7.71 21.05 -21.87
N ASP A 240 -6.70 21.93 -21.86
CA ASP A 240 -6.78 23.10 -22.72
C ASP A 240 -6.77 22.72 -24.19
N ILE A 241 -6.02 21.68 -24.55
CA ILE A 241 -6.00 21.26 -25.94
C ILE A 241 -7.38 20.81 -26.39
N MET A 242 -8.09 20.07 -25.53
CA MET A 242 -9.48 19.74 -25.85
C MET A 242 -10.35 20.97 -25.94
N ASN A 243 -10.25 21.87 -24.97
CA ASN A 243 -11.10 23.06 -25.01
C ASN A 243 -10.79 23.95 -26.20
N THR A 244 -9.62 23.81 -26.80
CA THR A 244 -9.19 24.65 -27.90
C THR A 244 -9.51 24.05 -29.26
N PHE A 245 -9.39 22.74 -29.39
CA PHE A 245 -9.54 22.10 -30.69
C PHE A 245 -10.99 22.14 -31.16
N HIS A 246 -11.18 22.58 -32.41
CA HIS A 246 -12.48 22.48 -33.07
C HIS A 246 -12.25 21.77 -34.39
N PRO A 247 -12.95 20.68 -34.67
CA PRO A 247 -12.72 19.96 -35.94
C PRO A 247 -13.05 20.77 -37.17
N ASN A 248 -13.82 21.86 -37.04
CA ASN A 248 -14.14 22.71 -38.17
C ASN A 248 -13.11 23.81 -38.41
N ASP A 249 -12.13 23.96 -37.53
CA ASP A 249 -11.11 24.99 -37.66
C ASP A 249 -9.74 24.31 -37.54
N LEU A 250 -9.00 24.28 -38.63
CA LEU A 250 -7.74 23.54 -38.69
C LEU A 250 -6.57 24.31 -38.09
N SER A 251 -6.72 25.61 -37.83
CA SER A 251 -5.67 26.34 -37.12
C SER A 251 -5.67 26.01 -35.63
N THR A 252 -6.78 25.51 -35.11
CA THR A 252 -6.82 25.05 -33.74
C THR A 252 -5.83 23.93 -33.51
N ILE A 253 -5.54 23.13 -34.55
CA ILE A 253 -4.51 22.10 -34.42
C ILE A 253 -3.16 22.72 -34.14
N ASN A 254 -2.82 23.78 -34.86
CA ASN A 254 -1.53 24.42 -34.65
C ASN A 254 -1.45 25.08 -33.29
N GLU A 255 -2.52 25.74 -32.84
CA GLU A 255 -2.42 26.32 -31.51
C GLU A 255 -2.46 25.26 -30.41
N CYS A 256 -3.07 24.10 -30.66
CA CYS A 256 -2.97 23.01 -29.71
C CYS A 256 -1.54 22.48 -29.61
N ARG A 257 -0.84 22.39 -30.75
CA ARG A 257 0.56 22.00 -30.72
C ARG A 257 1.39 23.04 -29.96
N ASN A 258 1.09 24.32 -30.16
CA ASN A 258 1.78 25.35 -29.40
C ASN A 258 1.52 25.21 -27.91
N LEU A 259 0.29 24.85 -27.52
CA LEU A 259 0.00 24.59 -26.12
C LEU A 259 0.82 23.41 -25.59
N ALA A 260 0.93 22.35 -26.38
CA ALA A 260 1.69 21.18 -25.95
C ALA A 260 3.19 21.46 -25.86
N LYS A 261 3.67 22.49 -26.56
CA LYS A 261 5.08 22.85 -26.45
C LYS A 261 5.50 23.20 -25.03
N ALA A 262 4.56 23.64 -24.19
CA ALA A 262 4.90 23.96 -22.81
C ALA A 262 5.29 22.71 -22.01
N PHE A 263 4.92 21.53 -22.48
CA PHE A 263 5.26 20.28 -21.85
C PHE A 263 6.31 19.49 -22.61
N LEU A 264 6.30 19.55 -23.94
CA LEU A 264 7.23 18.77 -24.73
C LEU A 264 8.42 19.56 -25.25
N GLY A 265 8.43 20.87 -25.10
CA GLY A 265 9.49 21.66 -25.66
C GLY A 265 9.29 21.89 -27.14
N ASN A 266 10.31 22.48 -27.76
CA ASN A 266 10.22 22.91 -29.15
C ASN A 266 10.99 22.03 -30.12
N ASP A 267 11.71 21.02 -29.64
CA ASP A 267 12.60 20.25 -30.51
C ASP A 267 12.05 18.88 -30.89
N ILE A 268 10.82 18.54 -30.49
CA ILE A 268 10.32 17.19 -30.70
C ILE A 268 10.09 16.86 -32.16
N ASP A 269 10.10 17.85 -33.06
CA ASP A 269 9.78 17.60 -34.45
C ASP A 269 10.95 17.03 -35.25
N SER A 270 12.15 17.00 -34.69
CA SER A 270 13.32 16.50 -35.40
C SER A 270 14.16 15.70 -34.42
N GLU A 271 15.38 15.38 -34.84
CA GLU A 271 16.33 14.67 -34.01
C GLU A 271 17.13 15.60 -33.11
N ALA A 272 16.79 16.88 -33.08
CA ALA A 272 17.47 17.82 -32.21
C ALA A 272 17.11 17.64 -30.74
N VAL A 273 16.03 16.93 -30.44
CA VAL A 273 15.71 16.65 -29.04
C VAL A 273 16.84 15.88 -28.38
N PHE A 274 17.40 14.92 -29.09
CA PHE A 274 18.43 14.07 -28.53
C PHE A 274 19.78 14.75 -28.41
N GLU A 275 19.94 15.94 -28.98
CA GLU A 275 21.17 16.69 -28.87
C GLU A 275 21.20 17.58 -27.64
N LYS A 276 20.20 17.48 -26.77
CA LYS A 276 20.14 18.24 -25.54
C LYS A 276 20.22 17.28 -24.35
N ASN A 277 21.05 17.63 -23.37
CA ASN A 277 21.28 16.80 -22.19
C ASN A 277 21.82 15.42 -22.59
N ASN A 278 22.53 15.33 -23.70
CA ASN A 278 22.94 14.06 -24.26
C ASN A 278 24.23 13.53 -23.65
N ASP A 279 24.60 13.99 -22.47
CA ASP A 279 25.80 13.51 -21.82
C ASP A 279 25.53 12.72 -20.54
N LYS A 280 24.30 12.75 -20.03
CA LYS A 280 23.94 12.07 -18.80
C LYS A 280 22.67 11.25 -18.98
N ALA A 281 22.62 10.48 -20.05
CA ALA A 281 21.46 9.65 -20.33
C ALA A 281 21.39 8.49 -19.34
N ASN A 282 20.17 8.14 -18.93
CA ASN A 282 19.93 6.99 -18.09
C ASN A 282 19.32 5.83 -18.85
N VAL A 283 18.59 6.09 -19.92
CA VAL A 283 17.96 5.06 -20.72
C VAL A 283 18.52 5.16 -22.12
N PHE A 284 18.93 4.03 -22.68
CA PHE A 284 19.48 3.97 -24.02
C PHE A 284 18.55 3.12 -24.86
N ALA A 285 17.95 3.73 -25.88
CA ALA A 285 16.98 3.06 -26.71
C ALA A 285 17.64 2.54 -27.97
N ILE A 286 17.32 1.30 -28.32
CA ILE A 286 17.81 0.69 -29.55
C ILE A 286 16.67 -0.09 -30.18
N GLY A 287 16.51 0.05 -31.50
CA GLY A 287 15.47 -0.68 -32.19
C GLY A 287 15.84 -2.14 -32.37
N HIS A 288 14.83 -2.99 -32.36
CA HIS A 288 15.09 -4.42 -32.40
C HIS A 288 13.87 -5.12 -32.96
N CYS A 289 14.13 -6.23 -33.64
CA CYS A 289 13.05 -7.07 -34.19
C CYS A 289 13.48 -8.51 -34.01
N HIS A 290 12.88 -9.17 -33.03
CA HIS A 290 13.19 -10.57 -32.77
C HIS A 290 12.36 -11.43 -33.70
N ILE A 291 13.01 -12.05 -34.68
CA ILE A 291 12.38 -12.97 -35.61
C ILE A 291 12.81 -14.38 -35.20
N ASP A 292 11.87 -15.16 -34.70
CA ASP A 292 12.15 -16.56 -34.44
C ASP A 292 12.39 -17.28 -35.75
N THR A 293 13.55 -17.92 -35.89
CA THR A 293 13.87 -18.61 -37.13
C THR A 293 12.85 -19.68 -37.46
N ALA A 294 12.29 -20.33 -36.44
CA ALA A 294 11.05 -21.11 -36.60
C ALA A 294 10.45 -21.28 -35.21
N TRP A 295 9.30 -20.65 -34.97
CA TRP A 295 8.56 -20.93 -33.75
C TRP A 295 7.16 -21.45 -34.02
N LEU A 296 6.33 -20.70 -34.76
CA LEU A 296 4.96 -21.11 -35.04
C LEU A 296 4.69 -21.03 -36.54
N TRP A 297 5.74 -21.09 -37.33
CA TRP A 297 5.68 -20.96 -38.78
C TRP A 297 6.86 -21.71 -39.35
N PRO A 298 6.80 -22.11 -40.62
CA PRO A 298 7.94 -22.81 -41.22
C PRO A 298 9.13 -21.88 -41.41
N PHE A 299 10.27 -22.48 -41.77
CA PHE A 299 11.44 -21.70 -42.14
C PHE A 299 11.15 -20.83 -43.36
N ALA A 300 10.34 -21.34 -44.28
CA ALA A 300 10.04 -20.61 -45.50
C ALA A 300 9.30 -19.31 -45.22
N GLU A 301 8.47 -19.29 -44.17
CA GLU A 301 7.81 -18.04 -43.78
C GLU A 301 8.76 -17.11 -43.04
N THR A 302 9.70 -17.67 -42.27
CA THR A 302 10.74 -16.84 -41.66
C THR A 302 11.53 -16.10 -42.72
N ARG A 303 11.76 -16.74 -43.86
CA ARG A 303 12.52 -16.09 -44.92
C ARG A 303 11.84 -14.80 -45.38
N ARG A 304 10.52 -14.80 -45.48
CA ARG A 304 9.80 -13.59 -45.86
C ARG A 304 9.69 -12.60 -44.72
N LYS A 305 9.55 -13.09 -43.49
CA LYS A 305 9.49 -12.20 -42.34
C LYS A 305 10.77 -11.39 -42.23
N ILE A 306 11.92 -12.02 -42.52
CA ILE A 306 13.19 -11.31 -42.44
C ILE A 306 13.21 -10.12 -43.38
N VAL A 307 12.87 -10.35 -44.65
CA VAL A 307 12.98 -9.28 -45.62
C VAL A 307 11.95 -8.20 -45.37
N ARG A 308 10.73 -8.58 -44.97
CA ARG A 308 9.73 -7.56 -44.77
C ARG A 308 9.96 -6.78 -43.47
N SER A 309 10.69 -7.35 -42.51
CA SER A 309 11.10 -6.55 -41.36
C SER A 309 12.24 -5.60 -41.73
N TRP A 310 13.26 -6.11 -42.43
CA TRP A 310 14.46 -5.31 -42.63
C TRP A 310 14.27 -4.23 -43.68
N ALA A 311 13.48 -4.48 -44.73
CA ALA A 311 13.18 -3.41 -45.68
C ALA A 311 12.42 -2.29 -45.01
N THR A 312 11.46 -2.63 -44.15
CA THR A 312 10.72 -1.63 -43.39
C THR A 312 11.67 -0.83 -42.51
N GLN A 313 12.55 -1.51 -41.80
CA GLN A 313 13.47 -0.82 -40.92
C GLN A 313 14.42 0.07 -41.71
N MET A 314 14.78 -0.32 -42.92
CA MET A 314 15.66 0.51 -43.72
C MET A 314 14.95 1.77 -44.21
N ASN A 315 13.68 1.67 -44.61
CA ASN A 315 12.99 2.90 -44.97
C ASN A 315 12.75 3.79 -43.75
N ILE A 316 12.52 3.19 -42.57
CA ILE A 316 12.41 3.98 -41.36
C ILE A 316 13.73 4.67 -41.05
N MET A 317 14.86 3.99 -41.25
CA MET A 317 16.16 4.60 -41.09
C MET A 317 16.32 5.78 -42.03
N ASP A 318 15.79 5.65 -43.24
CA ASP A 318 15.81 6.78 -44.17
C ASP A 318 15.07 7.96 -43.60
N ARG A 319 13.93 7.73 -42.97
CA ARG A 319 13.15 8.86 -42.47
C ARG A 319 13.62 9.40 -41.14
N TYR A 320 14.22 8.57 -40.29
CA TYR A 320 14.63 8.99 -38.94
C TYR A 320 16.13 8.83 -38.76
N PRO A 321 16.90 9.93 -38.83
CA PRO A 321 18.36 9.79 -38.87
C PRO A 321 18.99 9.35 -37.56
N GLU A 322 18.34 9.53 -36.42
CA GLU A 322 18.91 9.12 -35.16
C GLU A 322 18.60 7.66 -34.82
N TYR A 323 17.81 6.99 -35.63
CA TYR A 323 17.31 5.67 -35.29
C TYR A 323 18.34 4.60 -35.62
N GLN A 324 18.51 3.66 -34.70
CA GLN A 324 19.42 2.55 -34.87
C GLN A 324 18.70 1.26 -34.54
N PHE A 325 19.05 0.21 -35.28
CA PHE A 325 18.35 -1.07 -35.23
C PHE A 325 19.38 -2.18 -35.14
N VAL A 326 19.22 -3.08 -34.18
CA VAL A 326 20.09 -4.23 -34.04
C VAL A 326 19.32 -5.47 -34.48
N CYS A 327 19.99 -6.34 -35.23
CA CYS A 327 19.46 -7.67 -35.49
C CYS A 327 20.61 -8.67 -35.42
N SER A 328 20.33 -9.86 -34.91
CA SER A 328 21.37 -10.73 -34.39
C SER A 328 21.81 -11.84 -35.33
N GLN A 329 20.89 -12.70 -35.75
CA GLN A 329 21.27 -14.03 -36.22
C GLN A 329 21.89 -13.98 -37.61
N ALA A 330 23.13 -14.49 -37.73
CA ALA A 330 23.83 -14.46 -39.01
C ALA A 330 23.15 -15.31 -40.06
N LEU A 331 22.49 -16.38 -39.66
CA LEU A 331 21.76 -17.20 -40.62
C LEU A 331 20.66 -16.40 -41.31
N GLN A 332 20.05 -15.46 -40.60
CA GLN A 332 19.02 -14.63 -41.21
C GLN A 332 19.61 -13.69 -42.24
N TYR A 333 20.81 -13.17 -41.98
CA TYR A 333 21.51 -12.41 -43.01
C TYR A 333 21.82 -13.27 -44.22
N LEU A 334 22.24 -14.52 -44.00
CA LEU A 334 22.52 -15.41 -45.11
C LEU A 334 21.27 -15.68 -45.92
N TRP A 335 20.14 -15.88 -45.25
CA TRP A 335 18.88 -16.12 -45.94
C TRP A 335 18.47 -14.90 -46.76
N LEU A 336 18.62 -13.71 -46.19
CA LEU A 336 18.33 -12.49 -46.96
C LEU A 336 19.24 -12.37 -48.16
N LYS A 337 20.53 -12.68 -47.99
CA LYS A 337 21.47 -12.60 -49.09
C LYS A 337 21.13 -13.58 -50.21
N GLU A 338 20.69 -14.79 -49.84
CA GLU A 338 20.27 -15.76 -50.83
C GLU A 338 19.01 -15.30 -51.55
N ASP A 339 18.04 -14.76 -50.83
CA ASP A 339 16.75 -14.44 -51.43
C ASP A 339 16.75 -13.08 -52.12
N HIS A 340 17.35 -12.07 -51.49
CA HIS A 340 17.31 -10.70 -51.99
C HIS A 340 18.70 -10.09 -51.95
N PRO A 341 19.55 -10.43 -52.93
CA PRO A 341 20.92 -9.91 -52.92
C PRO A 341 20.99 -8.38 -52.94
N ASP A 342 20.08 -7.72 -53.64
CA ASP A 342 20.12 -6.26 -53.72
C ASP A 342 19.74 -5.62 -52.40
N VAL A 343 18.74 -6.19 -51.72
CA VAL A 343 18.42 -5.74 -50.37
C VAL A 343 19.62 -5.94 -49.46
N PHE A 344 20.39 -7.00 -49.68
CA PHE A 344 21.56 -7.24 -48.85
C PHE A 344 22.66 -6.20 -49.12
N GLU A 345 22.82 -5.80 -50.38
CA GLU A 345 23.77 -4.73 -50.68
C GLU A 345 23.38 -3.43 -50.01
N LYS A 346 22.10 -3.07 -50.11
CA LYS A 346 21.61 -1.88 -49.41
C LYS A 346 21.82 -2.02 -47.90
N LEU A 347 21.58 -3.21 -47.37
CA LEU A 347 21.73 -3.45 -45.95
C LEU A 347 23.17 -3.25 -45.52
N LYS A 348 24.12 -3.72 -46.30
CA LYS A 348 25.51 -3.56 -45.89
C LYS A 348 25.95 -2.11 -45.99
N GLU A 349 25.37 -1.35 -46.91
CA GLU A 349 25.60 0.09 -46.86
C GLU A 349 25.08 0.70 -45.56
N TYR A 350 23.86 0.30 -45.14
CA TYR A 350 23.33 0.82 -43.88
C TYR A 350 24.22 0.41 -42.71
N VAL A 351 24.72 -0.82 -42.71
CA VAL A 351 25.63 -1.28 -41.67
C VAL A 351 26.87 -0.40 -41.64
N ASN A 352 27.38 -0.03 -42.81
CA ASN A 352 28.50 0.91 -42.86
C ASN A 352 28.14 2.24 -42.22
N GLN A 353 26.92 2.73 -42.47
CA GLN A 353 26.52 4.00 -41.87
C GLN A 353 26.23 3.92 -40.38
N ASN A 354 26.51 2.79 -39.73
CA ASN A 354 26.35 2.59 -38.30
C ASN A 354 24.89 2.51 -37.87
N LYS A 355 23.98 2.76 -38.79
CA LYS A 355 22.62 2.27 -38.62
C LYS A 355 22.62 0.79 -38.94
N PHE A 356 21.61 0.07 -38.45
CA PHE A 356 21.52 -1.36 -38.72
C PHE A 356 22.77 -2.09 -38.21
N ILE A 357 22.86 -2.17 -36.89
CA ILE A 357 24.00 -2.79 -36.21
C ILE A 357 23.81 -4.30 -36.12
N PRO A 358 24.66 -5.10 -36.73
CA PRO A 358 24.63 -6.54 -36.47
C PRO A 358 25.21 -6.86 -35.11
N ILE A 359 24.56 -7.76 -34.39
CA ILE A 359 24.88 -8.06 -33.00
C ILE A 359 24.80 -9.55 -32.78
N GLY A 360 25.30 -9.99 -31.64
CA GLY A 360 25.19 -11.39 -31.24
C GLY A 360 26.33 -12.28 -31.62
N GLY A 361 26.77 -12.20 -32.88
CA GLY A 361 27.91 -12.97 -33.32
C GLY A 361 27.68 -14.45 -33.46
N SER A 362 26.45 -14.93 -33.41
CA SER A 362 26.17 -16.35 -33.52
C SER A 362 25.34 -16.61 -34.77
N TRP A 363 25.39 -17.87 -35.22
CA TRP A 363 24.65 -18.27 -36.41
C TRP A 363 23.15 -18.11 -36.20
N VAL A 364 22.63 -18.64 -35.09
CA VAL A 364 21.25 -18.43 -34.69
C VAL A 364 21.25 -18.05 -33.22
N GLU A 365 20.11 -17.55 -32.75
CA GLU A 365 19.91 -17.33 -31.32
C GLU A 365 19.55 -18.67 -30.72
N HIS A 366 20.56 -19.38 -30.27
CA HIS A 366 20.44 -20.79 -29.93
C HIS A 366 20.15 -20.98 -28.45
N ASP A 367 19.60 -22.15 -28.14
CA ASP A 367 19.57 -22.61 -26.76
C ASP A 367 20.99 -22.93 -26.30
N THR A 368 21.24 -22.70 -25.02
CA THR A 368 22.56 -22.94 -24.46
C THR A 368 22.60 -24.09 -23.47
N ASN A 369 21.49 -24.79 -23.27
CA ASN A 369 21.46 -25.91 -22.36
C ASN A 369 21.66 -27.24 -23.07
N ILE A 370 20.99 -27.44 -24.19
CA ILE A 370 20.98 -28.73 -24.88
C ILE A 370 22.22 -28.96 -25.73
N PRO A 371 22.63 -28.04 -26.60
CA PRO A 371 23.76 -28.36 -27.48
C PRO A 371 25.05 -28.53 -26.71
N ASN A 372 25.92 -29.39 -27.23
CA ASN A 372 27.19 -29.62 -26.56
C ASN A 372 28.10 -28.42 -26.75
N GLY A 373 29.26 -28.47 -26.08
CA GLY A 373 30.13 -27.30 -26.07
C GLY A 373 30.65 -26.92 -27.44
N GLU A 374 31.03 -27.92 -28.24
CA GLU A 374 31.52 -27.64 -29.57
C GLU A 374 30.45 -26.97 -30.43
N SER A 375 29.18 -27.29 -30.19
CA SER A 375 28.11 -26.61 -30.91
C SER A 375 28.06 -25.13 -30.57
N LEU A 376 28.23 -24.78 -29.29
CA LEU A 376 28.25 -23.36 -28.92
C LEU A 376 29.42 -22.64 -29.55
N ILE A 377 30.60 -23.28 -29.54
CA ILE A 377 31.74 -22.69 -30.21
C ILE A 377 31.47 -22.54 -31.70
N ARG A 378 30.81 -23.50 -32.31
CA ARG A 378 30.52 -23.41 -33.74
C ARG A 378 29.53 -22.29 -34.04
N GLN A 379 28.53 -22.12 -33.17
CA GLN A 379 27.62 -20.99 -33.32
C GLN A 379 28.41 -19.70 -33.42
N PHE A 380 29.32 -19.49 -32.47
CA PHE A 380 30.10 -18.25 -32.51
C PHE A 380 31.04 -18.21 -33.71
N LEU A 381 31.66 -19.33 -34.06
CA LEU A 381 32.63 -19.35 -35.14
C LEU A 381 31.98 -19.00 -36.47
N LEU A 382 30.85 -19.65 -36.77
CA LEU A 382 30.13 -19.37 -38.02
C LEU A 382 29.55 -17.97 -38.02
N GLY A 383 28.95 -17.52 -36.92
CA GLY A 383 28.39 -16.18 -36.90
C GLY A 383 29.45 -15.11 -37.08
N GLN A 384 30.55 -15.22 -36.33
CA GLN A 384 31.59 -14.21 -36.41
C GLN A 384 32.28 -14.22 -37.76
N HIS A 385 32.48 -15.41 -38.35
CA HIS A 385 33.08 -15.44 -39.68
C HIS A 385 32.16 -14.83 -40.71
N PHE A 386 30.85 -15.09 -40.63
CA PHE A 386 29.93 -14.46 -41.56
C PHE A 386 29.95 -12.95 -41.42
N PHE A 387 29.92 -12.46 -40.19
CA PHE A 387 29.89 -11.01 -39.99
C PHE A 387 31.21 -10.36 -40.41
N GLU A 388 32.33 -11.05 -40.23
CA GLU A 388 33.61 -10.51 -40.66
C GLU A 388 33.77 -10.58 -42.18
N LYS A 389 33.08 -11.51 -42.83
CA LYS A 389 33.20 -11.64 -44.27
C LYS A 389 32.28 -10.66 -45.00
N GLU A 390 31.01 -10.61 -44.62
CA GLU A 390 30.07 -9.75 -45.32
C GLU A 390 30.27 -8.29 -44.96
N PHE A 391 30.47 -7.99 -43.69
CA PHE A 391 30.79 -6.67 -43.22
C PHE A 391 32.22 -6.67 -42.68
N GLY A 392 32.64 -5.58 -42.10
CA GLY A 392 33.96 -5.58 -41.49
C GLY A 392 33.87 -5.71 -39.99
N VAL A 393 32.74 -6.21 -39.49
CA VAL A 393 32.42 -6.14 -38.08
C VAL A 393 32.63 -7.49 -37.43
N ARG A 394 33.17 -7.47 -36.22
CA ARG A 394 33.15 -8.60 -35.32
C ARG A 394 32.32 -8.22 -34.11
N CYS A 395 31.30 -9.02 -33.79
CA CYS A 395 30.43 -8.69 -32.68
C CYS A 395 31.18 -8.81 -31.36
N ARG A 396 30.88 -7.91 -30.43
CA ARG A 396 31.41 -7.97 -29.09
C ARG A 396 30.36 -8.25 -28.04
N THR A 397 29.09 -8.17 -28.39
CA THR A 397 27.99 -8.44 -27.47
C THR A 397 27.31 -9.72 -27.88
N PHE A 398 27.28 -10.69 -26.98
CA PHE A 398 26.44 -11.85 -27.18
C PHE A 398 25.00 -11.45 -26.91
N TRP A 399 24.17 -11.54 -27.93
CA TRP A 399 22.78 -11.11 -27.88
C TRP A 399 21.91 -12.35 -27.81
N LEU A 400 21.22 -12.52 -26.71
CA LEU A 400 20.46 -13.75 -26.51
C LEU A 400 19.27 -13.48 -25.60
N PRO A 401 18.32 -12.65 -26.02
CA PRO A 401 17.26 -12.21 -25.09
C PRO A 401 16.13 -13.20 -24.91
N ASP A 402 16.15 -14.36 -25.57
CA ASP A 402 14.98 -15.24 -25.56
C ASP A 402 15.34 -16.69 -25.28
N THR A 403 16.53 -16.98 -24.78
CA THR A 403 16.97 -18.35 -24.57
C THR A 403 16.61 -18.84 -23.18
N PHE A 404 16.17 -20.09 -23.11
CA PHE A 404 15.65 -20.66 -21.86
C PHE A 404 16.80 -21.23 -21.04
N GLY A 405 17.47 -20.34 -20.32
CA GLY A 405 18.53 -20.79 -19.46
C GLY A 405 19.90 -20.61 -20.11
N TYR A 406 20.91 -20.41 -19.26
CA TYR A 406 22.25 -20.08 -19.72
C TYR A 406 23.24 -20.94 -18.98
N SER A 407 23.99 -21.75 -19.73
CA SER A 407 24.88 -22.71 -19.12
C SER A 407 26.12 -22.03 -18.56
N SER A 408 26.82 -22.75 -17.68
CA SER A 408 27.83 -22.15 -16.84
C SER A 408 29.10 -21.77 -17.57
N GLN A 409 29.34 -22.30 -18.77
CA GLN A 409 30.56 -21.99 -19.49
C GLN A 409 30.35 -20.98 -20.61
N ILE A 410 29.14 -20.43 -20.73
CA ILE A 410 28.88 -19.43 -21.77
C ILE A 410 29.81 -18.23 -21.65
N PRO A 411 30.07 -17.66 -20.47
CA PRO A 411 31.04 -16.55 -20.43
C PRO A 411 32.42 -16.91 -20.95
N GLN A 412 32.89 -18.12 -20.69
CA GLN A 412 34.21 -18.51 -21.19
C GLN A 412 34.20 -18.64 -22.71
N ILE A 413 33.16 -19.27 -23.26
CA ILE A 413 33.06 -19.42 -24.70
C ILE A 413 32.94 -18.05 -25.36
N CYS A 414 32.20 -17.14 -24.73
CA CYS A 414 32.10 -15.77 -25.22
C CYS A 414 33.47 -15.10 -25.26
N ARG A 415 34.22 -15.18 -24.17
CA ARG A 415 35.54 -14.55 -24.14
C ARG A 415 36.47 -15.19 -25.16
N LEU A 416 36.38 -16.50 -25.34
CA LEU A 416 37.20 -17.18 -26.34
C LEU A 416 36.83 -16.76 -27.75
N CYS A 417 35.58 -16.38 -27.99
CA CYS A 417 35.13 -16.01 -29.32
C CYS A 417 35.02 -14.51 -29.51
N GLY A 418 35.65 -13.73 -28.64
CA GLY A 418 35.80 -12.31 -28.84
C GLY A 418 34.70 -11.43 -28.30
N MET A 419 33.79 -11.95 -27.49
CA MET A 419 32.68 -11.16 -26.96
C MET A 419 32.77 -11.10 -25.45
N ASP A 420 32.79 -9.89 -24.91
CA ASP A 420 32.86 -9.68 -23.47
C ASP A 420 31.59 -9.06 -22.91
N ARG A 421 30.55 -8.92 -23.71
CA ARG A 421 29.29 -8.36 -23.28
C ARG A 421 28.17 -9.35 -23.54
N PHE A 422 27.18 -9.33 -22.67
CA PHE A 422 26.05 -10.24 -22.79
C PHE A 422 24.78 -9.46 -22.54
N LEU A 423 23.81 -9.62 -23.44
CA LEU A 423 22.50 -9.02 -23.29
C LEU A 423 21.47 -10.13 -23.29
N THR A 424 20.55 -10.07 -22.34
CA THR A 424 19.48 -11.04 -22.22
C THR A 424 18.39 -10.50 -21.34
N GLN A 425 17.17 -10.98 -21.56
CA GLN A 425 16.07 -10.56 -20.70
C GLN A 425 15.21 -11.73 -20.24
N LYS A 426 15.51 -12.95 -20.67
CA LYS A 426 14.62 -14.08 -20.41
C LYS A 426 14.51 -14.38 -18.92
N LEU A 427 15.55 -14.08 -18.15
CA LEU A 427 15.52 -14.40 -16.72
C LEU A 427 14.45 -13.61 -15.97
N SER A 428 13.84 -12.61 -16.59
CA SER A 428 12.71 -11.93 -15.98
C SER A 428 11.47 -12.82 -15.89
N TRP A 429 11.44 -13.94 -16.60
CA TRP A 429 10.35 -14.90 -16.51
C TRP A 429 10.51 -15.88 -15.36
N ASN A 430 11.55 -15.75 -14.55
CA ASN A 430 11.70 -16.56 -13.36
C ASN A 430 10.50 -16.35 -12.44
N ASN A 431 9.67 -17.38 -12.26
CA ASN A 431 8.43 -17.25 -11.51
C ASN A 431 8.57 -17.69 -10.06
N ILE A 432 9.79 -17.79 -9.54
CA ILE A 432 10.01 -18.05 -8.13
C ILE A 432 10.92 -16.98 -7.55
N ASN A 433 12.12 -16.83 -8.12
CA ASN A 433 13.12 -15.90 -7.63
C ASN A 433 13.37 -14.82 -8.66
N SER A 434 13.23 -13.56 -8.26
CA SER A 434 13.68 -12.47 -9.11
C SER A 434 15.21 -12.46 -9.10
N PHE A 435 15.80 -12.37 -10.29
CA PHE A 435 17.25 -12.30 -10.36
C PHE A 435 17.73 -11.04 -9.66
N PRO A 436 18.79 -11.14 -8.85
CA PRO A 436 19.15 -10.01 -7.98
C PRO A 436 19.54 -8.74 -8.71
N THR A 437 20.12 -8.82 -9.90
CA THR A 437 20.75 -7.66 -10.51
C THR A 437 20.30 -7.48 -11.94
N SER A 438 20.42 -6.23 -12.42
CA SER A 438 20.21 -5.90 -13.82
C SER A 438 21.52 -5.81 -14.60
N THR A 439 22.58 -5.32 -13.98
CA THR A 439 23.89 -5.20 -14.58
C THR A 439 24.89 -5.88 -13.66
N PHE A 440 25.61 -6.86 -14.19
CA PHE A 440 26.49 -7.64 -13.33
C PHE A 440 27.59 -8.27 -14.16
N ASN A 441 28.54 -8.87 -13.47
CA ASN A 441 29.58 -9.66 -14.12
C ASN A 441 29.17 -11.12 -14.02
N TRP A 442 29.04 -11.77 -15.17
CA TRP A 442 28.72 -13.18 -15.21
C TRP A 442 30.00 -13.94 -15.42
N VAL A 443 30.33 -14.83 -14.49
CA VAL A 443 31.60 -15.51 -14.42
C VAL A 443 31.39 -16.98 -14.72
N ALA A 444 32.17 -17.52 -15.65
CA ALA A 444 32.04 -18.92 -16.04
C ALA A 444 32.66 -19.83 -14.99
N LEU A 445 32.60 -21.13 -15.25
CA LEU A 445 33.22 -22.10 -14.35
C LEU A 445 34.71 -21.84 -14.18
N ASP A 446 35.39 -21.49 -15.27
CA ASP A 446 36.83 -21.28 -15.23
C ASP A 446 37.23 -19.94 -14.61
N GLY A 447 36.31 -19.00 -14.50
CA GLY A 447 36.61 -17.67 -14.05
C GLY A 447 36.50 -16.60 -15.11
N SER A 448 36.31 -16.98 -16.37
CA SER A 448 36.10 -15.99 -17.42
C SER A 448 34.80 -15.25 -17.20
N GLN A 449 34.83 -13.95 -17.44
CA GLN A 449 33.68 -13.11 -17.14
C GLN A 449 33.28 -12.30 -18.35
N VAL A 450 31.97 -12.17 -18.54
CA VAL A 450 31.40 -11.19 -19.43
C VAL A 450 30.61 -10.21 -18.56
N ILE A 451 30.31 -9.06 -19.11
CA ILE A 451 29.45 -8.11 -18.43
C ILE A 451 28.05 -8.24 -19.02
N CYS A 452 27.09 -8.56 -18.17
CA CYS A 452 25.73 -8.84 -18.59
C CYS A 452 24.80 -7.73 -18.13
N HIS A 453 23.91 -7.32 -19.02
CA HIS A 453 22.83 -6.43 -18.70
C HIS A 453 21.51 -7.08 -19.08
N MET A 454 20.54 -6.98 -18.18
CA MET A 454 19.17 -7.38 -18.49
C MET A 454 18.30 -6.15 -18.53
N PRO A 455 17.73 -5.80 -19.69
CA PRO A 455 16.94 -4.56 -19.81
C PRO A 455 15.87 -4.48 -18.74
N PRO A 456 15.92 -3.45 -17.89
CA PRO A 456 15.05 -3.43 -16.70
C PRO A 456 13.56 -3.45 -17.02
N ALA A 457 13.13 -2.79 -18.08
CA ALA A 457 11.78 -3.02 -18.59
C ALA A 457 11.77 -4.38 -19.26
N ASN A 458 11.15 -5.36 -18.63
CA ASN A 458 11.50 -6.75 -18.91
C ASN A 458 11.00 -7.22 -20.26
N THR A 459 11.45 -6.57 -21.32
CA THR A 459 11.05 -6.93 -22.68
C THR A 459 12.18 -6.61 -23.64
N TYR A 460 12.15 -7.27 -24.80
CA TYR A 460 12.88 -6.84 -25.97
C TYR A 460 11.95 -6.35 -27.07
N THR A 461 10.65 -6.26 -26.77
CA THR A 461 9.63 -5.77 -27.68
C THR A 461 8.85 -4.62 -27.04
N ALA A 462 9.58 -3.66 -26.49
CA ALA A 462 8.95 -2.53 -25.83
C ALA A 462 8.21 -1.66 -26.84
N ASP A 463 7.49 -0.65 -26.32
CA ASP A 463 6.62 0.17 -27.14
C ASP A 463 6.94 1.65 -27.08
N THR A 464 7.94 2.06 -26.29
CA THR A 464 8.34 3.47 -26.15
C THR A 464 7.23 4.34 -25.58
N ASN A 465 6.25 3.76 -24.89
CA ASN A 465 5.36 4.55 -24.07
C ASN A 465 6.13 5.07 -22.86
N VAL A 466 5.52 6.01 -22.12
CA VAL A 466 6.24 6.56 -20.98
C VAL A 466 6.45 5.49 -19.92
N ASN A 467 5.59 4.48 -19.86
CA ASN A 467 5.82 3.40 -18.91
C ASN A 467 7.06 2.60 -19.26
N ASP A 468 7.29 2.32 -20.55
CA ASP A 468 8.48 1.60 -20.96
C ASP A 468 9.75 2.38 -20.67
N VAL A 469 9.75 3.67 -21.00
CA VAL A 469 10.90 4.52 -20.73
C VAL A 469 11.16 4.63 -19.23
N LEU A 470 10.11 4.79 -18.45
CA LEU A 470 10.26 4.88 -17.00
C LEU A 470 10.80 3.58 -16.42
N HIS A 471 10.20 2.45 -16.80
CA HIS A 471 10.63 1.17 -16.27
C HIS A 471 12.03 0.80 -16.72
N SER A 472 12.50 1.33 -17.85
CA SER A 472 13.85 1.03 -18.27
C SER A 472 14.89 1.51 -17.26
N ILE A 473 14.53 2.40 -16.35
CA ILE A 473 15.48 2.82 -15.34
C ILE A 473 14.97 2.52 -13.95
N ASP A 474 13.66 2.53 -13.73
CA ASP A 474 13.18 2.49 -12.36
C ASP A 474 12.88 1.09 -11.84
N GLN A 475 12.88 0.07 -12.69
CA GLN A 475 12.91 -1.29 -12.17
C GLN A 475 14.24 -1.98 -12.49
N HIS A 476 15.28 -1.18 -12.72
CA HIS A 476 16.65 -1.65 -12.63
C HIS A 476 16.91 -2.20 -11.23
N LYS A 477 17.49 -3.38 -11.14
CA LYS A 477 17.52 -4.12 -9.89
C LYS A 477 18.72 -3.80 -9.01
N ASN A 478 19.79 -3.24 -9.55
CA ASN A 478 20.96 -2.88 -8.77
C ASN A 478 21.41 -1.45 -9.12
N LEU A 479 20.47 -0.52 -9.03
CA LEU A 479 20.72 0.87 -9.40
C LEU A 479 21.89 1.50 -8.65
N VAL A 480 22.25 0.97 -7.47
CA VAL A 480 23.39 1.52 -6.75
C VAL A 480 24.70 1.29 -7.49
N ASN A 481 24.77 0.28 -8.36
CA ASN A 481 25.99 0.00 -9.10
C ASN A 481 26.06 0.79 -10.39
N ASP A 482 24.95 0.89 -11.10
CA ASP A 482 24.90 1.67 -12.32
C ASP A 482 23.47 2.14 -12.52
N GLN A 483 23.33 3.32 -13.13
CA GLN A 483 22.02 3.90 -13.36
C GLN A 483 21.80 4.06 -14.85
N ALA A 484 22.08 3.02 -15.62
CA ALA A 484 21.87 3.02 -17.06
C ALA A 484 21.05 1.80 -17.42
N GLY A 485 19.96 2.01 -18.14
CA GLY A 485 19.12 0.93 -18.60
C GLY A 485 19.01 0.94 -20.11
N LEU A 486 18.94 -0.25 -20.68
CA LEU A 486 18.76 -0.39 -22.12
C LEU A 486 17.29 -0.59 -22.42
N LEU A 487 16.76 0.19 -23.34
CA LEU A 487 15.38 0.08 -23.79
C LEU A 487 15.39 -0.52 -25.18
N VAL A 488 14.96 -1.77 -25.28
CA VAL A 488 14.95 -2.52 -26.53
C VAL A 488 13.52 -2.49 -27.04
N PHE A 489 13.26 -1.69 -28.05
CA PHE A 489 11.91 -1.48 -28.53
C PHE A 489 11.73 -2.00 -29.95
N GLY A 490 10.53 -2.42 -30.23
CA GLY A 490 10.19 -3.04 -31.50
C GLY A 490 9.04 -3.98 -31.29
N ILE A 491 8.64 -4.64 -32.37
CA ILE A 491 7.68 -5.73 -32.31
C ILE A 491 8.42 -6.98 -32.75
N GLY A 492 8.38 -8.02 -31.91
CA GLY A 492 9.22 -9.20 -32.11
C GLY A 492 8.52 -10.47 -31.73
N ASP A 493 9.29 -11.41 -31.18
CA ASP A 493 8.88 -12.79 -31.01
C ASP A 493 8.51 -13.43 -32.35
N GLY A 494 9.16 -12.96 -33.41
CA GLY A 494 8.86 -13.39 -34.76
C GLY A 494 8.02 -12.37 -35.48
N GLY A 495 8.66 -11.52 -36.28
CA GLY A 495 7.90 -10.52 -37.01
C GLY A 495 8.64 -9.31 -37.54
N GLY A 496 8.11 -8.13 -37.29
CA GLY A 496 8.65 -6.90 -37.85
C GLY A 496 8.79 -5.83 -36.79
N GLY A 497 9.86 -5.06 -36.86
CA GLY A 497 10.34 -4.31 -35.72
C GLY A 497 9.56 -3.07 -35.37
N PRO A 498 10.28 -2.03 -34.95
CA PRO A 498 9.62 -0.79 -34.53
C PRO A 498 8.92 -0.08 -35.67
N THR A 499 7.91 0.67 -35.33
CA THR A 499 7.12 1.49 -36.22
C THR A 499 7.55 2.95 -36.08
N PRO A 500 7.28 3.79 -37.08
CA PRO A 500 7.58 5.22 -36.93
C PRO A 500 6.85 5.89 -35.77
N GLU A 501 5.69 5.36 -35.38
CA GLU A 501 4.98 5.88 -34.23
C GLU A 501 5.82 5.76 -32.96
N MET A 502 6.56 4.66 -32.83
CA MET A 502 7.41 4.48 -31.66
C MET A 502 8.55 5.48 -31.64
N LEU A 503 9.09 5.82 -32.80
CA LEU A 503 10.13 6.84 -32.85
C LEU A 503 9.59 8.22 -32.52
N GLU A 504 8.37 8.52 -32.98
CA GLU A 504 7.75 9.78 -32.57
C GLU A 504 7.54 9.84 -31.07
N LYS A 505 7.06 8.74 -30.48
CA LYS A 505 6.86 8.71 -29.04
C LYS A 505 8.18 8.82 -28.29
N LEU A 506 9.25 8.24 -28.84
CA LEU A 506 10.57 8.37 -28.21
C LEU A 506 11.05 9.82 -28.25
N ARG A 507 10.88 10.49 -29.38
CA ARG A 507 11.25 11.89 -29.46
C ARG A 507 10.47 12.72 -28.45
N ARG A 508 9.18 12.44 -28.29
CA ARG A 508 8.39 13.21 -27.35
C ARG A 508 8.74 12.89 -25.91
N CYS A 509 9.09 11.64 -25.61
CA CYS A 509 9.57 11.30 -24.27
C CYS A 509 10.85 12.07 -23.96
N LYS A 510 11.77 12.14 -24.92
CA LYS A 510 12.99 12.92 -24.72
C LYS A 510 12.66 14.39 -24.52
N GLY A 511 11.71 14.92 -25.31
CA GLY A 511 11.33 16.31 -25.13
C GLY A 511 10.73 16.60 -23.77
N ILE A 512 9.91 15.68 -23.27
CA ILE A 512 9.36 15.82 -21.93
C ILE A 512 10.47 15.83 -20.90
N ALA A 513 11.43 14.91 -21.03
CA ALA A 513 12.56 14.88 -20.11
C ALA A 513 13.35 16.17 -20.17
N ASN A 514 13.48 16.75 -21.35
CA ASN A 514 14.20 18.02 -21.49
C ASN A 514 13.44 19.17 -20.86
N THR A 515 12.11 19.14 -20.94
CA THR A 515 11.30 20.32 -20.61
C THR A 515 10.85 20.32 -19.15
N VAL A 516 10.11 19.29 -18.74
CA VAL A 516 9.61 19.22 -17.38
C VAL A 516 10.36 18.22 -16.52
N GLY A 517 11.13 17.32 -17.12
CA GLY A 517 12.15 16.57 -16.40
C GLY A 517 11.73 15.60 -15.34
N TYR A 518 10.69 14.81 -15.58
CA TYR A 518 10.44 13.65 -14.72
C TYR A 518 10.82 12.34 -15.39
N LEU A 519 10.56 12.22 -16.67
CA LEU A 519 10.97 11.05 -17.42
C LEU A 519 12.49 10.98 -17.46
N PRO A 520 13.05 9.79 -17.58
CA PRO A 520 14.50 9.68 -17.68
C PRO A 520 15.02 10.29 -18.96
N ASN A 521 16.25 10.78 -18.89
CA ASN A 521 16.97 11.22 -20.07
C ASN A 521 17.24 10.02 -20.97
N VAL A 522 16.55 9.94 -22.09
CA VAL A 522 16.65 8.81 -23.00
C VAL A 522 17.50 9.20 -24.20
N LYS A 523 18.42 8.32 -24.58
CA LYS A 523 19.31 8.52 -25.70
C LYS A 523 18.97 7.51 -26.80
N LEU A 524 18.94 7.98 -28.04
CA LEU A 524 18.57 7.11 -29.16
C LEU A 524 19.72 6.79 -30.10
N GLY A 525 20.72 7.65 -30.22
CA GLY A 525 21.72 7.42 -31.24
C GLY A 525 22.94 6.61 -30.85
N ASN A 526 22.83 5.80 -29.81
CA ASN A 526 23.96 5.03 -29.30
C ASN A 526 23.75 3.55 -29.58
N THR A 527 24.85 2.86 -29.90
CA THR A 527 24.80 1.43 -30.11
C THR A 527 24.81 0.69 -28.77
N VAL A 528 24.49 -0.61 -28.83
CA VAL A 528 24.52 -1.43 -27.63
C VAL A 528 25.94 -1.51 -27.07
N ASP A 529 26.93 -1.57 -27.96
CA ASP A 529 28.31 -1.61 -27.51
C ASP A 529 28.72 -0.30 -26.86
N GLU A 530 28.20 0.83 -27.32
CA GLU A 530 28.46 2.09 -26.62
C GLU A 530 27.78 2.12 -25.25
N PHE A 531 26.62 1.49 -25.12
CA PHE A 531 25.97 1.37 -23.83
C PHE A 531 26.83 0.58 -22.85
N PHE A 532 27.38 -0.54 -23.32
CA PHE A 532 28.27 -1.32 -22.46
C PHE A 532 29.58 -0.59 -22.19
N ASP A 533 30.06 0.19 -23.16
CA ASP A 533 31.23 1.02 -22.93
C ASP A 533 30.98 2.03 -21.82
N GLY A 534 29.80 2.65 -21.82
CA GLY A 534 29.45 3.55 -20.73
C GLY A 534 29.43 2.84 -19.39
N ILE A 535 28.83 1.65 -19.35
CA ILE A 535 28.79 0.90 -18.10
C ILE A 535 30.20 0.59 -17.60
N LEU A 536 31.07 0.15 -18.52
CA LEU A 536 32.43 -0.20 -18.12
C LEU A 536 33.22 1.02 -17.68
N LYS A 537 33.00 2.16 -18.33
CA LYS A 537 33.68 3.39 -17.95
C LYS A 537 33.24 3.86 -16.57
N ARG A 538 31.94 3.76 -16.27
CA ARG A 538 31.45 4.24 -14.99
C ARG A 538 31.78 3.31 -13.84
N THR A 539 31.94 2.01 -14.10
CA THR A 539 32.10 1.03 -13.04
C THR A 539 33.54 0.56 -12.87
N ASN A 540 34.52 1.33 -13.36
CA ASN A 540 35.94 0.99 -13.26
C ASN A 540 36.21 -0.34 -13.96
N ALA A 541 35.86 -0.39 -15.25
CA ALA A 541 35.96 -1.59 -16.06
C ALA A 541 35.20 -2.76 -15.42
N GLY A 542 34.04 -2.45 -14.86
CA GLY A 542 33.18 -3.48 -14.30
C GLY A 542 33.59 -4.04 -12.96
N GLN A 543 34.64 -3.50 -12.35
CA GLN A 543 35.14 -4.07 -11.10
C GLN A 543 34.14 -3.92 -9.96
N THR A 544 33.34 -2.86 -9.96
CA THR A 544 32.40 -2.63 -8.87
C THR A 544 31.07 -3.32 -9.08
N LEU A 545 30.86 -3.98 -10.21
CA LEU A 545 29.59 -4.65 -10.45
C LEU A 545 29.49 -5.92 -9.62
N PRO A 546 28.28 -6.31 -9.23
CA PRO A 546 28.10 -7.60 -8.58
C PRO A 546 28.44 -8.75 -9.52
N SER A 547 28.84 -9.86 -8.95
CA SER A 547 29.21 -11.04 -9.72
C SER A 547 28.11 -12.09 -9.62
N TRP A 548 27.97 -12.86 -10.69
CA TRP A 548 27.24 -14.11 -10.65
C TRP A 548 28.17 -15.20 -11.18
N ASN A 549 28.42 -16.20 -10.37
CA ASN A 549 29.32 -17.29 -10.72
C ASN A 549 28.48 -18.50 -11.13
N GLY A 550 28.73 -19.00 -12.32
CA GLY A 550 28.12 -20.23 -12.75
C GLY A 550 26.88 -20.02 -13.59
N GLU A 551 26.07 -21.07 -13.62
CA GLU A 551 24.92 -21.10 -14.51
C GLU A 551 23.85 -20.11 -14.08
N LEU A 552 23.29 -19.39 -15.04
CA LEU A 552 22.12 -18.55 -14.83
C LEU A 552 20.90 -19.44 -15.01
N TYR A 553 20.32 -19.89 -13.91
CA TYR A 553 19.23 -20.86 -14.00
C TYR A 553 17.93 -20.18 -14.35
N PHE A 554 17.27 -20.68 -15.39
CA PHE A 554 15.97 -20.18 -15.82
C PHE A 554 14.90 -21.00 -15.12
N GLU A 555 14.16 -20.36 -14.21
CA GLU A 555 13.16 -21.05 -13.41
C GLU A 555 11.83 -21.11 -14.17
N PHE A 556 11.90 -21.69 -15.36
CA PHE A 556 10.80 -21.69 -16.30
C PHE A 556 11.20 -22.57 -17.48
N HIS A 557 10.20 -23.06 -18.20
CA HIS A 557 10.40 -23.83 -19.42
C HIS A 557 11.32 -25.03 -19.20
N ARG A 558 11.14 -25.72 -18.06
CA ARG A 558 11.98 -26.87 -17.78
C ARG A 558 11.60 -28.08 -18.61
N GLY A 559 10.33 -28.18 -19.00
CA GLY A 559 9.90 -29.26 -19.86
C GLY A 559 10.61 -29.28 -21.19
N THR A 560 11.28 -28.18 -21.55
CA THR A 560 12.07 -28.13 -22.76
C THR A 560 13.30 -29.03 -22.71
N TYR A 561 13.67 -29.58 -21.55
CA TYR A 561 14.78 -30.53 -21.53
C TYR A 561 14.40 -31.87 -22.13
N THR A 562 13.11 -32.18 -22.19
CA THR A 562 12.65 -33.52 -22.54
C THR A 562 11.74 -33.56 -23.76
N THR A 563 10.94 -32.53 -24.00
CA THR A 563 10.00 -32.57 -25.11
C THR A 563 10.73 -32.58 -26.45
N GLN A 564 10.08 -33.18 -27.44
CA GLN A 564 10.70 -33.47 -28.74
C GLN A 564 11.95 -34.34 -28.55
N ALA A 565 11.70 -35.55 -28.05
CA ALA A 565 12.79 -36.46 -27.73
C ALA A 565 13.55 -36.89 -28.99
N GLU A 566 12.84 -37.05 -30.11
CA GLU A 566 13.49 -37.49 -31.34
C GLU A 566 14.51 -36.46 -31.80
N LEU A 567 14.15 -35.18 -31.74
CA LEU A 567 15.07 -34.13 -32.17
C LEU A 567 16.29 -34.08 -31.25
N LYS A 568 16.11 -34.30 -29.96
CA LYS A 568 17.24 -34.21 -29.03
C LYS A 568 18.18 -35.40 -29.21
N LYS A 569 17.63 -36.59 -29.39
CA LYS A 569 18.46 -37.74 -29.70
C LYS A 569 19.22 -37.52 -31.00
N LEU A 570 18.55 -36.98 -32.01
CA LEU A 570 19.21 -36.71 -33.28
C LEU A 570 20.28 -35.65 -33.12
N MET A 571 20.05 -34.63 -32.31
CA MET A 571 21.06 -33.61 -32.06
C MET A 571 22.31 -34.20 -31.45
N ARG A 572 22.16 -35.06 -30.42
CA ARG A 572 23.35 -35.64 -29.84
C ARG A 572 24.08 -36.55 -30.81
N LYS A 573 23.33 -37.38 -31.54
CA LYS A 573 23.96 -38.27 -32.51
C LYS A 573 24.68 -37.48 -33.59
N VAL A 574 24.09 -36.37 -34.03
CA VAL A 574 24.68 -35.57 -35.09
C VAL A 574 25.93 -34.87 -34.59
N GLU A 575 25.91 -34.35 -33.36
CA GLU A 575 27.11 -33.72 -32.83
C GLU A 575 28.25 -34.71 -32.74
N ILE A 576 27.99 -35.91 -32.23
CA ILE A 576 29.04 -36.91 -32.14
C ILE A 576 29.50 -37.34 -33.54
N ALA A 577 28.57 -37.47 -34.48
CA ALA A 577 28.94 -37.86 -35.84
C ALA A 577 29.77 -36.79 -36.53
N LEU A 578 29.43 -35.52 -36.31
CA LEU A 578 30.21 -34.43 -36.89
C LEU A 578 31.61 -34.41 -36.30
N HIS A 579 31.73 -34.66 -35.00
CA HIS A 579 33.05 -34.77 -34.38
C HIS A 579 33.86 -35.88 -35.05
N ASP A 580 33.25 -37.06 -35.21
CA ASP A 580 33.95 -38.18 -35.82
C ASP A 580 34.33 -37.89 -37.27
N ALA A 581 33.43 -37.28 -38.02
CA ALA A 581 33.69 -37.00 -39.43
C ALA A 581 34.79 -35.97 -39.59
N GLU A 582 34.79 -34.92 -38.79
CA GLU A 582 35.87 -33.94 -38.86
C GLU A 582 37.19 -34.55 -38.44
N TYR A 583 37.18 -35.45 -37.46
CA TYR A 583 38.40 -36.12 -37.04
C TYR A 583 38.99 -36.96 -38.16
N VAL A 584 38.17 -37.84 -38.75
CA VAL A 584 38.71 -38.70 -39.80
C VAL A 584 39.02 -37.90 -41.06
N SER A 585 38.30 -36.80 -41.31
CA SER A 585 38.61 -35.96 -42.46
C SER A 585 39.94 -35.25 -42.25
N THR A 586 40.22 -34.80 -41.03
CA THR A 586 41.52 -34.22 -40.74
C THR A 586 42.61 -35.26 -40.97
N LEU A 587 42.40 -36.47 -40.49
CA LEU A 587 43.41 -37.52 -40.68
C LEU A 587 43.62 -37.82 -42.15
N ALA A 588 42.53 -37.93 -42.92
CA ALA A 588 42.65 -38.27 -44.33
C ALA A 588 43.31 -37.15 -45.12
N SER A 589 42.97 -35.89 -44.82
CA SER A 589 43.61 -34.79 -45.51
C SER A 589 45.10 -34.69 -45.15
N ILE A 590 45.44 -35.07 -43.92
CA ILE A 590 46.85 -35.03 -43.52
C ILE A 590 47.65 -36.13 -44.21
N PHE A 591 47.10 -37.34 -44.25
CA PHE A 591 47.91 -38.50 -44.64
C PHE A 591 47.65 -38.98 -46.07
N SER A 592 46.53 -38.62 -46.67
CA SER A 592 46.23 -38.99 -48.05
C SER A 592 46.54 -37.82 -48.95
N LYS A 593 47.32 -38.05 -50.01
CA LYS A 593 47.70 -36.97 -50.91
C LYS A 593 46.55 -36.53 -51.79
N ASP A 594 45.63 -37.44 -52.11
CA ASP A 594 44.53 -37.17 -53.04
C ASP A 594 43.20 -36.94 -52.32
N TYR A 595 43.24 -36.47 -51.09
CA TYR A 595 42.02 -36.14 -50.35
C TYR A 595 42.11 -34.71 -49.85
N SER A 596 41.10 -33.92 -50.17
CA SER A 596 41.01 -32.55 -49.70
C SER A 596 40.00 -32.47 -48.57
N TYR A 597 40.32 -31.70 -47.55
CA TYR A 597 39.42 -31.53 -46.43
C TYR A 597 38.11 -30.92 -46.93
N PRO A 598 36.97 -31.55 -46.66
CA PRO A 598 35.70 -31.07 -47.22
C PRO A 598 35.13 -29.90 -46.43
N LYS A 599 35.75 -28.72 -46.61
CA LYS A 599 35.31 -27.55 -45.88
C LYS A 599 33.89 -27.17 -46.27
N GLU A 600 33.54 -27.30 -47.54
CA GLU A 600 32.23 -26.88 -48.02
C GLU A 600 31.13 -27.78 -47.48
N SER A 601 31.31 -29.09 -47.59
CA SER A 601 30.31 -30.03 -47.10
C SER A 601 30.16 -29.93 -45.59
N LEU A 602 31.29 -29.84 -44.88
CA LEU A 602 31.23 -29.71 -43.43
C LEU A 602 30.55 -28.41 -43.03
N GLN A 603 30.83 -27.33 -43.76
CA GLN A 603 30.18 -26.06 -43.47
C GLN A 603 28.68 -26.15 -43.66
N ASP A 604 28.23 -26.83 -44.72
CA ASP A 604 26.79 -27.00 -44.91
C ASP A 604 26.17 -27.82 -43.80
N LEU A 605 26.82 -28.92 -43.42
CA LEU A 605 26.28 -29.76 -42.36
C LEU A 605 26.21 -29.01 -41.04
N TRP A 606 27.24 -28.24 -40.73
CA TRP A 606 27.23 -27.45 -39.50
C TRP A 606 26.19 -26.36 -39.56
N ARG A 607 25.96 -25.76 -40.72
CA ARG A 607 24.93 -24.74 -40.83
C ARG A 607 23.56 -25.33 -40.52
N ASP A 608 23.26 -26.50 -41.08
CA ASP A 608 21.98 -27.14 -40.76
C ASP A 608 21.89 -27.51 -39.28
N THR A 609 22.96 -28.08 -38.73
CA THR A 609 22.96 -28.49 -37.34
C THR A 609 22.74 -27.31 -36.41
N LEU A 610 23.44 -26.20 -36.66
CA LEU A 610 23.30 -25.03 -35.82
C LEU A 610 21.96 -24.36 -36.03
N LEU A 611 21.38 -24.48 -37.22
CA LEU A 611 20.04 -23.98 -37.43
C LEU A 611 19.04 -24.73 -36.54
N CYS A 612 19.20 -26.03 -36.41
CA CYS A 612 18.25 -26.76 -35.58
C CYS A 612 18.48 -26.58 -34.08
N GLN A 613 19.54 -25.90 -33.67
CA GLN A 613 19.75 -25.57 -32.27
C GLN A 613 19.12 -24.25 -31.90
N PHE A 614 18.24 -23.72 -32.74
CA PHE A 614 17.57 -22.47 -32.44
C PHE A 614 16.79 -22.58 -31.14
N HIS A 615 16.73 -21.48 -30.38
CA HIS A 615 16.22 -21.49 -29.02
C HIS A 615 14.74 -21.82 -28.92
N ASP A 616 14.07 -22.09 -30.03
CA ASP A 616 12.71 -22.62 -29.99
C ASP A 616 12.58 -23.98 -30.64
N VAL A 617 13.44 -24.33 -31.59
CA VAL A 617 13.34 -25.62 -32.26
C VAL A 617 13.90 -26.72 -31.38
N LEU A 618 15.17 -26.61 -30.99
CA LEU A 618 15.79 -27.64 -30.18
C LEU A 618 15.11 -27.86 -28.83
N PRO A 619 14.73 -26.83 -28.07
CA PRO A 619 14.00 -27.09 -26.82
C PRO A 619 12.66 -27.75 -27.02
N GLY A 620 12.11 -27.73 -28.23
CA GLY A 620 10.94 -28.53 -28.51
C GLY A 620 9.63 -27.82 -28.35
N SER A 621 9.59 -26.55 -28.72
CA SER A 621 8.43 -25.70 -28.47
C SER A 621 7.94 -25.04 -29.75
N CYS A 622 7.84 -25.83 -30.80
CA CYS A 622 7.38 -25.34 -32.10
C CYS A 622 6.15 -26.13 -32.54
N ILE A 623 5.51 -25.61 -33.58
CA ILE A 623 4.36 -26.29 -34.19
C ILE A 623 4.86 -27.52 -34.94
N GLU A 624 3.92 -28.39 -35.33
CA GLU A 624 4.29 -29.67 -35.91
C GLU A 624 4.99 -29.52 -37.25
N MET A 625 4.62 -28.50 -38.04
CA MET A 625 5.27 -28.32 -39.34
C MET A 625 6.75 -27.99 -39.19
N VAL A 626 7.11 -27.28 -38.12
CA VAL A 626 8.51 -26.98 -37.88
C VAL A 626 9.31 -28.27 -37.73
N TYR A 627 8.78 -29.24 -37.00
CA TYR A 627 9.50 -30.49 -36.84
C TYR A 627 9.39 -31.39 -38.05
N LYS A 628 8.28 -31.31 -38.79
CA LYS A 628 8.22 -31.96 -40.10
C LYS A 628 9.26 -31.41 -41.05
N ASP A 629 9.79 -30.23 -40.76
CA ASP A 629 10.98 -29.75 -41.46
C ASP A 629 12.28 -30.16 -40.78
N ALA A 630 12.35 -30.03 -39.46
CA ALA A 630 13.61 -30.14 -38.73
C ALA A 630 14.11 -31.58 -38.61
N ILE A 631 13.21 -32.52 -38.28
CA ILE A 631 13.64 -33.91 -38.15
C ILE A 631 14.20 -34.45 -39.45
N PRO A 632 13.56 -34.26 -40.62
CA PRO A 632 14.20 -34.72 -41.86
C PRO A 632 15.53 -34.05 -42.16
N ILE A 633 15.70 -32.77 -41.87
CA ILE A 633 16.98 -32.17 -42.24
C ILE A 633 18.05 -32.62 -41.25
N MET A 634 17.68 -32.90 -40.01
CA MET A 634 18.61 -33.49 -39.05
C MET A 634 19.01 -34.90 -39.46
N SER A 635 18.06 -35.69 -39.93
CA SER A 635 18.38 -37.02 -40.45
C SER A 635 19.27 -36.93 -41.67
N LYS A 636 19.03 -35.94 -42.53
CA LYS A 636 19.88 -35.75 -43.70
C LYS A 636 21.29 -35.33 -43.29
N VAL A 637 21.40 -34.51 -42.25
CA VAL A 637 22.73 -34.15 -41.74
C VAL A 637 23.44 -35.39 -41.23
N LEU A 638 22.74 -36.24 -40.49
CA LEU A 638 23.35 -37.47 -39.99
C LEU A 638 23.82 -38.35 -41.14
N LYS A 639 22.97 -38.51 -42.16
CA LYS A 639 23.31 -39.37 -43.29
C LYS A 639 24.49 -38.83 -44.07
N ASN A 640 24.50 -37.53 -44.35
CA ASN A 640 25.59 -36.94 -45.12
C ASN A 640 26.89 -36.90 -44.33
N THR A 641 26.79 -36.72 -43.01
CA THR A 641 27.97 -36.81 -42.17
C THR A 641 28.57 -38.21 -42.21
N GLU A 642 27.71 -39.23 -42.17
CA GLU A 642 28.22 -40.59 -42.28
C GLU A 642 28.88 -40.83 -43.63
N ALA A 643 28.29 -40.31 -44.72
CA ALA A 643 28.90 -40.46 -46.03
C ALA A 643 30.26 -39.79 -46.09
N LEU A 644 30.37 -38.58 -45.53
CA LEU A 644 31.65 -37.88 -45.49
C LEU A 644 32.68 -38.68 -44.71
N LEU A 645 32.28 -39.22 -43.56
CA LEU A 645 33.18 -40.01 -42.75
C LEU A 645 33.67 -41.24 -43.49
N TRP A 646 32.77 -41.90 -44.24
CA TRP A 646 33.19 -43.09 -44.95
C TRP A 646 34.10 -42.76 -46.13
N GLN A 647 33.90 -41.61 -46.78
CA GLN A 647 34.86 -41.18 -47.79
C GLN A 647 36.24 -40.99 -47.19
N ALA A 648 36.31 -40.31 -46.05
CA ALA A 648 37.61 -40.11 -45.39
C ALA A 648 38.23 -41.45 -45.01
N ILE A 649 37.42 -42.36 -44.48
CA ILE A 649 37.93 -43.66 -44.06
C ILE A 649 38.48 -44.43 -45.25
N GLU A 650 37.74 -44.44 -46.36
CA GLU A 650 38.22 -45.09 -47.56
C GLU A 650 39.55 -44.50 -48.01
N GLN A 651 39.70 -43.19 -47.89
CA GLN A 651 41.00 -42.59 -48.19
C GLN A 651 42.06 -43.04 -47.21
N LEU A 652 41.68 -43.41 -46.00
CA LEU A 652 42.65 -43.85 -45.00
C LEU A 652 43.01 -45.33 -45.11
N GLY A 653 42.37 -46.07 -46.00
CA GLY A 653 42.71 -47.46 -46.21
C GLY A 653 41.74 -48.49 -45.66
N PHE A 654 40.57 -48.08 -45.21
CA PHE A 654 39.59 -48.99 -44.64
C PHE A 654 38.27 -48.86 -45.41
N LYS A 655 37.31 -49.69 -45.03
CA LYS A 655 35.99 -49.65 -45.66
C LYS A 655 34.98 -50.20 -44.66
N LYS A 656 33.70 -50.02 -44.99
CA LYS A 656 32.65 -50.55 -44.15
C LYS A 656 32.69 -52.08 -44.10
N ALA A 657 32.14 -52.63 -43.03
CA ALA A 657 32.29 -54.06 -42.74
C ALA A 657 31.66 -54.93 -43.83
N SER A 658 30.51 -54.52 -44.36
CA SER A 658 29.85 -55.14 -45.50
C SER A 658 29.26 -56.51 -45.17
N SER A 659 29.47 -57.02 -43.97
CA SER A 659 28.83 -58.24 -43.47
C SER A 659 29.10 -59.45 -44.35
N SER A 660 30.25 -59.48 -45.02
CA SER A 660 30.68 -60.63 -45.79
C SER A 660 32.07 -61.10 -45.40
N ASP A 661 32.89 -60.20 -44.88
CA ASP A 661 34.23 -60.56 -44.44
C ASP A 661 34.14 -61.34 -43.13
N ASN A 662 35.13 -62.20 -42.88
CA ASN A 662 35.13 -63.01 -41.68
C ASN A 662 35.48 -62.17 -40.45
N LYS A 663 35.04 -62.66 -39.29
CA LYS A 663 35.09 -61.86 -38.07
C LYS A 663 36.51 -61.54 -37.64
N GLU A 664 37.46 -62.44 -37.89
CA GLU A 664 38.80 -62.26 -37.33
C GLU A 664 39.54 -61.05 -37.91
N GLN A 665 39.06 -60.48 -39.01
CA GLN A 665 39.68 -59.29 -39.59
C GLN A 665 38.81 -58.05 -39.45
N LEU A 666 37.75 -58.11 -38.66
CA LEU A 666 36.94 -56.94 -38.39
C LEU A 666 37.68 -55.99 -37.45
N CYS A 667 37.58 -54.70 -37.73
CA CYS A 667 38.14 -53.67 -36.89
C CYS A 667 37.02 -52.78 -36.37
N LEU A 668 37.37 -51.92 -35.42
CA LEU A 668 36.42 -51.01 -34.82
C LEU A 668 37.08 -49.64 -34.73
N LEU A 669 36.38 -48.62 -35.22
CA LEU A 669 36.87 -47.25 -35.14
C LEU A 669 36.51 -46.65 -33.79
N ASN A 670 37.49 -46.03 -33.14
CA ASN A 670 37.27 -45.50 -31.80
C ASN A 670 36.88 -44.02 -31.81
N THR A 671 37.77 -43.16 -32.32
CA THR A 671 37.58 -41.71 -32.32
C THR A 671 37.48 -41.10 -30.92
N LEU A 672 37.64 -41.88 -29.90
CA LEU A 672 37.78 -41.19 -28.63
C LEU A 672 39.26 -40.96 -28.33
N PRO A 673 39.62 -39.88 -27.66
CA PRO A 673 41.04 -39.56 -27.49
C PRO A 673 41.70 -40.32 -26.36
N TRP A 674 41.41 -41.61 -26.25
CA TRP A 674 42.05 -42.47 -25.27
C TRP A 674 41.74 -43.90 -25.67
N ASN A 675 42.44 -44.83 -25.02
CA ASN A 675 42.26 -46.24 -25.31
C ASN A 675 41.02 -46.76 -24.60
N VAL A 676 39.96 -47.04 -25.35
CA VAL A 676 38.84 -47.82 -24.84
C VAL A 676 39.27 -49.28 -24.93
N ARG A 677 39.78 -49.84 -23.83
CA ARG A 677 40.52 -51.09 -23.91
C ARG A 677 39.71 -52.19 -24.57
N GLY A 678 38.38 -52.15 -24.43
CA GLY A 678 37.53 -53.14 -25.05
C GLY A 678 36.12 -52.66 -25.26
N VAL A 679 35.54 -53.08 -26.37
CA VAL A 679 34.17 -52.70 -26.74
C VAL A 679 33.45 -53.97 -27.17
N ILE A 680 32.24 -54.17 -26.68
CA ILE A 680 31.40 -55.28 -27.11
C ILE A 680 30.35 -54.72 -28.05
N THR A 681 30.35 -55.20 -29.29
CA THR A 681 29.40 -54.72 -30.29
C THR A 681 28.75 -55.88 -31.02
N GLU A 682 27.53 -55.67 -31.47
CA GLU A 682 26.87 -56.63 -32.33
C GLU A 682 27.43 -56.55 -33.74
N THR A 683 27.59 -57.70 -34.37
CA THR A 683 27.96 -57.77 -35.78
C THR A 683 26.81 -58.25 -36.65
N GLU A 684 26.22 -59.39 -36.31
CA GLU A 684 25.00 -59.86 -36.95
C GLU A 684 23.81 -59.34 -36.15
N GLU A 685 22.62 -59.90 -36.41
CA GLU A 685 21.43 -59.44 -35.71
C GLU A 685 21.52 -59.70 -34.21
N ASN A 686 22.25 -60.74 -33.81
CA ASN A 686 22.36 -61.08 -32.39
C ASN A 686 23.73 -61.53 -31.96
N LYS A 687 24.74 -61.50 -32.83
CA LYS A 687 26.07 -62.01 -32.50
C LYS A 687 26.91 -60.88 -31.91
N LEU A 688 27.41 -61.08 -30.71
CA LEU A 688 28.25 -60.11 -30.02
C LEU A 688 29.71 -60.46 -30.19
N VAL A 689 30.52 -59.46 -30.48
CA VAL A 689 31.96 -59.63 -30.66
C VAL A 689 32.66 -58.62 -29.76
N TYR A 690 33.74 -59.07 -29.13
CA TYR A 690 34.56 -58.23 -28.27
C TYR A 690 35.77 -57.76 -29.07
N PHE A 691 35.94 -56.45 -29.15
CA PHE A 691 37.07 -55.83 -29.82
C PHE A 691 37.98 -55.24 -28.77
N GLU A 692 39.27 -55.53 -28.86
CA GLU A 692 40.24 -55.02 -27.91
C GLU A 692 41.35 -54.30 -28.66
N SER A 693 42.05 -53.45 -27.93
CA SER A 693 43.21 -52.75 -28.47
C SER A 693 44.23 -52.64 -27.34
N CYS A 694 45.42 -53.18 -27.56
CA CYS A 694 46.42 -53.18 -26.50
C CYS A 694 47.12 -51.82 -26.40
N ASP A 695 47.65 -51.32 -27.52
CA ASP A 695 48.38 -50.06 -27.52
C ASP A 695 47.70 -49.00 -28.37
N GLY A 696 47.47 -49.26 -29.65
CA GLY A 696 46.84 -48.26 -30.50
C GLY A 696 45.40 -48.05 -30.10
N LYS A 697 44.99 -46.79 -29.99
CA LYS A 697 43.65 -46.49 -29.49
C LYS A 697 42.64 -46.28 -30.61
N GLY A 698 43.09 -45.88 -31.80
CA GLY A 698 42.14 -45.56 -32.86
C GLY A 698 41.39 -46.76 -33.39
N ILE A 699 42.08 -47.89 -33.52
CA ILE A 699 41.51 -49.09 -34.14
C ILE A 699 41.55 -50.22 -33.13
N LEU A 700 40.43 -50.91 -32.98
CA LEU A 700 40.31 -52.07 -32.11
C LEU A 700 40.11 -53.31 -32.97
N THR A 701 40.78 -54.39 -32.63
CA THR A 701 40.68 -55.61 -33.40
C THR A 701 39.86 -56.65 -32.65
N ALA A 702 39.21 -57.53 -33.42
CA ALA A 702 38.40 -58.57 -32.82
C ALA A 702 39.26 -59.50 -31.97
N ALA A 703 38.74 -59.89 -30.81
CA ALA A 703 39.50 -60.64 -29.84
C ALA A 703 39.31 -62.14 -30.02
N HIS A 704 40.39 -62.88 -29.81
CA HIS A 704 40.34 -64.34 -29.83
C HIS A 704 40.04 -64.89 -28.45
N THR A 705 40.77 -64.43 -27.44
CA THR A 705 40.61 -64.95 -26.09
C THR A 705 39.26 -64.59 -25.51
N SER A 706 38.77 -65.43 -24.62
CA SER A 706 37.56 -65.13 -23.87
C SER A 706 37.85 -64.04 -22.83
N LEU A 707 36.77 -63.52 -22.25
CA LEU A 707 36.90 -62.44 -21.29
C LEU A 707 37.48 -62.95 -19.97
N LYS A 708 38.35 -62.15 -19.36
CA LYS A 708 38.85 -62.49 -18.04
C LYS A 708 37.75 -62.43 -16.99
N HIS A 709 36.79 -61.53 -17.16
CA HIS A 709 35.69 -61.35 -16.21
C HIS A 709 34.37 -61.39 -16.97
N PRO A 710 33.88 -62.57 -17.29
CA PRO A 710 32.62 -62.67 -18.04
C PRO A 710 31.43 -62.29 -17.18
N ALA A 711 30.35 -61.93 -17.86
CA ALA A 711 29.07 -61.65 -17.22
C ALA A 711 28.18 -62.88 -17.31
N ALA A 712 27.29 -63.02 -16.34
CA ALA A 712 26.39 -64.16 -16.30
C ALA A 712 25.00 -63.69 -15.90
N ALA A 713 23.98 -64.37 -16.41
CA ALA A 713 22.61 -64.12 -16.02
C ALA A 713 22.00 -65.43 -15.58
N TYR A 714 21.55 -65.50 -14.34
CA TYR A 714 20.89 -66.71 -13.87
C TYR A 714 19.66 -66.33 -13.07
N GLN A 715 18.98 -67.32 -12.54
CA GLN A 715 17.77 -67.11 -11.79
C GLN A 715 17.94 -67.58 -10.34
N LYS A 716 17.04 -67.11 -9.50
CA LYS A 716 17.06 -67.36 -8.06
C LYS A 716 15.61 -67.56 -7.64
N ASP A 717 15.32 -67.35 -6.37
CA ASP A 717 13.94 -67.51 -5.92
C ASP A 717 13.10 -66.42 -6.57
N ASP A 718 12.62 -66.72 -7.78
CA ASP A 718 11.85 -65.82 -8.64
C ASP A 718 12.54 -64.49 -8.88
N ASN A 719 13.85 -64.38 -8.59
CA ASN A 719 14.62 -63.20 -8.88
C ASN A 719 15.65 -63.52 -9.95
N PHE A 720 16.01 -62.51 -10.74
CA PHE A 720 17.01 -62.65 -11.78
C PHE A 720 18.28 -61.95 -11.37
N ILE A 721 19.41 -62.60 -11.59
CA ILE A 721 20.70 -62.08 -11.17
C ILE A 721 21.55 -61.86 -12.40
N LEU A 722 21.98 -60.62 -12.59
CA LEU A 722 22.99 -60.26 -13.58
C LEU A 722 24.29 -60.04 -12.82
N VAL A 723 25.27 -60.88 -13.03
CA VAL A 723 26.46 -60.85 -12.19
C VAL A 723 27.68 -60.62 -13.07
N ASN A 724 28.66 -59.96 -12.47
CA ASN A 724 29.88 -59.54 -13.12
C ASN A 724 31.02 -59.84 -12.17
N ASP A 725 32.23 -59.42 -12.54
CA ASP A 725 33.29 -59.36 -11.55
C ASP A 725 33.07 -58.20 -10.59
N HIS A 726 32.43 -57.14 -11.07
CA HIS A 726 32.29 -55.90 -10.33
C HIS A 726 30.93 -55.72 -9.67
N LEU A 727 29.84 -56.10 -10.34
CA LEU A 727 28.50 -55.80 -9.87
C LEU A 727 27.65 -57.06 -9.81
N ARG A 728 26.72 -57.07 -8.88
CA ARG A 728 25.65 -58.06 -8.84
C ARG A 728 24.32 -57.31 -8.83
N VAL A 729 23.50 -57.54 -9.84
CA VAL A 729 22.22 -56.87 -10.01
C VAL A 729 21.13 -57.89 -9.74
N THR A 730 20.34 -57.64 -8.71
CA THR A 730 19.20 -58.48 -8.35
C THR A 730 17.93 -57.78 -8.81
N ILE A 731 17.24 -58.39 -9.76
CA ILE A 731 16.07 -57.84 -10.42
C ILE A 731 14.85 -58.66 -10.00
N ALA A 732 13.84 -57.98 -9.48
CA ALA A 732 12.60 -58.63 -9.13
C ALA A 732 11.87 -59.08 -10.40
N PRO A 733 10.98 -60.07 -10.29
CA PRO A 733 10.15 -60.41 -11.45
C PRO A 733 9.30 -59.25 -11.91
N ASN A 734 9.07 -58.29 -11.02
CA ASN A 734 8.44 -57.03 -11.36
C ASN A 734 9.26 -56.23 -12.36
N GLY A 735 10.57 -56.44 -12.41
CA GLY A 735 11.47 -55.64 -13.19
C GLY A 735 12.27 -54.63 -12.39
N LEU A 736 11.84 -54.33 -11.18
CA LEU A 736 12.59 -53.43 -10.31
C LEU A 736 13.91 -54.06 -9.92
N ILE A 737 14.96 -53.25 -9.87
CA ILE A 737 16.25 -53.71 -9.40
C ILE A 737 16.19 -53.74 -7.88
N LEU A 738 16.09 -54.94 -7.32
CA LEU A 738 16.01 -55.07 -5.87
C LEU A 738 17.34 -54.74 -5.22
N SER A 739 18.44 -55.13 -5.85
CA SER A 739 19.74 -54.92 -5.22
C SER A 739 20.78 -54.59 -6.27
N LEU A 740 21.69 -53.70 -5.93
CA LEU A 740 22.85 -53.38 -6.78
C LEU A 740 24.05 -53.47 -5.86
N PHE A 741 24.77 -54.57 -5.90
CA PHE A 741 25.83 -54.85 -4.96
C PHE A 741 27.17 -54.70 -5.65
N ASP A 742 28.05 -53.89 -5.05
CA ASP A 742 29.40 -53.72 -5.56
C ASP A 742 30.13 -54.91 -4.94
N LEU A 743 30.85 -55.68 -5.76
CA LEU A 743 31.51 -56.87 -5.26
C LEU A 743 32.91 -56.61 -4.74
N HIS A 744 33.62 -55.63 -5.30
CA HIS A 744 34.95 -55.30 -4.80
C HIS A 744 34.85 -54.62 -3.45
N LYS A 745 34.17 -53.48 -3.39
CA LYS A 745 33.75 -52.88 -2.13
C LYS A 745 32.44 -53.54 -1.76
N GLU A 746 32.48 -54.46 -0.81
CA GLU A 746 31.31 -55.30 -0.57
C GLU A 746 30.18 -54.48 0.04
N ARG A 747 29.57 -53.60 -0.75
CA ARG A 747 28.57 -52.67 -0.25
C ARG A 747 27.37 -52.60 -1.16
N GLU A 748 26.19 -52.51 -0.55
CA GLU A 748 24.96 -52.28 -1.28
C GLU A 748 24.90 -50.84 -1.74
N ILE A 749 24.36 -50.62 -2.93
CA ILE A 749 24.34 -49.30 -3.56
C ILE A 749 22.96 -48.65 -3.52
N LEU A 750 21.90 -49.39 -3.20
CA LEU A 750 20.56 -48.88 -3.49
C LEU A 750 19.91 -48.08 -2.35
N ASP A 751 19.89 -48.61 -1.13
CA ASP A 751 19.17 -47.95 -0.03
C ASP A 751 17.68 -47.81 -0.35
N LEU A 752 17.01 -48.97 -0.36
CA LEU A 752 15.56 -48.99 -0.44
C LEU A 752 14.87 -48.79 0.90
N LYS A 753 15.64 -48.61 1.98
CA LYS A 753 15.06 -48.55 3.31
C LYS A 753 14.61 -47.14 3.70
N SER A 754 15.34 -46.12 3.26
CA SER A 754 14.95 -44.75 3.50
C SER A 754 14.41 -44.14 2.21
N GLY A 755 13.80 -42.97 2.34
CA GLY A 755 13.20 -42.30 1.22
C GLY A 755 11.83 -42.85 0.89
N LYS A 756 11.18 -42.18 -0.07
CA LYS A 756 9.85 -42.61 -0.48
C LYS A 756 9.87 -43.91 -1.27
N ASN A 757 10.95 -44.17 -2.01
CA ASN A 757 11.05 -45.35 -2.85
C ASN A 757 11.52 -46.53 -2.00
N HIS A 758 10.65 -47.52 -1.83
CA HIS A 758 11.01 -48.73 -1.13
C HIS A 758 11.02 -49.96 -2.03
N ALA A 759 10.55 -49.84 -3.27
CA ALA A 759 10.43 -50.97 -4.18
C ALA A 759 11.38 -50.76 -5.36
N GLY A 760 12.64 -51.14 -5.16
CA GLY A 760 13.58 -51.24 -6.25
C GLY A 760 14.03 -49.96 -6.94
N ALA A 761 15.19 -50.03 -7.57
CA ALA A 761 15.68 -48.99 -8.45
C ALA A 761 15.23 -49.26 -9.88
N ASN A 762 15.57 -48.35 -10.78
CA ASN A 762 15.07 -48.38 -12.15
C ASN A 762 13.55 -48.45 -12.16
N GLN A 763 12.94 -47.64 -11.32
CA GLN A 763 11.49 -47.64 -11.18
C GLN A 763 10.90 -46.64 -12.15
N TYR A 764 10.04 -47.11 -13.04
CA TYR A 764 9.40 -46.24 -14.01
C TYR A 764 8.13 -45.66 -13.41
N VAL A 765 8.02 -44.34 -13.47
CA VAL A 765 6.90 -43.62 -12.89
C VAL A 765 6.31 -42.70 -13.95
N LEU A 766 4.99 -42.68 -14.02
CA LEU A 766 4.25 -41.86 -14.97
C LEU A 766 3.58 -40.74 -14.18
N PHE A 767 4.13 -39.53 -14.25
CA PHE A 767 3.58 -38.38 -13.56
C PHE A 767 2.56 -37.68 -14.44
N GLU A 768 1.53 -37.13 -13.82
CA GLU A 768 0.59 -36.28 -14.55
C GLU A 768 1.24 -34.92 -14.75
N ASP A 769 1.39 -34.51 -16.00
CA ASP A 769 2.22 -33.33 -16.27
C ASP A 769 1.43 -32.03 -16.07
N THR A 770 0.44 -31.78 -16.92
CA THR A 770 -0.46 -30.63 -16.89
C THR A 770 0.18 -29.34 -16.37
N PRO A 771 1.14 -28.77 -17.09
CA PRO A 771 1.74 -27.50 -16.65
C PRO A 771 0.72 -26.36 -16.68
N LEU A 772 1.13 -25.22 -16.13
CA LEU A 772 0.19 -24.13 -15.93
C LEU A 772 -0.22 -23.49 -17.25
N SER A 773 0.74 -23.03 -18.05
CA SER A 773 0.38 -22.33 -19.28
C SER A 773 0.92 -22.99 -20.54
N TRP A 774 2.22 -23.24 -20.62
CA TRP A 774 2.90 -23.60 -21.87
C TRP A 774 3.21 -25.09 -21.84
N GLN A 775 2.41 -25.88 -22.55
CA GLN A 775 2.46 -27.33 -22.38
C GLN A 775 3.78 -27.90 -22.86
N ALA A 776 4.26 -27.48 -24.04
CA ALA A 776 5.53 -28.02 -24.53
C ALA A 776 6.71 -27.44 -23.79
N TRP A 777 6.59 -26.23 -23.26
CA TRP A 777 7.71 -25.60 -22.59
C TRP A 777 7.89 -26.11 -21.17
N ASP A 778 6.81 -26.21 -20.42
CA ASP A 778 6.86 -26.16 -18.96
C ASP A 778 6.55 -27.50 -18.32
N THR A 779 7.22 -27.76 -17.20
CA THR A 779 6.79 -28.74 -16.21
C THR A 779 6.81 -28.05 -14.85
N GLU A 780 5.80 -28.33 -14.05
CA GLU A 780 5.65 -27.66 -12.77
C GLU A 780 6.12 -28.55 -11.63
N VAL A 781 6.45 -27.90 -10.51
CA VAL A 781 6.94 -28.64 -9.36
C VAL A 781 5.85 -29.50 -8.75
N PHE A 782 4.59 -29.14 -8.95
CA PHE A 782 3.50 -29.95 -8.43
C PHE A 782 3.21 -31.18 -9.28
N SER A 783 3.92 -31.34 -10.40
CA SER A 783 3.71 -32.51 -11.25
C SER A 783 4.16 -33.80 -10.56
N LEU A 784 5.03 -33.71 -9.57
CA LEU A 784 5.49 -34.90 -8.86
C LEU A 784 4.51 -35.38 -7.81
N GLU A 785 3.44 -34.64 -7.54
CA GLU A 785 2.51 -35.00 -6.50
C GLU A 785 1.46 -36.00 -6.95
N LYS A 786 1.32 -36.22 -8.25
CA LYS A 786 0.30 -37.10 -8.79
C LYS A 786 0.96 -37.99 -9.84
N TYR A 787 0.97 -39.29 -9.60
CA TYR A 787 1.76 -40.20 -10.41
C TYR A 787 1.22 -41.61 -10.29
N GLU A 788 1.66 -42.46 -11.21
CA GLU A 788 1.40 -43.89 -11.18
C GLU A 788 2.70 -44.64 -11.36
N VAL A 789 3.03 -45.50 -10.43
CA VAL A 789 4.24 -46.32 -10.56
C VAL A 789 3.93 -47.50 -11.48
N LEU A 790 4.79 -47.69 -12.48
CA LEU A 790 4.61 -48.78 -13.44
C LEU A 790 5.32 -50.01 -12.90
N ASP A 791 4.57 -50.87 -12.22
CA ASP A 791 5.13 -52.05 -11.57
C ASP A 791 4.35 -53.30 -11.94
N LYS A 792 3.95 -53.42 -13.21
CA LYS A 792 3.27 -54.61 -13.69
C LYS A 792 4.08 -55.37 -14.74
N GLY A 793 5.39 -55.16 -14.77
CA GLY A 793 6.21 -55.77 -15.79
C GLY A 793 6.53 -57.22 -15.52
N LYS A 794 6.97 -57.90 -16.58
CA LYS A 794 7.42 -59.28 -16.51
C LYS A 794 8.85 -59.36 -17.02
N VAL A 795 9.68 -60.16 -16.36
CA VAL A 795 11.10 -60.26 -16.67
C VAL A 795 11.37 -61.61 -17.32
N SER A 796 12.17 -61.60 -18.37
CA SER A 796 12.70 -62.79 -19.00
C SER A 796 14.19 -62.60 -19.24
N ILE A 797 14.93 -63.69 -19.23
CA ILE A 797 16.37 -63.65 -19.49
C ILE A 797 16.57 -63.56 -21.00
N LYS A 798 17.06 -62.42 -21.48
CA LYS A 798 17.37 -62.29 -22.90
C LYS A 798 18.64 -63.04 -23.26
N GLU A 799 19.68 -62.92 -22.45
CA GLU A 799 20.93 -63.59 -22.74
C GLU A 799 21.72 -63.75 -21.45
N SER A 800 22.58 -64.75 -21.42
CA SER A 800 23.40 -65.03 -20.25
C SER A 800 24.85 -65.25 -20.61
N GLY A 801 25.23 -64.99 -21.85
CA GLY A 801 26.53 -65.36 -22.37
C GLY A 801 27.63 -64.59 -21.70
N PRO A 802 28.88 -64.99 -21.97
CA PRO A 802 30.01 -64.34 -21.29
C PRO A 802 30.18 -62.87 -21.64
N LEU A 803 29.86 -62.46 -22.86
CA LEU A 803 30.11 -61.09 -23.26
C LEU A 803 29.10 -60.14 -22.63
N ARG A 804 27.82 -60.51 -22.62
CA ARG A 804 26.78 -59.64 -22.11
C ARG A 804 25.64 -60.47 -21.57
N ALA A 805 25.36 -60.33 -20.29
CA ALA A 805 24.17 -60.89 -19.68
C ALA A 805 23.09 -59.82 -19.62
N SER A 806 21.84 -60.24 -19.79
CA SER A 806 20.77 -59.27 -19.99
C SER A 806 19.43 -59.93 -19.76
N VAL A 807 18.54 -59.23 -19.06
CA VAL A 807 17.15 -59.60 -18.91
C VAL A 807 16.31 -58.58 -19.66
N VAL A 808 15.06 -58.95 -19.91
CA VAL A 808 14.09 -58.10 -20.60
C VAL A 808 12.89 -57.92 -19.70
N VAL A 809 12.49 -56.67 -19.49
CA VAL A 809 11.30 -56.35 -18.74
C VAL A 809 10.25 -55.83 -19.71
N ASP A 810 9.07 -56.42 -19.68
CA ASP A 810 7.95 -56.02 -20.52
C ASP A 810 6.96 -55.28 -19.64
N ILE A 811 6.99 -53.95 -19.71
CA ILE A 811 6.25 -53.09 -18.79
C ILE A 811 5.07 -52.49 -19.55
N PRO A 812 3.84 -52.74 -19.12
CA PRO A 812 2.68 -52.05 -19.70
C PRO A 812 2.52 -50.66 -19.08
N ILE A 813 2.78 -49.62 -19.87
CA ILE A 813 2.58 -48.27 -19.38
C ILE A 813 1.10 -47.98 -19.18
N SER A 814 0.30 -48.30 -20.19
CA SER A 814 -1.15 -48.17 -20.13
C SER A 814 -1.71 -48.88 -21.35
N GLU A 815 -3.00 -48.70 -21.60
CA GLU A 815 -3.51 -48.98 -22.93
C GLU A 815 -2.90 -47.98 -23.90
N LEU A 816 -2.58 -48.46 -25.10
CA LEU A 816 -1.98 -47.67 -26.18
C LEU A 816 -0.52 -47.32 -25.94
N SER A 817 0.01 -47.58 -24.76
CA SER A 817 1.39 -47.23 -24.43
C SER A 817 2.06 -48.41 -23.77
N HIS A 818 3.18 -48.83 -24.33
CA HIS A 818 3.87 -50.02 -23.85
C HIS A 818 5.36 -49.74 -23.85
N MET A 819 6.11 -50.51 -23.07
CA MET A 819 7.55 -50.34 -23.09
C MET A 819 8.24 -51.65 -22.75
N LYS A 820 9.39 -51.84 -23.37
CA LYS A 820 10.22 -53.03 -23.17
C LYS A 820 11.59 -52.55 -22.72
N ALA A 821 11.95 -52.86 -21.48
CA ALA A 821 13.20 -52.44 -20.89
C ALA A 821 14.15 -53.61 -20.84
N THR A 822 15.34 -53.43 -21.39
CA THR A 822 16.41 -54.40 -21.37
C THR A 822 17.47 -53.94 -20.39
N ILE A 823 17.81 -54.79 -19.43
CA ILE A 823 18.82 -54.50 -18.42
C ILE A 823 19.98 -55.45 -18.67
N SER A 824 21.17 -54.89 -18.90
CA SER A 824 22.31 -55.69 -19.31
C SER A 824 23.55 -55.37 -18.50
N LEU A 825 24.36 -56.40 -18.29
CA LEU A 825 25.70 -56.29 -17.74
C LEU A 825 26.67 -56.91 -18.73
N GLU A 826 27.79 -56.25 -18.95
CA GLU A 826 28.80 -56.74 -19.86
C GLU A 826 30.00 -57.26 -19.10
N GLY A 827 30.58 -58.34 -19.60
CA GLY A 827 31.87 -58.77 -19.10
C GLY A 827 32.97 -57.87 -19.63
N TYR A 828 34.16 -58.04 -19.07
CA TYR A 828 35.27 -57.19 -19.45
C TYR A 828 36.58 -57.89 -19.14
N ASN A 829 37.65 -57.35 -19.70
CA ASN A 829 39.01 -57.71 -19.31
C ASN A 829 39.61 -56.72 -18.32
N ASP A 830 39.34 -55.44 -18.52
CA ASP A 830 39.81 -54.37 -17.65
C ASP A 830 38.62 -53.55 -17.17
N CYS A 831 38.71 -53.06 -15.94
CA CYS A 831 37.60 -52.31 -15.37
C CYS A 831 37.34 -50.99 -16.09
N SER A 832 38.30 -50.51 -16.88
CA SER A 832 38.14 -49.23 -17.57
C SER A 832 37.20 -49.29 -18.76
N GLU A 833 36.85 -50.48 -19.23
CA GLU A 833 35.89 -50.61 -20.31
C GLU A 833 34.48 -50.85 -19.82
N PHE A 834 34.26 -50.81 -18.52
CA PHE A 834 32.95 -50.98 -17.92
C PHE A 834 32.15 -49.68 -17.98
N THR A 835 30.89 -49.77 -18.37
CA THR A 835 29.98 -48.63 -18.34
C THR A 835 28.85 -48.81 -17.35
N GLY A 836 28.91 -49.82 -16.50
CA GLY A 836 27.87 -50.04 -15.51
C GLY A 836 26.74 -50.91 -16.04
N VAL A 837 25.62 -50.84 -15.32
CA VAL A 837 24.41 -51.53 -15.71
C VAL A 837 23.74 -50.74 -16.82
N ASN A 838 23.55 -51.35 -17.97
CA ASN A 838 22.97 -50.67 -19.12
C ASN A 838 21.47 -50.94 -19.19
N PHE A 839 20.74 -49.95 -19.67
CA PHE A 839 19.30 -50.00 -19.81
C PHE A 839 18.94 -49.49 -21.19
N THR A 840 18.18 -50.27 -21.93
CA THR A 840 17.65 -49.88 -23.23
C THR A 840 16.13 -50.03 -23.17
N CYS A 841 15.43 -48.91 -23.25
CA CYS A 841 13.99 -48.88 -23.19
C CYS A 841 13.44 -48.60 -24.58
N GLU A 842 12.60 -49.49 -25.08
CA GLU A 842 11.85 -49.27 -26.31
C GLU A 842 10.43 -48.95 -25.91
N VAL A 843 10.00 -47.71 -26.15
CA VAL A 843 8.72 -47.22 -25.67
C VAL A 843 7.85 -46.92 -26.87
N ASP A 844 6.68 -47.56 -26.92
CA ASP A 844 5.56 -47.08 -27.71
C ASP A 844 4.80 -46.10 -26.84
N TRP A 845 4.92 -44.83 -27.18
CA TRP A 845 4.53 -43.72 -26.32
C TRP A 845 3.32 -43.04 -26.96
N HIS A 846 2.17 -43.14 -26.30
CA HIS A 846 0.93 -42.56 -26.79
C HIS A 846 0.14 -41.93 -25.67
N GLU A 847 0.81 -41.48 -24.63
CA GLU A 847 0.15 -40.89 -23.49
C GLU A 847 -0.26 -39.45 -23.78
N SER A 848 -1.03 -38.89 -22.87
CA SER A 848 -1.47 -37.51 -22.98
C SER A 848 -1.20 -36.81 -21.67
N CYS A 849 -0.40 -35.74 -21.72
CA CYS A 849 -0.05 -34.95 -20.54
C CYS A 849 0.55 -35.84 -19.44
N LYS A 850 1.39 -36.79 -19.84
CA LYS A 850 2.10 -37.66 -18.93
C LYS A 850 3.59 -37.44 -19.07
N PHE A 851 4.32 -37.72 -17.99
CA PHE A 851 5.76 -37.57 -17.93
C PHE A 851 6.33 -38.87 -17.39
N LEU A 852 6.92 -39.67 -18.27
CA LEU A 852 7.58 -40.89 -17.86
C LEU A 852 9.00 -40.58 -17.40
N LYS A 853 9.32 -41.00 -16.18
CA LYS A 853 10.65 -40.87 -15.61
C LYS A 853 11.08 -42.20 -15.01
N VAL A 854 12.37 -42.32 -14.72
CA VAL A 854 12.90 -43.51 -14.07
C VAL A 854 13.74 -43.08 -12.88
N GLU A 855 13.54 -43.76 -11.75
CA GLU A 855 14.13 -43.39 -10.47
C GLU A 855 15.11 -44.45 -10.00
N PHE A 856 16.18 -43.99 -9.36
CA PHE A 856 17.17 -44.84 -8.70
C PHE A 856 17.48 -44.25 -7.33
N PRO A 857 16.98 -44.85 -6.25
CA PRO A 857 17.50 -44.51 -4.92
C PRO A 857 18.86 -45.13 -4.73
N VAL A 858 19.83 -44.35 -4.23
CA VAL A 858 21.22 -44.74 -4.47
C VAL A 858 22.16 -44.71 -3.27
N ASP A 859 21.65 -44.62 -2.05
CA ASP A 859 22.50 -44.79 -0.86
C ASP A 859 23.69 -43.85 -0.86
N ILE A 860 23.53 -42.67 -1.41
CA ILE A 860 24.56 -41.65 -1.41
C ILE A 860 24.03 -40.48 -0.62
N HIS A 861 24.87 -39.90 0.23
CA HIS A 861 24.49 -38.74 1.00
C HIS A 861 25.41 -37.58 0.64
N SER A 862 24.87 -36.58 -0.04
CA SER A 862 25.65 -35.43 -0.44
C SER A 862 24.71 -34.24 -0.60
N GLU A 863 25.24 -33.05 -0.36
CA GLU A 863 24.47 -31.83 -0.48
C GLU A 863 24.39 -31.32 -1.92
N PHE A 864 25.20 -31.87 -2.82
CA PHE A 864 25.17 -31.45 -4.20
C PHE A 864 25.29 -32.68 -5.09
N ALA A 865 24.85 -32.53 -6.33
CA ALA A 865 25.07 -33.51 -7.37
C ALA A 865 25.82 -32.83 -8.51
N SER A 866 26.63 -33.62 -9.20
CA SER A 866 27.44 -33.12 -10.30
C SER A 866 26.78 -33.49 -11.63
N TYR A 867 26.52 -32.50 -12.46
CA TYR A 867 25.92 -32.71 -13.76
C TYR A 867 26.90 -32.27 -14.82
N GLU A 868 27.17 -33.14 -15.77
CA GLU A 868 28.04 -32.74 -16.87
C GLU A 868 27.29 -31.75 -17.76
N THR A 869 27.90 -30.60 -17.97
CA THR A 869 27.40 -29.59 -18.88
C THR A 869 28.52 -29.27 -19.85
N GLN A 870 28.23 -28.39 -20.80
CA GLN A 870 29.19 -28.05 -21.84
C GLN A 870 30.53 -27.67 -21.22
N PHE A 871 31.54 -28.47 -21.52
CA PHE A 871 32.91 -28.19 -21.11
C PHE A 871 33.07 -28.13 -19.59
N GLY A 872 32.36 -28.97 -18.87
CA GLY A 872 32.65 -29.06 -17.46
C GLY A 872 31.50 -29.61 -16.66
N ILE A 873 31.50 -29.27 -15.38
CA ILE A 873 30.56 -29.80 -14.40
C ILE A 873 29.83 -28.63 -13.75
N THR A 874 28.52 -28.73 -13.66
CA THR A 874 27.71 -27.83 -12.85
C THR A 874 27.24 -28.59 -11.62
N LYS A 875 27.40 -27.99 -10.45
CA LYS A 875 26.95 -28.59 -9.21
C LYS A 875 25.61 -28.02 -8.83
N ARG A 876 24.64 -28.88 -8.60
CA ARG A 876 23.34 -28.40 -8.20
C ARG A 876 23.01 -28.93 -6.82
N PRO A 877 22.21 -28.20 -6.04
CA PRO A 877 21.84 -28.68 -4.71
C PRO A 877 20.89 -29.87 -4.79
N THR A 878 20.84 -30.63 -3.71
CA THR A 878 19.94 -31.75 -3.59
C THR A 878 18.94 -31.60 -2.45
N HIS A 879 18.68 -30.37 -1.96
CA HIS A 879 18.06 -30.23 -0.66
C HIS A 879 16.83 -29.32 -0.56
N TYR A 880 16.49 -28.53 -1.56
CA TYR A 880 15.30 -27.67 -1.53
C TYR A 880 15.29 -26.67 -0.37
N ASN A 881 16.44 -26.20 0.09
CA ASN A 881 16.48 -25.35 1.27
C ASN A 881 15.76 -24.03 1.05
N THR A 882 16.20 -23.26 0.07
CA THR A 882 15.64 -21.97 -0.23
C THR A 882 14.83 -22.05 -1.51
N SER A 883 14.22 -20.93 -1.89
CA SER A 883 13.45 -20.89 -3.12
C SER A 883 14.33 -21.01 -4.36
N TRP A 884 15.62 -20.66 -4.24
CA TRP A 884 16.55 -20.92 -5.33
C TRP A 884 16.71 -22.41 -5.56
N ASP A 885 16.80 -23.18 -4.48
CA ASP A 885 16.91 -24.64 -4.60
C ASP A 885 15.58 -25.28 -4.95
N VAL A 886 14.46 -24.70 -4.49
CA VAL A 886 13.15 -25.20 -4.85
C VAL A 886 12.93 -25.07 -6.35
N ALA A 887 13.43 -24.00 -6.95
CA ALA A 887 13.26 -23.77 -8.37
C ALA A 887 13.98 -24.82 -9.21
N LYS A 888 15.02 -25.44 -8.66
CA LYS A 888 15.82 -26.42 -9.41
C LYS A 888 15.32 -27.85 -9.19
N PHE A 889 14.02 -28.10 -9.35
CA PHE A 889 13.52 -29.45 -9.18
C PHE A 889 13.81 -30.35 -10.36
N GLU A 890 14.00 -29.78 -11.55
CA GLU A 890 14.54 -30.50 -12.69
C GLU A 890 15.61 -29.66 -13.33
N VAL A 891 16.73 -30.28 -13.69
CA VAL A 891 17.89 -29.57 -14.19
C VAL A 891 18.37 -30.22 -15.47
N CYS A 892 19.18 -29.49 -16.20
CA CYS A 892 19.71 -29.94 -17.49
C CYS A 892 21.13 -30.45 -17.32
N HIS A 893 21.44 -31.58 -17.95
CA HIS A 893 22.77 -32.15 -17.95
C HIS A 893 23.04 -32.70 -19.33
N GLN A 894 24.33 -32.83 -19.67
CA GLN A 894 24.64 -33.29 -21.03
C GLN A 894 24.63 -34.81 -21.14
N LYS A 895 25.59 -35.49 -20.52
CA LYS A 895 25.72 -36.91 -20.75
C LYS A 895 25.81 -37.75 -19.48
N PHE A 896 26.06 -37.14 -18.34
CA PHE A 896 25.98 -37.89 -17.09
C PHE A 896 25.56 -36.97 -15.97
N ALA A 897 24.92 -37.56 -14.98
CA ALA A 897 24.65 -36.92 -13.71
C ALA A 897 25.30 -37.76 -12.63
N ASP A 898 26.14 -37.15 -11.81
CA ASP A 898 26.84 -37.89 -10.79
C ASP A 898 26.37 -37.46 -9.40
N TYR A 899 26.16 -38.46 -8.54
CA TYR A 899 25.81 -38.24 -7.15
C TYR A 899 26.82 -38.98 -6.31
N SER A 900 27.75 -38.27 -5.69
CA SER A 900 28.85 -38.87 -4.98
C SER A 900 28.97 -38.29 -3.58
N ASP A 901 29.32 -39.14 -2.63
CA ASP A 901 29.81 -38.72 -1.34
C ASP A 901 31.32 -38.92 -1.31
N PHE A 902 31.91 -38.83 -0.12
CA PHE A 902 33.36 -38.91 0.02
C PHE A 902 33.92 -40.25 -0.44
N THR A 903 33.19 -41.35 -0.22
CA THR A 903 33.74 -42.67 -0.48
C THR A 903 33.14 -43.38 -1.68
N TYR A 904 31.97 -42.98 -2.14
CA TYR A 904 31.30 -43.71 -3.21
C TYR A 904 30.43 -42.75 -4.01
N GLY A 905 30.09 -43.17 -5.21
CA GLY A 905 29.21 -42.37 -6.04
C GLY A 905 28.53 -43.21 -7.09
N VAL A 906 27.47 -42.65 -7.65
CA VAL A 906 26.71 -43.28 -8.72
C VAL A 906 26.52 -42.25 -9.82
N SER A 907 26.91 -42.61 -11.03
CA SER A 907 26.65 -41.79 -12.19
C SER A 907 25.53 -42.41 -13.00
N VAL A 908 24.66 -41.59 -13.53
CA VAL A 908 23.69 -42.02 -14.52
C VAL A 908 24.14 -41.41 -15.84
N LEU A 909 24.58 -42.26 -16.75
CA LEU A 909 24.96 -41.87 -18.09
C LEU A 909 23.73 -42.02 -18.99
N ASN A 910 23.69 -41.24 -20.06
CA ASN A 910 22.61 -41.37 -21.02
C ASN A 910 23.14 -40.99 -22.38
N ASP A 911 22.43 -41.39 -23.42
CA ASP A 911 22.80 -41.01 -24.76
C ASP A 911 21.80 -40.12 -25.47
N CYS A 912 20.64 -39.84 -24.88
CA CYS A 912 19.67 -38.97 -25.53
C CYS A 912 18.88 -38.06 -24.59
N LYS A 913 19.14 -38.07 -23.30
CA LYS A 913 18.28 -37.39 -22.34
C LYS A 913 19.01 -36.21 -21.72
N TYR A 914 18.24 -35.19 -21.35
CA TYR A 914 18.82 -33.97 -20.82
C TYR A 914 18.22 -33.51 -19.51
N GLY A 915 17.12 -34.11 -19.05
CA GLY A 915 16.49 -33.71 -17.81
C GLY A 915 16.81 -34.69 -16.69
N PHE A 916 17.29 -34.15 -15.58
CA PHE A 916 17.64 -34.95 -14.43
C PHE A 916 17.18 -34.25 -13.16
N SER A 917 17.08 -35.03 -12.10
CA SER A 917 16.76 -34.49 -10.78
C SER A 917 17.37 -35.38 -9.73
N THR A 918 18.29 -34.85 -8.92
CA THR A 918 18.83 -35.56 -7.79
C THR A 918 18.44 -34.80 -6.53
N HIS A 919 17.63 -35.41 -5.68
CA HIS A 919 17.20 -34.76 -4.45
C HIS A 919 17.06 -35.82 -3.38
N GLY A 920 18.01 -35.82 -2.43
CA GLY A 920 17.93 -36.71 -1.30
C GLY A 920 17.94 -38.18 -1.67
N ASN A 921 19.07 -38.70 -2.11
CA ASN A 921 19.28 -40.12 -2.36
C ASN A 921 18.46 -40.65 -3.52
N LEU A 922 17.63 -39.83 -4.16
CA LEU A 922 16.82 -40.28 -5.29
C LEU A 922 17.31 -39.58 -6.55
N MET A 923 17.86 -40.36 -7.48
CA MET A 923 18.24 -39.87 -8.79
C MET A 923 17.13 -40.23 -9.77
N ARG A 924 16.69 -39.25 -10.54
CA ARG A 924 15.56 -39.43 -11.45
C ARG A 924 15.90 -38.86 -12.81
N LEU A 925 15.82 -39.70 -13.83
CA LEU A 925 16.08 -39.30 -15.20
C LEU A 925 14.75 -39.09 -15.92
N SER A 926 14.57 -37.92 -16.51
CA SER A 926 13.34 -37.62 -17.25
C SER A 926 13.41 -38.28 -18.61
N LEU A 927 12.42 -39.12 -18.92
CA LEU A 927 12.45 -39.92 -20.14
C LEU A 927 11.56 -39.34 -21.23
N LEU A 928 10.27 -39.18 -20.97
CA LEU A 928 9.36 -38.82 -22.05
C LEU A 928 8.26 -37.90 -21.55
N ARG A 929 7.90 -36.92 -22.37
CA ARG A 929 6.74 -36.08 -22.12
C ARG A 929 5.74 -36.26 -23.25
N SER A 930 4.50 -35.88 -22.99
CA SER A 930 3.44 -35.92 -23.99
C SER A 930 2.66 -34.61 -23.97
N PRO A 931 3.27 -33.50 -24.37
CA PRO A 931 2.54 -32.24 -24.45
C PRO A 931 1.68 -32.18 -25.70
N LYS A 932 0.71 -31.27 -25.68
CA LYS A 932 -0.26 -31.18 -26.75
C LYS A 932 -0.41 -29.79 -27.37
N GLN A 933 0.09 -28.74 -26.72
CA GLN A 933 -0.43 -27.43 -27.09
C GLN A 933 0.14 -26.87 -28.38
N PRO A 934 1.46 -26.78 -28.58
CA PRO A 934 1.94 -26.32 -29.89
C PRO A 934 1.91 -27.44 -30.91
N ASP A 935 2.22 -28.65 -30.46
CA ASP A 935 2.23 -29.85 -31.30
C ASP A 935 1.35 -30.88 -30.63
N ALA A 936 0.29 -31.31 -31.31
CA ALA A 936 -0.66 -32.24 -30.73
C ALA A 936 -0.18 -33.68 -30.77
N HIS A 937 0.91 -33.97 -31.46
CA HIS A 937 1.50 -35.30 -31.52
C HIS A 937 2.99 -35.22 -31.26
N ALA A 938 3.36 -34.51 -30.19
CA ALA A 938 4.74 -34.12 -29.97
C ALA A 938 5.68 -35.32 -29.97
N ASP A 939 5.51 -36.22 -29.01
CA ASP A 939 6.43 -37.34 -28.85
C ASP A 939 5.76 -38.68 -29.10
N MET A 940 4.62 -38.69 -29.77
CA MET A 940 3.89 -39.93 -29.97
C MET A 940 4.64 -40.82 -30.97
N GLY A 941 4.79 -42.09 -30.63
CA GLY A 941 5.50 -43.00 -31.49
C GLY A 941 6.48 -43.88 -30.76
N LYS A 942 7.52 -44.33 -31.44
CA LYS A 942 8.49 -45.24 -30.86
C LYS A 942 9.76 -44.49 -30.45
N HIS A 943 10.29 -44.84 -29.29
CA HIS A 943 11.46 -44.20 -28.74
C HIS A 943 12.42 -45.25 -28.22
N THR A 944 13.70 -45.07 -28.53
CA THR A 944 14.76 -45.89 -27.98
C THR A 944 15.57 -45.02 -27.03
N ILE A 945 15.60 -45.40 -25.76
CA ILE A 945 16.27 -44.63 -24.72
C ILE A 945 17.33 -45.51 -24.10
N ARG A 946 18.58 -45.06 -24.14
CA ARG A 946 19.67 -45.78 -23.52
C ARG A 946 20.21 -44.97 -22.35
N TYR A 947 20.41 -45.64 -21.22
CA TYR A 947 21.05 -45.00 -20.08
C TYR A 947 21.71 -46.07 -19.25
N ALA A 948 22.71 -45.66 -18.48
CA ALA A 948 23.50 -46.59 -17.70
C ALA A 948 23.63 -46.09 -16.27
N VAL A 949 23.64 -47.03 -15.33
CA VAL A 949 23.94 -46.73 -13.94
C VAL A 949 25.35 -47.22 -13.67
N TYR A 950 26.24 -46.30 -13.36
CA TYR A 950 27.67 -46.53 -13.26
C TYR A 950 28.10 -46.22 -11.84
N PRO A 951 28.17 -47.21 -10.96
CA PRO A 951 28.66 -46.96 -9.61
C PRO A 951 30.18 -47.01 -9.57
N HIS A 952 30.76 -46.14 -8.74
CA HIS A 952 32.19 -46.01 -8.65
C HIS A 952 32.56 -45.74 -7.19
N SER A 953 33.77 -46.15 -6.81
CA SER A 953 34.15 -46.22 -5.40
C SER A 953 34.90 -44.99 -4.93
N LYS A 954 34.66 -43.84 -5.52
CA LYS A 954 35.31 -42.61 -5.09
C LYS A 954 34.38 -41.45 -5.42
N PRO A 955 34.74 -40.20 -5.13
CA PRO A 955 34.02 -39.08 -5.74
C PRO A 955 34.17 -39.11 -7.25
N LEU A 956 33.38 -38.28 -7.92
CA LEU A 956 33.39 -38.23 -9.36
C LEU A 956 34.79 -37.92 -9.88
N ASP A 957 35.24 -38.71 -10.85
CA ASP A 957 36.56 -38.55 -11.45
C ASP A 957 36.46 -38.87 -12.94
N SER A 958 37.62 -38.98 -13.59
CA SER A 958 37.66 -39.10 -15.04
C SER A 958 37.08 -40.41 -15.54
N SER A 959 36.96 -41.42 -14.69
CA SER A 959 36.39 -42.69 -15.14
C SER A 959 34.93 -42.52 -15.56
N THR A 960 34.17 -41.74 -14.80
CA THR A 960 32.79 -41.46 -15.19
C THR A 960 32.73 -40.67 -16.50
N VAL A 961 33.62 -39.69 -16.66
CA VAL A 961 33.63 -38.89 -17.88
C VAL A 961 33.91 -39.77 -19.09
N ARG A 962 34.92 -40.63 -18.98
CA ARG A 962 35.26 -41.51 -20.08
C ARG A 962 34.16 -42.53 -20.32
N ALA A 963 33.51 -43.01 -19.26
CA ALA A 963 32.41 -43.95 -19.42
C ALA A 963 31.24 -43.30 -20.14
N ALA A 964 30.96 -42.04 -19.84
CA ALA A 964 29.87 -41.34 -20.53
C ALA A 964 30.20 -41.11 -22.00
N HIS A 965 31.44 -40.71 -22.29
CA HIS A 965 31.84 -40.55 -23.68
C HIS A 965 31.77 -41.86 -24.44
N LYS A 966 32.20 -42.96 -23.82
CA LYS A 966 32.14 -44.25 -24.46
C LYS A 966 30.70 -44.71 -24.65
N PHE A 967 29.85 -44.48 -23.65
CA PHE A 967 28.44 -44.80 -23.76
C PHE A 967 27.78 -44.06 -24.91
N ASN A 968 28.24 -42.84 -25.19
CA ASN A 968 27.66 -42.06 -26.27
C ASN A 968 28.35 -42.26 -27.61
N SER A 969 29.40 -43.07 -27.67
CA SER A 969 30.16 -43.21 -28.89
C SER A 969 29.49 -44.16 -29.88
N ASN A 970 29.73 -43.91 -31.15
CA ASN A 970 29.30 -44.79 -32.23
C ASN A 970 30.56 -45.49 -32.73
N PHE A 971 30.77 -46.71 -32.28
CA PHE A 971 31.92 -47.49 -32.72
C PHE A 971 31.58 -48.19 -34.02
N ARG A 972 32.31 -47.88 -35.08
CA ARG A 972 31.97 -48.32 -36.43
C ARG A 972 32.80 -49.51 -36.83
N LEU A 973 32.14 -50.53 -37.38
CA LEU A 973 32.84 -51.71 -37.86
C LEU A 973 33.55 -51.41 -39.17
N LEU A 974 34.83 -51.76 -39.22
CA LEU A 974 35.70 -51.47 -40.34
C LEU A 974 36.32 -52.76 -40.86
N THR A 975 36.81 -52.69 -42.09
CA THR A 975 37.60 -53.76 -42.68
C THR A 975 38.76 -53.12 -43.42
N ARG A 976 39.96 -53.65 -43.21
CA ARG A 976 41.10 -53.17 -43.98
C ARG A 976 40.84 -53.36 -45.47
N ALA A 977 40.97 -52.28 -46.24
CA ALA A 977 40.82 -52.39 -47.68
C ALA A 977 41.99 -53.16 -48.29
N SER A 978 43.15 -53.08 -47.67
CA SER A 978 44.33 -53.80 -48.10
C SER A 978 45.17 -54.13 -46.88
N ASP A 979 46.42 -54.52 -47.12
CA ASP A 979 47.41 -54.63 -46.06
C ASP A 979 48.64 -53.79 -46.35
N THR A 980 48.64 -53.03 -47.44
CA THR A 980 49.75 -52.14 -47.78
C THR A 980 49.47 -50.69 -47.43
N ALA A 981 48.20 -50.32 -47.25
CA ALA A 981 47.81 -49.00 -46.77
C ALA A 981 46.93 -49.09 -45.54
N ASN A 982 47.03 -50.18 -44.78
CA ASN A 982 46.23 -50.39 -43.59
C ASN A 982 46.92 -49.89 -42.33
N LEU A 983 47.76 -48.87 -42.46
CA LEU A 983 48.46 -48.33 -41.30
C LEU A 983 47.49 -47.65 -40.37
N ASP A 984 47.72 -47.78 -39.07
CA ASP A 984 46.89 -47.13 -38.06
C ASP A 984 47.51 -45.79 -37.70
N ILE A 985 47.12 -44.76 -38.44
CA ILE A 985 47.53 -43.37 -38.22
C ILE A 985 46.52 -42.71 -37.29
N PHE A 986 45.59 -43.47 -36.76
CA PHE A 986 44.55 -42.91 -35.93
C PHE A 986 45.06 -42.44 -34.56
N ASP A 987 46.35 -42.63 -34.29
CA ASP A 987 46.98 -42.11 -33.09
C ASP A 987 47.91 -40.94 -33.39
N ALA A 988 47.66 -40.22 -34.47
CA ALA A 988 48.53 -39.10 -34.84
C ALA A 988 48.46 -37.99 -33.80
N PHE A 989 47.28 -37.72 -33.26
CA PHE A 989 47.09 -36.67 -32.26
C PHE A 989 46.62 -37.32 -30.97
N GLN A 990 47.44 -37.23 -29.93
CA GLN A 990 47.10 -37.82 -28.64
C GLN A 990 47.28 -36.78 -27.55
N LEU A 991 46.58 -37.00 -26.45
CA LEU A 991 46.73 -36.20 -25.25
C LEU A 991 47.14 -37.13 -24.13
N VAL A 992 48.31 -36.88 -23.55
CA VAL A 992 48.89 -37.77 -22.54
C VAL A 992 49.06 -36.97 -21.26
N GLY A 993 48.52 -37.48 -20.18
CA GLY A 993 48.64 -36.78 -18.92
C GLY A 993 47.42 -37.05 -18.05
N GLU A 994 47.06 -36.05 -17.27
CA GLU A 994 45.97 -36.21 -16.34
C GLU A 994 44.69 -36.54 -17.10
N PRO A 995 43.99 -37.63 -16.75
CA PRO A 995 42.86 -38.07 -17.57
C PRO A 995 41.66 -37.16 -17.52
N ASN A 996 41.63 -36.16 -16.64
CA ASN A 996 40.54 -35.21 -16.65
C ASN A 996 40.67 -34.18 -17.76
N VAL A 997 41.79 -34.16 -18.47
CA VAL A 997 41.97 -33.29 -19.63
C VAL A 997 41.52 -34.06 -20.87
N ILE A 998 40.55 -33.51 -21.58
CA ILE A 998 39.91 -34.19 -22.71
C ILE A 998 40.29 -33.48 -23.98
N LEU A 999 40.82 -34.23 -24.94
CA LEU A 999 40.98 -33.76 -26.31
C LEU A 999 39.64 -33.94 -27.00
N SER A 1000 38.78 -32.94 -26.87
CA SER A 1000 37.39 -33.10 -27.24
C SER A 1000 37.16 -33.03 -28.75
N HIS A 1001 37.97 -32.28 -29.48
CA HIS A 1001 37.70 -32.08 -30.90
C HIS A 1001 38.99 -31.90 -31.67
N ILE A 1002 39.05 -32.53 -32.84
CA ILE A 1002 40.15 -32.37 -33.78
C ILE A 1002 39.56 -31.92 -35.11
N LYS A 1003 40.16 -30.89 -35.69
CA LYS A 1003 39.54 -30.19 -36.80
C LYS A 1003 40.63 -29.54 -37.63
N MET A 1004 40.29 -29.17 -38.85
CA MET A 1004 41.16 -28.33 -39.66
C MET A 1004 40.69 -26.89 -39.58
N ALA A 1005 41.64 -25.97 -39.52
CA ALA A 1005 41.31 -24.56 -39.39
C ALA A 1005 40.53 -24.08 -40.60
N GLU A 1006 39.67 -23.08 -40.38
CA GLU A 1006 38.89 -22.51 -41.48
C GLU A 1006 39.80 -21.83 -42.50
N LYS A 1007 40.82 -21.13 -42.03
CA LYS A 1007 41.63 -20.31 -42.94
C LYS A 1007 42.67 -21.14 -43.69
N GLY A 1008 43.60 -21.76 -42.95
CA GLY A 1008 44.71 -22.42 -43.58
C GLY A 1008 44.61 -23.93 -43.57
N LYS A 1009 45.77 -24.59 -43.50
CA LYS A 1009 45.85 -26.04 -43.44
C LYS A 1009 46.36 -26.52 -42.09
N SER A 1010 46.12 -25.75 -41.05
CA SER A 1010 46.53 -26.13 -39.70
C SER A 1010 45.44 -26.94 -39.03
N ILE A 1011 45.85 -27.73 -38.05
CA ILE A 1011 44.94 -28.61 -37.32
C ILE A 1011 44.53 -27.91 -36.03
N ILE A 1012 43.24 -27.91 -35.75
CA ILE A 1012 42.72 -27.29 -34.55
C ILE A 1012 42.36 -28.40 -33.57
N LEU A 1013 42.96 -28.35 -32.39
CA LEU A 1013 42.67 -29.30 -31.31
C LEU A 1013 41.98 -28.55 -30.18
N ARG A 1014 40.75 -28.94 -29.87
CA ARG A 1014 40.05 -28.41 -28.73
C ARG A 1014 40.32 -29.31 -27.54
N VAL A 1015 40.78 -28.71 -26.45
CA VAL A 1015 41.13 -29.42 -25.23
C VAL A 1015 40.37 -28.75 -24.10
N TYR A 1016 39.87 -29.49 -23.12
CA TYR A 1016 39.22 -28.85 -21.98
C TYR A 1016 39.40 -29.67 -20.71
N GLU A 1017 39.47 -28.97 -19.58
CA GLU A 1017 39.58 -29.62 -18.28
C GLU A 1017 38.14 -29.93 -17.94
N SER A 1018 37.82 -31.21 -17.75
CA SER A 1018 36.44 -31.56 -17.49
C SER A 1018 36.00 -31.73 -16.05
N LEU A 1019 36.92 -31.73 -15.10
CA LEU A 1019 36.47 -31.98 -13.74
C LEU A 1019 36.77 -30.86 -12.76
N GLY A 1020 37.55 -29.85 -13.14
CA GLY A 1020 37.65 -28.67 -12.31
C GLY A 1020 38.91 -28.49 -11.50
N GLY A 1021 40.06 -28.86 -12.04
CA GLY A 1021 41.32 -28.59 -11.38
C GLY A 1021 42.37 -28.25 -12.41
N LYS A 1022 43.30 -27.39 -12.00
CA LYS A 1022 44.44 -27.08 -12.87
C LYS A 1022 45.21 -28.35 -13.17
N SER A 1023 45.39 -28.65 -14.45
CA SER A 1023 45.92 -29.94 -14.86
C SER A 1023 46.99 -29.76 -15.92
N ARG A 1024 47.86 -30.73 -16.01
CA ARG A 1024 48.97 -30.71 -16.96
C ARG A 1024 48.85 -31.89 -17.90
N ALA A 1025 49.11 -31.65 -19.18
CA ALA A 1025 49.07 -32.71 -20.17
C ALA A 1025 50.12 -32.40 -21.23
N ARG A 1026 50.23 -33.29 -22.20
CA ARG A 1026 51.10 -33.09 -23.35
C ARG A 1026 50.34 -33.52 -24.59
N LEU A 1027 50.35 -32.68 -25.61
CA LEU A 1027 49.89 -33.08 -26.93
C LEU A 1027 51.02 -33.84 -27.61
N VAL A 1028 50.76 -35.08 -28.00
CA VAL A 1028 51.73 -35.90 -28.69
C VAL A 1028 51.28 -36.00 -30.14
N ILE A 1029 52.12 -35.51 -31.05
CA ILE A 1029 51.86 -35.54 -32.48
C ILE A 1029 52.89 -36.47 -33.09
N LYS A 1030 52.44 -37.63 -33.57
CA LYS A 1030 53.37 -38.72 -33.81
C LYS A 1030 53.87 -38.80 -35.26
N SER A 1031 53.00 -39.06 -36.21
CA SER A 1031 53.48 -39.34 -37.56
C SER A 1031 53.49 -38.09 -38.44
N LEU A 1032 54.08 -37.02 -37.93
CA LEU A 1032 53.94 -35.72 -38.59
C LEU A 1032 55.16 -34.87 -38.32
N THR A 1033 55.42 -33.96 -39.23
CA THR A 1033 56.45 -32.94 -39.05
C THR A 1033 55.74 -31.66 -38.64
N VAL A 1034 55.97 -31.23 -37.41
CA VAL A 1034 55.25 -30.11 -36.82
C VAL A 1034 56.12 -28.86 -36.97
N ALA A 1035 55.65 -27.91 -37.78
CA ALA A 1035 56.33 -26.64 -37.89
C ALA A 1035 56.21 -25.85 -36.60
N SER A 1036 54.99 -25.74 -36.08
CA SER A 1036 54.79 -25.01 -34.82
C SER A 1036 53.47 -25.42 -34.20
N VAL A 1037 53.34 -25.12 -32.91
CA VAL A 1037 52.09 -25.27 -32.19
C VAL A 1037 51.84 -23.99 -31.43
N THR A 1038 50.66 -23.41 -31.62
CA THR A 1038 50.28 -22.19 -30.93
C THR A 1038 49.01 -22.41 -30.15
N LYS A 1039 48.84 -21.66 -29.07
CA LYS A 1039 47.57 -21.57 -28.39
C LYS A 1039 46.77 -20.45 -29.04
N CYS A 1040 45.54 -20.76 -29.44
CA CYS A 1040 44.65 -19.83 -30.12
C CYS A 1040 43.31 -19.81 -29.40
N ASN A 1041 42.38 -19.03 -29.93
CA ASN A 1041 41.08 -18.85 -29.32
C ASN A 1041 40.01 -19.58 -30.13
N GLY A 1042 38.75 -19.39 -29.75
CA GLY A 1042 37.66 -20.11 -30.42
C GLY A 1042 37.53 -19.77 -31.89
N LEU A 1043 37.95 -18.58 -32.29
CA LEU A 1043 37.95 -18.18 -33.68
C LEU A 1043 39.22 -18.59 -34.41
N GLU A 1044 40.09 -19.35 -33.73
CA GLU A 1044 41.33 -19.88 -34.32
C GLU A 1044 42.30 -18.76 -34.68
N GLU A 1045 42.38 -17.75 -33.82
CA GLU A 1045 43.36 -16.69 -33.94
C GLU A 1045 44.45 -16.90 -32.89
N ASP A 1046 45.69 -16.88 -33.33
CA ASP A 1046 46.81 -17.22 -32.45
C ASP A 1046 46.86 -16.29 -31.26
N LEU A 1047 47.00 -16.87 -30.07
CA LEU A 1047 47.20 -16.13 -28.84
C LEU A 1047 48.64 -16.14 -28.37
N GLU A 1048 49.29 -17.29 -28.43
CA GLU A 1048 50.69 -17.38 -28.03
C GLU A 1048 51.33 -18.57 -28.70
N GLU A 1049 52.66 -18.58 -28.70
CA GLU A 1049 53.43 -19.68 -29.27
C GLU A 1049 53.87 -20.62 -28.17
N LEU A 1050 53.73 -21.91 -28.41
CA LEU A 1050 54.05 -22.93 -27.43
C LEU A 1050 55.36 -23.62 -27.79
N CYS A 1051 56.06 -24.08 -26.76
CA CYS A 1051 57.31 -24.80 -26.94
C CYS A 1051 57.01 -26.26 -27.24
N THR A 1052 57.35 -26.71 -28.44
CA THR A 1052 57.14 -28.09 -28.85
C THR A 1052 58.48 -28.82 -28.79
N LEU A 1053 58.52 -29.93 -28.04
CA LEU A 1053 59.73 -30.72 -27.94
C LEU A 1053 59.93 -31.55 -29.19
N LYS A 1054 60.96 -32.39 -29.20
CA LYS A 1054 61.21 -33.29 -30.32
C LYS A 1054 61.76 -34.59 -29.74
N SER A 1055 60.91 -35.58 -29.61
CA SER A 1055 61.28 -36.87 -29.05
C SER A 1055 61.72 -37.79 -30.19
N ASN A 1056 61.80 -39.09 -29.93
CA ASN A 1056 62.27 -40.04 -30.93
C ASN A 1056 61.52 -39.89 -32.24
N ASP A 1057 60.19 -39.89 -32.18
CA ASP A 1057 59.41 -39.75 -33.40
C ASP A 1057 58.20 -38.84 -33.25
N TYR A 1058 57.98 -38.22 -32.10
CA TYR A 1058 56.82 -37.34 -31.91
C TYR A 1058 57.26 -35.97 -31.43
N TYR A 1059 56.32 -35.13 -31.00
CA TYR A 1059 56.67 -33.75 -30.72
C TYR A 1059 56.35 -33.26 -29.31
N GLU A 1060 55.27 -33.71 -28.68
CA GLU A 1060 55.12 -33.58 -27.23
C GLU A 1060 55.15 -32.11 -26.78
N VAL A 1061 54.11 -31.37 -27.14
CA VAL A 1061 53.91 -30.02 -26.63
C VAL A 1061 53.31 -30.09 -25.22
N PRO A 1062 54.01 -29.65 -24.19
CA PRO A 1062 53.40 -29.64 -22.85
C PRO A 1062 52.45 -28.46 -22.67
N ILE A 1063 51.30 -28.74 -22.09
CA ILE A 1063 50.25 -27.76 -21.89
C ILE A 1063 49.75 -27.82 -20.46
N GLU A 1064 49.27 -26.68 -19.98
CA GLU A 1064 48.67 -26.57 -18.66
C GLU A 1064 47.33 -25.86 -18.78
N LEU A 1065 46.29 -26.46 -18.21
CA LEU A 1065 44.95 -25.91 -18.24
C LEU A 1065 44.52 -25.51 -16.84
N ARG A 1066 43.78 -24.40 -16.76
CA ARG A 1066 43.20 -23.98 -15.50
C ARG A 1066 42.01 -24.89 -15.17
N ALA A 1067 41.26 -24.54 -14.13
CA ALA A 1067 40.30 -25.47 -13.53
C ALA A 1067 39.29 -26.00 -14.54
N PHE A 1068 38.64 -25.12 -15.28
CA PHE A 1068 37.64 -25.56 -16.25
C PHE A 1068 37.91 -24.93 -17.60
N GLU A 1069 39.18 -24.80 -17.95
CA GLU A 1069 39.57 -24.04 -19.12
C GLU A 1069 39.26 -24.79 -20.41
N ILE A 1070 38.80 -24.05 -21.40
CA ILE A 1070 38.71 -24.53 -22.77
C ILE A 1070 39.87 -23.94 -23.53
N ALA A 1071 40.79 -24.77 -23.98
CA ALA A 1071 41.95 -24.35 -24.74
C ALA A 1071 41.83 -24.82 -26.17
N THR A 1072 42.37 -24.03 -27.08
CA THR A 1072 42.41 -24.37 -28.49
C THR A 1072 43.87 -24.30 -28.92
N PHE A 1073 44.33 -25.31 -29.63
CA PHE A 1073 45.70 -25.38 -30.09
C PHE A 1073 45.72 -25.52 -31.60
N LYS A 1074 46.50 -24.69 -32.25
CA LYS A 1074 46.69 -24.73 -33.70
C LYS A 1074 48.03 -25.37 -33.98
N VAL A 1075 48.01 -26.51 -34.64
CA VAL A 1075 49.22 -27.22 -35.06
C VAL A 1075 49.45 -26.90 -36.52
N ASN A 1076 50.54 -26.21 -36.81
CA ASN A 1076 50.98 -25.95 -38.18
C ASN A 1076 52.00 -26.99 -38.55
N LEU A 1077 51.68 -27.79 -39.55
CA LEU A 1077 52.55 -28.86 -40.02
C LEU A 1077 53.56 -28.31 -41.02
N GLY A 1078 54.37 -29.20 -41.57
CA GLY A 1078 55.39 -28.81 -42.50
C GLY A 1078 56.74 -28.64 -41.81
N PHE A 1079 57.68 -28.09 -42.58
CA PHE A 1079 59.06 -27.99 -42.12
C PHE A 1079 59.47 -26.60 -41.70
N LYS A 1080 58.78 -25.56 -42.18
CA LYS A 1080 59.06 -24.17 -41.84
C LYS A 1080 60.53 -23.81 -42.02
N SER A 1097 48.26 -2.63 -17.87
CA SER A 1097 47.06 -3.41 -17.59
C SER A 1097 46.13 -3.43 -18.80
N VAL A 1098 46.60 -2.91 -19.92
CA VAL A 1098 45.85 -2.94 -21.17
C VAL A 1098 46.25 -4.19 -21.93
N ALA A 1099 45.25 -4.99 -22.31
CA ALA A 1099 45.48 -6.19 -23.07
C ALA A 1099 44.98 -6.02 -24.50
N CYS A 1100 45.64 -6.70 -25.43
CA CYS A 1100 45.20 -6.67 -26.82
C CYS A 1100 43.87 -7.41 -26.96
N ASN A 1101 42.94 -6.81 -27.69
CA ASN A 1101 41.60 -7.37 -27.82
C ASN A 1101 41.56 -8.60 -28.71
N THR A 1102 42.62 -8.90 -29.45
CA THR A 1102 42.67 -10.11 -30.27
C THR A 1102 43.42 -11.23 -29.56
N CYS A 1103 44.68 -11.00 -29.21
CA CYS A 1103 45.43 -11.89 -28.34
C CYS A 1103 45.42 -11.29 -26.94
N LEU A 1104 44.80 -11.98 -25.99
CA LEU A 1104 44.51 -11.38 -24.70
C LEU A 1104 45.78 -11.29 -23.83
N LYS A 1105 46.78 -10.64 -24.40
CA LYS A 1105 48.08 -10.49 -23.76
C LYS A 1105 48.28 -9.05 -23.34
N ILE A 1106 48.95 -8.86 -22.20
CA ILE A 1106 49.20 -7.51 -21.71
C ILE A 1106 50.12 -6.79 -22.69
N ILE A 1107 49.71 -5.61 -23.11
CA ILE A 1107 50.46 -4.83 -24.09
C ILE A 1107 51.56 -4.08 -23.35
N ARG A 1108 52.81 -4.52 -23.53
CA ARG A 1108 53.95 -3.83 -22.95
C ARG A 1108 54.55 -2.81 -23.91
N ASN A 1109 54.54 -3.09 -25.20
CA ASN A 1109 55.05 -2.18 -26.20
C ASN A 1109 53.93 -1.22 -26.61
N ASP A 1110 54.11 -0.52 -27.73
CA ASP A 1110 53.08 0.39 -28.21
C ASP A 1110 51.83 -0.38 -28.61
N SER A 1111 50.68 0.28 -28.48
CA SER A 1111 49.39 -0.30 -28.81
C SER A 1111 48.66 0.61 -29.80
N PHE A 1112 47.55 0.10 -30.32
CA PHE A 1112 46.69 0.87 -31.20
C PHE A 1112 45.29 0.91 -30.59
N HIS A 1113 44.82 2.10 -30.28
CA HIS A 1113 43.54 2.31 -29.62
C HIS A 1113 42.55 2.83 -30.63
N CYS A 1114 41.38 2.20 -30.72
CA CYS A 1114 40.34 2.65 -31.62
C CYS A 1114 39.62 3.85 -31.00
N THR A 1115 39.61 4.97 -31.71
CA THR A 1115 38.96 6.18 -31.20
C THR A 1115 37.45 6.16 -31.36
N LYS A 1116 36.93 5.29 -32.22
CA LYS A 1116 35.51 5.26 -32.50
C LYS A 1116 34.72 4.75 -31.30
N CYS A 1117 35.39 4.02 -30.41
CA CYS A 1117 34.78 3.36 -29.27
C CYS A 1117 35.68 3.55 -28.07
N PHE A 1118 35.38 2.85 -26.98
CA PHE A 1118 35.98 3.11 -25.69
C PHE A 1118 37.01 2.08 -25.25
N ASP A 1119 36.81 0.80 -25.56
CA ASP A 1119 37.59 -0.27 -24.94
C ASP A 1119 38.10 -1.26 -25.97
N PHE A 1120 38.70 -0.77 -27.05
CA PHE A 1120 39.34 -1.64 -28.04
C PHE A 1120 40.77 -1.18 -28.24
N ASP A 1121 41.71 -1.97 -27.75
CA ASP A 1121 43.14 -1.71 -27.92
C ASP A 1121 43.77 -2.96 -28.54
N VAL A 1122 44.50 -2.78 -29.62
CA VAL A 1122 45.15 -3.88 -30.31
C VAL A 1122 46.66 -3.68 -30.23
N CYS A 1123 47.39 -4.79 -30.19
CA CYS A 1123 48.84 -4.72 -30.13
C CYS A 1123 49.41 -4.48 -31.54
N ARG A 1124 50.72 -4.21 -31.58
CA ARG A 1124 51.35 -3.91 -32.86
C ARG A 1124 51.32 -5.09 -33.81
N ASP A 1125 51.53 -6.30 -33.29
CA ASP A 1125 51.54 -7.48 -34.14
C ASP A 1125 50.16 -7.74 -34.73
N CYS A 1126 49.12 -7.69 -33.90
CA CYS A 1126 47.78 -7.90 -34.40
C CYS A 1126 47.33 -6.75 -35.31
N TYR A 1127 47.81 -5.53 -35.04
CA TYR A 1127 47.53 -4.42 -35.95
C TYR A 1127 48.12 -4.68 -37.33
N ALA A 1128 49.36 -5.18 -37.37
CA ALA A 1128 49.97 -5.51 -38.65
C ALA A 1128 49.21 -6.65 -39.33
N LYS A 1129 48.72 -7.61 -38.54
CA LYS A 1129 47.92 -8.71 -39.07
C LYS A 1129 46.55 -8.25 -39.55
N GLN A 1130 46.17 -7.00 -39.30
CA GLN A 1130 44.83 -6.49 -39.60
C GLN A 1130 43.76 -7.25 -38.82
N ALA A 1131 44.14 -7.77 -37.65
CA ALA A 1131 43.22 -8.49 -36.79
C ALA A 1131 42.68 -7.55 -35.71
N PHE A 1132 41.84 -6.61 -36.16
CA PHE A 1132 41.27 -5.63 -35.24
C PHE A 1132 39.79 -5.38 -35.53
N LEU A 1133 39.10 -6.35 -36.12
CA LEU A 1133 37.69 -6.18 -36.39
C LEU A 1133 36.89 -6.23 -35.08
N HIS A 1134 35.91 -5.36 -34.98
CA HIS A 1134 35.11 -5.22 -33.76
C HIS A 1134 33.86 -4.41 -34.11
N PRO A 1135 32.93 -4.15 -33.16
CA PRO A 1135 31.73 -3.39 -33.54
C PRO A 1135 32.03 -1.95 -33.88
N CYS A 1136 32.85 -1.74 -34.91
CA CYS A 1136 33.12 -0.43 -35.47
C CYS A 1136 33.27 -0.66 -36.97
N PRO A 1137 32.25 -0.33 -37.77
CA PRO A 1137 32.36 -0.54 -39.22
C PRO A 1137 33.51 0.22 -39.84
N LYS A 1138 33.83 1.40 -39.32
CA LYS A 1138 34.92 2.23 -39.83
C LYS A 1138 35.83 2.59 -38.67
N PRO A 1139 36.68 1.65 -38.26
CA PRO A 1139 37.54 1.90 -37.09
C PRO A 1139 38.68 2.85 -37.41
N HIS A 1140 38.98 3.73 -36.47
CA HIS A 1140 40.10 4.65 -36.56
C HIS A 1140 41.03 4.39 -35.39
N PHE A 1141 42.27 4.00 -35.69
CA PHE A 1141 43.23 3.60 -34.67
C PHE A 1141 44.30 4.67 -34.53
N VAL A 1142 44.52 5.12 -33.30
CA VAL A 1142 45.60 6.02 -32.97
C VAL A 1142 46.65 5.23 -32.18
N LEU A 1143 47.90 5.63 -32.36
CA LEU A 1143 49.01 4.91 -31.74
C LEU A 1143 49.23 5.42 -30.32
N VAL A 1144 49.53 4.49 -29.41
CA VAL A 1144 49.77 4.81 -28.01
C VAL A 1144 51.13 4.22 -27.61
N ARG A 1145 52.00 5.04 -27.05
CA ARG A 1145 53.32 4.61 -26.66
C ARG A 1145 53.37 4.29 -25.18
N SER A 1146 54.48 3.71 -24.75
CA SER A 1146 54.73 3.34 -23.36
C SER A 1146 53.64 2.42 -22.82
N THR B 2 -45.65 1.06 16.64
CA THR B 2 -44.23 1.05 16.33
C THR B 2 -43.44 1.90 17.31
N LEU B 3 -42.16 1.56 17.48
CA LEU B 3 -41.27 2.37 18.31
C LEU B 3 -40.48 3.38 17.51
N PHE B 4 -40.40 3.22 16.20
CA PHE B 4 -39.69 4.13 15.33
C PHE B 4 -40.44 5.45 15.24
N PRO B 5 -39.92 6.54 15.80
CA PRO B 5 -40.66 7.80 15.75
C PRO B 5 -40.80 8.33 14.34
N VAL B 6 -41.92 9.01 14.09
CA VAL B 6 -42.16 9.60 12.77
C VAL B 6 -41.20 10.74 12.53
N LEU B 7 -41.08 11.66 13.48
CA LEU B 7 -40.31 12.88 13.30
C LEU B 7 -38.94 12.75 13.92
N ASN B 8 -37.93 13.24 13.19
CA ASN B 8 -36.55 13.26 13.63
C ASN B 8 -36.11 14.71 13.64
N ASN B 9 -36.01 15.30 14.82
CA ASN B 9 -35.49 16.65 14.99
C ASN B 9 -34.17 16.66 15.73
N THR B 10 -33.46 15.54 15.76
CA THR B 10 -32.18 15.44 16.46
C THR B 10 -31.17 14.81 15.51
N PRO B 11 -30.51 15.60 14.69
CA PRO B 11 -29.52 15.03 13.77
C PRO B 11 -28.40 14.36 14.53
N VAL B 12 -27.96 13.23 14.01
CA VAL B 12 -26.84 12.48 14.55
C VAL B 12 -25.77 12.43 13.47
N GLY B 13 -24.55 12.79 13.83
CA GLY B 13 -23.46 12.76 12.90
C GLY B 13 -22.77 11.41 12.88
N LYS B 14 -22.18 11.09 11.75
CA LYS B 14 -21.32 9.92 11.68
C LYS B 14 -20.04 10.19 12.45
N GLN B 15 -19.67 9.25 13.31
CA GLN B 15 -18.50 9.44 14.16
C GLN B 15 -17.22 9.49 13.33
N VAL B 16 -16.37 10.47 13.62
CA VAL B 16 -15.07 10.52 13.00
C VAL B 16 -14.18 9.44 13.62
N ASP B 17 -13.57 8.62 12.77
CA ASP B 17 -12.84 7.46 13.25
C ASP B 17 -11.69 7.86 14.18
N SER B 18 -10.85 8.80 13.73
CA SER B 18 -9.65 9.12 14.49
C SER B 18 -9.99 9.73 15.84
N ILE B 19 -10.96 10.65 15.88
CA ILE B 19 -11.31 11.33 17.12
C ILE B 19 -11.83 10.33 18.15
N TYR B 20 -12.75 9.47 17.73
CA TYR B 20 -13.35 8.53 18.67
C TYR B 20 -12.43 7.38 19.02
N GLU B 21 -11.46 7.07 18.17
CA GLU B 21 -10.45 6.08 18.53
C GLU B 21 -9.45 6.63 19.52
N SER B 22 -9.02 7.88 19.34
CA SER B 22 -8.08 8.46 20.29
C SER B 22 -8.75 8.90 21.57
N ARG B 23 -10.08 9.04 21.57
CA ARG B 23 -10.78 9.22 22.84
C ARG B 23 -10.62 8.01 23.74
N LEU B 24 -10.43 6.83 23.14
CA LEU B 24 -10.34 5.61 23.94
C LEU B 24 -9.12 5.62 24.85
N ASP B 25 -8.08 6.37 24.49
CA ASP B 25 -6.84 6.32 25.24
C ASP B 25 -6.95 6.94 26.63
N GLN B 26 -7.94 7.80 26.87
CA GLN B 26 -7.97 8.52 28.13
C GLN B 26 -8.82 7.84 29.20
N PHE B 27 -9.46 6.70 28.89
CA PHE B 27 -10.22 6.01 29.93
C PHE B 27 -9.28 5.37 30.96
N LEU B 28 -8.13 4.86 30.53
CA LEU B 28 -7.17 4.25 31.42
C LEU B 28 -5.94 5.11 31.62
N SER B 29 -5.93 6.32 31.07
CA SER B 29 -4.77 7.18 31.18
C SER B 29 -4.66 7.75 32.59
N GLU B 30 -3.43 7.83 33.09
CA GLU B 30 -3.15 8.47 34.37
C GLU B 30 -2.63 9.89 34.19
N GLY B 31 -3.13 10.59 33.17
CA GLY B 31 -2.67 11.93 32.87
C GLY B 31 -3.62 13.00 33.35
N GLN B 32 -3.89 13.98 32.49
CA GLN B 32 -4.63 15.17 32.90
C GLN B 32 -6.04 14.82 33.35
N TYR B 33 -6.72 13.92 32.65
CA TYR B 33 -8.09 13.55 32.97
C TYR B 33 -8.17 12.33 33.86
N ARG B 34 -7.11 12.02 34.61
CA ARG B 34 -7.10 10.86 35.48
C ARG B 34 -8.27 10.88 36.45
N ASP B 35 -8.63 12.07 36.94
CA ASP B 35 -9.66 12.17 37.98
C ASP B 35 -11.05 11.85 37.46
N PHE B 36 -11.26 11.86 36.16
CA PHE B 36 -12.58 11.63 35.58
C PHE B 36 -12.71 10.25 34.97
N ASN B 37 -11.67 9.42 35.05
CA ASN B 37 -11.68 8.14 34.36
C ASN B 37 -11.38 7.00 35.30
N LEU B 38 -11.18 5.81 34.75
CA LEU B 38 -11.06 4.60 35.57
C LEU B 38 -9.91 4.63 36.58
N PRO B 39 -8.71 5.13 36.27
CA PRO B 39 -7.63 5.05 37.26
C PRO B 39 -7.92 5.75 38.57
N SER B 40 -8.91 6.64 38.61
CA SER B 40 -9.25 7.31 39.85
C SER B 40 -9.90 6.36 40.86
N VAL B 41 -10.41 5.21 40.42
CA VAL B 41 -11.11 4.31 41.33
C VAL B 41 -10.40 2.96 41.39
N TYR B 42 -9.10 2.95 41.17
CA TYR B 42 -8.34 1.70 41.26
C TYR B 42 -8.12 1.24 42.69
N ASP B 43 -8.02 2.18 43.64
CA ASP B 43 -7.25 1.94 44.86
C ASP B 43 -8.05 1.45 46.05
N HIS B 44 -9.15 2.13 46.42
CA HIS B 44 -9.78 1.98 47.74
C HIS B 44 -8.79 2.34 48.86
N ALA B 45 -8.43 3.63 48.90
CA ALA B 45 -7.74 4.22 50.06
C ALA B 45 -6.38 3.56 50.32
N ARG B 46 -5.46 3.80 49.42
CA ARG B 46 -4.05 3.44 49.63
C ARG B 46 -3.48 4.11 50.88
N ILE B 47 -2.61 3.38 51.59
CA ILE B 47 -1.98 3.84 52.83
C ILE B 47 -0.47 3.69 52.69
N ASP B 48 0.27 4.75 53.02
CA ASP B 48 1.73 4.66 52.96
C ASP B 48 2.45 5.42 54.08
N ASN B 49 1.78 5.68 55.18
CA ASN B 49 2.40 6.53 56.20
C ASN B 49 3.33 5.71 57.11
N PRO B 50 4.35 6.33 57.66
CA PRO B 50 5.14 5.68 58.72
C PRO B 50 4.35 5.60 60.02
N SER B 51 4.83 4.77 60.93
CA SER B 51 4.18 4.63 62.22
C SER B 51 4.32 5.88 63.09
N GLY B 52 5.35 6.70 62.85
CA GLY B 52 5.47 7.95 63.57
C GLY B 52 4.36 8.94 63.28
N ASP B 53 3.66 8.78 62.16
CA ASP B 53 2.51 9.61 61.87
C ASP B 53 1.25 9.16 62.59
N VAL B 54 1.28 8.00 63.25
CA VAL B 54 0.11 7.43 63.91
C VAL B 54 0.56 6.95 65.29
N ASN B 55 0.37 7.80 66.30
CA ASN B 55 0.67 7.44 67.68
C ASN B 55 -0.56 7.48 68.58
N ASN B 56 -1.39 8.51 68.43
CA ASN B 56 -2.62 8.62 69.21
C ASN B 56 -3.67 7.62 68.78
N ASP B 57 -3.57 7.11 67.55
CA ASP B 57 -4.57 6.18 67.05
C ASP B 57 -3.98 4.83 66.63
N LEU B 58 -4.56 3.77 67.17
CA LEU B 58 -4.14 2.41 66.86
C LEU B 58 -5.02 1.78 65.78
N SER B 59 -5.50 2.58 64.83
CA SER B 59 -6.51 2.11 63.89
C SER B 59 -6.23 2.40 62.42
N LYS B 60 -5.30 3.28 62.09
CA LYS B 60 -5.15 3.72 60.72
C LYS B 60 -3.93 3.16 60.01
N GLY B 61 -3.25 2.17 60.60
CA GLY B 61 -2.21 1.43 59.90
C GLY B 61 -0.99 2.24 59.52
N PHE B 62 0.07 1.55 59.08
CA PHE B 62 1.30 2.23 58.71
C PHE B 62 2.17 1.25 57.95
N VAL B 63 3.26 1.79 57.39
CA VAL B 63 4.32 1.02 56.77
C VAL B 63 5.64 1.55 57.30
N ASP B 64 6.42 0.68 57.94
CA ASP B 64 7.70 1.04 58.52
C ASP B 64 8.80 0.25 57.83
N LEU B 65 9.85 0.93 57.40
CA LEU B 65 10.94 0.31 56.68
C LEU B 65 12.25 0.56 57.42
N LYS B 66 12.91 -0.53 57.81
CA LYS B 66 14.26 -0.47 58.33
C LYS B 66 15.20 -1.06 57.29
N VAL B 67 16.24 -0.32 56.92
CA VAL B 67 17.15 -0.73 55.86
C VAL B 67 18.48 -1.12 56.48
N TYR B 68 18.96 -2.31 56.13
CA TYR B 68 20.32 -2.73 56.39
C TYR B 68 21.09 -2.70 55.08
N ARG B 69 22.27 -2.09 55.10
CA ARG B 69 23.09 -1.93 53.91
C ARG B 69 24.25 -2.91 53.95
N VAL B 70 24.35 -3.73 52.92
CA VAL B 70 25.47 -4.68 52.84
C VAL B 70 26.75 -3.89 52.59
N PRO B 71 27.79 -4.07 53.40
CA PRO B 71 28.96 -3.19 53.32
C PRO B 71 29.66 -3.21 51.96
N ASP B 72 30.08 -4.38 51.53
CA ASP B 72 30.74 -4.53 50.25
C ASP B 72 29.68 -4.64 49.16
N LEU B 73 30.07 -5.08 47.97
CA LEU B 73 29.11 -5.41 46.92
C LEU B 73 28.70 -6.88 46.97
N SER B 74 28.76 -7.50 48.14
CA SER B 74 28.42 -8.90 48.29
C SER B 74 26.91 -9.08 48.35
N ARG B 75 26.49 -10.34 48.29
CA ARG B 75 25.07 -10.71 48.25
C ARG B 75 24.80 -11.76 49.31
N PRO B 76 24.74 -11.37 50.58
CA PRO B 76 24.48 -12.34 51.64
C PRO B 76 23.09 -12.94 51.51
N SER B 77 22.97 -14.18 51.98
CA SER B 77 21.69 -14.87 51.93
C SER B 77 20.78 -14.40 53.06
N PHE B 78 19.55 -14.91 53.07
CA PHE B 78 18.58 -14.52 54.08
C PHE B 78 19.07 -14.90 55.48
N ASN B 79 19.61 -16.10 55.64
CA ASN B 79 20.03 -16.55 56.96
C ASN B 79 21.28 -15.85 57.44
N GLU B 80 22.07 -15.28 56.54
CA GLU B 80 23.23 -14.49 56.93
C GLU B 80 22.87 -13.05 57.28
N VAL B 81 21.60 -12.67 57.12
CA VAL B 81 21.19 -11.28 57.38
C VAL B 81 20.15 -11.27 58.48
N VAL B 82 19.00 -11.91 58.23
CA VAL B 82 17.88 -11.81 59.15
C VAL B 82 18.18 -12.62 60.41
N GLY B 83 18.21 -11.95 61.54
CA GLY B 83 18.58 -12.56 62.80
C GLY B 83 20.02 -12.30 63.21
N HIS B 84 20.85 -11.83 62.29
CA HIS B 84 22.25 -11.53 62.59
C HIS B 84 22.54 -10.04 62.47
N LYS B 85 22.25 -9.44 61.32
CA LYS B 85 22.50 -8.02 61.15
C LYS B 85 21.42 -7.20 61.84
N LYS B 86 21.70 -5.92 62.03
CA LYS B 86 20.81 -5.01 62.73
C LYS B 86 20.12 -4.11 61.73
N PHE B 87 18.79 -4.13 61.74
CA PHE B 87 18.00 -3.21 60.93
C PHE B 87 17.68 -2.01 61.80
N ASP B 88 18.53 -0.99 61.70
CA ASP B 88 18.43 0.20 62.55
C ASP B 88 18.09 1.46 61.77
N GLU B 89 18.80 1.71 60.66
CA GLU B 89 18.52 2.89 59.86
C GLU B 89 17.11 2.81 59.29
N THR B 90 16.41 3.93 59.30
CA THR B 90 15.04 3.98 58.80
C THR B 90 15.05 4.51 57.38
N ALA B 91 14.29 3.85 56.51
CA ALA B 91 14.15 4.27 55.11
C ALA B 91 12.72 4.75 54.88
N SER B 92 12.57 5.62 53.88
CA SER B 92 11.27 6.19 53.57
C SER B 92 11.22 6.47 52.08
N LYS B 93 10.01 6.68 51.58
CA LYS B 93 9.82 6.99 50.17
C LYS B 93 10.58 8.26 49.81
N GLY B 94 11.22 8.24 48.64
CA GLY B 94 12.11 9.30 48.24
C GLY B 94 13.57 9.08 48.59
N ASP B 95 13.87 8.05 49.38
CA ASP B 95 15.26 7.76 49.71
C ASP B 95 16.01 7.23 48.50
N THR B 96 17.32 7.30 48.57
CA THR B 96 18.21 6.89 47.50
C THR B 96 19.15 5.83 48.03
N PHE B 97 19.42 4.79 47.23
CA PHE B 97 20.08 3.59 47.74
C PHE B 97 21.23 3.17 46.84
N GLY B 98 22.44 3.30 47.35
CA GLY B 98 23.58 2.50 46.94
C GLY B 98 24.10 2.71 45.54
N PRO B 99 25.35 2.36 45.33
CA PRO B 99 25.91 2.32 43.97
C PRO B 99 25.38 1.09 43.23
N SER B 100 25.87 0.91 42.01
CA SER B 100 25.44 -0.20 41.20
C SER B 100 25.82 -1.52 41.85
N TRP B 101 24.95 -2.52 41.70
CA TRP B 101 25.13 -3.88 42.19
C TRP B 101 25.11 -3.98 43.70
N ALA B 102 24.81 -2.89 44.40
CA ALA B 102 24.73 -2.94 45.85
C ALA B 102 23.43 -3.59 46.29
N THR B 103 23.48 -4.23 47.45
CA THR B 103 22.34 -4.95 48.01
C THR B 103 21.86 -4.25 49.27
N PHE B 104 20.55 -4.08 49.39
CA PHE B 104 19.93 -3.53 50.57
C PHE B 104 18.84 -4.48 51.04
N TRP B 105 18.73 -4.66 52.34
CA TRP B 105 17.68 -5.48 52.93
C TRP B 105 16.73 -4.57 53.68
N PHE B 106 15.44 -4.77 53.46
CA PHE B 106 14.41 -3.96 54.09
C PHE B 106 13.58 -4.87 54.98
N GLU B 107 13.51 -4.53 56.25
CA GLU B 107 12.50 -5.08 57.15
C GLU B 107 11.28 -4.19 57.06
N VAL B 108 10.17 -4.74 56.59
CA VAL B 108 8.93 -4.02 56.38
C VAL B 108 7.95 -4.49 57.43
N HIS B 109 7.53 -3.56 58.28
CA HIS B 109 6.52 -3.82 59.30
C HIS B 109 5.27 -3.06 58.90
N ILE B 110 4.18 -3.76 58.69
CA ILE B 110 2.97 -3.13 58.21
C ILE B 110 1.85 -3.32 59.23
N ARG B 111 0.99 -2.32 59.31
CA ARG B 111 -0.24 -2.42 60.08
C ARG B 111 -1.39 -2.05 59.18
N LEU B 112 -2.26 -3.01 58.92
CA LEU B 112 -3.47 -2.74 58.17
C LEU B 112 -4.45 -2.00 59.07
N PRO B 113 -5.07 -0.92 58.62
CA PRO B 113 -6.16 -0.34 59.38
C PRO B 113 -7.30 -1.35 59.50
N LYS B 114 -7.96 -1.38 60.68
CA LYS B 114 -9.08 -2.30 60.83
C LYS B 114 -10.27 -1.96 59.94
N SER B 115 -10.34 -0.73 59.43
CA SER B 115 -11.36 -0.44 58.42
C SER B 115 -11.16 -1.27 57.16
N TRP B 116 -9.97 -1.84 56.98
CA TRP B 116 -9.71 -2.78 55.91
C TRP B 116 -10.04 -4.22 56.30
N ALA B 117 -10.92 -4.43 57.28
CA ALA B 117 -11.42 -5.78 57.52
C ALA B 117 -12.17 -6.29 56.30
N LYS B 118 -12.78 -5.37 55.55
CA LYS B 118 -13.30 -5.60 54.22
C LYS B 118 -12.11 -5.60 53.27
N TYR B 119 -12.33 -5.36 51.97
CA TYR B 119 -11.22 -5.32 51.03
C TYR B 119 -10.53 -6.69 50.94
N GLU B 120 -11.25 -7.63 50.35
CA GLU B 120 -10.84 -9.03 50.29
C GLU B 120 -9.45 -9.24 49.69
N GLN B 121 -8.84 -8.21 49.12
CA GLN B 121 -7.46 -8.29 48.66
C GLN B 121 -6.72 -7.03 49.07
N VAL B 122 -5.54 -7.20 49.64
CA VAL B 122 -4.70 -6.09 50.06
C VAL B 122 -3.33 -6.26 49.43
N ILE B 123 -2.82 -5.20 48.82
CA ILE B 123 -1.59 -5.21 48.05
C ILE B 123 -0.55 -4.39 48.77
N PHE B 124 0.68 -4.88 48.83
CA PHE B 124 1.83 -4.07 49.16
C PHE B 124 2.52 -3.69 47.87
N GLN B 125 2.59 -2.40 47.59
CA GLN B 125 3.21 -1.89 46.37
C GLN B 125 4.62 -1.43 46.68
N TRP B 126 5.57 -1.87 45.88
CA TRP B 126 6.97 -1.54 46.10
C TRP B 126 7.57 -1.15 44.76
N ASN B 127 7.95 0.11 44.62
CA ASN B 127 8.58 0.58 43.39
C ASN B 127 9.85 1.35 43.75
N CYS B 128 10.94 0.62 43.91
CA CYS B 128 12.27 1.14 43.68
C CYS B 128 12.71 0.54 42.36
N ASP B 129 13.25 1.36 41.47
CA ASP B 129 13.36 0.93 40.08
C ASP B 129 14.44 -0.14 39.91
N ASN B 130 14.29 -1.25 40.61
CA ASN B 130 15.30 -2.29 40.65
C ASN B 130 14.63 -3.59 41.09
N GLU B 131 15.43 -4.56 41.52
CA GLU B 131 14.97 -5.91 41.82
C GLU B 131 14.39 -5.99 43.23
N GLY B 132 13.51 -6.99 43.43
CA GLY B 132 12.68 -7.10 44.61
C GLY B 132 12.95 -8.28 45.52
N LEU B 133 12.18 -9.35 45.36
CA LEU B 133 12.23 -10.55 46.21
C LEU B 133 11.84 -10.25 47.66
N VAL B 134 10.54 -10.07 47.84
CA VAL B 134 9.93 -10.21 49.16
C VAL B 134 10.33 -11.55 49.77
N TYR B 135 10.77 -11.52 51.02
CA TYR B 135 11.01 -12.72 51.81
C TYR B 135 10.04 -12.76 52.97
N SER B 136 9.47 -13.92 53.24
CA SER B 136 8.70 -14.08 54.45
C SER B 136 9.64 -14.08 55.66
N GLN B 137 9.05 -14.11 56.85
CA GLN B 137 9.85 -14.14 58.07
C GLN B 137 10.65 -15.43 58.16
N ASP B 138 10.06 -16.55 57.76
CA ASP B 138 10.73 -17.84 57.77
C ASP B 138 11.72 -18.01 56.62
N GLY B 139 12.01 -16.95 55.88
CA GLY B 139 12.99 -17.02 54.81
C GLY B 139 12.48 -17.51 53.48
N VAL B 140 11.18 -17.71 53.34
CA VAL B 140 10.58 -18.20 52.11
C VAL B 140 10.47 -17.05 51.10
N PRO B 141 11.08 -17.16 49.93
CA PRO B 141 10.87 -16.15 48.89
C PRO B 141 9.44 -16.22 48.38
N LEU B 142 8.81 -15.06 48.24
CA LEU B 142 7.39 -15.02 47.94
C LEU B 142 7.06 -14.31 46.65
N GLN B 143 7.70 -13.20 46.36
CA GLN B 143 7.28 -12.36 45.25
C GLN B 143 8.43 -11.45 44.88
N ALA B 144 8.66 -11.30 43.58
CA ALA B 144 9.71 -10.42 43.08
C ALA B 144 9.14 -9.06 42.71
N PHE B 145 10.01 -8.06 42.71
CA PHE B 145 9.70 -6.74 42.21
C PHE B 145 10.70 -6.38 41.11
N SER B 146 10.20 -5.82 40.02
CA SER B 146 11.07 -5.43 38.90
C SER B 146 10.60 -4.06 38.42
N GLY B 147 11.18 -3.01 38.99
CA GLY B 147 10.83 -1.66 38.55
C GLY B 147 9.35 -1.43 38.65
N SER B 148 8.77 -0.86 37.59
CA SER B 148 7.35 -0.58 37.54
C SER B 148 6.53 -1.69 36.87
N GLU B 149 7.18 -2.62 36.18
CA GLU B 149 6.44 -3.69 35.52
C GLU B 149 5.93 -4.74 36.51
N ARG B 150 6.55 -4.85 37.68
CA ARG B 150 6.12 -5.79 38.72
C ARG B 150 6.30 -5.10 40.06
N THR B 151 5.20 -4.59 40.62
CA THR B 151 5.25 -3.81 41.85
C THR B 151 4.39 -4.36 42.97
N ASP B 152 3.41 -5.20 42.68
CA ASP B 152 2.43 -5.62 43.67
C ASP B 152 2.84 -6.92 44.33
N PHE B 153 2.56 -7.02 45.63
CA PHE B 153 2.71 -8.25 46.39
C PHE B 153 1.42 -8.45 47.17
N ILE B 154 0.72 -9.55 46.89
CA ILE B 154 -0.56 -9.80 47.54
C ILE B 154 -0.32 -10.38 48.91
N LEU B 155 -0.81 -9.70 49.94
CA LEU B 155 -0.68 -10.22 51.30
C LEU B 155 -1.46 -11.51 51.42
N PRO B 156 -0.85 -12.58 51.94
CA PRO B 156 -1.43 -13.92 51.78
C PRO B 156 -2.52 -14.28 52.78
N ASP B 157 -3.43 -13.34 53.07
CA ASP B 157 -4.67 -13.63 53.79
C ASP B 157 -4.43 -14.22 55.17
N SER B 158 -3.16 -14.38 55.55
CA SER B 158 -2.78 -14.91 56.85
C SER B 158 -2.21 -13.85 57.77
N TRP B 159 -1.56 -12.83 57.22
CA TRP B 159 -1.01 -11.76 58.04
C TRP B 159 -1.59 -10.40 57.67
N LYS B 160 -2.78 -10.39 57.07
CA LYS B 160 -3.54 -9.15 56.99
C LYS B 160 -4.15 -8.81 58.35
N THR B 161 -4.62 -9.82 59.07
CA THR B 161 -5.21 -9.57 60.39
C THR B 161 -4.13 -9.26 61.42
N THR B 162 -3.04 -10.01 61.40
CA THR B 162 -1.96 -9.81 62.36
C THR B 162 -0.94 -8.81 61.82
N GLU B 163 -0.54 -7.88 62.67
CA GLU B 163 0.42 -6.85 62.28
C GLU B 163 1.80 -7.48 62.10
N ASP B 164 2.14 -7.87 60.87
CA ASP B 164 3.29 -8.72 60.61
C ASP B 164 4.38 -7.94 59.89
N THR B 165 5.49 -8.64 59.66
CA THR B 165 6.67 -8.08 59.01
C THR B 165 7.17 -9.06 57.96
N PHE B 166 7.86 -8.52 56.96
CA PHE B 166 8.54 -9.34 55.98
C PHE B 166 9.82 -8.62 55.58
N TYR B 167 10.53 -9.17 54.61
CA TYR B 167 11.80 -8.63 54.19
C TYR B 167 11.84 -8.50 52.68
N ILE B 168 12.60 -7.54 52.21
CA ILE B 168 12.79 -7.29 50.78
C ILE B 168 14.29 -7.17 50.52
N GLU B 169 14.81 -8.04 49.67
CA GLU B 169 16.24 -8.03 49.34
C GLU B 169 16.40 -7.23 48.05
N MET B 170 16.62 -5.94 48.19
CA MET B 170 16.74 -5.05 47.04
C MET B 170 18.13 -5.18 46.42
N ALA B 171 18.17 -5.30 45.10
CA ALA B 171 19.42 -5.30 44.35
C ALA B 171 19.48 -4.02 43.52
N CYS B 172 20.58 -3.28 43.66
CA CYS B 172 20.69 -1.97 43.01
C CYS B 172 21.20 -2.15 41.58
N ASN B 173 20.33 -2.72 40.77
CA ASN B 173 20.57 -2.85 39.33
C ASN B 173 19.22 -3.05 38.65
N GLY B 174 19.17 -2.68 37.38
CA GLY B 174 17.96 -2.86 36.62
C GLY B 174 17.78 -4.30 36.19
N MET B 175 16.76 -4.51 35.36
CA MET B 175 16.51 -5.83 34.80
C MET B 175 17.67 -6.29 33.93
N PHE B 176 18.46 -5.37 33.41
CA PHE B 176 19.53 -5.63 32.47
C PHE B 176 20.83 -4.99 32.92
N GLY B 177 21.09 -5.03 34.22
CA GLY B 177 22.27 -4.36 34.74
C GLY B 177 22.06 -2.86 34.82
N THR B 178 23.19 -2.14 34.78
CA THR B 178 23.16 -0.68 34.89
C THR B 178 23.13 -0.01 33.52
N GLY B 179 24.18 -0.21 32.73
CA GLY B 179 24.14 0.19 31.34
C GLY B 179 24.95 1.42 30.95
N ALA B 180 24.88 2.50 31.73
CA ALA B 180 25.57 3.76 31.43
C ALA B 180 25.14 4.34 30.08
N GLY B 181 23.88 4.77 30.04
CA GLY B 181 23.36 5.45 28.87
C GLY B 181 22.59 4.58 27.92
N SER B 182 23.17 3.45 27.53
CA SER B 182 22.47 2.46 26.73
C SER B 182 22.52 1.11 27.43
N GLN B 183 21.63 0.21 27.03
CA GLN B 183 21.54 -1.09 27.69
C GLN B 183 22.83 -1.88 27.55
N ILE B 184 23.42 -1.88 26.36
CA ILE B 184 24.61 -2.69 26.09
C ILE B 184 25.89 -1.87 26.22
N ALA B 185 25.80 -0.62 26.67
CA ALA B 185 26.99 0.14 26.99
C ALA B 185 27.60 -0.40 28.29
N PRO B 186 28.87 -0.12 28.56
CA PRO B 186 29.51 -0.73 29.72
C PRO B 186 28.83 -0.26 30.99
N PRO B 187 28.85 -1.09 32.05
CA PRO B 187 28.08 -0.77 33.25
C PRO B 187 28.50 0.55 33.88
N ASP B 188 27.51 1.27 34.40
CA ASP B 188 27.76 2.47 35.18
C ASP B 188 27.89 2.06 36.64
N PRO B 189 29.06 2.22 37.26
CA PRO B 189 29.26 1.71 38.62
C PRO B 189 28.72 2.61 39.72
N ASN B 190 28.21 3.80 39.39
CA ASN B 190 27.78 4.77 40.40
C ASN B 190 26.31 5.12 40.25
N ARG B 191 25.50 4.18 39.76
CA ARG B 191 24.07 4.42 39.62
C ARG B 191 23.39 4.39 40.98
N TYR B 192 22.41 5.26 41.16
CA TYR B 192 21.65 5.32 42.39
C TYR B 192 20.16 5.23 42.08
N PHE B 193 19.43 4.59 42.98
CA PHE B 193 18.03 4.25 42.77
C PHE B 193 17.18 4.88 43.87
N THR B 194 15.98 5.31 43.49
CA THR B 194 15.09 6.07 44.38
C THR B 194 13.84 5.26 44.64
N LEU B 195 13.48 5.15 45.92
CA LEU B 195 12.26 4.45 46.32
C LEU B 195 11.08 5.37 46.11
N THR B 196 10.18 4.99 45.18
CA THR B 196 9.04 5.82 44.84
C THR B 196 7.71 5.28 45.30
N LYS B 197 7.65 4.02 45.74
CA LYS B 197 6.41 3.47 46.27
C LYS B 197 6.73 2.40 47.30
N ALA B 198 6.16 2.53 48.48
CA ALA B 198 6.22 1.52 49.52
C ALA B 198 4.87 1.44 50.22
N ASP B 199 3.81 1.43 49.43
CA ASP B 199 2.46 1.66 49.92
C ASP B 199 1.69 0.37 50.16
N LEU B 200 0.72 0.45 51.05
CA LEU B 200 -0.30 -0.57 51.20
C LEU B 200 -1.52 -0.14 50.40
N VAL B 201 -2.05 -1.04 49.58
CA VAL B 201 -3.18 -0.74 48.71
C VAL B 201 -4.23 -1.81 48.91
N ALA B 202 -5.49 -1.43 48.67
CA ALA B 202 -6.62 -2.35 48.79
C ALA B 202 -7.41 -2.30 47.49
N PRO B 203 -6.87 -2.87 46.41
CA PRO B 203 -7.34 -2.53 45.07
C PRO B 203 -8.82 -2.82 44.86
N ASN B 204 -9.44 -2.01 44.02
CA ASN B 204 -10.81 -2.22 43.58
C ASN B 204 -10.80 -3.30 42.51
N LEU B 205 -11.14 -4.52 42.88
CA LEU B 205 -11.03 -5.64 41.96
C LEU B 205 -11.93 -5.51 40.73
N PRO B 206 -13.22 -5.14 40.86
CA PRO B 206 -14.01 -4.90 39.64
C PRO B 206 -13.44 -3.81 38.76
N ALA B 207 -12.84 -2.77 39.33
CA ALA B 207 -12.24 -1.72 38.52
C ALA B 207 -11.06 -2.25 37.72
N MET B 208 -10.21 -3.09 38.32
CA MET B 208 -9.08 -3.64 37.57
C MET B 208 -9.54 -4.65 36.53
N ALA B 209 -10.59 -5.41 36.83
CA ALA B 209 -11.15 -6.30 35.83
C ALA B 209 -11.69 -5.51 34.64
N LEU B 210 -12.38 -4.41 34.91
CA LEU B 210 -12.85 -3.54 33.83
C LEU B 210 -11.67 -2.93 33.07
N ALA B 211 -10.60 -2.60 33.78
CA ALA B 211 -9.42 -2.06 33.12
C ALA B 211 -8.84 -3.06 32.14
N TYR B 212 -8.78 -4.33 32.52
CA TYR B 212 -8.29 -5.36 31.61
C TYR B 212 -9.21 -5.52 30.41
N ASP B 213 -10.53 -5.57 30.67
CA ASP B 213 -11.51 -5.65 29.59
C ASP B 213 -11.31 -4.52 28.59
N PHE B 214 -11.24 -3.29 29.10
CA PHE B 214 -11.13 -2.13 28.25
C PHE B 214 -9.81 -2.10 27.51
N LEU B 215 -8.74 -2.54 28.17
CA LEU B 215 -7.45 -2.57 27.50
C LEU B 215 -7.47 -3.51 26.31
N LEU B 216 -8.04 -4.69 26.49
CA LEU B 216 -8.11 -5.64 25.37
C LEU B 216 -8.99 -5.11 24.25
N MET B 217 -10.14 -4.54 24.60
CA MET B 217 -11.04 -4.02 23.57
C MET B 217 -10.42 -2.84 22.84
N GLN B 218 -9.70 -1.98 23.55
CA GLN B 218 -9.05 -0.85 22.93
C GLN B 218 -7.91 -1.29 22.02
N GLN B 219 -7.19 -2.34 22.41
CA GLN B 219 -6.19 -2.90 21.52
C GLN B 219 -6.82 -3.49 20.28
N CYS B 220 -8.00 -4.11 20.41
CA CYS B 220 -8.72 -4.56 19.23
C CYS B 220 -9.09 -3.39 18.33
N VAL B 221 -9.50 -2.27 18.94
CA VAL B 221 -9.81 -1.08 18.15
C VAL B 221 -8.58 -0.60 17.39
N LYS B 222 -7.42 -0.60 18.04
CA LYS B 222 -6.23 -0.04 17.42
C LYS B 222 -5.57 -0.99 16.43
N GLN B 223 -5.70 -2.30 16.60
CA GLN B 223 -4.92 -3.26 15.82
C GLN B 223 -5.69 -3.89 14.67
N LEU B 224 -6.99 -4.10 14.83
CA LEU B 224 -7.73 -4.85 13.82
C LEU B 224 -7.84 -4.05 12.52
N PRO B 225 -8.01 -4.74 11.39
CA PRO B 225 -8.08 -4.03 10.10
C PRO B 225 -9.27 -3.08 10.05
N SER B 226 -9.11 -2.02 9.26
CA SER B 226 -10.10 -0.95 9.23
C SER B 226 -11.44 -1.39 8.66
N ASN B 227 -11.49 -2.50 7.94
CA ASN B 227 -12.73 -3.02 7.40
C ASN B 227 -13.28 -4.19 8.20
N CYS B 228 -12.69 -4.48 9.36
CA CYS B 228 -13.12 -5.56 10.22
C CYS B 228 -14.23 -5.06 11.13
N TRP B 229 -15.37 -5.74 11.13
CA TRP B 229 -16.51 -5.25 11.91
C TRP B 229 -16.30 -5.42 13.41
N GLN B 230 -15.46 -6.38 13.81
CA GLN B 230 -15.17 -6.55 15.22
C GLN B 230 -14.47 -5.34 15.80
N LYS B 231 -13.66 -4.67 14.98
CA LYS B 231 -12.99 -3.45 15.43
C LYS B 231 -14.00 -2.38 15.81
N TYR B 232 -15.04 -2.21 15.00
CA TYR B 232 -16.05 -1.19 15.28
C TYR B 232 -17.00 -1.63 16.37
N LYS B 233 -17.28 -2.93 16.50
CA LYS B 233 -18.03 -3.41 17.64
C LYS B 233 -17.29 -3.10 18.94
N ALA B 234 -15.98 -3.35 18.97
CA ALA B 234 -15.18 -3.02 20.14
C ALA B 234 -15.18 -1.52 20.41
N ARG B 235 -15.04 -0.71 19.36
CA ARG B 235 -15.02 0.73 19.57
C ARG B 235 -16.34 1.24 20.12
N GLN B 236 -17.44 0.68 19.61
CA GLN B 236 -18.76 1.06 20.07
C GLN B 236 -18.96 0.70 21.54
N ILE B 237 -18.53 -0.50 21.92
CA ILE B 237 -18.67 -0.93 23.31
C ILE B 237 -17.79 -0.08 24.23
N CYS B 238 -16.56 0.22 23.80
CA CYS B 238 -15.67 1.05 24.61
C CYS B 238 -16.24 2.45 24.80
N ASN B 239 -16.82 3.01 23.74
CA ASN B 239 -17.44 4.32 23.84
C ASN B 239 -18.60 4.31 24.83
N ASP B 240 -19.43 3.27 24.80
CA ASP B 240 -20.51 3.19 25.77
C ASP B 240 -19.96 3.04 27.18
N ILE B 241 -18.86 2.31 27.34
CA ILE B 241 -18.28 2.14 28.67
C ILE B 241 -17.83 3.48 29.21
N MET B 242 -17.21 4.32 28.37
CA MET B 242 -16.89 5.67 28.80
C MET B 242 -18.13 6.48 29.14
N ASN B 243 -19.13 6.44 28.28
CA ASN B 243 -20.33 7.23 28.53
C ASN B 243 -21.07 6.76 29.78
N THR B 244 -20.83 5.53 30.21
CA THR B 244 -21.53 4.95 31.35
C THR B 244 -20.78 5.14 32.66
N PHE B 245 -19.45 5.07 32.63
CA PHE B 245 -18.68 5.09 33.86
C PHE B 245 -18.71 6.48 34.50
N HIS B 246 -19.00 6.51 35.80
CA HIS B 246 -18.87 7.73 36.59
C HIS B 246 -18.01 7.39 37.79
N PRO B 247 -16.90 8.10 38.02
CA PRO B 247 -16.04 7.76 39.16
C PRO B 247 -16.72 7.92 40.52
N ASN B 248 -17.83 8.63 40.59
CA ASN B 248 -18.56 8.80 41.84
C ASN B 248 -19.59 7.70 42.09
N ASP B 249 -19.81 6.82 41.12
CA ASP B 249 -20.79 5.74 41.24
C ASP B 249 -20.08 4.43 40.88
N LEU B 250 -19.89 3.57 41.88
CA LEU B 250 -19.13 2.35 41.71
C LEU B 250 -19.92 1.23 41.06
N SER B 251 -21.25 1.34 40.97
CA SER B 251 -22.02 0.35 40.22
C SER B 251 -21.87 0.53 38.72
N THR B 252 -21.46 1.72 38.29
CA THR B 252 -21.17 1.93 36.87
C THR B 252 -20.05 1.01 36.41
N ILE B 253 -19.14 0.64 37.31
CA ILE B 253 -18.09 -0.31 36.96
C ILE B 253 -18.70 -1.66 36.59
N ASN B 254 -19.66 -2.12 37.39
CA ASN B 254 -20.28 -3.40 37.11
C ASN B 254 -21.09 -3.36 35.81
N GLU B 255 -21.82 -2.28 35.57
CA GLU B 255 -22.56 -2.25 34.30
C GLU B 255 -21.63 -2.04 33.11
N CYS B 256 -20.47 -1.42 33.30
CA CYS B 256 -19.48 -1.36 32.24
C CYS B 256 -18.93 -2.74 31.91
N ARG B 257 -18.69 -3.56 32.95
CA ARG B 257 -18.27 -4.93 32.70
C ARG B 257 -19.35 -5.72 31.98
N ASN B 258 -20.62 -5.49 32.36
CA ASN B 258 -21.72 -6.13 31.64
C ASN B 258 -21.74 -5.72 30.18
N LEU B 259 -21.47 -4.43 29.90
CA LEU B 259 -21.38 -3.97 28.52
C LEU B 259 -20.25 -4.69 27.77
N ALA B 260 -19.09 -4.83 28.41
CA ALA B 260 -17.96 -5.49 27.78
C ALA B 260 -18.22 -6.97 27.55
N LYS B 261 -19.14 -7.58 28.28
CA LYS B 261 -19.46 -8.98 28.07
C LYS B 261 -19.96 -9.25 26.65
N ALA B 262 -20.52 -8.25 25.98
CA ALA B 262 -20.98 -8.44 24.61
C ALA B 262 -19.84 -8.68 23.64
N PHE B 263 -18.63 -8.32 24.02
CA PHE B 263 -17.43 -8.53 23.22
C PHE B 263 -16.54 -9.63 23.76
N LEU B 264 -16.44 -9.77 25.07
CA LEU B 264 -15.54 -10.74 25.67
C LEU B 264 -16.24 -12.02 26.13
N GLY B 265 -17.55 -12.07 26.12
CA GLY B 265 -18.24 -13.22 26.64
C GLY B 265 -18.30 -13.20 28.15
N ASN B 266 -18.79 -14.31 28.72
CA ASN B 266 -19.05 -14.39 30.14
C ASN B 266 -18.04 -15.22 30.91
N ASP B 267 -17.08 -15.85 30.25
CA ASP B 267 -16.19 -16.78 30.91
C ASP B 267 -14.80 -16.21 31.20
N ILE B 268 -14.55 -14.95 30.91
CA ILE B 268 -13.21 -14.41 31.03
C ILE B 268 -12.70 -14.33 32.46
N ASP B 269 -13.58 -14.49 33.44
CA ASP B 269 -13.18 -14.32 34.83
C ASP B 269 -12.49 -15.54 35.42
N SER B 270 -12.48 -16.66 34.72
CA SER B 270 -11.87 -17.88 35.23
C SER B 270 -11.17 -18.58 34.08
N GLU B 271 -10.77 -19.82 34.32
CA GLU B 271 -10.13 -20.65 33.31
C GLU B 271 -11.13 -21.37 32.42
N ALA B 272 -12.42 -21.08 32.59
CA ALA B 272 -13.44 -21.70 31.76
C ALA B 272 -13.43 -21.18 30.32
N VAL B 273 -12.80 -20.03 30.07
CA VAL B 273 -12.68 -19.55 28.69
C VAL B 273 -11.96 -20.57 27.83
N PHE B 274 -10.91 -21.17 28.36
CA PHE B 274 -10.09 -22.08 27.59
C PHE B 274 -10.76 -23.44 27.40
N GLU B 275 -11.86 -23.71 28.07
CA GLU B 275 -12.59 -24.95 27.90
C GLU B 275 -13.61 -24.89 26.79
N LYS B 276 -13.63 -23.80 26.03
CA LYS B 276 -14.54 -23.62 24.90
C LYS B 276 -13.71 -23.54 23.62
N ASN B 277 -14.15 -24.26 22.59
CA ASN B 277 -13.45 -24.33 21.31
C ASN B 277 -12.03 -24.84 21.48
N ASN B 278 -11.79 -25.67 22.49
CA ASN B 278 -10.45 -26.08 22.85
C ASN B 278 -9.96 -27.28 22.05
N ASP B 279 -10.53 -27.53 20.89
CA ASP B 279 -10.10 -28.63 20.04
C ASP B 279 -9.47 -28.17 18.73
N LYS B 280 -9.59 -26.90 18.37
CA LYS B 280 -9.08 -26.38 17.12
C LYS B 280 -8.28 -25.11 17.36
N ALA B 281 -7.38 -25.15 18.34
CA ALA B 281 -6.56 -23.98 18.65
C ALA B 281 -5.53 -23.75 17.56
N ASN B 282 -5.28 -22.49 17.26
CA ASN B 282 -4.23 -22.10 16.32
C ASN B 282 -3.01 -21.53 17.01
N VAL B 283 -3.17 -20.93 18.18
CA VAL B 283 -2.08 -20.35 18.94
C VAL B 283 -1.99 -21.08 20.27
N PHE B 284 -0.80 -21.49 20.64
CA PHE B 284 -0.56 -22.18 21.89
C PHE B 284 0.35 -21.32 22.73
N ALA B 285 -0.16 -20.86 23.88
CA ALA B 285 0.58 -19.96 24.73
C ALA B 285 1.26 -20.74 25.85
N ILE B 286 2.52 -20.41 26.10
CA ILE B 286 3.29 -21.00 27.18
C ILE B 286 4.10 -19.90 27.85
N GLY B 287 4.10 -19.90 29.18
CA GLY B 287 4.87 -18.92 29.91
C GLY B 287 6.36 -19.24 29.87
N HIS B 288 7.17 -18.20 29.89
CA HIS B 288 8.60 -18.40 29.74
C HIS B 288 9.33 -17.22 30.35
N CYS B 289 10.52 -17.50 30.88
CA CYS B 289 11.37 -16.46 31.46
C CYS B 289 12.81 -16.79 31.06
N HIS B 290 13.33 -16.07 30.09
CA HIS B 290 14.70 -16.28 29.63
C HIS B 290 15.64 -15.53 30.57
N ILE B 291 16.38 -16.26 31.38
CA ILE B 291 17.39 -15.69 32.27
C ILE B 291 18.74 -16.01 31.67
N ASP B 292 19.43 -14.99 31.19
CA ASP B 292 20.80 -15.18 30.74
C ASP B 292 21.68 -15.52 31.93
N THR B 293 22.36 -16.67 31.85
CA THR B 293 23.20 -17.10 32.97
C THR B 293 24.27 -16.07 33.29
N ALA B 294 24.78 -15.37 32.29
CA ALA B 294 25.54 -14.14 32.49
C ALA B 294 25.52 -13.37 31.18
N TRP B 295 24.84 -12.23 31.14
CA TRP B 295 24.94 -11.34 29.99
C TRP B 295 25.45 -9.96 30.36
N LEU B 296 24.77 -9.27 31.27
CA LEU B 296 25.17 -7.92 31.65
C LEU B 296 25.25 -7.81 33.18
N TRP B 297 25.44 -8.93 33.84
CA TRP B 297 25.47 -9.04 35.29
C TRP B 297 26.32 -10.25 35.63
N PRO B 298 26.87 -10.32 36.84
CA PRO B 298 27.66 -11.49 37.23
C PRO B 298 26.80 -12.73 37.38
N PHE B 299 27.48 -13.87 37.54
CA PHE B 299 26.77 -15.11 37.85
C PHE B 299 26.04 -15.00 39.18
N ALA B 300 26.63 -14.27 40.13
CA ALA B 300 26.04 -14.14 41.45
C ALA B 300 24.69 -13.43 41.40
N GLU B 301 24.52 -12.50 40.47
CA GLU B 301 23.22 -11.86 40.30
C GLU B 301 22.24 -12.74 39.56
N THR B 302 22.72 -13.57 38.63
CA THR B 302 21.87 -14.57 38.00
C THR B 302 21.29 -15.51 39.04
N ARG B 303 22.06 -15.84 40.06
CA ARG B 303 21.56 -16.74 41.10
C ARG B 303 20.32 -16.17 41.77
N ARG B 304 20.28 -14.86 42.02
CA ARG B 304 19.10 -14.25 42.62
C ARG B 304 17.99 -14.06 41.61
N LYS B 305 18.34 -13.75 40.35
CA LYS B 305 17.31 -13.62 39.33
C LYS B 305 16.53 -14.91 39.17
N ILE B 306 17.22 -16.05 39.25
CA ILE B 306 16.56 -17.33 39.10
C ILE B 306 15.47 -17.51 40.16
N VAL B 307 15.83 -17.30 41.42
CA VAL B 307 14.89 -17.57 42.50
C VAL B 307 13.75 -16.56 42.48
N ARG B 308 14.06 -15.29 42.19
CA ARG B 308 12.98 -14.32 42.22
C ARG B 308 12.08 -14.44 41.00
N SER B 309 12.54 -15.03 39.90
CA SER B 309 11.64 -15.35 38.81
C SER B 309 10.77 -16.57 39.14
N TRP B 310 11.38 -17.62 39.67
CA TRP B 310 10.64 -18.87 39.81
C TRP B 310 9.69 -18.85 40.99
N ALA B 311 10.04 -18.18 42.09
CA ALA B 311 9.08 -18.03 43.17
C ALA B 311 7.86 -17.24 42.73
N THR B 312 8.09 -16.18 41.96
CA THR B 312 6.97 -15.41 41.41
C THR B 312 6.10 -16.28 40.51
N GLN B 313 6.74 -17.05 39.63
CA GLN B 313 5.97 -17.90 38.73
C GLN B 313 5.20 -18.96 39.50
N MET B 314 5.74 -19.44 40.62
CA MET B 314 5.03 -20.44 41.40
C MET B 314 3.82 -19.85 42.11
N ASN B 315 3.93 -18.63 42.63
CA ASN B 315 2.73 -18.02 43.20
C ASN B 315 1.69 -17.71 42.12
N ILE B 316 2.14 -17.31 40.93
CA ILE B 316 1.22 -17.10 39.82
C ILE B 316 0.53 -18.41 39.45
N MET B 317 1.28 -19.51 39.43
CA MET B 317 0.68 -20.83 39.20
C MET B 317 -0.38 -21.14 40.24
N ASP B 318 -0.12 -20.74 41.48
CA ASP B 318 -1.13 -20.91 42.53
C ASP B 318 -2.40 -20.17 42.18
N ARG B 319 -2.27 -18.95 41.65
CA ARG B 319 -3.48 -18.17 41.38
C ARG B 319 -4.16 -18.52 40.06
N TYR B 320 -3.41 -18.99 39.06
CA TYR B 320 -3.96 -19.25 37.74
C TYR B 320 -3.79 -20.72 37.38
N PRO B 321 -4.85 -21.53 37.47
CA PRO B 321 -4.67 -22.99 37.33
C PRO B 321 -4.36 -23.45 35.92
N GLU B 322 -4.68 -22.68 34.88
CA GLU B 322 -4.40 -23.08 33.52
C GLU B 322 -3.00 -22.68 33.06
N TYR B 323 -2.27 -21.95 33.88
CA TYR B 323 -1.01 -21.36 33.46
C TYR B 323 0.12 -22.37 33.55
N GLN B 324 0.94 -22.41 32.51
CA GLN B 324 2.10 -23.28 32.44
C GLN B 324 3.33 -22.47 32.06
N PHE B 325 4.46 -22.85 32.64
CA PHE B 325 5.70 -22.10 32.53
C PHE B 325 6.82 -23.07 32.19
N VAL B 326 7.60 -22.76 31.17
CA VAL B 326 8.76 -23.55 30.80
C VAL B 326 10.02 -22.78 31.18
N CYS B 327 10.99 -23.49 31.75
CA CYS B 327 12.32 -22.94 31.92
C CYS B 327 13.33 -24.03 31.60
N SER B 328 14.45 -23.64 31.01
CA SER B 328 15.29 -24.58 30.27
C SER B 328 16.51 -25.07 31.03
N GLN B 329 17.39 -24.17 31.45
CA GLN B 329 18.77 -24.55 31.72
C GLN B 329 18.89 -25.32 33.02
N ALA B 330 19.46 -26.53 32.95
CA ALA B 330 19.59 -27.38 34.12
C ALA B 330 20.54 -26.78 35.16
N LEU B 331 21.54 -26.04 34.72
CA LEU B 331 22.44 -25.38 35.66
C LEU B 331 21.69 -24.41 36.55
N GLN B 332 20.66 -23.75 36.02
CA GLN B 332 19.88 -22.84 36.84
C GLN B 332 19.08 -23.58 37.90
N TYR B 333 18.57 -24.77 37.56
CA TYR B 333 17.95 -25.61 38.58
C TYR B 333 18.97 -26.02 39.64
N LEU B 334 20.18 -26.35 39.23
CA LEU B 334 21.21 -26.72 40.20
C LEU B 334 21.54 -25.55 41.12
N TRP B 335 21.62 -24.35 40.56
CA TRP B 335 21.89 -23.16 41.36
C TRP B 335 20.78 -22.91 42.35
N LEU B 336 19.52 -23.05 41.91
CA LEU B 336 18.40 -22.90 42.83
C LEU B 336 18.45 -23.94 43.93
N LYS B 337 18.78 -25.18 43.58
CA LYS B 337 18.85 -26.25 44.57
C LYS B 337 19.94 -25.98 45.60
N GLU B 338 21.07 -25.45 45.14
CA GLU B 338 22.15 -25.10 46.07
C GLU B 338 21.74 -23.95 46.98
N ASP B 339 21.08 -22.94 46.43
CA ASP B 339 20.80 -21.74 47.22
C ASP B 339 19.54 -21.88 48.05
N HIS B 340 18.47 -22.44 47.48
CA HIS B 340 17.16 -22.51 48.11
C HIS B 340 16.61 -23.92 47.99
N PRO B 341 17.08 -24.85 48.82
CA PRO B 341 16.59 -26.24 48.70
C PRO B 341 15.09 -26.38 48.89
N ASP B 342 14.48 -25.58 49.76
CA ASP B 342 13.05 -25.69 49.99
C ASP B 342 12.25 -25.20 48.80
N VAL B 343 12.70 -24.10 48.18
CA VAL B 343 12.10 -23.66 46.94
C VAL B 343 12.21 -24.73 45.88
N PHE B 344 13.32 -25.47 45.89
CA PHE B 344 13.50 -26.54 44.91
C PHE B 344 12.54 -27.70 45.17
N GLU B 345 12.29 -28.02 46.44
CA GLU B 345 11.29 -29.05 46.75
C GLU B 345 9.90 -28.64 46.26
N LYS B 346 9.52 -27.39 46.56
CA LYS B 346 8.25 -26.89 46.06
C LYS B 346 8.21 -26.92 44.53
N LEU B 347 9.32 -26.56 43.90
CA LEU B 347 9.41 -26.55 42.45
C LEU B 347 9.21 -27.93 41.88
N LYS B 348 9.80 -28.95 42.50
CA LYS B 348 9.64 -30.29 41.94
C LYS B 348 8.22 -30.79 42.15
N GLU B 349 7.54 -30.36 43.21
CA GLU B 349 6.11 -30.65 43.29
C GLU B 349 5.35 -30.01 42.14
N TYR B 350 5.65 -28.74 41.82
CA TYR B 350 5.00 -28.09 40.70
C TYR B 350 5.27 -28.82 39.40
N VAL B 351 6.51 -29.27 39.20
CA VAL B 351 6.87 -30.04 38.01
C VAL B 351 6.04 -31.30 37.94
N ASN B 352 5.82 -31.95 39.08
CA ASN B 352 4.93 -33.11 39.11
C ASN B 352 3.51 -32.74 38.66
N GLN B 353 3.03 -31.58 39.09
CA GLN B 353 1.69 -31.16 38.69
C GLN B 353 1.59 -30.71 37.26
N ASN B 354 2.64 -30.87 36.46
CA ASN B 354 2.67 -30.54 35.03
C ASN B 354 2.65 -29.04 34.77
N LYS B 355 2.49 -28.25 35.81
CA LYS B 355 2.91 -26.86 35.74
C LYS B 355 4.42 -26.83 35.90
N PHE B 356 5.05 -25.75 35.46
CA PHE B 356 6.49 -25.62 35.56
C PHE B 356 7.20 -26.77 34.84
N ILE B 357 7.12 -26.72 33.51
CA ILE B 357 7.70 -27.73 32.65
C ILE B 357 9.17 -27.47 32.40
N PRO B 358 10.07 -28.36 32.82
CA PRO B 358 11.47 -28.23 32.41
C PRO B 358 11.64 -28.65 30.96
N ILE B 359 12.44 -27.88 30.23
CA ILE B 359 12.58 -28.03 28.79
C ILE B 359 14.04 -27.87 28.42
N GLY B 360 14.36 -28.20 27.19
CA GLY B 360 15.69 -27.99 26.65
C GLY B 360 16.65 -29.13 26.79
N GLY B 361 16.73 -29.71 27.98
CA GLY B 361 17.59 -30.86 28.22
C GLY B 361 19.08 -30.59 28.21
N SER B 362 19.50 -29.33 28.25
CA SER B 362 20.91 -29.00 28.23
C SER B 362 21.30 -28.31 29.53
N TRP B 363 22.59 -28.35 29.82
CA TRP B 363 23.10 -27.74 31.04
C TRP B 363 22.88 -26.23 31.03
N VAL B 364 23.26 -25.57 29.94
CA VAL B 364 22.96 -24.16 29.72
C VAL B 364 22.42 -24.01 28.32
N GLU B 365 21.84 -22.85 28.04
CA GLU B 365 21.44 -22.50 26.68
C GLU B 365 22.70 -22.01 25.98
N HIS B 366 23.38 -22.95 25.34
CA HIS B 366 24.73 -22.72 24.86
C HIS B 366 24.74 -22.26 23.41
N ASP B 367 25.85 -21.63 23.03
CA ASP B 367 26.15 -21.42 21.63
C ASP B 367 26.46 -22.76 20.97
N THR B 368 26.09 -22.89 19.70
CA THR B 368 26.31 -24.13 18.98
C THR B 368 27.33 -24.00 17.87
N ASN B 369 27.96 -22.85 17.72
CA ASN B 369 28.97 -22.66 16.69
C ASN B 369 30.38 -22.90 17.23
N ILE B 370 30.69 -22.34 18.39
CA ILE B 370 32.05 -22.34 18.92
C ILE B 370 32.42 -23.66 19.60
N PRO B 371 31.62 -24.22 20.51
CA PRO B 371 32.07 -25.41 21.22
C PRO B 371 32.18 -26.60 20.28
N ASN B 372 33.13 -27.49 20.60
CA ASN B 372 33.31 -28.66 19.76
C ASN B 372 32.18 -29.65 19.98
N GLY B 373 32.18 -30.71 19.19
CA GLY B 373 31.05 -31.63 19.20
C GLY B 373 30.84 -32.31 20.54
N GLU B 374 31.94 -32.74 21.17
CA GLU B 374 31.82 -33.39 22.46
C GLU B 374 31.24 -32.45 23.50
N SER B 375 31.48 -31.15 23.38
CA SER B 375 30.86 -30.19 24.28
C SER B 375 29.34 -30.17 24.12
N LEU B 376 28.85 -30.21 22.89
CA LEU B 376 27.41 -30.24 22.67
C LEU B 376 26.80 -31.52 23.24
N ILE B 377 27.47 -32.65 23.02
CA ILE B 377 26.99 -33.89 23.61
C ILE B 377 27.00 -33.80 25.12
N ARG B 378 28.02 -33.16 25.71
CA ARG B 378 28.08 -33.04 27.17
C ARG B 378 26.98 -32.14 27.69
N GLN B 379 26.67 -31.06 26.97
CA GLN B 379 25.54 -30.23 27.34
C GLN B 379 24.30 -31.07 27.50
N PHE B 380 24.00 -31.88 26.48
CA PHE B 380 22.81 -32.71 26.58
C PHE B 380 22.93 -33.78 27.65
N LEU B 381 24.10 -34.39 27.79
CA LEU B 381 24.28 -35.47 28.75
C LEU B 381 24.07 -34.98 30.18
N LEU B 382 24.70 -33.87 30.53
CA LEU B 382 24.55 -33.31 31.87
C LEU B 382 23.14 -32.79 32.11
N GLY B 383 22.55 -32.09 31.14
CA GLY B 383 21.20 -31.60 31.33
C GLY B 383 20.19 -32.71 31.50
N GLN B 384 20.26 -33.72 30.63
CA GLN B 384 19.29 -34.81 30.69
C GLN B 384 19.48 -35.64 31.95
N HIS B 385 20.73 -35.85 32.37
CA HIS B 385 20.93 -36.59 33.61
C HIS B 385 20.42 -35.82 34.82
N PHE B 386 20.63 -34.51 34.84
CA PHE B 386 20.08 -33.72 35.94
C PHE B 386 18.57 -33.78 35.97
N PHE B 387 17.93 -33.65 34.81
CA PHE B 387 16.47 -33.65 34.79
C PHE B 387 15.92 -35.03 35.11
N GLU B 388 16.62 -36.10 34.73
CA GLU B 388 16.17 -37.44 35.08
C GLU B 388 16.41 -37.77 36.54
N LYS B 389 17.40 -37.12 37.16
CA LYS B 389 17.69 -37.40 38.56
C LYS B 389 16.78 -36.61 39.48
N GLU B 390 16.65 -35.31 39.26
CA GLU B 390 15.84 -34.48 40.16
C GLU B 390 14.36 -34.70 39.94
N PHE B 391 13.92 -34.77 38.71
CA PHE B 391 12.56 -35.09 38.35
C PHE B 391 12.56 -36.44 37.65
N GLY B 392 11.41 -36.85 37.14
CA GLY B 392 11.39 -38.09 36.40
C GLY B 392 11.33 -37.83 34.91
N VAL B 393 11.73 -36.64 34.49
CA VAL B 393 11.49 -36.16 33.14
C VAL B 393 12.77 -36.24 32.33
N ARG B 394 12.62 -36.64 31.07
CA ARG B 394 13.65 -36.47 30.05
C ARG B 394 13.10 -35.53 29.01
N CYS B 395 13.82 -34.46 28.72
CA CYS B 395 13.34 -33.48 27.76
C CYS B 395 13.33 -34.06 26.36
N ARG B 396 12.33 -33.70 25.58
CA ARG B 396 12.24 -34.08 24.18
C ARG B 396 12.36 -32.90 23.23
N THR B 397 12.30 -31.68 23.74
CA THR B 397 12.41 -30.48 22.93
C THR B 397 13.71 -29.79 23.28
N PHE B 398 14.57 -29.63 22.28
CA PHE B 398 15.72 -28.77 22.44
C PHE B 398 15.25 -27.32 22.39
N TRP B 399 15.43 -26.60 23.48
CA TRP B 399 14.95 -25.24 23.65
C TRP B 399 16.15 -24.32 23.54
N LEU B 400 16.17 -23.49 22.51
CA LEU B 400 17.34 -22.67 22.26
C LEU B 400 16.94 -21.40 21.53
N PRO B 401 16.13 -20.53 22.14
CA PRO B 401 15.56 -19.40 21.41
C PRO B 401 16.49 -18.21 21.25
N ASP B 402 17.72 -18.25 21.76
CA ASP B 402 18.55 -17.06 21.80
C ASP B 402 19.98 -17.31 21.32
N THR B 403 20.23 -18.43 20.65
CA THR B 403 21.58 -18.79 20.26
C THR B 403 21.90 -18.25 18.86
N PHE B 404 23.13 -17.75 18.69
CA PHE B 404 23.53 -17.06 17.46
C PHE B 404 24.03 -18.09 16.45
N GLY B 405 23.08 -18.72 15.77
CA GLY B 405 23.46 -19.66 14.75
C GLY B 405 23.41 -21.10 15.24
N TYR B 406 23.13 -22.01 14.32
CA TYR B 406 22.90 -23.41 14.65
C TYR B 406 23.70 -24.28 13.71
N SER B 407 24.61 -25.07 14.27
CA SER B 407 25.53 -25.84 13.46
C SER B 407 24.82 -27.04 12.84
N SER B 408 25.46 -27.60 11.82
CA SER B 408 24.80 -28.54 10.92
C SER B 408 24.54 -29.90 11.55
N GLN B 409 25.21 -30.25 12.64
CA GLN B 409 25.02 -31.55 13.25
C GLN B 409 24.14 -31.51 14.48
N ILE B 410 23.57 -30.35 14.82
CA ILE B 410 22.70 -30.25 15.99
C ILE B 410 21.52 -31.21 15.89
N PRO B 411 20.83 -31.37 14.76
CA PRO B 411 19.75 -32.37 14.73
C PRO B 411 20.20 -33.79 15.04
N GLN B 412 21.39 -34.18 14.59
CA GLN B 412 21.88 -35.52 14.90
C GLN B 412 22.19 -35.66 16.37
N ILE B 413 22.84 -34.66 16.97
CA ILE B 413 23.15 -34.73 18.39
C ILE B 413 21.87 -34.74 19.21
N CYS B 414 20.87 -33.98 18.77
CA CYS B 414 19.56 -33.99 19.42
C CYS B 414 18.94 -35.38 19.37
N ARG B 415 18.92 -36.00 18.20
CA ARG B 415 18.34 -37.33 18.09
C ARG B 415 19.11 -38.35 18.91
N LEU B 416 20.44 -38.22 18.96
CA LEU B 416 21.25 -39.11 19.78
C LEU B 416 20.98 -38.92 21.26
N CYS B 417 20.59 -37.73 21.67
CA CYS B 417 20.37 -37.44 23.09
C CYS B 417 18.89 -37.43 23.45
N GLY B 418 18.04 -37.99 22.61
CA GLY B 418 16.65 -38.22 22.95
C GLY B 418 15.68 -37.11 22.64
N MET B 419 16.08 -36.09 21.89
CA MET B 419 15.21 -34.96 21.58
C MET B 419 14.97 -34.89 20.09
N ASP B 420 13.71 -34.89 19.68
CA ASP B 420 13.34 -34.81 18.28
C ASP B 420 12.61 -33.53 17.95
N ARG B 421 12.54 -32.59 18.88
CA ARG B 421 11.89 -31.30 18.66
C ARG B 421 12.87 -30.18 18.93
N PHE B 422 12.73 -29.10 18.18
CA PHE B 422 13.61 -27.95 18.33
C PHE B 422 12.77 -26.70 18.32
N LEU B 423 12.99 -25.83 19.30
CA LEU B 423 12.33 -24.54 19.37
C LEU B 423 13.41 -23.47 19.37
N THR B 424 13.21 -22.45 18.54
CA THR B 424 14.14 -21.34 18.46
C THR B 424 13.46 -20.17 17.76
N GLN B 425 13.92 -18.97 18.07
CA GLN B 425 13.38 -17.80 17.41
C GLN B 425 14.45 -16.85 16.91
N LYS B 426 15.73 -17.14 17.16
CA LYS B 426 16.78 -16.17 16.89
C LYS B 426 16.92 -15.89 15.40
N LEU B 427 16.56 -16.84 14.54
CA LEU B 427 16.70 -16.64 13.11
C LEU B 427 15.81 -15.52 12.57
N SER B 428 14.86 -15.04 13.37
CA SER B 428 14.09 -13.87 12.98
C SER B 428 14.92 -12.60 12.93
N TRP B 429 16.12 -12.61 13.51
CA TRP B 429 17.02 -11.47 13.44
C TRP B 429 17.87 -11.45 12.19
N ASN B 430 17.68 -12.40 11.27
CA ASN B 430 18.35 -12.37 9.98
C ASN B 430 18.00 -11.09 9.24
N ASN B 431 18.97 -10.21 9.04
CA ASN B 431 18.73 -8.89 8.47
C ASN B 431 18.99 -8.85 6.97
N ILE B 432 19.07 -10.01 6.31
CA ILE B 432 19.17 -10.05 4.86
C ILE B 432 18.07 -10.94 4.29
N ASN B 433 18.03 -12.19 4.73
CA ASN B 433 17.07 -13.17 4.24
C ASN B 433 16.13 -13.59 5.35
N SER B 434 14.83 -13.46 5.12
CA SER B 434 13.86 -14.05 6.01
C SER B 434 13.89 -15.56 5.83
N PHE B 435 13.96 -16.28 6.95
CA PHE B 435 13.95 -17.74 6.87
C PHE B 435 12.63 -18.19 6.24
N PRO B 436 12.67 -19.14 5.31
CA PRO B 436 11.45 -19.46 4.54
C PRO B 436 10.28 -19.99 5.36
N THR B 437 10.53 -20.69 6.46
CA THR B 437 9.46 -21.44 7.12
C THR B 437 9.43 -21.15 8.61
N SER B 438 8.26 -21.38 9.20
CA SER B 438 8.08 -21.34 10.64
C SER B 438 8.13 -22.73 11.27
N THR B 439 7.59 -23.74 10.58
CA THR B 439 7.59 -25.11 11.04
C THR B 439 8.18 -25.97 9.94
N PHE B 440 9.23 -26.71 10.27
CA PHE B 440 9.94 -27.45 9.24
C PHE B 440 10.69 -28.61 9.85
N ASN B 441 11.24 -29.45 9.01
CA ASN B 441 12.14 -30.51 9.43
C ASN B 441 13.56 -30.04 9.22
N TRP B 442 14.33 -30.00 10.29
CA TRP B 442 15.73 -29.62 10.22
C TRP B 442 16.55 -30.89 10.19
N VAL B 443 17.33 -31.07 9.13
CA VAL B 443 18.04 -32.30 8.85
C VAL B 443 19.53 -32.05 9.00
N ALA B 444 20.20 -32.91 9.76
CA ALA B 444 21.61 -32.77 10.01
C ALA B 444 22.42 -33.22 8.80
N LEU B 445 23.75 -33.15 8.91
CA LEU B 445 24.62 -33.61 7.84
C LEU B 445 24.39 -35.09 7.54
N ASP B 446 24.19 -35.89 8.58
CA ASP B 446 24.02 -37.33 8.38
C ASP B 446 22.64 -37.71 7.89
N GLY B 447 21.66 -36.83 7.99
CA GLY B 447 20.29 -37.14 7.66
C GLY B 447 19.35 -37.20 8.84
N SER B 448 19.86 -37.13 10.06
CA SER B 448 19.00 -37.09 11.23
C SER B 448 18.20 -35.80 11.24
N GLN B 449 16.94 -35.91 11.63
CA GLN B 449 16.03 -34.77 11.54
C GLN B 449 15.35 -34.53 12.89
N VAL B 450 15.22 -33.27 13.24
CA VAL B 450 14.31 -32.84 14.28
C VAL B 450 13.23 -32.01 13.63
N ILE B 451 12.14 -31.82 14.34
CA ILE B 451 11.08 -30.94 13.88
C ILE B 451 11.25 -29.61 14.60
N CYS B 452 11.44 -28.54 13.84
CA CYS B 452 11.72 -27.23 14.38
C CYS B 452 10.54 -26.30 14.16
N HIS B 453 10.20 -25.54 15.19
CA HIS B 453 9.25 -24.47 15.10
C HIS B 453 9.89 -23.17 15.55
N MET B 454 9.66 -22.11 14.79
CA MET B 454 10.06 -20.77 15.20
C MET B 454 8.82 -19.96 15.49
N PRO B 455 8.58 -19.54 16.73
CA PRO B 455 7.34 -18.82 17.08
C PRO B 455 7.11 -17.65 16.16
N PRO B 456 5.99 -17.64 15.43
CA PRO B 456 5.81 -16.65 14.37
C PRO B 456 5.81 -15.21 14.84
N ALA B 457 5.27 -14.92 16.02
CA ALA B 457 5.51 -13.63 16.65
C ALA B 457 6.94 -13.65 17.16
N ASN B 458 7.83 -12.90 16.51
CA ASN B 458 9.24 -13.22 16.58
C ASN B 458 9.86 -12.86 17.93
N THR B 459 9.35 -13.45 19.00
CA THR B 459 9.86 -13.19 20.34
C THR B 459 9.68 -14.45 21.19
N TYR B 460 10.46 -14.50 22.26
CA TYR B 460 10.19 -15.39 23.38
C TYR B 460 9.82 -14.60 24.63
N THR B 461 9.64 -13.29 24.50
CA THR B 461 9.23 -12.39 25.57
C THR B 461 8.00 -11.60 25.14
N ALA B 462 7.00 -12.30 24.63
CA ALA B 462 5.78 -11.64 24.17
C ALA B 462 5.01 -11.07 25.35
N ASP B 463 3.93 -10.35 25.04
CA ASP B 463 3.18 -9.60 26.03
C ASP B 463 1.71 -9.98 26.11
N THR B 464 1.24 -10.90 25.27
CA THR B 464 -0.16 -11.34 25.22
C THR B 464 -1.12 -10.22 24.89
N ASN B 465 -0.65 -9.14 24.27
CA ASN B 465 -1.56 -8.19 23.64
C ASN B 465 -2.20 -8.86 22.41
N VAL B 466 -3.23 -8.20 21.87
CA VAL B 466 -3.89 -8.81 20.72
C VAL B 466 -2.95 -8.87 19.53
N ASN B 467 -1.97 -7.96 19.46
CA ASN B 467 -1.00 -8.03 18.36
C ASN B 467 -0.13 -9.26 18.49
N ASP B 468 0.30 -9.62 19.70
CA ASP B 468 1.12 -10.82 19.89
C ASP B 468 0.34 -12.08 19.53
N VAL B 469 -0.91 -12.17 20.00
CA VAL B 469 -1.75 -13.33 19.71
C VAL B 469 -2.02 -13.42 18.21
N LEU B 470 -2.30 -12.29 17.57
CA LEU B 470 -2.56 -12.29 16.14
C LEU B 470 -1.32 -12.70 15.36
N HIS B 471 -0.18 -12.11 15.68
CA HIS B 471 1.05 -12.41 14.96
C HIS B 471 1.52 -13.83 15.20
N SER B 472 1.14 -14.45 16.32
CA SER B 472 1.51 -15.83 16.54
C SER B 472 0.96 -16.76 15.48
N ILE B 473 -0.04 -16.34 14.73
CA ILE B 473 -0.55 -17.19 13.66
C ILE B 473 -0.43 -16.52 12.31
N ASP B 474 -0.49 -15.19 12.26
CA ASP B 474 -0.64 -14.56 10.95
C ASP B 474 0.68 -14.15 10.32
N GLN B 475 1.80 -14.20 11.04
CA GLN B 475 3.09 -14.11 10.39
C GLN B 475 3.85 -15.43 10.45
N HIS B 476 3.12 -16.53 10.65
CA HIS B 476 3.62 -17.86 10.35
C HIS B 476 3.99 -17.94 8.88
N LYS B 477 5.19 -18.45 8.60
CA LYS B 477 5.77 -18.31 7.27
C LYS B 477 5.39 -19.42 6.30
N ASN B 478 4.93 -20.56 6.77
CA ASN B 478 4.52 -21.66 5.91
C ASN B 478 3.17 -22.20 6.37
N LEU B 479 2.19 -21.31 6.48
CA LEU B 479 0.87 -21.65 6.97
C LEU B 479 0.19 -22.75 6.16
N VAL B 480 0.59 -22.96 4.91
CA VAL B 480 -0.01 -24.04 4.12
C VAL B 480 0.35 -25.41 4.67
N ASN B 481 1.45 -25.53 5.41
CA ASN B 481 1.85 -26.82 5.96
C ASN B 481 1.23 -27.06 7.32
N ASP B 482 1.17 -26.04 8.16
CA ASP B 482 0.53 -26.15 9.46
C ASP B 482 0.04 -24.79 9.88
N GLN B 483 -1.06 -24.77 10.62
CA GLN B 483 -1.64 -23.52 11.07
C GLN B 483 -1.64 -23.46 12.58
N ALA B 484 -0.52 -23.80 13.20
CA ALA B 484 -0.35 -23.74 14.64
C ALA B 484 0.88 -22.91 14.95
N GLY B 485 0.72 -21.92 15.81
CA GLY B 485 1.82 -21.09 16.24
C GLY B 485 1.99 -21.15 17.75
N LEU B 486 3.22 -21.09 18.19
CA LEU B 486 3.53 -21.07 19.62
C LEU B 486 3.72 -19.64 20.06
N LEU B 487 3.03 -19.25 21.12
CA LEU B 487 3.15 -17.92 21.71
C LEU B 487 3.92 -18.06 23.01
N VAL B 488 5.15 -17.59 23.02
CA VAL B 488 6.04 -17.68 24.17
C VAL B 488 6.03 -16.33 24.84
N PHE B 489 5.34 -16.22 25.98
CA PHE B 489 5.14 -14.93 26.61
C PHE B 489 5.81 -14.90 27.98
N GLY B 490 6.22 -13.71 28.36
CA GLY B 490 6.97 -13.49 29.58
C GLY B 490 7.85 -12.28 29.39
N ILE B 491 8.62 -11.99 30.43
CA ILE B 491 9.67 -10.98 30.36
C ILE B 491 10.99 -11.70 30.56
N GLY B 492 11.91 -11.52 29.63
CA GLY B 492 13.13 -12.33 29.60
C GLY B 492 14.33 -11.55 29.16
N ASP B 493 15.22 -12.21 28.43
CA ASP B 493 16.57 -11.71 28.15
C ASP B 493 17.34 -11.48 29.45
N GLY B 494 17.03 -12.25 30.47
CA GLY B 494 17.60 -12.08 31.78
C GLY B 494 16.64 -11.37 32.71
N GLY B 495 15.90 -12.13 33.53
CA GLY B 495 14.96 -11.51 34.44
C GLY B 495 13.85 -12.36 35.01
N GLY B 496 12.63 -11.85 34.97
CA GLY B 496 11.50 -12.52 35.59
C GLY B 496 10.32 -12.56 34.64
N GLY B 497 9.59 -13.68 34.68
CA GLY B 497 8.74 -14.06 33.58
C GLY B 497 7.44 -13.31 33.46
N PRO B 498 6.38 -14.01 33.08
CA PRO B 498 5.08 -13.35 32.88
C PRO B 498 4.49 -12.83 34.18
N THR B 499 3.68 -11.81 34.03
CA THR B 499 2.93 -11.18 35.10
C THR B 499 1.48 -11.65 35.07
N PRO B 500 0.76 -11.52 36.17
CA PRO B 500 -0.68 -11.87 36.15
C PRO B 500 -1.49 -11.05 35.17
N GLU B 501 -1.05 -9.83 34.87
CA GLU B 501 -1.72 -9.02 33.86
C GLU B 501 -1.72 -9.70 32.51
N MET B 502 -0.62 -10.36 32.16
CA MET B 502 -0.55 -11.07 30.89
C MET B 502 -1.51 -12.25 30.85
N LEU B 503 -1.71 -12.93 31.97
CA LEU B 503 -2.66 -14.02 32.01
C LEU B 503 -4.10 -13.50 31.90
N GLU B 504 -4.38 -12.35 32.52
CA GLU B 504 -5.70 -11.74 32.34
C GLU B 504 -5.94 -11.37 30.88
N LYS B 505 -4.93 -10.78 30.24
CA LYS B 505 -5.07 -10.43 28.84
C LYS B 505 -5.23 -11.65 27.96
N LEU B 506 -4.55 -12.76 28.30
CA LEU B 506 -4.72 -14.00 27.55
C LEU B 506 -6.13 -14.54 27.69
N ARG B 507 -6.68 -14.53 28.91
CA ARG B 507 -8.05 -14.96 29.10
C ARG B 507 -9.02 -14.12 28.29
N ARG B 508 -8.79 -12.81 28.25
CA ARG B 508 -9.69 -11.95 27.49
C ARG B 508 -9.52 -12.12 25.99
N CYS B 509 -8.31 -12.39 25.52
CA CYS B 509 -8.12 -12.70 24.10
C CYS B 509 -8.87 -13.96 23.73
N LYS B 510 -8.80 -14.98 24.58
CA LYS B 510 -9.56 -16.20 24.34
C LYS B 510 -11.06 -15.93 24.35
N GLY B 511 -11.53 -15.10 25.29
CA GLY B 511 -12.93 -14.76 25.32
C GLY B 511 -13.39 -14.02 24.06
N ILE B 512 -12.57 -13.10 23.57
CA ILE B 512 -12.87 -12.41 22.32
C ILE B 512 -12.97 -13.41 21.17
N ALA B 513 -12.01 -14.33 21.10
CA ALA B 513 -12.06 -15.35 20.05
C ALA B 513 -13.32 -16.19 20.16
N ASN B 514 -13.75 -16.48 21.38
CA ASN B 514 -14.96 -17.27 21.58
C ASN B 514 -16.20 -16.49 21.18
N THR B 515 -16.21 -15.18 21.40
CA THR B 515 -17.44 -14.40 21.29
C THR B 515 -17.62 -13.79 19.91
N VAL B 516 -16.67 -12.97 19.47
CA VAL B 516 -16.78 -12.31 18.18
C VAL B 516 -15.86 -12.92 17.13
N GLY B 517 -14.87 -13.70 17.53
CA GLY B 517 -14.18 -14.61 16.63
C GLY B 517 -13.34 -14.03 15.51
N TYR B 518 -12.57 -12.99 15.79
CA TYR B 518 -11.53 -12.59 14.84
C TYR B 518 -10.14 -12.99 15.30
N LEU B 519 -9.87 -12.87 16.60
CA LEU B 519 -8.62 -13.31 17.15
C LEU B 519 -8.50 -14.81 17.02
N PRO B 520 -7.28 -15.34 16.93
CA PRO B 520 -7.11 -16.78 16.85
C PRO B 520 -7.56 -17.47 18.12
N ASN B 521 -8.01 -18.70 17.96
CA ASN B 521 -8.29 -19.57 19.10
C ASN B 521 -6.99 -19.88 19.82
N VAL B 522 -6.81 -19.32 21.00
CA VAL B 522 -5.57 -19.47 21.76
C VAL B 522 -5.79 -20.47 22.88
N LYS B 523 -4.85 -21.38 23.05
CA LYS B 523 -4.89 -22.40 24.08
C LYS B 523 -3.77 -22.14 25.09
N LEU B 524 -4.09 -22.27 26.37
CA LEU B 524 -3.12 -22.00 27.41
C LEU B 524 -2.65 -23.22 28.18
N GLY B 525 -3.46 -24.27 28.28
CA GLY B 525 -3.09 -25.37 29.15
C GLY B 525 -2.29 -26.50 28.53
N ASN B 526 -1.60 -26.24 27.42
CA ASN B 526 -0.86 -27.27 26.71
C ASN B 526 0.63 -27.04 26.84
N THR B 527 1.39 -28.13 26.95
CA THR B 527 2.83 -28.03 27.00
C THR B 527 3.41 -27.85 25.60
N VAL B 528 4.69 -27.50 25.55
CA VAL B 528 5.38 -27.36 24.27
C VAL B 528 5.44 -28.70 23.55
N ASP B 529 5.63 -29.78 24.30
CA ASP B 529 5.65 -31.10 23.70
C ASP B 529 4.29 -31.50 23.15
N GLU B 530 3.20 -31.07 23.79
CA GLU B 530 1.88 -31.31 23.20
C GLU B 530 1.67 -30.49 21.94
N PHE B 531 2.24 -29.28 21.88
CA PHE B 531 2.20 -28.49 20.66
C PHE B 531 2.89 -29.21 19.51
N PHE B 532 4.08 -29.76 19.79
CA PHE B 532 4.77 -30.51 18.75
C PHE B 532 4.06 -31.81 18.42
N ASP B 533 3.41 -32.43 19.40
CA ASP B 533 2.59 -33.60 19.13
C ASP B 533 1.46 -33.28 18.18
N GLY B 534 0.81 -32.13 18.37
CA GLY B 534 -0.21 -31.70 17.44
C GLY B 534 0.32 -31.49 16.05
N ILE B 535 1.49 -30.84 15.94
CA ILE B 535 2.07 -30.63 14.62
C ILE B 535 2.37 -31.96 13.94
N LEU B 536 2.95 -32.91 14.69
CA LEU B 536 3.29 -34.21 14.10
C LEU B 536 2.05 -34.98 13.71
N LYS B 537 0.99 -34.88 14.51
CA LYS B 537 -0.25 -35.58 14.19
C LYS B 537 -0.89 -35.00 12.93
N ARG B 538 -0.87 -33.69 12.78
CA ARG B 538 -1.51 -33.07 11.63
C ARG B 538 -0.70 -33.23 10.35
N THR B 539 0.62 -33.36 10.44
CA THR B 539 1.47 -33.36 9.27
C THR B 539 1.96 -34.75 8.89
N ASN B 540 1.27 -35.81 9.33
CA ASN B 540 1.65 -37.19 9.04
C ASN B 540 3.07 -37.49 9.55
N ALA B 541 3.25 -37.28 10.85
CA ALA B 541 4.54 -37.42 11.50
C ALA B 541 5.60 -36.55 10.84
N GLY B 542 5.20 -35.34 10.45
CA GLY B 542 6.13 -34.37 9.89
C GLY B 542 6.53 -34.61 8.46
N GLN B 543 5.96 -35.61 7.78
CA GLN B 543 6.39 -35.94 6.44
C GLN B 543 6.09 -34.83 5.44
N THR B 544 5.02 -34.08 5.65
CA THR B 544 4.63 -33.04 4.72
C THR B 544 5.30 -31.70 5.00
N LEU B 545 6.08 -31.59 6.06
CA LEU B 545 6.74 -30.34 6.37
C LEU B 545 7.90 -30.09 5.41
N PRO B 546 8.21 -28.82 5.13
CA PRO B 546 9.41 -28.52 4.36
C PRO B 546 10.65 -28.91 5.13
N SER B 547 11.71 -29.20 4.39
CA SER B 547 12.98 -29.59 4.98
C SER B 547 13.98 -28.45 4.90
N TRP B 548 14.87 -28.39 5.87
CA TRP B 548 16.08 -27.61 5.79
C TRP B 548 17.25 -28.54 6.08
N ASN B 549 18.16 -28.66 5.12
CA ASN B 549 19.31 -29.54 5.26
C ASN B 549 20.53 -28.70 5.62
N GLY B 550 21.18 -29.06 6.72
CA GLY B 550 22.42 -28.45 7.07
C GLY B 550 22.28 -27.32 8.07
N GLU B 551 23.29 -26.48 8.08
CA GLU B 551 23.40 -25.44 9.09
C GLU B 551 22.33 -24.36 8.89
N LEU B 552 21.72 -23.96 9.99
CA LEU B 552 20.83 -22.80 10.01
C LEU B 552 21.68 -21.57 10.23
N TYR B 553 22.00 -20.85 9.16
CA TYR B 553 22.94 -19.75 9.26
C TYR B 553 22.25 -18.51 9.84
N PHE B 554 22.84 -17.96 10.89
CA PHE B 554 22.35 -16.74 11.51
C PHE B 554 23.06 -15.55 10.86
N GLU B 555 22.30 -14.76 10.11
CA GLU B 555 22.86 -13.63 9.37
C GLU B 555 22.97 -12.39 10.26
N PHE B 556 23.69 -12.57 11.36
CA PHE B 556 23.77 -11.59 12.43
C PHE B 556 24.78 -12.07 13.44
N HIS B 557 25.32 -11.14 14.21
CA HIS B 557 26.23 -11.45 15.31
C HIS B 557 27.42 -12.29 14.85
N ARG B 558 27.97 -11.95 13.67
CA ARG B 558 29.11 -12.71 13.16
C ARG B 558 30.39 -12.36 13.90
N GLY B 559 30.49 -11.14 14.42
CA GLY B 559 31.66 -10.76 15.20
C GLY B 559 31.85 -11.62 16.42
N THR B 560 30.82 -12.37 16.82
CA THR B 560 30.93 -13.29 17.93
C THR B 560 31.86 -14.47 17.64
N TYR B 561 32.29 -14.67 16.39
CA TYR B 561 33.25 -15.74 16.15
C TYR B 561 34.64 -15.36 16.63
N THR B 562 34.92 -14.08 16.80
CA THR B 562 36.28 -13.61 17.05
C THR B 562 36.44 -12.85 18.36
N THR B 563 35.42 -12.12 18.81
CA THR B 563 35.55 -11.30 20.00
C THR B 563 35.74 -12.18 21.23
N GLN B 564 36.43 -11.62 22.23
CA GLN B 564 36.89 -12.37 23.41
C GLN B 564 37.78 -13.54 22.97
N ALA B 565 38.91 -13.20 22.37
CA ALA B 565 39.81 -14.20 21.84
C ALA B 565 40.40 -15.07 22.94
N GLU B 566 40.67 -14.49 24.10
CA GLU B 566 41.26 -15.25 25.20
C GLU B 566 40.32 -16.36 25.65
N LEU B 567 39.04 -16.06 25.77
CA LEU B 567 38.07 -17.07 26.20
C LEU B 567 37.95 -18.18 25.17
N LYS B 568 38.01 -17.83 23.88
CA LYS B 568 37.86 -18.86 22.85
C LYS B 568 39.08 -19.76 22.78
N LYS B 569 40.27 -19.18 22.89
CA LYS B 569 41.48 -20.00 22.97
C LYS B 569 41.43 -20.91 24.19
N LEU B 570 40.99 -20.37 25.33
CA LEU B 570 40.88 -21.18 26.53
C LEU B 570 39.85 -22.28 26.37
N MET B 571 38.74 -21.99 25.71
CA MET B 571 37.72 -23.01 25.46
C MET B 571 38.29 -24.17 24.64
N ARG B 572 39.00 -23.87 23.56
CA ARG B 572 39.55 -24.96 22.78
C ARG B 572 40.59 -25.74 23.56
N LYS B 573 41.48 -25.05 24.26
CA LYS B 573 42.49 -25.74 25.05
C LYS B 573 41.85 -26.62 26.11
N VAL B 574 40.79 -26.13 26.75
CA VAL B 574 40.14 -26.87 27.82
C VAL B 574 39.41 -28.08 27.25
N GLU B 575 38.76 -27.94 26.10
CA GLU B 575 38.11 -29.10 25.51
C GLU B 575 39.12 -30.19 25.18
N ILE B 576 40.24 -29.81 24.58
CA ILE B 576 41.26 -30.81 24.25
C ILE B 576 41.85 -31.40 25.53
N ALA B 577 42.07 -30.58 26.55
CA ALA B 577 42.62 -31.07 27.81
C ALA B 577 41.66 -32.02 28.51
N LEU B 578 40.37 -31.72 28.48
CA LEU B 578 39.39 -32.61 29.08
C LEU B 578 39.33 -33.93 28.34
N HIS B 579 39.43 -33.89 27.01
CA HIS B 579 39.51 -35.13 26.24
C HIS B 579 40.71 -35.96 26.68
N ASP B 580 41.88 -35.32 26.77
CA ASP B 580 43.09 -36.03 27.16
C ASP B 580 42.98 -36.59 28.58
N ALA B 581 42.43 -35.80 29.51
CA ALA B 581 42.33 -36.23 30.89
C ALA B 581 41.36 -37.39 31.03
N GLU B 582 40.22 -37.34 30.36
CA GLU B 582 39.29 -38.46 30.42
C GLU B 582 39.89 -39.71 29.78
N TYR B 583 40.67 -39.54 28.71
CA TYR B 583 41.32 -40.68 28.08
C TYR B 583 42.30 -41.35 29.03
N VAL B 584 43.22 -40.57 29.62
CA VAL B 584 44.21 -41.18 30.50
C VAL B 584 43.57 -41.68 31.79
N SER B 585 42.49 -41.02 32.24
CA SER B 585 41.79 -41.50 33.42
C SER B 585 41.10 -42.83 33.16
N THR B 586 40.53 -42.99 31.97
CA THR B 586 39.96 -44.28 31.58
C THR B 586 41.04 -45.35 31.58
N LEU B 587 42.20 -45.03 30.99
CA LEU B 587 43.28 -46.00 30.94
C LEU B 587 43.77 -46.36 32.34
N ALA B 588 43.93 -45.37 33.21
CA ALA B 588 44.42 -45.62 34.55
C ALA B 588 43.43 -46.42 35.38
N SER B 589 42.13 -46.10 35.26
CA SER B 589 41.14 -46.87 35.99
C SER B 589 41.05 -48.29 35.47
N ILE B 590 41.29 -48.50 34.18
CA ILE B 590 41.24 -49.84 33.62
C ILE B 590 42.44 -50.67 34.09
N PHE B 591 43.64 -50.08 34.06
CA PHE B 591 44.86 -50.86 34.22
C PHE B 591 45.49 -50.75 35.60
N SER B 592 45.16 -49.72 36.37
CA SER B 592 45.68 -49.57 37.72
C SER B 592 44.62 -50.02 38.71
N LYS B 593 45.01 -50.90 39.64
CA LYS B 593 44.05 -51.42 40.60
C LYS B 593 43.69 -50.41 41.66
N ASP B 594 44.60 -49.48 41.97
CA ASP B 594 44.39 -48.51 43.05
C ASP B 594 44.05 -47.13 42.53
N TYR B 595 43.43 -47.04 41.35
CA TYR B 595 43.00 -45.76 40.81
C TYR B 595 41.51 -45.86 40.46
N SER B 596 40.74 -44.93 40.98
CA SER B 596 39.32 -44.83 40.68
C SER B 596 39.09 -43.71 39.69
N TYR B 597 38.21 -43.95 38.73
CA TYR B 597 37.88 -42.94 37.74
C TYR B 597 37.30 -41.73 38.45
N PRO B 598 37.85 -40.54 38.27
CA PRO B 598 37.41 -39.35 39.01
C PRO B 598 36.14 -38.75 38.43
N LYS B 599 35.01 -39.44 38.66
CA LYS B 599 33.73 -38.97 38.14
C LYS B 599 33.36 -37.62 38.72
N GLU B 600 33.64 -37.41 40.00
CA GLU B 600 33.23 -36.18 40.67
C GLU B 600 34.03 -34.99 40.16
N SER B 601 35.36 -35.13 40.11
CA SER B 601 36.19 -34.03 39.64
C SER B 601 35.92 -33.73 38.18
N LEU B 602 35.78 -34.76 37.35
CA LEU B 602 35.47 -34.55 35.94
C LEU B 602 34.12 -33.90 35.77
N GLN B 603 33.14 -34.29 36.58
CA GLN B 603 31.82 -33.68 36.50
C GLN B 603 31.89 -32.20 36.86
N ASP B 604 32.68 -31.84 37.88
CA ASP B 604 32.82 -30.44 38.23
C ASP B 604 33.49 -29.65 37.10
N LEU B 605 34.55 -30.21 36.52
CA LEU B 605 35.26 -29.53 35.45
C LEU B 605 34.36 -29.33 34.24
N TRP B 606 33.58 -30.36 33.89
CA TRP B 606 32.67 -30.24 32.77
C TRP B 606 31.54 -29.27 33.07
N ARG B 607 31.08 -29.20 34.32
CA ARG B 607 30.05 -28.22 34.65
C ARG B 607 30.55 -26.80 34.44
N ASP B 608 31.78 -26.51 34.90
CA ASP B 608 32.33 -25.18 34.66
C ASP B 608 32.53 -24.92 33.17
N THR B 609 33.07 -25.90 32.44
CA THR B 609 33.32 -25.72 31.02
C THR B 609 32.03 -25.45 30.26
N LEU B 610 30.98 -26.22 30.55
CA LEU B 610 29.72 -26.04 29.86
C LEU B 610 29.03 -24.76 30.29
N LEU B 611 29.27 -24.31 31.53
CA LEU B 611 28.75 -23.02 31.95
C LEU B 611 29.35 -21.90 31.12
N CYS B 612 30.65 -21.99 30.81
CA CYS B 612 31.25 -20.93 30.02
C CYS B 612 30.89 -20.99 28.54
N GLN B 613 30.22 -22.03 28.09
CA GLN B 613 29.73 -22.09 26.72
C GLN B 613 28.35 -21.48 26.57
N PHE B 614 27.89 -20.72 27.56
CA PHE B 614 26.60 -20.08 27.48
C PHE B 614 26.53 -19.15 26.27
N HIS B 615 25.35 -19.06 25.66
CA HIS B 615 25.19 -18.40 24.37
C HIS B 615 25.47 -16.91 24.42
N ASP B 616 25.84 -16.35 25.55
CA ASP B 616 26.32 -14.98 25.61
C ASP B 616 27.75 -14.86 26.11
N VAL B 617 28.22 -15.81 26.91
CA VAL B 617 29.57 -15.73 27.45
C VAL B 617 30.59 -16.13 26.39
N LEU B 618 30.47 -17.35 25.87
CA LEU B 618 31.42 -17.84 24.88
C LEU B 618 31.46 -16.99 23.61
N PRO B 619 30.34 -16.58 23.01
CA PRO B 619 30.43 -15.71 21.84
C PRO B 619 31.07 -14.36 22.12
N GLY B 620 31.17 -13.96 23.37
CA GLY B 620 31.97 -12.80 23.70
C GLY B 620 31.19 -11.50 23.77
N SER B 621 29.97 -11.56 24.28
CA SER B 621 29.07 -10.42 24.26
C SER B 621 28.55 -10.11 25.65
N CYS B 622 29.46 -10.08 26.63
CA CYS B 622 29.10 -9.80 28.00
C CYS B 622 29.90 -8.60 28.49
N ILE B 623 29.50 -8.09 29.65
CA ILE B 623 30.19 -7.00 30.31
C ILE B 623 31.51 -7.51 30.85
N GLU B 624 32.39 -6.59 31.26
CA GLU B 624 33.75 -6.98 31.64
C GLU B 624 33.77 -7.82 32.90
N MET B 625 32.85 -7.59 33.83
CA MET B 625 32.83 -8.39 35.06
C MET B 625 32.53 -9.85 34.78
N VAL B 626 31.71 -10.12 33.76
CA VAL B 626 31.44 -11.50 33.40
C VAL B 626 32.73 -12.22 33.02
N TYR B 627 33.58 -11.57 32.25
CA TYR B 627 34.83 -12.21 31.86
C TYR B 627 35.86 -12.20 32.98
N LYS B 628 35.84 -11.18 33.85
CA LYS B 628 36.63 -11.24 35.06
C LYS B 628 36.22 -12.40 35.94
N ASP B 629 35.03 -12.95 35.74
CA ASP B 629 34.67 -14.22 36.34
C ASP B 629 35.04 -15.42 35.47
N ALA B 630 34.77 -15.36 34.18
CA ALA B 630 34.83 -16.52 33.29
C ALA B 630 36.25 -16.93 32.96
N ILE B 631 37.12 -15.97 32.63
CA ILE B 631 38.50 -16.32 32.30
C ILE B 631 39.21 -17.00 33.46
N PRO B 632 39.13 -16.50 34.71
CA PRO B 632 39.75 -17.25 35.80
C PRO B 632 39.17 -18.64 36.02
N ILE B 633 37.86 -18.83 35.86
CA ILE B 633 37.36 -20.17 36.14
C ILE B 633 37.72 -21.10 34.99
N MET B 634 37.84 -20.58 33.77
CA MET B 634 38.34 -21.37 32.66
C MET B 634 39.80 -21.75 32.86
N SER B 635 40.61 -20.82 33.35
CA SER B 635 42.00 -21.14 33.67
C SER B 635 42.08 -22.17 34.79
N LYS B 636 41.20 -22.07 35.77
CA LYS B 636 41.16 -23.05 36.84
C LYS B 636 40.75 -24.42 36.32
N VAL B 637 39.81 -24.46 35.38
CA VAL B 637 39.43 -25.72 34.76
C VAL B 637 40.62 -26.33 34.04
N LEU B 638 41.36 -25.52 33.30
CA LEU B 638 42.54 -26.01 32.60
C LEU B 638 43.57 -26.56 33.57
N LYS B 639 43.83 -25.83 34.66
CA LYS B 639 44.81 -26.25 35.64
C LYS B 639 44.40 -27.54 36.35
N ASN B 640 43.14 -27.64 36.75
CA ASN B 640 42.69 -28.83 37.46
C ASN B 640 42.59 -30.02 36.53
N THR B 641 42.26 -29.80 35.26
CA THR B 641 42.29 -30.87 34.27
C THR B 641 43.70 -31.41 34.10
N GLU B 642 44.68 -30.51 34.04
CA GLU B 642 46.07 -30.96 33.94
C GLU B 642 46.47 -31.75 35.18
N ALA B 643 46.06 -31.31 36.36
CA ALA B 643 46.38 -32.06 37.58
C ALA B 643 45.76 -33.46 37.55
N LEU B 644 44.51 -33.56 37.13
CA LEU B 644 43.85 -34.85 37.01
C LEU B 644 44.57 -35.76 36.03
N LEU B 645 44.96 -35.21 34.89
CA LEU B 645 45.68 -35.98 33.89
C LEU B 645 47.00 -36.48 34.44
N TRP B 646 47.72 -35.65 35.19
CA TRP B 646 49.00 -36.09 35.73
C TRP B 646 48.82 -37.14 36.82
N GLN B 647 47.76 -37.06 37.60
CA GLN B 647 47.48 -38.15 38.54
C GLN B 647 47.26 -39.47 37.81
N ALA B 648 46.45 -39.43 36.76
CA ALA B 648 46.22 -40.65 35.98
C ALA B 648 47.52 -41.17 35.38
N ILE B 649 48.35 -40.27 34.84
CA ILE B 649 49.61 -40.68 34.22
C ILE B 649 50.53 -41.32 35.25
N GLU B 650 50.63 -40.71 36.43
CA GLU B 650 51.44 -41.29 37.49
C GLU B 650 50.95 -42.68 37.84
N GLN B 651 49.63 -42.88 37.86
CA GLN B 651 49.10 -44.22 38.07
C GLN B 651 49.48 -45.16 36.93
N LEU B 652 49.69 -44.62 35.74
CA LEU B 652 50.04 -45.46 34.59
C LEU B 652 51.53 -45.76 34.49
N GLY B 653 52.36 -45.18 35.36
CA GLY B 653 53.78 -45.49 35.39
C GLY B 653 54.70 -44.43 34.84
N PHE B 654 54.21 -43.23 34.56
CA PHE B 654 55.02 -42.15 34.02
C PHE B 654 54.94 -40.94 34.95
N LYS B 655 55.69 -39.90 34.59
CA LYS B 655 55.68 -38.67 35.36
C LYS B 655 56.07 -37.52 34.45
N LYS B 656 55.91 -36.30 34.94
CA LYS B 656 56.29 -35.14 34.16
C LYS B 656 57.81 -35.11 33.94
N ALA B 657 58.22 -34.42 32.89
CA ALA B 657 59.60 -34.47 32.43
C ALA B 657 60.57 -33.94 33.47
N SER B 658 60.19 -32.87 34.17
CA SER B 658 60.92 -32.30 35.30
C SER B 658 62.23 -31.63 34.91
N SER B 659 62.60 -31.69 33.63
CA SER B 659 63.73 -30.93 33.09
C SER B 659 65.05 -31.25 33.79
N SER B 660 65.18 -32.46 34.31
CA SER B 660 66.43 -32.93 34.88
C SER B 660 66.90 -34.25 34.28
N ASP B 661 65.96 -35.04 33.78
CA ASP B 661 66.31 -36.31 33.15
C ASP B 661 66.94 -36.04 31.79
N ASN B 662 67.79 -36.95 31.33
CA ASN B 662 68.46 -36.79 30.06
C ASN B 662 67.49 -37.04 28.90
N LYS B 663 67.83 -36.45 27.74
CA LYS B 663 66.90 -36.39 26.62
C LYS B 663 66.57 -37.77 26.06
N GLU B 664 67.52 -38.70 26.09
CA GLU B 664 67.32 -39.98 25.42
C GLU B 664 66.21 -40.83 26.04
N GLN B 665 65.75 -40.49 27.25
CA GLN B 665 64.66 -41.23 27.88
C GLN B 665 63.38 -40.41 27.98
N LEU B 666 63.32 -39.26 27.32
CA LEU B 666 62.10 -38.48 27.27
C LEU B 666 61.08 -39.15 26.36
N CYS B 667 59.82 -39.14 26.79
CA CYS B 667 58.71 -39.65 26.01
C CYS B 667 57.75 -38.51 25.73
N LEU B 668 56.79 -38.78 24.85
CA LEU B 668 55.77 -37.82 24.47
C LEU B 668 54.44 -38.52 24.46
N LEU B 669 53.46 -37.93 25.13
CA LEU B 669 52.11 -38.47 25.15
C LEU B 669 51.34 -37.98 23.93
N ASN B 670 50.68 -38.91 23.24
CA ASN B 670 49.99 -38.58 22.00
C ASN B 670 48.52 -38.25 22.21
N THR B 671 47.75 -39.22 22.71
CA THR B 671 46.30 -39.11 22.90
C THR B 671 45.53 -38.87 21.61
N LEU B 672 46.19 -38.88 20.49
CA LEU B 672 45.37 -38.91 19.29
C LEU B 672 45.15 -40.35 18.85
N PRO B 673 44.00 -40.68 18.27
CA PRO B 673 43.71 -42.08 17.98
C PRO B 673 44.35 -42.58 16.70
N TRP B 674 45.62 -42.23 16.47
CA TRP B 674 46.37 -42.72 15.33
C TRP B 674 47.84 -42.40 15.60
N ASN B 675 48.70 -42.97 14.79
CA ASN B 675 50.14 -42.77 14.94
C ASN B 675 50.52 -41.43 14.31
N VAL B 676 50.86 -40.46 15.16
CA VAL B 676 51.53 -39.25 14.68
C VAL B 676 53.01 -39.62 14.57
N ARG B 677 53.45 -39.99 13.36
CA ARG B 677 54.73 -40.67 13.23
C ARG B 677 55.87 -39.88 13.85
N GLY B 678 55.78 -38.56 13.86
CA GLY B 678 56.81 -37.75 14.45
C GLY B 678 56.32 -36.38 14.89
N VAL B 679 56.84 -35.90 16.00
CA VAL B 679 56.47 -34.61 16.56
C VAL B 679 57.76 -33.89 16.94
N ILE B 680 57.85 -32.62 16.57
CA ILE B 680 58.98 -31.79 16.97
C ILE B 680 58.51 -30.87 18.08
N THR B 681 59.13 -30.99 19.25
CA THR B 681 58.73 -30.18 20.40
C THR B 681 59.96 -29.57 21.06
N GLU B 682 59.75 -28.42 21.68
CA GLU B 682 60.79 -27.82 22.49
C GLU B 682 60.88 -28.53 23.83
N THR B 683 62.11 -28.71 24.31
CA THR B 683 62.36 -29.23 25.63
C THR B 683 62.90 -28.17 26.58
N GLU B 684 63.96 -27.50 26.19
CA GLU B 684 64.47 -26.33 26.91
C GLU B 684 63.84 -25.08 26.32
N GLU B 685 64.38 -23.91 26.65
CA GLU B 685 63.80 -22.67 26.14
C GLU B 685 63.89 -22.59 24.63
N ASN B 686 64.90 -23.22 24.03
CA ASN B 686 65.08 -23.15 22.58
C ASN B 686 65.52 -24.45 21.94
N LYS B 687 65.62 -25.54 22.68
CA LYS B 687 66.12 -26.79 22.15
C LYS B 687 64.96 -27.63 21.61
N LEU B 688 65.04 -27.98 20.33
CA LEU B 688 64.02 -28.77 19.67
C LEU B 688 64.44 -30.23 19.62
N VAL B 689 63.50 -31.11 19.92
CA VAL B 689 63.72 -32.54 19.91
C VAL B 689 62.64 -33.19 19.06
N TYR B 690 63.05 -34.16 18.27
CA TYR B 690 62.14 -34.93 17.42
C TYR B 690 61.80 -36.23 18.11
N PHE B 691 60.51 -36.47 18.33
CA PHE B 691 60.01 -37.69 18.93
C PHE B 691 59.33 -38.51 17.85
N GLU B 692 59.68 -39.79 17.75
CA GLU B 692 59.09 -40.66 16.76
C GLU B 692 58.50 -41.87 17.45
N SER B 693 57.58 -42.54 16.75
CA SER B 693 56.99 -43.77 17.21
C SER B 693 56.77 -44.67 16.00
N CYS B 694 57.39 -45.85 16.01
CA CYS B 694 57.28 -46.73 14.86
C CYS B 694 55.94 -47.46 14.83
N ASP B 695 55.60 -48.13 15.93
CA ASP B 695 54.37 -48.92 15.98
C ASP B 695 53.39 -48.39 17.01
N GLY B 696 53.79 -48.29 18.28
CA GLY B 696 52.87 -47.81 19.30
C GLY B 696 52.57 -46.33 19.10
N LYS B 697 51.30 -45.97 19.17
CA LYS B 697 50.91 -44.61 18.88
C LYS B 697 50.80 -43.74 20.12
N GLY B 698 50.55 -44.32 21.28
CA GLY B 698 50.32 -43.52 22.48
C GLY B 698 51.56 -42.78 22.95
N ILE B 699 52.72 -43.43 22.88
CA ILE B 699 53.95 -42.89 23.42
C ILE B 699 54.97 -42.76 22.30
N LEU B 700 55.59 -41.60 22.20
CA LEU B 700 56.65 -41.34 21.23
C LEU B 700 57.96 -41.18 21.96
N THR B 701 59.02 -41.75 21.41
CA THR B 701 60.32 -41.70 22.06
C THR B 701 61.24 -40.75 21.31
N ALA B 702 62.19 -40.15 22.03
CA ALA B 702 63.13 -39.23 21.42
C ALA B 702 63.98 -39.95 20.39
N ALA B 703 64.20 -39.28 19.26
CA ALA B 703 64.86 -39.90 18.12
C ALA B 703 66.37 -39.67 18.16
N HIS B 704 67.11 -40.69 17.75
CA HIS B 704 68.56 -40.59 17.60
C HIS B 704 68.95 -40.10 16.21
N THR B 705 68.39 -40.74 15.18
CA THR B 705 68.75 -40.41 13.81
C THR B 705 68.28 -39.00 13.45
N SER B 706 69.00 -38.39 12.51
CA SER B 706 68.58 -37.12 11.96
C SER B 706 67.39 -37.33 11.02
N LEU B 707 66.76 -36.23 10.64
CA LEU B 707 65.58 -36.30 9.78
C LEU B 707 65.96 -36.68 8.36
N LYS B 708 65.12 -37.52 7.74
CA LYS B 708 65.32 -37.86 6.35
C LYS B 708 65.12 -36.65 5.45
N HIS B 709 64.21 -35.76 5.82
CA HIS B 709 63.88 -34.57 5.04
C HIS B 709 63.96 -33.35 5.92
N PRO B 710 65.16 -32.84 6.17
CA PRO B 710 65.31 -31.68 7.04
C PRO B 710 64.80 -30.41 6.38
N ALA B 711 64.49 -29.42 7.22
CA ALA B 711 64.09 -28.11 6.77
C ALA B 711 65.29 -27.16 6.83
N ALA B 712 65.30 -26.17 5.95
CA ALA B 712 66.39 -25.22 5.90
C ALA B 712 65.84 -23.83 5.71
N ALA B 713 66.55 -22.84 6.25
CA ALA B 713 66.21 -21.43 6.05
C ALA B 713 67.45 -20.72 5.55
N TYR B 714 67.35 -20.13 4.36
CA TYR B 714 68.47 -19.39 3.84
C TYR B 714 67.97 -18.10 3.24
N GLN B 715 68.88 -17.31 2.67
CA GLN B 715 68.54 -16.04 2.10
C GLN B 715 68.85 -16.02 0.61
N LYS B 716 68.26 -15.05 -0.07
CA LYS B 716 68.33 -14.90 -1.52
C LYS B 716 68.45 -13.41 -1.80
N ASP B 717 68.08 -12.99 -2.99
CA ASP B 717 68.15 -11.56 -3.29
C ASP B 717 67.11 -10.85 -2.43
N ASP B 718 67.53 -10.49 -1.22
CA ASP B 718 66.72 -9.86 -0.17
C ASP B 718 65.44 -10.64 0.14
N ASN B 719 65.35 -11.90 -0.29
CA ASN B 719 64.23 -12.75 0.04
C ASN B 719 64.70 -13.89 0.94
N PHE B 720 63.80 -14.37 1.78
CA PHE B 720 64.10 -15.47 2.69
C PHE B 720 63.39 -16.72 2.20
N ILE B 721 64.10 -17.84 2.21
CA ILE B 721 63.57 -19.10 1.71
C ILE B 721 63.51 -20.08 2.87
N LEU B 722 62.32 -20.59 3.13
CA LEU B 722 62.11 -21.72 4.03
C LEU B 722 61.83 -22.93 3.16
N VAL B 723 62.73 -23.89 3.15
CA VAL B 723 62.64 -24.98 2.20
C VAL B 723 62.55 -26.30 2.94
N ASN B 724 61.86 -27.23 2.31
CA ASN B 724 61.55 -28.54 2.86
C ASN B 724 61.78 -29.55 1.75
N ASP B 725 61.44 -30.81 2.03
CA ASP B 725 61.30 -31.75 0.93
C ASP B 725 60.02 -31.49 0.15
N HIS B 726 59.01 -30.94 0.80
CA HIS B 726 57.69 -30.77 0.23
C HIS B 726 57.39 -29.36 -0.24
N LEU B 727 57.82 -28.34 0.50
CA LEU B 727 57.42 -26.97 0.23
C LEU B 727 58.64 -26.06 0.14
N ARG B 728 58.52 -25.03 -0.69
CA ARG B 728 59.46 -23.92 -0.71
C ARG B 728 58.67 -22.64 -0.49
N VAL B 729 58.99 -21.92 0.59
CA VAL B 729 58.31 -20.70 0.97
C VAL B 729 59.25 -19.55 0.72
N THR B 730 58.86 -18.65 -0.18
CA THR B 730 59.62 -17.44 -0.49
C THR B 730 58.94 -16.27 0.18
N ILE B 731 59.64 -15.66 1.13
CA ILE B 731 59.13 -14.59 1.98
C ILE B 731 59.86 -13.31 1.62
N ALA B 732 59.10 -12.27 1.30
CA ALA B 732 59.66 -10.97 1.03
C ALA B 732 60.23 -10.37 2.31
N PRO B 733 61.16 -9.43 2.20
CA PRO B 733 61.62 -8.72 3.41
C PRO B 733 60.50 -7.99 4.08
N ASN B 734 59.43 -7.69 3.34
CA ASN B 734 58.19 -7.16 3.89
C ASN B 734 57.54 -8.12 4.86
N GLY B 735 57.80 -9.42 4.73
CA GLY B 735 57.13 -10.43 5.50
C GLY B 735 56.05 -11.18 4.73
N LEU B 736 55.60 -10.64 3.61
CA LEU B 736 54.64 -11.32 2.78
C LEU B 736 55.26 -12.56 2.16
N ILE B 737 54.48 -13.63 2.09
CA ILE B 737 54.92 -14.84 1.42
C ILE B 737 54.77 -14.61 -0.08
N LEU B 738 55.89 -14.40 -0.76
CA LEU B 738 55.85 -14.15 -2.19
C LEU B 738 55.49 -15.41 -2.95
N SER B 739 55.97 -16.56 -2.51
CA SER B 739 55.73 -17.78 -3.25
C SER B 739 55.57 -18.95 -2.29
N LEU B 740 54.67 -19.86 -2.63
CA LEU B 740 54.49 -21.10 -1.91
C LEU B 740 54.50 -22.20 -2.96
N PHE B 741 55.64 -22.86 -3.13
CA PHE B 741 55.83 -23.81 -4.21
C PHE B 741 55.80 -25.22 -3.66
N ASP B 742 54.95 -26.06 -4.26
CA ASP B 742 54.88 -27.46 -3.91
C ASP B 742 56.01 -28.07 -4.73
N LEU B 743 56.89 -28.84 -4.10
CA LEU B 743 58.05 -29.40 -4.79
C LEU B 743 57.76 -30.74 -5.44
N HIS B 744 56.88 -31.54 -4.85
CA HIS B 744 56.53 -32.82 -5.47
C HIS B 744 55.69 -32.60 -6.72
N LYS B 745 54.54 -31.96 -6.57
CA LYS B 745 53.78 -31.44 -7.70
C LYS B 745 54.35 -30.07 -7.99
N GLU B 746 55.16 -29.96 -9.03
CA GLU B 746 55.93 -28.73 -9.21
C GLU B 746 55.02 -27.58 -9.59
N ARG B 747 54.21 -27.10 -8.65
CA ARG B 747 53.20 -26.10 -8.93
C ARG B 747 53.20 -25.00 -7.88
N GLU B 748 53.00 -23.77 -8.34
CA GLU B 748 52.83 -22.65 -7.45
C GLU B 748 51.44 -22.70 -6.83
N ILE B 749 51.36 -22.31 -5.56
CA ILE B 749 50.12 -22.41 -4.79
C ILE B 749 49.42 -21.08 -4.61
N LEU B 750 50.07 -19.95 -4.88
CA LEU B 750 49.56 -18.67 -4.38
C LEU B 750 48.63 -17.94 -5.33
N ASP B 751 49.00 -17.75 -6.60
CA ASP B 751 48.20 -16.94 -7.53
C ASP B 751 48.06 -15.49 -7.03
N LEU B 752 49.18 -14.79 -7.07
CA LEU B 752 49.18 -13.36 -6.81
C LEU B 752 48.80 -12.54 -8.04
N LYS B 753 48.53 -13.18 -9.18
CA LYS B 753 48.29 -12.46 -10.43
C LYS B 753 46.84 -12.04 -10.59
N SER B 754 45.90 -12.85 -10.13
CA SER B 754 44.48 -12.50 -10.17
C SER B 754 44.02 -12.13 -8.76
N GLY B 755 42.83 -11.57 -8.69
CA GLY B 755 42.27 -11.12 -7.44
C GLY B 755 42.82 -9.78 -7.02
N LYS B 756 42.25 -9.26 -5.93
CA LYS B 756 42.67 -7.96 -5.41
C LYS B 756 44.05 -8.03 -4.78
N ASN B 757 44.42 -9.16 -4.19
CA ASN B 757 45.70 -9.30 -3.52
C ASN B 757 46.78 -9.62 -4.53
N HIS B 758 47.72 -8.70 -4.72
CA HIS B 758 48.87 -8.93 -5.59
C HIS B 758 50.19 -8.99 -4.83
N ALA B 759 50.20 -8.66 -3.55
CA ALA B 759 51.42 -8.60 -2.76
C ALA B 759 51.37 -9.67 -1.68
N GLY B 760 51.76 -10.89 -2.06
CA GLY B 760 52.02 -11.95 -1.11
C GLY B 760 50.84 -12.52 -0.34
N ALA B 761 51.03 -13.74 0.15
CA ALA B 761 50.11 -14.37 1.07
C ALA B 761 50.52 -14.06 2.50
N ASN B 762 49.73 -14.55 3.46
CA ASN B 762 49.91 -14.21 4.86
C ASN B 762 49.93 -12.70 5.03
N GLN B 763 49.01 -12.03 4.36
CA GLN B 763 48.95 -10.58 4.40
C GLN B 763 48.05 -10.14 5.54
N TYR B 764 48.60 -9.37 6.46
CA TYR B 764 47.83 -8.88 7.60
C TYR B 764 47.14 -7.58 7.20
N VAL B 765 45.83 -7.53 7.43
CA VAL B 765 45.02 -6.39 7.07
C VAL B 765 44.21 -5.96 8.28
N LEU B 766 44.15 -4.66 8.50
CA LEU B 766 43.43 -4.07 9.62
C LEU B 766 42.21 -3.36 9.05
N PHE B 767 41.04 -3.96 9.19
CA PHE B 767 39.79 -3.40 8.70
C PHE B 767 39.16 -2.51 9.76
N GLU B 768 38.52 -1.44 9.34
CA GLU B 768 37.73 -0.63 10.25
C GLU B 768 36.42 -1.35 10.52
N ASP B 769 36.16 -1.67 11.79
CA ASP B 769 35.05 -2.56 12.10
C ASP B 769 33.71 -1.82 12.13
N THR B 770 33.53 -0.93 13.10
CA THR B 770 32.36 -0.08 13.31
C THR B 770 31.04 -0.73 12.87
N PRO B 771 30.58 -1.78 13.53
CA PRO B 771 29.28 -2.37 13.16
C PRO B 771 28.14 -1.42 13.44
N LEU B 772 26.95 -1.81 12.98
CA LEU B 772 25.80 -0.91 13.02
C LEU B 772 25.32 -0.67 14.43
N SER B 773 24.99 -1.73 15.17
CA SER B 773 24.43 -1.56 16.49
C SER B 773 25.24 -2.20 17.60
N TRP B 774 25.53 -3.50 17.51
CA TRP B 774 26.06 -4.27 18.62
C TRP B 774 27.55 -4.51 18.39
N GLN B 775 28.38 -3.77 19.11
CA GLN B 775 29.80 -3.75 18.76
C GLN B 775 30.47 -5.09 19.03
N ALA B 776 30.21 -5.72 20.17
CA ALA B 776 30.83 -6.99 20.46
C ALA B 776 30.21 -8.13 19.65
N TRP B 777 28.94 -7.99 19.28
CA TRP B 777 28.28 -9.07 18.55
C TRP B 777 28.61 -9.05 17.08
N ASP B 778 28.60 -7.89 16.45
CA ASP B 778 28.38 -7.79 15.01
C ASP B 778 29.64 -7.34 14.26
N THR B 779 29.78 -7.87 13.05
CA THR B 779 30.62 -7.30 12.02
C THR B 779 29.78 -7.19 10.76
N GLU B 780 29.93 -6.08 10.04
CA GLU B 780 29.12 -5.82 8.87
C GLU B 780 29.88 -6.13 7.59
N VAL B 781 29.13 -6.36 6.53
CA VAL B 781 29.73 -6.69 5.24
C VAL B 781 30.49 -5.49 4.68
N PHE B 782 30.11 -4.27 5.06
CA PHE B 782 30.83 -3.11 4.57
C PHE B 782 32.14 -2.87 5.31
N SER B 783 32.44 -3.67 6.33
CA SER B 783 33.71 -3.52 7.05
C SER B 783 34.91 -3.83 6.18
N LEU B 784 34.74 -4.59 5.10
CA LEU B 784 35.85 -4.92 4.23
C LEU B 784 36.19 -3.80 3.25
N GLU B 785 35.37 -2.75 3.19
CA GLU B 785 35.58 -1.68 2.23
C GLU B 785 36.60 -0.65 2.68
N LYS B 786 36.95 -0.64 3.96
CA LYS B 786 37.87 0.34 4.52
C LYS B 786 38.90 -0.39 5.37
N TYR B 787 40.16 -0.32 4.98
CA TYR B 787 41.18 -1.16 5.59
C TYR B 787 42.54 -0.54 5.39
N GLU B 788 43.51 -1.04 6.15
CA GLU B 788 44.92 -0.72 5.98
C GLU B 788 45.72 -2.01 5.94
N VAL B 789 46.48 -2.20 4.87
CA VAL B 789 47.35 -3.37 4.77
C VAL B 789 48.61 -3.11 5.58
N LEU B 790 48.95 -4.07 6.45
CA LEU B 790 50.13 -3.95 7.30
C LEU B 790 51.32 -4.54 6.55
N ASP B 791 52.07 -3.68 5.87
CA ASP B 791 53.18 -4.12 5.04
C ASP B 791 54.44 -3.33 5.35
N LYS B 792 54.70 -3.07 6.63
CA LYS B 792 55.91 -2.39 7.06
C LYS B 792 56.80 -3.29 7.91
N GLY B 793 56.64 -4.60 7.81
CA GLY B 793 57.39 -5.49 8.66
C GLY B 793 58.81 -5.72 8.20
N LYS B 794 59.62 -6.24 9.10
CA LYS B 794 61.00 -6.63 8.83
C LYS B 794 61.18 -8.10 9.17
N VAL B 795 61.92 -8.81 8.32
CA VAL B 795 62.11 -10.25 8.46
C VAL B 795 63.53 -10.53 8.92
N SER B 796 63.65 -11.46 9.87
CA SER B 796 64.93 -11.99 10.29
C SER B 796 64.81 -13.51 10.38
N ILE B 797 65.92 -14.20 10.17
CA ILE B 797 65.95 -15.66 10.26
C ILE B 797 66.04 -16.03 11.73
N LYS B 798 64.98 -16.62 12.28
CA LYS B 798 65.04 -17.08 13.66
C LYS B 798 65.85 -18.36 13.79
N GLU B 799 65.67 -19.30 12.87
CA GLU B 799 66.42 -20.55 12.94
C GLU B 799 66.44 -21.18 11.56
N SER B 800 67.46 -21.99 11.31
CA SER B 800 67.63 -22.65 10.03
C SER B 800 67.94 -24.13 10.20
N GLY B 801 67.83 -24.66 11.41
CA GLY B 801 68.29 -25.99 11.72
C GLY B 801 67.49 -27.05 11.03
N PRO B 802 67.94 -28.29 11.10
CA PRO B 802 67.26 -29.36 10.37
C PRO B 802 65.85 -29.63 10.85
N LEU B 803 65.58 -29.47 12.14
CA LEU B 803 64.26 -29.82 12.66
C LEU B 803 63.22 -28.79 12.27
N ARG B 804 63.56 -27.51 12.37
CA ARG B 804 62.60 -26.46 12.08
C ARG B 804 63.33 -25.23 11.58
N ALA B 805 63.02 -24.81 10.37
CA ALA B 805 63.47 -23.53 9.84
C ALA B 805 62.37 -22.51 10.03
N SER B 806 62.78 -21.27 10.29
CA SER B 806 61.80 -20.27 10.72
C SER B 806 62.39 -18.88 10.59
N VAL B 807 61.58 -17.96 10.07
CA VAL B 807 61.89 -16.54 10.04
C VAL B 807 60.95 -15.83 10.99
N VAL B 808 61.31 -14.60 11.35
CA VAL B 808 60.50 -13.76 12.23
C VAL B 808 60.19 -12.47 11.50
N VAL B 809 58.90 -12.11 11.48
CA VAL B 809 58.47 -10.85 10.92
C VAL B 809 58.03 -9.94 12.06
N ASP B 810 58.58 -8.75 12.09
CA ASP B 810 58.25 -7.74 13.10
C ASP B 810 57.37 -6.70 12.44
N ILE B 811 56.07 -6.79 12.64
CA ILE B 811 55.08 -5.99 11.92
C ILE B 811 54.54 -4.92 12.87
N PRO B 812 54.70 -3.64 12.56
CA PRO B 812 54.04 -2.59 13.33
C PRO B 812 52.59 -2.42 12.90
N ILE B 813 51.66 -2.81 13.77
CA ILE B 813 50.25 -2.62 13.45
C ILE B 813 49.91 -1.14 13.47
N SER B 814 50.31 -0.44 14.52
CA SER B 814 50.13 1.00 14.64
C SER B 814 50.96 1.45 15.83
N GLU B 815 50.77 2.69 16.25
CA GLU B 815 51.18 3.07 17.59
C GLU B 815 50.33 2.31 18.59
N LEU B 816 50.95 1.87 19.68
CA LEU B 816 50.31 1.13 20.76
C LEU B 816 49.97 -0.32 20.41
N SER B 817 50.11 -0.70 19.14
CA SER B 817 49.77 -2.04 18.69
C SER B 817 50.88 -2.59 17.83
N HIS B 818 51.40 -3.74 18.20
CA HIS B 818 52.55 -4.33 17.53
C HIS B 818 52.31 -5.82 17.38
N MET B 819 53.01 -6.44 16.44
CA MET B 819 52.89 -7.88 16.31
C MET B 819 54.17 -8.47 15.75
N LYS B 820 54.47 -9.67 16.20
CA LYS B 820 55.64 -10.43 15.79
C LYS B 820 55.17 -11.75 15.23
N ALA B 821 55.35 -11.95 13.94
CA ALA B 821 54.88 -13.15 13.25
C ALA B 821 56.08 -14.04 12.96
N THR B 822 55.99 -15.30 13.39
CA THR B 822 56.99 -16.31 13.13
C THR B 822 56.45 -17.27 12.09
N ILE B 823 57.19 -17.46 11.02
CA ILE B 823 56.82 -18.37 9.93
C ILE B 823 57.82 -19.50 9.95
N SER B 824 57.34 -20.73 10.09
CA SER B 824 58.22 -21.88 10.29
C SER B 824 57.84 -23.03 9.36
N LEU B 825 58.86 -23.77 8.95
CA LEU B 825 58.72 -25.04 8.26
C LEU B 825 59.48 -26.09 9.06
N GLU B 826 58.89 -27.26 9.22
CA GLU B 826 59.51 -28.34 9.95
C GLU B 826 59.98 -29.41 9.00
N GLY B 827 61.13 -30.01 9.30
CA GLY B 827 61.53 -31.21 8.62
C GLY B 827 60.74 -32.40 9.11
N TYR B 828 60.88 -33.51 8.40
CA TYR B 828 60.11 -34.69 8.75
C TYR B 828 60.81 -35.92 8.21
N ASN B 829 60.37 -37.07 8.69
CA ASN B 829 60.73 -38.37 8.11
C ASN B 829 59.65 -38.89 7.18
N ASP B 830 58.38 -38.71 7.55
CA ASP B 830 57.25 -39.13 6.75
C ASP B 830 56.34 -37.94 6.52
N CYS B 831 55.70 -37.90 5.35
CA CYS B 831 54.87 -36.76 4.99
C CYS B 831 53.63 -36.64 5.87
N SER B 832 53.27 -37.70 6.60
CA SER B 832 52.08 -37.68 7.43
C SER B 832 52.26 -36.88 8.71
N GLU B 833 53.47 -36.53 9.09
CA GLU B 833 53.71 -35.70 10.26
C GLU B 833 53.84 -34.22 9.91
N PHE B 834 53.64 -33.87 8.64
CA PHE B 834 53.70 -32.49 8.20
C PHE B 834 52.39 -31.76 8.48
N THR B 835 52.49 -30.54 9.01
CA THR B 835 51.32 -29.69 9.21
C THR B 835 51.35 -28.45 8.34
N GLY B 836 52.26 -28.37 7.39
CA GLY B 836 52.34 -27.22 6.51
C GLY B 836 53.22 -26.12 7.06
N VAL B 837 53.04 -24.93 6.50
CA VAL B 837 53.74 -23.74 6.94
C VAL B 837 53.05 -23.23 8.20
N ASN B 838 53.79 -23.15 9.29
CA ASN B 838 53.23 -22.73 10.57
C ASN B 838 53.45 -21.25 10.79
N PHE B 839 52.50 -20.60 11.45
CA PHE B 839 52.53 -19.19 11.75
C PHE B 839 52.17 -19.01 13.21
N THR B 840 53.01 -18.31 13.93
CA THR B 840 52.75 -17.94 15.32
C THR B 840 52.84 -16.42 15.43
N CYS B 841 51.72 -15.78 15.72
CA CYS B 841 51.65 -14.33 15.83
C CYS B 841 51.51 -13.97 17.29
N GLU B 842 52.43 -13.15 17.78
CA GLU B 842 52.33 -12.56 19.11
C GLU B 842 51.91 -11.11 18.91
N VAL B 843 50.71 -10.77 19.33
CA VAL B 843 50.12 -9.47 19.06
C VAL B 843 49.94 -8.74 20.38
N ASP B 844 50.54 -7.57 20.50
CA ASP B 844 50.13 -6.56 21.48
C ASP B 844 49.04 -5.75 20.81
N TRP B 845 47.81 -5.97 21.26
CA TRP B 845 46.59 -5.53 20.59
C TRP B 845 45.96 -4.43 21.43
N HIS B 846 45.95 -3.21 20.90
CA HIS B 846 45.39 -2.07 21.60
C HIS B 846 44.62 -1.17 20.66
N GLU B 847 44.07 -1.75 19.59
CA GLU B 847 43.33 -0.98 18.62
C GLU B 847 41.92 -0.68 19.12
N SER B 848 41.23 0.17 18.37
CA SER B 848 39.86 0.53 18.68
C SER B 848 39.01 0.37 17.43
N CYS B 849 37.99 -0.47 17.50
CA CYS B 849 37.09 -0.72 16.39
C CYS B 849 37.85 -1.15 15.13
N LYS B 850 38.87 -1.99 15.33
CA LYS B 850 39.65 -2.55 14.25
C LYS B 850 39.49 -4.06 14.23
N PHE B 851 39.67 -4.65 13.06
CA PHE B 851 39.56 -6.09 12.84
C PHE B 851 40.80 -6.53 12.10
N LEU B 852 41.72 -7.18 12.81
CA LEU B 852 42.90 -7.73 12.20
C LEU B 852 42.59 -9.10 11.62
N LYS B 853 42.88 -9.27 10.33
CA LYS B 853 42.71 -10.54 9.62
C LYS B 853 43.97 -10.83 8.83
N VAL B 854 44.11 -12.08 8.38
CA VAL B 854 45.23 -12.48 7.55
C VAL B 854 44.69 -13.19 6.31
N GLU B 855 45.23 -12.84 5.16
CA GLU B 855 44.73 -13.31 3.87
C GLU B 855 45.76 -14.17 3.17
N PHE B 856 45.25 -15.19 2.47
CA PHE B 856 46.06 -16.07 1.60
C PHE B 856 45.33 -16.24 0.28
N PRO B 857 45.78 -15.60 -0.79
CA PRO B 857 45.29 -15.97 -2.12
C PRO B 857 45.94 -17.29 -2.55
N VAL B 858 45.14 -18.22 -3.05
CA VAL B 858 45.59 -19.61 -3.02
C VAL B 858 45.47 -20.41 -4.31
N ASP B 859 45.21 -19.78 -5.45
CA ASP B 859 45.26 -20.47 -6.75
C ASP B 859 44.37 -21.71 -6.78
N ILE B 860 43.25 -21.66 -6.08
CA ILE B 860 42.27 -22.73 -6.09
C ILE B 860 41.00 -22.16 -6.68
N HIS B 861 40.35 -22.92 -7.54
CA HIS B 861 39.09 -22.51 -8.14
C HIS B 861 38.03 -23.51 -7.76
N SER B 862 37.09 -23.10 -6.92
CA SER B 862 36.01 -23.96 -6.48
C SER B 862 34.82 -23.10 -6.09
N GLU B 863 33.63 -23.67 -6.25
CA GLU B 863 32.41 -22.95 -5.90
C GLU B 863 32.07 -23.06 -4.43
N PHE B 864 32.74 -23.93 -3.69
CA PHE B 864 32.50 -24.08 -2.26
C PHE B 864 33.82 -24.25 -1.55
N ALA B 865 33.80 -23.96 -0.26
CA ALA B 865 34.89 -24.25 0.64
C ALA B 865 34.37 -25.15 1.76
N SER B 866 35.26 -25.99 2.26
CA SER B 866 34.93 -26.95 3.31
C SER B 866 35.42 -26.42 4.64
N TYR B 867 34.52 -26.31 5.61
CA TYR B 867 34.86 -25.84 6.94
C TYR B 867 34.58 -26.95 7.92
N GLU B 868 35.56 -27.29 8.73
CA GLU B 868 35.31 -28.29 9.76
C GLU B 868 34.42 -27.69 10.83
N THR B 869 33.31 -28.36 11.10
CA THR B 869 32.40 -28.02 12.16
C THR B 869 32.23 -29.25 13.03
N GLN B 870 31.45 -29.11 14.10
CA GLN B 870 31.27 -30.19 15.05
C GLN B 870 30.86 -31.47 14.33
N PHE B 871 31.73 -32.48 14.42
CA PHE B 871 31.44 -33.80 13.89
C PHE B 871 31.21 -33.79 12.38
N GLY B 872 31.94 -32.96 11.65
CA GLY B 872 31.87 -33.10 10.22
C GLY B 872 32.29 -31.84 9.50
N ILE B 873 31.81 -31.71 8.26
CA ILE B 873 32.18 -30.65 7.35
C ILE B 873 30.93 -29.90 6.93
N THR B 874 30.99 -28.57 6.98
CA THR B 874 29.98 -27.73 6.37
C THR B 874 30.57 -27.09 5.12
N LYS B 875 29.83 -27.14 4.03
CA LYS B 875 30.28 -26.55 2.78
C LYS B 875 29.63 -25.19 2.62
N ARG B 876 30.43 -24.16 2.43
CA ARG B 876 29.87 -22.85 2.23
C ARG B 876 30.23 -22.33 0.84
N PRO B 877 29.39 -21.50 0.24
CA PRO B 877 29.70 -20.96 -1.08
C PRO B 877 30.85 -19.97 -1.01
N THR B 878 31.48 -19.77 -2.17
CA THR B 878 32.56 -18.80 -2.30
C THR B 878 32.24 -17.69 -3.29
N HIS B 879 30.96 -17.45 -3.60
CA HIS B 879 30.65 -16.68 -4.81
C HIS B 879 29.71 -15.49 -4.66
N TYR B 880 29.01 -15.31 -3.54
CA TYR B 880 28.12 -14.15 -3.34
C TYR B 880 27.00 -14.05 -4.38
N ASN B 881 26.51 -15.18 -4.90
CA ASN B 881 25.54 -15.11 -5.99
C ASN B 881 24.23 -14.48 -5.53
N THR B 882 23.59 -15.06 -4.54
CA THR B 882 22.32 -14.58 -4.03
C THR B 882 22.53 -13.92 -2.67
N SER B 883 21.44 -13.41 -2.10
CA SER B 883 21.52 -12.78 -0.80
C SER B 883 21.82 -13.80 0.29
N TRP B 884 21.49 -15.07 0.08
CA TRP B 884 21.91 -16.11 1.01
C TRP B 884 23.41 -16.23 1.06
N ASP B 885 24.06 -16.16 -0.10
CA ASP B 885 25.51 -16.22 -0.15
C ASP B 885 26.16 -14.91 0.27
N VAL B 886 25.48 -13.78 0.01
CA VAL B 886 26.00 -12.49 0.46
C VAL B 886 26.03 -12.44 1.98
N ALA B 887 25.04 -13.06 2.63
CA ALA B 887 24.99 -13.07 4.09
C ALA B 887 26.15 -13.83 4.70
N LYS B 888 26.73 -14.77 3.97
CA LYS B 888 27.81 -15.59 4.52
C LYS B 888 29.18 -15.01 4.19
N PHE B 889 29.41 -13.74 4.48
CA PHE B 889 30.72 -13.15 4.20
C PHE B 889 31.76 -13.54 5.25
N GLU B 890 31.34 -13.88 6.47
CA GLU B 890 32.21 -14.52 7.44
C GLU B 890 31.47 -15.69 8.05
N VAL B 891 32.17 -16.82 8.20
CA VAL B 891 31.55 -18.06 8.64
C VAL B 891 32.36 -18.64 9.78
N CYS B 892 31.76 -19.57 10.50
CA CYS B 892 32.36 -20.22 11.64
C CYS B 892 32.89 -21.59 11.25
N HIS B 893 34.09 -21.90 11.72
CA HIS B 893 34.69 -23.20 11.50
C HIS B 893 35.42 -23.61 12.77
N GLN B 894 35.62 -24.91 12.94
CA GLN B 894 36.23 -25.36 14.18
C GLN B 894 37.76 -25.29 14.14
N LYS B 895 38.39 -26.14 13.34
CA LYS B 895 39.84 -26.24 13.39
C LYS B 895 40.53 -26.16 12.04
N PHE B 896 39.81 -26.30 10.94
CA PHE B 896 40.40 -26.05 9.64
C PHE B 896 39.34 -25.55 8.69
N ALA B 897 39.79 -24.77 7.72
CA ALA B 897 39.00 -24.39 6.56
C ALA B 897 39.73 -24.88 5.33
N ASP B 898 39.06 -25.65 4.50
CA ASP B 898 39.70 -26.19 3.31
C ASP B 898 39.10 -25.59 2.05
N TYR B 899 39.98 -25.24 1.12
CA TYR B 899 39.58 -24.74 -0.20
C TYR B 899 40.27 -25.63 -1.22
N SER B 900 39.51 -26.51 -1.86
CA SER B 900 40.06 -27.51 -2.76
C SER B 900 39.32 -27.50 -4.09
N ASP B 901 40.06 -27.69 -5.16
CA ASP B 901 39.51 -28.05 -6.45
C ASP B 901 39.76 -29.55 -6.68
N PHE B 902 39.54 -29.99 -7.91
CA PHE B 902 39.65 -31.41 -8.22
C PHE B 902 41.06 -31.96 -7.98
N THR B 903 42.09 -31.17 -8.23
CA THR B 903 43.45 -31.68 -8.19
C THR B 903 44.28 -31.19 -7.02
N TYR B 904 43.90 -30.10 -6.37
CA TYR B 904 44.73 -29.53 -5.33
C TYR B 904 43.85 -28.80 -4.33
N GLY B 905 44.39 -28.56 -3.16
CA GLY B 905 43.67 -27.83 -2.15
C GLY B 905 44.60 -27.24 -1.12
N VAL B 906 44.08 -26.26 -0.39
CA VAL B 906 44.80 -25.60 0.69
C VAL B 906 43.90 -25.58 1.91
N SER B 907 44.40 -26.09 3.02
CA SER B 907 43.72 -26.00 4.29
C SER B 907 44.40 -24.94 5.15
N VAL B 908 43.61 -24.18 5.87
CA VAL B 908 44.13 -23.31 6.91
C VAL B 908 43.69 -23.92 8.22
N LEU B 909 44.65 -24.43 8.98
CA LEU B 909 44.43 -24.96 10.31
C LEU B 909 44.65 -23.85 11.31
N ASN B 910 44.00 -23.97 12.46
CA ASN B 910 44.19 -22.99 13.52
C ASN B 910 44.00 -23.69 14.85
N ASP B 911 44.49 -23.07 15.91
CA ASP B 911 44.28 -23.61 17.23
C ASP B 911 43.44 -22.73 18.14
N CYS B 912 43.07 -21.53 17.73
CA CYS B 912 42.25 -20.68 18.58
C CYS B 912 41.21 -19.83 17.84
N LYS B 913 41.08 -19.95 16.54
CA LYS B 913 40.28 -19.02 15.76
C LYS B 913 39.05 -19.71 15.19
N TYR B 914 37.97 -18.96 15.04
CA TYR B 914 36.71 -19.53 14.59
C TYR B 914 36.09 -18.79 13.41
N GLY B 915 36.60 -17.64 13.02
CA GLY B 915 36.04 -16.89 11.92
C GLY B 915 36.90 -17.04 10.67
N PHE B 916 36.24 -17.41 9.58
CA PHE B 916 36.92 -17.60 8.31
C PHE B 916 36.07 -17.04 7.19
N SER B 917 36.71 -16.78 6.06
CA SER B 917 36.01 -16.34 4.86
C SER B 917 36.79 -16.79 3.65
N THR B 918 36.19 -17.63 2.81
CA THR B 918 36.79 -18.01 1.54
C THR B 918 35.87 -17.52 0.43
N HIS B 919 36.36 -16.59 -0.37
CA HIS B 919 35.56 -16.06 -1.47
C HIS B 919 36.48 -15.76 -2.63
N GLY B 920 36.41 -16.57 -3.67
CA GLY B 920 37.16 -16.33 -4.89
C GLY B 920 38.65 -16.32 -4.68
N ASN B 921 39.25 -17.48 -4.44
CA ASN B 921 40.70 -17.66 -4.37
C ASN B 921 41.35 -16.94 -3.18
N LEU B 922 40.58 -16.23 -2.37
CA LEU B 922 41.12 -15.53 -1.21
C LEU B 922 40.59 -16.18 0.06
N MET B 923 41.48 -16.80 0.81
CA MET B 923 41.17 -17.35 2.13
C MET B 923 41.60 -16.35 3.19
N ARG B 924 40.70 -16.03 4.10
CA ARG B 924 40.96 -15.00 5.11
C ARG B 924 40.56 -15.52 6.48
N LEU B 925 41.51 -15.51 7.40
CA LEU B 925 41.27 -15.94 8.77
C LEU B 925 41.10 -14.71 9.65
N SER B 926 40.01 -14.65 10.40
CA SER B 926 39.75 -13.53 11.29
C SER B 926 40.58 -13.72 12.56
N LEU B 927 41.41 -12.74 12.88
CA LEU B 927 42.34 -12.86 13.99
C LEU B 927 41.87 -12.13 15.23
N LEU B 928 41.65 -10.82 15.15
CA LEU B 928 41.38 -10.06 16.36
C LEU B 928 40.38 -8.95 16.10
N ARG B 929 39.49 -8.73 17.06
CA ARG B 929 38.60 -7.59 17.03
C ARG B 929 38.88 -6.72 18.24
N SER B 930 38.42 -5.47 18.17
CA SER B 930 38.54 -4.53 19.28
C SER B 930 37.22 -3.80 19.49
N PRO B 931 36.18 -4.50 19.94
CA PRO B 931 34.92 -3.84 20.25
C PRO B 931 34.98 -3.14 21.59
N LYS B 932 34.05 -2.20 21.78
CA LYS B 932 34.05 -1.37 22.97
C LYS B 932 32.73 -1.35 23.74
N GLN B 933 31.64 -1.82 23.17
CA GLN B 933 30.37 -1.40 23.73
C GLN B 933 29.98 -2.14 25.01
N PRO B 934 29.95 -3.47 25.06
CA PRO B 934 29.65 -4.11 26.35
C PRO B 934 30.89 -4.15 27.23
N ASP B 935 32.05 -4.35 26.62
CA ASP B 935 33.32 -4.40 27.31
C ASP B 935 34.26 -3.40 26.64
N ALA B 936 34.73 -2.41 27.39
CA ALA B 936 35.56 -1.36 26.82
C ALA B 936 37.00 -1.79 26.63
N HIS B 937 37.41 -2.93 27.17
CA HIS B 937 38.75 -3.47 27.01
C HIS B 937 38.68 -4.93 26.59
N ALA B 938 37.86 -5.20 25.57
CA ALA B 938 37.49 -6.57 25.23
C ALA B 938 38.71 -7.44 24.99
N ASP B 939 39.50 -7.13 23.96
CA ASP B 939 40.61 -7.98 23.57
C ASP B 939 41.96 -7.28 23.74
N MET B 940 42.01 -6.22 24.54
CA MET B 940 43.24 -5.47 24.69
C MET B 940 44.25 -6.27 25.48
N GLY B 941 45.49 -6.34 24.98
CA GLY B 941 46.51 -7.09 25.66
C GLY B 941 47.32 -7.96 24.72
N LYS B 942 47.88 -9.05 25.23
CA LYS B 942 48.75 -9.90 24.44
C LYS B 942 48.00 -11.14 23.98
N HIS B 943 48.23 -11.52 22.73
CA HIS B 943 47.56 -12.65 22.12
C HIS B 943 48.57 -13.50 21.38
N THR B 944 48.47 -14.81 21.55
CA THR B 944 49.25 -15.78 20.79
C THR B 944 48.30 -16.51 19.86
N ILE B 945 48.54 -16.39 18.56
CA ILE B 945 47.68 -16.96 17.54
C ILE B 945 48.50 -17.92 16.71
N ARG B 946 48.10 -19.17 16.65
CA ARG B 946 48.78 -20.16 15.84
C ARG B 946 47.85 -20.59 14.71
N TYR B 947 48.40 -20.63 13.51
CA TYR B 947 47.65 -21.17 12.37
C TYR B 947 48.63 -21.70 11.35
N ALA B 948 48.17 -22.62 10.52
CA ALA B 948 49.03 -23.28 9.56
C ALA B 948 48.38 -23.26 8.20
N VAL B 949 49.19 -23.12 7.15
CA VAL B 949 48.75 -23.29 5.78
C VAL B 949 49.25 -24.63 5.30
N TYR B 950 48.33 -25.53 4.99
CA TYR B 950 48.59 -26.93 4.70
C TYR B 950 48.12 -27.20 3.28
N PRO B 951 49.01 -27.13 2.30
CA PRO B 951 48.61 -27.48 0.94
C PRO B 951 48.71 -28.97 0.71
N HIS B 952 47.77 -29.49 -0.07
CA HIS B 952 47.67 -30.92 -0.32
C HIS B 952 47.25 -31.13 -1.77
N SER B 953 47.64 -32.27 -2.32
CA SER B 953 47.56 -32.49 -3.76
C SER B 953 46.31 -33.23 -4.19
N LYS B 954 45.23 -33.11 -3.45
CA LYS B 954 43.97 -33.77 -3.81
C LYS B 954 42.84 -32.92 -3.24
N PRO B 955 41.57 -33.31 -3.44
CA PRO B 955 40.51 -32.71 -2.63
C PRO B 955 40.72 -33.04 -1.15
N LEU B 956 39.95 -32.35 -0.31
CA LEU B 956 40.06 -32.53 1.12
C LEU B 956 39.86 -33.98 1.51
N ASP B 957 40.78 -34.51 2.31
CA ASP B 957 40.72 -35.89 2.78
C ASP B 957 41.22 -35.94 4.22
N SER B 958 41.42 -37.16 4.72
CA SER B 958 41.72 -37.35 6.13
C SER B 958 43.06 -36.78 6.55
N SER B 959 43.96 -36.53 5.60
CA SER B 959 45.24 -35.96 5.97
C SER B 959 45.09 -34.57 6.56
N THR B 960 44.20 -33.75 6.01
CA THR B 960 43.92 -32.44 6.59
C THR B 960 43.29 -32.57 7.96
N VAL B 961 42.37 -33.51 8.13
CA VAL B 961 41.71 -33.68 9.43
C VAL B 961 42.73 -34.06 10.48
N ARG B 962 43.60 -35.01 10.16
CA ARG B 962 44.62 -35.44 11.11
C ARG B 962 45.62 -34.32 11.36
N ALA B 963 45.96 -33.55 10.34
CA ALA B 963 46.88 -32.44 10.53
C ALA B 963 46.29 -31.38 11.44
N ALA B 964 44.98 -31.11 11.31
CA ALA B 964 44.34 -30.15 12.20
C ALA B 964 44.29 -30.65 13.63
N HIS B 965 43.97 -31.93 13.82
CA HIS B 965 43.98 -32.49 15.17
C HIS B 965 45.36 -32.44 15.78
N LYS B 966 46.39 -32.75 14.99
CA LYS B 966 47.76 -32.71 15.49
C LYS B 966 48.18 -31.28 15.80
N PHE B 967 47.81 -30.33 14.94
CA PHE B 967 48.10 -28.93 15.17
C PHE B 967 47.47 -28.45 16.45
N ASN B 968 46.32 -28.98 16.83
CA ASN B 968 45.64 -28.56 18.04
C ASN B 968 46.03 -29.39 19.26
N SER B 969 46.87 -30.39 19.11
CA SER B 969 47.17 -31.29 20.22
C SER B 969 48.20 -30.68 21.15
N ASN B 970 48.11 -31.07 22.41
CA ASN B 970 49.10 -30.74 23.42
C ASN B 970 49.88 -32.01 23.70
N PHE B 971 51.05 -32.12 23.09
CA PHE B 971 51.91 -33.28 23.31
C PHE B 971 52.75 -33.04 24.56
N ARG B 972 52.59 -33.91 25.55
CA ARG B 972 53.15 -33.70 26.87
C ARG B 972 54.42 -34.52 27.04
N LEU B 973 55.47 -33.88 27.55
CA LEU B 973 56.72 -34.57 27.81
C LEU B 973 56.61 -35.44 29.05
N LEU B 974 56.99 -36.70 28.91
CA LEU B 974 56.86 -37.71 29.95
C LEU B 974 58.22 -38.32 30.25
N THR B 975 58.31 -38.95 31.41
CA THR B 975 59.46 -39.75 31.79
C THR B 975 58.95 -41.01 32.45
N ARG B 976 59.49 -42.16 32.05
CA ARG B 976 59.13 -43.40 32.73
C ARG B 976 59.48 -43.30 34.20
N ALA B 977 58.50 -43.55 35.06
CA ALA B 977 58.78 -43.56 36.50
C ALA B 977 59.64 -44.75 36.88
N SER B 978 59.53 -45.86 36.14
CA SER B 978 60.34 -47.04 36.36
C SER B 978 60.55 -47.72 35.01
N ASP B 979 61.00 -48.97 35.05
CA ASP B 979 61.02 -49.83 33.89
C ASP B 979 60.26 -51.13 34.13
N THR B 980 59.62 -51.27 35.29
CA THR B 980 58.82 -52.45 35.59
C THR B 980 57.32 -52.19 35.44
N ALA B 981 56.89 -50.93 35.45
CA ALA B 981 55.52 -50.56 35.16
C ALA B 981 55.44 -49.53 34.04
N ASN B 982 56.44 -49.50 33.17
CA ASN B 982 56.49 -48.56 32.05
C ASN B 982 55.86 -49.13 30.79
N LEU B 983 54.89 -50.03 30.93
CA LEU B 983 54.25 -50.63 29.77
C LEU B 983 53.43 -49.57 29.04
N ASP B 984 53.42 -49.65 27.71
CA ASP B 984 52.63 -48.74 26.88
C ASP B 984 51.27 -49.39 26.61
N ILE B 985 50.33 -49.12 27.51
CA ILE B 985 48.94 -49.55 27.39
C ILE B 985 48.14 -48.50 26.66
N PHE B 986 48.81 -47.47 26.15
CA PHE B 986 48.11 -46.37 25.52
C PHE B 986 47.53 -46.74 24.17
N ASP B 987 47.70 -47.99 23.73
CA ASP B 987 47.07 -48.50 22.52
C ASP B 987 45.98 -49.51 22.84
N ALA B 988 45.37 -49.41 24.03
CA ALA B 988 44.33 -50.36 24.40
C ALA B 988 43.11 -50.22 23.52
N PHE B 989 42.74 -49.00 23.15
CA PHE B 989 41.59 -48.76 22.30
C PHE B 989 42.06 -48.11 21.01
N GLN B 990 41.88 -48.81 19.90
CA GLN B 990 42.31 -48.32 18.60
C GLN B 990 41.15 -48.40 17.63
N LEU B 991 41.22 -47.58 16.59
CA LEU B 991 40.29 -47.63 15.47
C LEU B 991 41.10 -47.87 14.21
N VAL B 992 40.82 -48.98 13.54
CA VAL B 992 41.60 -49.41 12.38
C VAL B 992 40.67 -49.47 11.18
N GLY B 993 41.04 -48.79 10.13
CA GLY B 993 40.19 -48.79 8.95
C GLY B 993 40.33 -47.48 8.20
N GLU B 994 39.23 -47.07 7.58
CA GLU B 994 39.25 -45.87 6.77
C GLU B 994 39.62 -44.68 7.63
N PRO B 995 40.64 -43.90 7.25
CA PRO B 995 41.15 -42.85 8.14
C PRO B 995 40.19 -41.69 8.33
N ASN B 996 39.10 -41.61 7.57
CA ASN B 996 38.12 -40.57 7.81
C ASN B 996 37.24 -40.86 9.01
N VAL B 997 37.34 -42.06 9.58
CA VAL B 997 36.61 -42.40 10.81
C VAL B 997 37.50 -42.07 11.99
N ILE B 998 37.02 -41.21 12.88
CA ILE B 998 37.79 -40.66 13.98
C ILE B 998 37.24 -41.21 15.27
N LEU B 999 38.12 -41.82 16.07
CA LEU B 999 37.82 -42.15 17.47
C LEU B 999 38.03 -40.88 18.27
N SER B 1000 37.00 -40.06 18.36
CA SER B 1000 37.16 -38.71 18.88
C SER B 1000 37.25 -38.66 20.39
N HIS B 1001 36.62 -39.57 21.11
CA HIS B 1001 36.58 -39.48 22.55
C HIS B 1001 36.52 -40.86 23.19
N ILE B 1002 37.28 -41.02 24.27
CA ILE B 1002 37.27 -42.22 25.08
C ILE B 1002 36.97 -41.80 26.51
N LYS B 1003 36.03 -42.50 27.13
CA LYS B 1003 35.44 -42.04 28.39
C LYS B 1003 34.92 -43.24 29.14
N MET B 1004 34.68 -43.07 30.43
CA MET B 1004 33.98 -44.05 31.22
C MET B 1004 32.52 -43.64 31.35
N ALA B 1005 31.63 -44.61 31.29
CA ALA B 1005 30.20 -44.34 31.36
C ALA B 1005 29.85 -43.72 32.70
N GLU B 1006 28.81 -42.87 32.69
CA GLU B 1006 28.34 -42.26 33.92
C GLU B 1006 27.81 -43.31 34.90
N LYS B 1007 27.08 -44.30 34.41
CA LYS B 1007 26.41 -45.24 35.29
C LYS B 1007 27.35 -46.31 35.82
N GLY B 1008 27.90 -47.12 34.92
CA GLY B 1008 28.67 -48.27 35.35
C GLY B 1008 30.16 -48.10 35.18
N LYS B 1009 30.84 -49.22 34.90
CA LYS B 1009 32.28 -49.23 34.66
C LYS B 1009 32.61 -49.57 33.22
N SER B 1010 31.72 -49.25 32.30
CA SER B 1010 31.96 -49.49 30.89
C SER B 1010 32.66 -48.29 30.26
N ILE B 1011 33.34 -48.55 29.16
CA ILE B 1011 34.10 -47.53 28.45
C ILE B 1011 33.25 -47.02 27.30
N ILE B 1012 33.17 -45.70 27.17
CA ILE B 1012 32.40 -45.07 26.11
C ILE B 1012 33.37 -44.56 25.05
N LEU B 1013 33.21 -45.02 23.83
CA LEU B 1013 34.01 -44.58 22.69
C LEU B 1013 33.12 -43.80 21.75
N ARG B 1014 33.44 -42.52 21.54
CA ARG B 1014 32.76 -41.73 20.55
C ARG B 1014 33.51 -41.83 19.24
N VAL B 1015 32.81 -42.19 18.19
CA VAL B 1015 33.39 -42.36 16.86
C VAL B 1015 32.57 -41.51 15.91
N TYR B 1016 33.21 -40.90 14.93
CA TYR B 1016 32.41 -40.21 13.94
C TYR B 1016 33.08 -40.23 12.59
N GLU B 1017 32.24 -40.14 11.56
CA GLU B 1017 32.68 -40.07 10.18
C GLU B 1017 32.99 -38.60 10.04
N SER B 1018 34.17 -38.25 9.57
CA SER B 1018 34.58 -36.85 9.54
C SER B 1018 34.41 -36.19 8.19
N LEU B 1019 34.38 -36.96 7.10
CA LEU B 1019 34.46 -36.34 5.78
C LEU B 1019 33.24 -36.58 4.89
N GLY B 1020 32.31 -37.43 5.29
CA GLY B 1020 31.04 -37.50 4.60
C GLY B 1020 30.82 -38.66 3.67
N GLY B 1021 31.27 -39.85 4.03
CA GLY B 1021 30.97 -41.05 3.25
C GLY B 1021 30.78 -42.21 4.18
N LYS B 1022 29.91 -43.13 3.79
CA LYS B 1022 29.74 -44.36 4.54
C LYS B 1022 31.06 -45.12 4.60
N SER B 1023 31.51 -45.43 5.80
CA SER B 1023 32.85 -45.93 6.01
C SER B 1023 32.82 -47.12 6.96
N ARG B 1024 33.83 -47.96 6.84
CA ARG B 1024 33.96 -49.16 7.65
C ARG B 1024 35.24 -49.09 8.46
N ALA B 1025 35.14 -49.51 9.72
CA ALA B 1025 36.31 -49.54 10.58
C ALA B 1025 36.15 -50.71 11.54
N ARG B 1026 37.16 -50.90 12.38
CA ARG B 1026 37.11 -51.89 13.44
C ARG B 1026 37.67 -51.26 14.70
N LEU B 1027 36.95 -51.42 15.80
CA LEU B 1027 37.49 -51.09 17.11
C LEU B 1027 38.35 -52.26 17.57
N VAL B 1028 39.62 -51.98 17.84
CA VAL B 1028 40.55 -52.99 18.33
C VAL B 1028 40.79 -52.72 19.80
N ILE B 1029 40.44 -53.66 20.65
CA ILE B 1029 40.63 -53.56 22.09
C ILE B 1029 41.66 -54.60 22.46
N LYS B 1030 42.85 -54.16 22.86
CA LYS B 1030 44.00 -55.07 22.88
C LYS B 1030 44.24 -55.73 24.24
N SER B 1031 44.59 -54.95 25.25
CA SER B 1031 45.04 -55.57 26.50
C SER B 1031 43.90 -55.73 27.50
N LEU B 1032 42.79 -56.31 27.05
CA LEU B 1032 41.58 -56.29 27.86
C LEU B 1032 40.74 -57.52 27.55
N THR B 1033 39.94 -57.93 28.52
CA THR B 1033 38.94 -58.96 28.34
C THR B 1033 37.61 -58.27 28.15
N VAL B 1034 37.04 -58.39 26.96
CA VAL B 1034 35.84 -57.65 26.59
C VAL B 1034 34.65 -58.58 26.77
N ALA B 1035 33.78 -58.24 27.73
CA ALA B 1035 32.55 -58.99 27.91
C ALA B 1035 31.61 -58.76 26.73
N SER B 1036 31.41 -57.49 26.37
CA SER B 1036 30.54 -57.19 25.24
C SER B 1036 30.83 -55.79 24.72
N VAL B 1037 30.38 -55.53 23.51
CA VAL B 1037 30.41 -54.20 22.92
C VAL B 1037 29.03 -53.93 22.35
N THR B 1038 28.45 -52.80 22.74
CA THR B 1038 27.14 -52.41 22.23
C THR B 1038 27.24 -51.04 21.58
N LYS B 1039 26.36 -50.79 20.62
CA LYS B 1039 26.15 -49.46 20.11
C LYS B 1039 25.09 -48.78 20.97
N CYS B 1040 25.41 -47.59 21.47
CA CYS B 1040 24.54 -46.82 22.36
C CYS B 1040 24.39 -45.40 21.80
N ASN B 1041 23.65 -44.58 22.50
CA ASN B 1041 23.36 -43.22 22.08
C ASN B 1041 24.15 -42.23 22.93
N GLY B 1042 23.88 -40.94 22.72
CA GLY B 1042 24.63 -39.91 23.42
C GLY B 1042 24.46 -39.95 24.92
N LEU B 1043 23.34 -40.47 25.40
CA LEU B 1043 23.11 -40.64 26.83
C LEU B 1043 23.63 -41.97 27.34
N GLU B 1044 24.35 -42.72 26.50
CA GLU B 1044 24.97 -43.99 26.87
C GLU B 1044 23.93 -45.04 27.23
N GLU B 1045 22.83 -45.07 26.49
CA GLU B 1045 21.83 -46.10 26.61
C GLU B 1045 21.95 -47.05 25.44
N ASP B 1046 22.01 -48.35 25.72
CA ASP B 1046 22.28 -49.34 24.69
C ASP B 1046 21.22 -49.30 23.60
N LEU B 1047 21.67 -49.28 22.35
CA LEU B 1047 20.79 -49.37 21.20
C LEU B 1047 20.80 -50.75 20.58
N GLU B 1048 21.96 -51.35 20.42
CA GLU B 1048 22.04 -52.69 19.86
C GLU B 1048 23.33 -53.35 20.31
N GLU B 1049 23.39 -54.66 20.16
CA GLU B 1049 24.56 -55.45 20.51
C GLU B 1049 25.38 -55.73 19.27
N LEU B 1050 26.69 -55.55 19.39
CA LEU B 1050 27.60 -55.72 18.26
C LEU B 1050 28.36 -57.03 18.38
N CYS B 1051 28.73 -57.59 17.24
CA CYS B 1051 29.49 -58.82 17.19
C CYS B 1051 30.98 -58.49 17.35
N THR B 1052 31.56 -58.95 18.45
CA THR B 1052 32.98 -58.72 18.72
C THR B 1052 33.74 -60.01 18.43
N LEU B 1053 34.75 -59.92 17.57
CA LEU B 1053 35.56 -61.07 17.23
C LEU B 1053 36.54 -61.38 18.36
N LYS B 1054 37.40 -62.35 18.15
CA LYS B 1054 38.43 -62.69 19.13
C LYS B 1054 39.67 -63.13 18.35
N SER B 1055 40.61 -62.21 18.20
CA SER B 1055 41.84 -62.47 17.47
C SER B 1055 42.90 -63.00 18.44
N ASN B 1056 44.16 -62.99 18.03
CA ASN B 1056 45.23 -63.54 18.86
C ASN B 1056 45.21 -62.94 20.26
N ASP B 1057 45.16 -61.61 20.36
CA ASP B 1057 45.14 -60.97 21.66
C ASP B 1057 44.18 -59.79 21.75
N TYR B 1058 43.42 -59.48 20.71
CA TYR B 1058 42.49 -58.35 20.76
C TYR B 1058 41.10 -58.79 20.38
N TYR B 1059 40.19 -57.84 20.16
CA TYR B 1059 38.79 -58.21 19.99
C TYR B 1059 38.14 -57.76 18.69
N GLU B 1060 38.48 -56.60 18.15
CA GLU B 1060 38.17 -56.29 16.75
C GLU B 1060 36.66 -56.34 16.47
N VAL B 1061 35.94 -55.38 17.02
CA VAL B 1061 34.53 -55.18 16.69
C VAL B 1061 34.43 -54.43 15.37
N PRO B 1062 33.89 -55.02 14.31
CA PRO B 1062 33.70 -54.27 13.07
C PRO B 1062 32.49 -53.36 13.13
N ILE B 1063 32.66 -52.14 12.65
CA ILE B 1063 31.63 -51.12 12.70
C ILE B 1063 31.51 -50.46 11.33
N GLU B 1064 30.31 -49.97 11.04
CA GLU B 1064 30.03 -49.24 9.82
C GLU B 1064 29.30 -47.95 10.18
N LEU B 1065 29.79 -46.84 9.66
CA LEU B 1065 29.21 -45.52 9.91
C LEU B 1065 28.63 -44.97 8.62
N ARG B 1066 27.51 -44.26 8.74
CA ARG B 1066 26.93 -43.55 7.62
C ARG B 1066 27.76 -42.31 7.34
N ALA B 1067 27.26 -41.46 6.44
CA ALA B 1067 28.09 -40.41 5.84
C ALA B 1067 28.70 -39.49 6.91
N PHE B 1068 27.90 -38.97 7.82
CA PHE B 1068 28.40 -38.07 8.83
C PHE B 1068 27.95 -38.51 10.21
N GLU B 1069 27.90 -39.82 10.42
CA GLU B 1069 27.29 -40.37 11.61
C GLU B 1069 28.17 -40.18 12.83
N ILE B 1070 27.55 -39.86 13.95
CA ILE B 1070 28.18 -39.89 15.26
C ILE B 1070 27.71 -41.16 15.94
N ALA B 1071 28.62 -42.08 16.19
CA ALA B 1071 28.32 -43.34 16.84
C ALA B 1071 28.96 -43.36 18.22
N THR B 1072 28.29 -44.03 19.15
CA THR B 1072 28.78 -44.22 20.49
C THR B 1072 28.81 -45.71 20.76
N PHE B 1073 29.92 -46.20 21.30
CA PHE B 1073 30.07 -47.62 21.58
C PHE B 1073 30.39 -47.80 23.05
N LYS B 1074 29.66 -48.69 23.70
CA LYS B 1074 29.88 -49.03 25.09
C LYS B 1074 30.59 -50.37 25.15
N VAL B 1075 31.80 -50.37 25.67
CA VAL B 1075 32.59 -51.58 25.87
C VAL B 1075 32.44 -52.00 27.32
N ASN B 1076 31.83 -53.14 27.55
CA ASN B 1076 31.73 -53.73 28.88
C ASN B 1076 32.85 -54.75 29.02
N LEU B 1077 33.75 -54.50 29.96
CA LEU B 1077 34.89 -55.37 30.20
C LEU B 1077 34.49 -56.52 31.12
N GLY B 1078 35.46 -57.34 31.48
CA GLY B 1078 35.20 -58.49 32.31
C GLY B 1078 35.00 -59.74 31.50
N PHE B 1079 34.58 -60.79 32.20
CA PHE B 1079 34.47 -62.12 31.61
C PHE B 1079 33.04 -62.54 31.31
N LYS B 1080 32.05 -61.94 31.98
CA LYS B 1080 30.64 -62.25 31.75
C LYS B 1080 30.34 -63.75 31.81
N SER B 1097 6.12 -49.83 11.78
CA SER B 1097 6.82 -48.57 11.56
C SER B 1097 6.95 -47.78 12.84
N VAL B 1098 6.59 -48.40 13.96
CA VAL B 1098 6.74 -47.78 15.28
C VAL B 1098 8.08 -48.19 15.84
N ALA B 1099 8.88 -47.21 16.23
CA ALA B 1099 10.19 -47.46 16.82
C ALA B 1099 10.17 -47.12 18.31
N CYS B 1100 10.98 -47.85 19.07
CA CYS B 1100 11.10 -47.56 20.49
C CYS B 1100 11.81 -46.22 20.69
N ASN B 1101 11.26 -45.41 21.58
CA ASN B 1101 11.78 -44.07 21.81
C ASN B 1101 13.11 -44.05 22.54
N THR B 1102 13.54 -45.17 23.12
CA THR B 1102 14.85 -45.25 23.78
C THR B 1102 15.89 -45.86 22.87
N CYS B 1103 15.66 -47.09 22.40
CA CYS B 1103 16.47 -47.69 21.36
C CYS B 1103 15.71 -47.57 20.06
N LEU B 1104 16.26 -46.83 19.09
CA LEU B 1104 15.49 -46.41 17.93
C LEU B 1104 15.34 -47.58 16.95
N LYS B 1105 14.80 -48.68 17.46
CA LYS B 1105 14.63 -49.90 16.70
C LYS B 1105 13.14 -50.12 16.43
N ILE B 1106 12.85 -50.67 15.26
CA ILE B 1106 11.46 -50.94 14.90
C ILE B 1106 10.90 -51.99 15.84
N ILE B 1107 9.76 -51.69 16.44
CA ILE B 1107 9.13 -52.58 17.41
C ILE B 1107 8.34 -53.63 16.64
N ARG B 1108 8.84 -54.86 16.63
CA ARG B 1108 8.13 -55.97 16.01
C ARG B 1108 7.26 -56.72 17.00
N ASN B 1109 7.70 -56.84 18.25
CA ASN B 1109 6.93 -57.49 19.28
C ASN B 1109 5.98 -56.47 19.92
N ASP B 1110 5.43 -56.81 21.08
CA ASP B 1110 4.55 -55.88 21.79
C ASP B 1110 5.31 -54.65 22.24
N SER B 1111 4.60 -53.53 22.32
CA SER B 1111 5.18 -52.26 22.73
C SER B 1111 4.37 -51.69 23.88
N PHE B 1112 4.89 -50.62 24.47
CA PHE B 1112 4.21 -49.89 25.52
C PHE B 1112 4.05 -48.44 25.08
N HIS B 1113 2.80 -48.00 24.97
CA HIS B 1113 2.47 -46.67 24.49
C HIS B 1113 2.03 -45.81 25.66
N CYS B 1114 2.64 -44.64 25.80
CA CYS B 1114 2.25 -43.72 26.87
C CYS B 1114 0.98 -43.00 26.48
N THR B 1115 -0.06 -43.12 27.31
CA THR B 1115 -1.33 -42.48 27.02
C THR B 1115 -1.36 -41.00 27.35
N LYS B 1116 -0.40 -40.53 28.16
CA LYS B 1116 -0.40 -39.15 28.58
C LYS B 1116 -0.07 -38.21 27.44
N CYS B 1117 0.58 -38.73 26.40
CA CYS B 1117 1.08 -37.98 25.27
C CYS B 1117 0.76 -38.75 24.00
N PHE B 1118 1.32 -38.30 22.88
CA PHE B 1118 0.93 -38.77 21.57
C PHE B 1118 1.93 -39.70 20.89
N ASP B 1119 3.23 -39.46 21.08
CA ASP B 1119 4.25 -40.12 20.25
C ASP B 1119 5.38 -40.68 21.09
N PHE B 1120 5.04 -41.43 22.15
CA PHE B 1120 6.04 -42.12 22.95
C PHE B 1120 5.67 -43.60 23.05
N ASP B 1121 6.42 -44.44 22.35
CA ASP B 1121 6.25 -45.89 22.40
C ASP B 1121 7.57 -46.51 22.78
N VAL B 1122 7.56 -47.37 23.79
CA VAL B 1122 8.76 -48.03 24.26
C VAL B 1122 8.61 -49.53 24.04
N CYS B 1123 9.73 -50.20 23.79
CA CYS B 1123 9.70 -51.64 23.58
C CYS B 1123 9.66 -52.36 24.92
N ARG B 1124 9.44 -53.68 24.85
CA ARG B 1124 9.31 -54.46 26.08
C ARG B 1124 10.61 -54.47 26.88
N ASP B 1125 11.75 -54.58 26.20
CA ASP B 1125 13.02 -54.62 26.90
C ASP B 1125 13.30 -53.30 27.61
N CYS B 1126 13.11 -52.18 26.91
CA CYS B 1126 13.33 -50.88 27.55
C CYS B 1126 12.29 -50.60 28.62
N TYR B 1127 11.06 -51.11 28.44
CA TYR B 1127 10.07 -50.98 29.50
C TYR B 1127 10.50 -51.70 30.76
N ALA B 1128 11.04 -52.92 30.61
CA ALA B 1128 11.56 -53.64 31.76
C ALA B 1128 12.74 -52.91 32.38
N LYS B 1129 13.57 -52.29 31.55
CA LYS B 1129 14.70 -51.49 32.02
C LYS B 1129 14.27 -50.21 32.72
N GLN B 1130 12.98 -49.86 32.67
CA GLN B 1130 12.46 -48.59 33.17
C GLN B 1130 13.07 -47.40 32.42
N ALA B 1131 13.47 -47.63 31.17
CA ALA B 1131 14.04 -46.59 30.34
C ALA B 1131 12.97 -45.98 29.45
N PHE B 1132 12.05 -45.24 30.09
CA PHE B 1132 10.94 -44.63 29.37
C PHE B 1132 10.68 -43.21 29.85
N LEU B 1133 11.69 -42.54 30.40
CA LEU B 1133 11.51 -41.17 30.84
C LEU B 1133 11.38 -40.24 29.64
N HIS B 1134 10.45 -39.28 29.75
CA HIS B 1134 10.14 -38.37 28.66
C HIS B 1134 9.33 -37.20 29.23
N PRO B 1135 8.93 -36.19 28.44
CA PRO B 1135 8.18 -35.08 29.03
C PRO B 1135 6.79 -35.49 29.51
N CYS B 1136 6.75 -36.43 30.46
CA CYS B 1136 5.53 -36.82 31.13
C CYS B 1136 5.93 -37.12 32.57
N PRO B 1137 5.66 -36.21 33.51
CA PRO B 1137 6.06 -36.46 34.90
C PRO B 1137 5.42 -37.71 35.47
N LYS B 1138 4.19 -38.03 35.06
CA LYS B 1138 3.47 -39.21 35.54
C LYS B 1138 3.02 -40.01 34.33
N PRO B 1139 3.93 -40.77 33.71
CA PRO B 1139 3.57 -41.49 32.49
C PRO B 1139 2.71 -42.71 32.80
N HIS B 1140 1.73 -42.95 31.92
CA HIS B 1140 0.86 -44.12 32.00
C HIS B 1140 1.02 -44.91 30.71
N PHE B 1141 1.49 -46.14 30.83
CA PHE B 1141 1.80 -46.97 29.66
C PHE B 1141 0.75 -48.06 29.52
N VAL B 1142 0.17 -48.17 28.33
CA VAL B 1142 -0.73 -49.26 28.00
C VAL B 1142 0.00 -50.17 27.01
N LEU B 1143 -0.33 -51.45 27.08
CA LEU B 1143 0.34 -52.45 26.26
C LEU B 1143 -0.32 -52.54 24.89
N VAL B 1144 0.49 -52.71 23.85
CA VAL B 1144 0.03 -52.81 22.48
C VAL B 1144 0.61 -54.07 21.87
N ARG B 1145 -0.25 -54.92 21.32
CA ARG B 1145 0.18 -56.17 20.72
C ARG B 1145 0.33 -56.03 19.22
N SER B 1146 0.89 -57.07 18.60
CA SER B 1146 1.09 -57.14 17.16
C SER B 1146 1.90 -55.96 16.64
N THR C 2 41.93 -4.03 -24.24
CA THR C 2 40.78 -3.81 -23.39
C THR C 2 41.19 -3.69 -21.92
N LEU C 3 40.37 -3.00 -21.14
CA LEU C 3 40.59 -2.90 -19.70
C LEU C 3 39.79 -3.92 -18.93
N PHE C 4 38.78 -4.52 -19.53
CA PHE C 4 37.95 -5.53 -18.89
C PHE C 4 38.74 -6.82 -18.71
N PRO C 5 39.10 -7.21 -17.50
CA PRO C 5 39.90 -8.43 -17.33
C PRO C 5 39.13 -9.66 -17.75
N VAL C 6 39.88 -10.64 -18.26
CA VAL C 6 39.27 -11.90 -18.67
C VAL C 6 38.78 -12.67 -17.46
N LEU C 7 39.63 -12.81 -16.45
CA LEU C 7 39.34 -13.66 -15.30
C LEU C 7 38.83 -12.83 -14.14
N ASN C 8 37.80 -13.35 -13.48
CA ASN C 8 37.20 -12.73 -12.30
C ASN C 8 37.33 -13.74 -11.17
N ASN C 9 38.26 -13.51 -10.25
CA ASN C 9 38.40 -14.33 -9.05
C ASN C 9 38.06 -13.55 -7.80
N THR C 10 37.31 -12.47 -7.92
CA THR C 10 36.93 -11.65 -6.77
C THR C 10 35.43 -11.40 -6.83
N PRO C 11 34.64 -12.31 -6.27
CA PRO C 11 33.18 -12.11 -6.30
C PRO C 11 32.80 -10.84 -5.56
N VAL C 12 31.83 -10.13 -6.12
CA VAL C 12 31.27 -8.94 -5.51
C VAL C 12 29.80 -9.20 -5.26
N GLY C 13 29.36 -8.96 -4.04
CA GLY C 13 27.98 -9.16 -3.70
C GLY C 13 27.14 -7.93 -3.98
N LYS C 14 25.86 -8.15 -4.23
CA LYS C 14 24.93 -7.04 -4.32
C LYS C 14 24.71 -6.46 -2.93
N GLN C 15 24.81 -5.15 -2.82
CA GLN C 15 24.69 -4.49 -1.53
C GLN C 15 23.29 -4.64 -0.97
N VAL C 16 23.20 -5.01 0.30
CA VAL C 16 21.92 -5.04 0.99
C VAL C 16 21.48 -3.61 1.28
N ASP C 17 20.25 -3.28 0.87
CA ASP C 17 19.79 -1.89 0.94
C ASP C 17 19.80 -1.38 2.38
N SER C 18 19.20 -2.12 3.30
CA SER C 18 19.03 -1.62 4.65
C SER C 18 20.37 -1.43 5.35
N ILE C 19 21.28 -2.39 5.19
CA ILE C 19 22.57 -2.32 5.88
C ILE C 19 23.36 -1.11 5.41
N TYR C 20 23.44 -0.92 4.09
CA TYR C 20 24.23 0.17 3.54
C TYR C 20 23.56 1.52 3.69
N GLU C 21 22.24 1.55 3.84
CA GLU C 21 21.56 2.81 4.14
C GLU C 21 21.75 3.20 5.59
N SER C 22 21.68 2.25 6.52
CA SER C 22 21.89 2.58 7.92
C SER C 22 23.36 2.78 8.25
N ARG C 23 24.27 2.31 7.40
CA ARG C 23 25.67 2.69 7.55
C ARG C 23 25.86 4.17 7.39
N LEU C 24 25.00 4.82 6.59
CA LEU C 24 25.15 6.24 6.32
C LEU C 24 25.00 7.08 7.58
N ASP C 25 24.27 6.58 8.57
CA ASP C 25 23.97 7.38 9.75
C ASP C 25 25.19 7.64 10.62
N GLN C 26 26.24 6.84 10.51
CA GLN C 26 27.35 6.99 11.44
C GLN C 26 28.47 7.89 10.92
N PHE C 27 28.36 8.42 9.71
CA PHE C 27 29.39 9.34 9.23
C PHE C 27 29.33 10.67 9.98
N LEU C 28 28.13 11.14 10.31
CA LEU C 28 27.96 12.38 11.04
C LEU C 28 27.53 12.15 12.47
N SER C 29 27.46 10.91 12.92
CA SER C 29 27.02 10.62 14.27
C SER C 29 28.09 11.00 15.28
N GLU C 30 27.67 11.55 16.40
CA GLU C 30 28.55 11.86 17.52
C GLU C 30 28.48 10.79 18.61
N GLY C 31 28.27 9.54 18.21
CA GLY C 31 28.14 8.44 19.15
C GLY C 31 29.40 7.61 19.30
N GLN C 32 29.24 6.29 19.28
CA GLN C 32 30.34 5.39 19.61
C GLN C 32 31.49 5.53 18.62
N TYR C 33 31.19 5.65 17.32
CA TYR C 33 32.21 5.75 16.30
C TYR C 33 32.56 7.18 15.94
N ARG C 34 32.29 8.13 16.84
CA ARG C 34 32.58 9.53 16.57
C ARG C 34 34.04 9.73 16.18
N ASP C 35 34.95 9.00 16.81
CA ASP C 35 36.37 9.21 16.60
C ASP C 35 36.85 8.78 15.22
N PHE C 36 36.07 7.98 14.51
CA PHE C 36 36.46 7.47 13.20
C PHE C 36 35.74 8.18 12.06
N ASN C 37 34.88 9.14 12.36
CA ASN C 37 34.06 9.75 11.34
C ASN C 37 34.21 11.27 11.31
N LEU C 38 33.36 11.94 10.54
CA LEU C 38 33.53 13.37 10.31
C LEU C 38 33.49 14.23 11.57
N PRO C 39 32.63 14.00 12.56
CA PRO C 39 32.59 14.92 13.70
C PRO C 39 33.89 15.02 14.47
N SER C 40 34.81 14.08 14.29
CA SER C 40 36.10 14.17 14.96
C SER C 40 36.96 15.30 14.42
N VAL C 41 36.68 15.80 13.22
CA VAL C 41 37.52 16.83 12.62
C VAL C 41 36.73 18.10 12.38
N TYR C 42 35.72 18.34 13.20
CA TYR C 42 34.94 19.57 13.07
C TYR C 42 35.68 20.80 13.58
N ASP C 43 36.54 20.64 14.59
CA ASP C 43 36.82 21.71 15.54
C ASP C 43 38.06 22.55 15.23
N HIS C 44 39.22 21.93 15.00
CA HIS C 44 40.51 22.62 15.04
C HIS C 44 40.76 23.23 16.42
N ALA C 45 40.90 22.35 17.42
CA ALA C 45 41.42 22.72 18.74
C ALA C 45 40.54 23.77 19.44
N ARG C 46 39.36 23.33 19.83
CA ARG C 46 38.49 24.11 20.71
C ARG C 46 39.17 24.45 22.03
N ILE C 47 38.91 25.66 22.54
CA ILE C 47 39.48 26.17 23.78
C ILE C 47 38.36 26.63 24.71
N ASP C 48 38.39 26.19 25.96
CA ASP C 48 37.37 26.62 26.90
C ASP C 48 37.90 26.87 28.32
N ASN C 49 39.18 27.09 28.49
CA ASN C 49 39.72 27.18 29.84
C ASN C 49 39.53 28.58 30.43
N PRO C 50 39.42 28.69 31.74
CA PRO C 50 39.46 30.00 32.39
C PRO C 50 40.88 30.58 32.35
N SER C 51 40.97 31.87 32.62
CA SER C 51 42.27 32.53 32.65
C SER C 51 43.13 32.08 33.82
N GLY C 52 42.51 31.59 34.91
CA GLY C 52 43.28 31.06 36.01
C GLY C 52 44.07 29.82 35.66
N ASP C 53 43.71 29.12 34.59
CA ASP C 53 44.49 27.99 34.12
C ASP C 53 45.70 28.40 33.30
N VAL C 54 45.81 29.69 32.95
CA VAL C 54 46.90 30.18 32.10
C VAL C 54 47.44 31.44 32.74
N ASN C 55 48.50 31.31 33.53
CA ASN C 55 49.18 32.45 34.14
C ASN C 55 50.63 32.58 33.69
N ASN C 56 51.35 31.47 33.61
CA ASN C 56 52.73 31.48 33.16
C ASN C 56 52.85 31.72 31.67
N ASP C 57 51.78 31.45 30.92
CA ASP C 57 51.82 31.63 29.47
C ASP C 57 50.77 32.60 28.94
N LEU C 58 51.24 33.58 28.18
CA LEU C 58 50.38 34.58 27.57
C LEU C 58 50.02 34.22 26.14
N SER C 59 49.89 32.93 25.83
CA SER C 59 49.75 32.50 24.45
C SER C 59 48.63 31.51 24.17
N LYS C 60 48.02 30.90 25.17
CA LYS C 60 47.07 29.82 24.92
C LYS C 60 45.62 30.21 25.16
N GLY C 61 45.33 31.49 25.34
CA GLY C 61 43.95 31.96 25.35
C GLY C 61 43.10 31.46 26.49
N PHE C 62 41.91 32.03 26.66
CA PHE C 62 41.03 31.63 27.74
C PHE C 62 39.65 32.21 27.47
N VAL C 63 38.69 31.77 28.30
CA VAL C 63 37.34 32.32 28.34
C VAL C 63 37.00 32.57 29.80
N ASP C 64 36.70 33.82 30.14
CA ASP C 64 36.36 34.22 31.49
C ASP C 64 34.94 34.75 31.52
N LEU C 65 34.14 34.26 32.46
CA LEU C 65 32.73 34.64 32.56
C LEU C 65 32.48 35.22 33.93
N LYS C 66 32.03 36.47 33.96
CA LYS C 66 31.51 37.09 35.17
C LYS C 66 30.01 37.22 35.04
N VAL C 67 29.27 36.72 36.03
CA VAL C 67 27.82 36.70 35.98
C VAL C 67 27.27 37.72 36.97
N TYR C 68 26.38 38.58 36.48
CA TYR C 68 25.55 39.44 37.31
C TYR C 68 24.13 38.89 37.30
N ARG C 69 23.55 38.74 38.48
CA ARG C 69 22.22 38.17 38.63
C ARG C 69 21.21 39.28 38.91
N VAL C 70 20.20 39.38 38.07
CA VAL C 70 19.14 40.37 38.29
C VAL C 70 18.34 39.97 39.52
N PRO C 71 18.18 40.86 40.51
CA PRO C 71 17.60 40.45 41.79
C PRO C 71 16.19 39.88 41.68
N ASP C 72 15.28 40.67 41.12
CA ASP C 72 13.90 40.25 40.94
C ASP C 72 13.81 39.43 39.66
N LEU C 73 12.58 39.21 39.17
CA LEU C 73 12.39 38.62 37.86
C LEU C 73 12.29 39.68 36.76
N SER C 74 12.91 40.84 36.97
CA SER C 74 12.86 41.92 36.01
C SER C 74 13.83 41.68 34.87
N ARG C 75 13.72 42.51 33.84
CA ARG C 75 14.52 42.37 32.62
C ARG C 75 15.16 43.72 32.30
N PRO C 76 16.19 44.11 33.02
CA PRO C 76 16.84 45.39 32.76
C PRO C 76 17.50 45.41 31.39
N SER C 77 17.57 46.61 30.81
CA SER C 77 18.18 46.77 29.51
C SER C 77 19.70 46.79 29.63
N PHE C 78 20.36 46.86 28.47
CA PHE C 78 21.82 46.85 28.46
C PHE C 78 22.39 48.06 29.19
N ASN C 79 21.81 49.24 28.97
CA ASN C 79 22.34 50.45 29.58
C ASN C 79 22.05 50.52 31.07
N GLU C 80 21.05 49.79 31.55
CA GLU C 80 20.79 49.70 32.98
C GLU C 80 21.67 48.67 33.68
N VAL C 81 22.49 47.93 32.95
CA VAL C 81 23.32 46.90 33.55
C VAL C 81 24.79 47.21 33.30
N VAL C 82 25.18 47.27 32.03
CA VAL C 82 26.59 47.40 31.69
C VAL C 82 27.05 48.82 32.00
N GLY C 83 28.02 48.94 32.89
CA GLY C 83 28.50 50.22 33.36
C GLY C 83 27.92 50.65 34.69
N HIS C 84 26.85 49.99 35.14
CA HIS C 84 26.22 50.31 36.42
C HIS C 84 26.36 49.16 37.41
N LYS C 85 25.90 47.97 37.05
CA LYS C 85 26.01 46.83 37.94
C LYS C 85 27.44 46.29 37.94
N LYS C 86 27.73 45.48 38.94
CA LYS C 86 29.06 44.91 39.14
C LYS C 86 29.06 43.45 38.72
N PHE C 87 29.93 43.11 37.78
CA PHE C 87 30.14 41.72 37.38
C PHE C 87 31.29 41.18 38.22
N ASP C 88 30.94 40.56 39.35
CA ASP C 88 31.92 40.09 40.32
C ASP C 88 31.94 38.58 40.45
N GLU C 89 30.78 37.95 40.60
CA GLU C 89 30.72 36.50 40.72
C GLU C 89 31.22 35.86 39.43
N THR C 90 32.00 34.80 39.57
CA THR C 90 32.56 34.10 38.43
C THR C 90 31.70 32.89 38.11
N ALA C 91 31.40 32.71 36.83
CA ALA C 91 30.64 31.56 36.35
C ALA C 91 31.54 30.67 35.52
N SER C 92 31.17 29.38 35.47
CA SER C 92 31.96 28.40 34.75
C SER C 92 31.03 27.32 34.21
N LYS C 93 31.53 26.56 33.26
CA LYS C 93 30.75 25.46 32.69
C LYS C 93 30.33 24.48 33.78
N GLY C 94 29.10 24.02 33.71
CA GLY C 94 28.52 23.21 34.76
C GLY C 94 27.75 23.97 35.80
N ASP C 95 27.81 25.31 35.78
CA ASP C 95 27.07 26.10 36.74
C ASP C 95 25.58 26.03 36.44
N THR C 96 24.78 26.39 37.44
CA THR C 96 23.33 26.35 37.35
C THR C 96 22.79 27.74 37.66
N PHE C 97 21.78 28.17 36.92
CA PHE C 97 21.36 29.57 36.93
C PHE C 97 19.87 29.71 37.11
N GLY C 98 19.46 30.23 38.26
CA GLY C 98 18.22 30.93 38.43
C GLY C 98 16.95 30.13 38.30
N PRO C 99 15.88 30.63 38.89
CA PRO C 99 14.55 30.05 38.67
C PRO C 99 14.04 30.45 37.29
N SER C 100 12.81 30.03 37.00
CA SER C 100 12.22 30.33 35.71
C SER C 100 12.06 31.83 35.52
N TRP C 101 12.24 32.28 34.28
CA TRP C 101 12.09 33.67 33.85
C TRP C 101 13.16 34.59 34.45
N ALA C 102 14.13 34.05 35.16
CA ALA C 102 15.20 34.88 35.71
C ALA C 102 16.18 35.29 34.62
N THR C 103 16.79 36.45 34.80
CA THR C 103 17.72 37.00 33.83
C THR C 103 19.12 37.03 34.44
N PHE C 104 20.11 36.61 33.66
CA PHE C 104 21.51 36.68 34.05
C PHE C 104 22.28 37.39 32.96
N TRP C 105 23.22 38.22 33.35
CA TRP C 105 24.09 38.91 32.40
C TRP C 105 25.50 38.35 32.57
N PHE C 106 26.14 38.03 31.45
CA PHE C 106 27.48 37.47 31.46
C PHE C 106 28.39 38.46 30.76
N GLU C 107 29.44 38.88 31.46
CA GLU C 107 30.57 39.54 30.82
C GLU C 107 31.56 38.45 30.43
N VAL C 108 31.80 38.32 29.13
CA VAL C 108 32.66 37.30 28.58
C VAL C 108 33.92 37.98 28.09
N HIS C 109 35.05 37.63 28.69
CA HIS C 109 36.35 38.12 28.27
C HIS C 109 37.11 36.96 27.66
N ILE C 110 37.47 37.08 26.39
CA ILE C 110 38.11 35.99 25.68
C ILE C 110 39.49 36.41 25.24
N ARG C 111 40.40 35.44 25.23
CA ARG C 111 41.72 35.61 24.64
C ARG C 111 41.94 34.49 23.65
N LEU C 112 42.06 34.86 22.39
CA LEU C 112 42.41 33.89 21.36
C LEU C 112 43.89 33.56 21.48
N PRO C 113 44.27 32.29 21.46
CA PRO C 113 45.69 31.95 21.35
C PRO C 113 46.24 32.51 20.04
N LYS C 114 47.49 33.00 20.07
CA LYS C 114 48.08 33.50 18.83
C LYS C 114 48.32 32.41 17.80
N SER C 115 48.34 31.14 18.21
CA SER C 115 48.39 30.07 17.22
C SER C 115 47.15 30.07 16.35
N TRP C 116 46.08 30.74 16.78
CA TRP C 116 44.90 30.95 15.96
C TRP C 116 44.99 32.19 15.09
N ALA C 117 46.20 32.67 14.80
CA ALA C 117 46.32 33.71 13.79
C ALA C 117 45.83 33.21 12.44
N LYS C 118 45.96 31.91 12.19
CA LYS C 118 45.30 31.19 11.12
C LYS C 118 43.84 30.98 11.55
N TYR C 119 43.14 30.02 10.96
CA TYR C 119 41.75 29.76 11.35
C TYR C 119 40.88 30.97 11.03
N GLU C 120 40.67 31.17 9.73
CA GLU C 120 39.97 32.34 9.22
C GLU C 120 38.58 32.56 9.81
N GLN C 121 38.06 31.58 10.56
CA GLN C 121 36.81 31.78 11.29
C GLN C 121 36.96 31.22 12.70
N VAL C 122 36.54 32.01 13.68
CA VAL C 122 36.59 31.61 15.09
C VAL C 122 35.20 31.76 15.67
N ILE C 123 34.74 30.73 16.36
CA ILE C 123 33.38 30.64 16.88
C ILE C 123 33.43 30.70 18.40
N PHE C 124 32.53 31.45 19.00
CA PHE C 124 32.24 31.32 20.41
C PHE C 124 30.97 30.49 20.55
N GLN C 125 31.09 29.34 21.20
CA GLN C 125 29.97 28.43 21.39
C GLN C 125 29.39 28.64 22.77
N TRP C 126 28.08 28.79 22.85
CA TRP C 126 27.41 29.05 24.12
C TRP C 126 26.18 28.15 24.17
N ASN C 127 26.17 27.20 25.09
CA ASN C 127 25.03 26.32 25.26
C ASN C 127 24.66 26.26 26.74
N CYS C 128 23.86 27.22 27.17
CA CYS C 128 22.97 27.05 28.30
C CYS C 128 21.58 26.90 27.69
N ASP C 129 20.83 25.90 28.14
CA ASP C 129 19.67 25.49 27.37
C ASP C 129 18.54 26.53 27.46
N ASN C 130 18.83 27.75 27.03
CA ASN C 130 17.90 28.86 27.18
C ASN C 130 18.30 29.94 26.16
N GLU C 131 17.80 31.15 26.36
CA GLU C 131 17.95 32.24 25.42
C GLU C 131 19.30 32.95 25.58
N GLY C 132 19.74 33.59 24.49
CA GLY C 132 21.08 34.11 24.35
C GLY C 132 21.22 35.61 24.28
N LEU C 133 21.32 36.15 23.06
CA LEU C 133 21.55 37.57 22.79
C LEU C 133 22.91 38.05 23.32
N VAL C 134 23.94 37.65 22.59
CA VAL C 134 25.23 38.34 22.66
C VAL C 134 25.02 39.83 22.45
N TYR C 135 25.62 40.64 23.32
CA TYR C 135 25.69 42.09 23.15
C TYR C 135 27.14 42.50 22.97
N SER C 136 27.38 43.39 22.02
CA SER C 136 28.69 43.99 21.92
C SER C 136 28.92 44.94 23.10
N GLN C 137 30.14 45.46 23.20
CA GLN C 137 30.45 46.39 24.27
C GLN C 137 29.63 47.67 24.15
N ASP C 138 29.45 48.16 22.92
CA ASP C 138 28.65 49.35 22.67
C ASP C 138 27.15 49.11 22.78
N GLY C 139 26.72 47.95 23.25
CA GLY C 139 25.32 47.67 23.44
C GLY C 139 24.58 47.17 22.22
N VAL C 140 25.28 46.88 21.13
CA VAL C 140 24.67 46.41 19.91
C VAL C 140 24.35 44.92 20.03
N PRO C 141 23.09 44.51 19.89
CA PRO C 141 22.79 43.08 19.85
C PRO C 141 23.35 42.45 18.59
N LEU C 142 23.98 41.30 18.74
CA LEU C 142 24.71 40.71 17.63
C LEU C 142 24.23 39.34 17.23
N GLN C 143 23.90 38.48 18.19
CA GLN C 143 23.63 37.09 17.88
C GLN C 143 22.86 36.48 19.04
N ALA C 144 21.83 35.71 18.72
CA ALA C 144 21.05 35.02 19.73
C ALA C 144 21.53 33.59 19.93
N PHE C 145 21.23 33.06 21.11
CA PHE C 145 21.45 31.66 21.42
C PHE C 145 20.13 31.05 21.83
N SER C 146 19.84 29.85 21.34
CA SER C 146 18.59 29.15 21.67
C SER C 146 18.93 27.69 21.90
N GLY C 147 19.24 27.34 23.15
CA GLY C 147 19.53 25.95 23.47
C GLY C 147 20.65 25.42 22.60
N SER C 148 20.43 24.23 22.05
CA SER C 148 21.42 23.59 21.18
C SER C 148 21.16 23.85 19.71
N GLU C 149 19.99 24.37 19.34
CA GLU C 149 19.73 24.62 17.92
C GLU C 149 20.47 25.85 17.41
N ARG C 150 20.85 26.77 18.29
CA ARG C 150 21.60 27.97 17.91
C ARG C 150 22.62 28.23 19.01
N THR C 151 23.87 27.85 18.77
CA THR C 151 24.91 27.95 19.78
C THR C 151 26.12 28.76 19.36
N ASP C 152 26.33 29.00 18.07
CA ASP C 152 27.55 29.60 17.58
C ASP C 152 27.39 31.10 17.42
N PHE C 153 28.46 31.83 17.73
CA PHE C 153 28.56 33.26 17.48
C PHE C 153 29.90 33.50 16.80
N ILE C 154 29.86 34.01 15.58
CA ILE C 154 31.08 34.21 14.80
C ILE C 154 31.73 35.51 15.24
N LEU C 155 32.96 35.42 15.73
CA LEU C 155 33.69 36.62 16.12
C LEU C 155 33.93 37.50 14.90
N PRO C 156 33.61 38.78 14.96
CA PRO C 156 33.50 39.58 13.73
C PRO C 156 34.82 40.12 13.20
N ASP C 157 35.87 39.30 13.21
CA ASP C 157 37.11 39.60 12.48
C ASP C 157 37.76 40.90 12.93
N SER C 158 37.15 41.59 13.89
CA SER C 158 37.68 42.82 14.42
C SER C 158 38.24 42.68 15.82
N TRP C 159 37.71 41.75 16.61
CA TRP C 159 38.21 41.53 17.96
C TRP C 159 38.72 40.10 18.15
N LYS C 160 39.07 39.42 17.07
CA LYS C 160 39.87 38.21 17.19
C LYS C 160 41.31 38.54 17.55
N THR C 161 41.85 39.60 16.96
CA THR C 161 43.22 39.99 17.27
C THR C 161 43.33 40.62 18.65
N THR C 162 42.39 41.50 18.99
CA THR C 162 42.42 42.17 20.28
C THR C 162 41.65 41.37 21.31
N GLU C 163 42.23 41.23 22.49
CA GLU C 163 41.61 40.49 23.58
C GLU C 163 40.40 41.26 24.11
N ASP C 164 39.21 40.95 23.60
CA ASP C 164 38.05 41.78 23.81
C ASP C 164 37.03 41.08 24.70
N THR C 165 35.95 41.81 24.99
CA THR C 165 34.87 41.33 25.85
C THR C 165 33.54 41.63 25.19
N PHE C 166 32.54 40.83 25.54
CA PHE C 166 31.17 41.12 25.15
C PHE C 166 30.24 40.68 26.27
N TYR C 167 28.95 40.76 26.03
CA TYR C 167 27.97 40.45 27.05
C TYR C 167 26.92 39.52 26.49
N ILE C 168 26.35 38.70 27.36
CA ILE C 168 25.30 37.76 27.01
C ILE C 168 24.17 37.93 28.02
N GLU C 169 22.99 38.28 27.53
CA GLU C 169 21.82 38.47 28.39
C GLU C 169 21.03 37.17 28.39
N MET C 170 21.34 36.30 29.33
CA MET C 170 20.68 35.00 29.42
C MET C 170 19.31 35.14 30.05
N ALA C 171 18.32 34.50 29.44
CA ALA C 171 16.98 34.42 29.99
C ALA C 171 16.70 32.98 30.39
N CYS C 172 16.29 32.77 31.64
CA CYS C 172 16.12 31.42 32.17
C CYS C 172 14.73 30.89 31.80
N ASN C 173 14.57 30.64 30.52
CA ASN C 173 13.38 30.00 29.99
C ASN C 173 13.72 29.40 28.64
N GLY C 174 12.96 28.38 28.25
CA GLY C 174 13.17 27.76 26.96
C GLY C 174 12.59 28.61 25.84
N MET C 175 12.62 28.01 24.64
CA MET C 175 12.02 28.67 23.49
C MET C 175 10.52 28.85 23.67
N PHE C 176 9.89 28.05 24.51
CA PHE C 176 8.45 28.02 24.70
C PHE C 176 8.09 28.14 26.17
N GLY C 177 8.83 28.97 26.90
CA GLY C 177 8.61 29.06 28.33
C GLY C 177 9.21 27.88 29.07
N THR C 178 8.65 27.61 30.24
CA THR C 178 9.15 26.52 31.08
C THR C 178 8.38 25.22 30.86
N GLY C 179 7.08 25.23 31.14
CA GLY C 179 6.24 24.12 30.73
C GLY C 179 5.78 23.16 31.81
N ALA C 180 6.67 22.73 32.72
CA ALA C 180 6.35 21.78 33.78
C ALA C 180 5.85 20.45 33.21
N GLY C 181 6.77 19.74 32.55
CA GLY C 181 6.47 18.41 32.06
C GLY C 181 6.06 18.35 30.61
N SER C 182 5.11 19.17 30.20
CA SER C 182 4.72 19.29 28.81
C SER C 182 4.82 20.75 28.40
N GLN C 183 4.87 20.98 27.09
CA GLN C 183 5.03 22.34 26.59
C GLN C 183 3.87 23.25 26.99
N ILE C 184 2.65 22.74 26.87
CA ILE C 184 1.46 23.54 27.15
C ILE C 184 0.93 23.33 28.57
N ALA C 185 1.65 22.59 29.40
CA ALA C 185 1.30 22.50 30.80
C ALA C 185 1.67 23.82 31.49
N PRO C 186 1.10 24.10 32.66
CA PRO C 186 1.33 25.40 33.28
C PRO C 186 2.79 25.57 33.62
N PRO C 187 3.30 26.81 33.62
CA PRO C 187 4.74 27.02 33.79
C PRO C 187 5.27 26.47 35.10
N ASP C 188 6.49 25.93 35.04
CA ASP C 188 7.21 25.50 36.22
C ASP C 188 8.03 26.67 36.73
N PRO C 189 7.74 27.22 37.91
CA PRO C 189 8.43 28.44 38.36
C PRO C 189 9.80 28.20 38.96
N ASN C 190 10.23 26.95 39.12
CA ASN C 190 11.47 26.65 39.80
C ASN C 190 12.43 25.89 38.89
N ARG C 191 12.37 26.13 37.59
CA ARG C 191 13.28 25.46 36.66
C ARG C 191 14.67 26.06 36.76
N TYR C 192 15.68 25.21 36.63
CA TYR C 192 17.06 25.64 36.67
C TYR C 192 17.80 25.13 35.44
N PHE C 193 18.73 25.94 34.96
CA PHE C 193 19.41 25.70 33.70
C PHE C 193 20.91 25.59 33.93
N THR C 194 21.55 24.71 33.17
CA THR C 194 22.96 24.38 33.35
C THR C 194 23.75 24.81 32.13
N LEU C 195 24.85 25.52 32.36
CA LEU C 195 25.74 25.96 31.30
C LEU C 195 26.62 24.78 30.88
N THR C 196 26.45 24.32 29.65
CA THR C 196 27.18 23.17 29.16
C THR C 196 28.23 23.48 28.12
N LYS C 197 28.24 24.69 27.56
CA LYS C 197 29.28 25.08 26.61
C LYS C 197 29.49 26.58 26.68
N ALA C 198 30.74 26.98 26.87
CA ALA C 198 31.15 28.37 26.80
C ALA C 198 32.50 28.46 26.11
N ASP C 199 32.64 27.74 25.00
CA ASP C 199 33.94 27.45 24.41
C ASP C 199 34.24 28.38 23.25
N LEU C 200 35.54 28.56 22.99
CA LEU C 200 36.02 29.16 21.77
C LEU C 200 36.38 28.03 20.81
N VAL C 201 35.91 28.13 19.57
CA VAL C 201 36.12 27.10 18.57
C VAL C 201 36.66 27.75 17.31
N ALA C 202 37.41 26.99 16.53
CA ALA C 202 37.99 27.45 15.28
C ALA C 202 37.61 26.47 14.19
N PRO C 203 36.34 26.44 13.79
CA PRO C 203 35.80 25.29 13.05
C PRO C 203 36.54 25.01 11.76
N ASN C 204 36.57 23.72 11.41
CA ASN C 204 37.11 23.26 10.14
C ASN C 204 36.05 23.50 9.07
N LEU C 205 36.20 24.58 8.31
CA LEU C 205 35.17 24.96 7.35
C LEU C 205 34.94 23.92 6.25
N PRO C 206 35.97 23.35 5.62
CA PRO C 206 35.70 22.26 4.67
C PRO C 206 35.00 21.07 5.30
N ALA C 207 35.31 20.74 6.55
CA ALA C 207 34.63 19.64 7.21
C ALA C 207 33.14 19.92 7.39
N MET C 208 32.78 21.15 7.78
CA MET C 208 31.37 21.47 7.93
C MET C 208 30.66 21.54 6.59
N ALA C 209 31.35 22.02 5.56
CA ALA C 209 30.76 22.00 4.22
C ALA C 209 30.50 20.56 3.77
N LEU C 210 31.44 19.66 4.03
CA LEU C 210 31.22 18.26 3.72
C LEU C 210 30.10 17.67 4.55
N ALA C 211 29.98 18.12 5.80
CA ALA C 211 28.89 17.63 6.65
C ALA C 211 27.55 18.02 6.07
N TYR C 212 27.42 19.25 5.57
CA TYR C 212 26.18 19.67 4.93
C TYR C 212 25.91 18.87 3.66
N ASP C 213 26.93 18.69 2.83
CA ASP C 213 26.79 17.88 1.62
C ASP C 213 26.27 16.49 1.96
N PHE C 214 26.93 15.84 2.92
CA PHE C 214 26.58 14.48 3.28
C PHE C 214 25.20 14.41 3.90
N LEU C 215 24.83 15.41 4.71
CA LEU C 215 23.50 15.42 5.30
C LEU C 215 22.42 15.48 4.24
N LEU C 216 22.60 16.34 3.25
CA LEU C 216 21.60 16.42 2.18
C LEU C 216 21.54 15.14 1.37
N MET C 217 22.70 14.58 1.04
CA MET C 217 22.71 13.35 0.24
C MET C 217 22.11 12.19 1.03
N GLN C 218 22.37 12.12 2.33
CA GLN C 218 21.82 11.06 3.15
C GLN C 218 20.31 11.21 3.31
N GLN C 219 19.83 12.45 3.39
CA GLN C 219 18.39 12.66 3.39
C GLN C 219 17.77 12.25 2.07
N CYS C 220 18.47 12.48 0.96
CA CYS C 220 17.98 11.96 -0.32
C CYS C 220 17.92 10.45 -0.31
N VAL C 221 18.92 9.81 0.29
CA VAL C 221 18.90 8.35 0.40
C VAL C 221 17.70 7.89 1.21
N LYS C 222 17.39 8.58 2.30
CA LYS C 222 16.32 8.12 3.18
C LYS C 222 14.92 8.47 2.68
N GLN C 223 14.77 9.57 1.93
CA GLN C 223 13.46 10.08 1.60
C GLN C 223 12.98 9.72 0.20
N LEU C 224 13.88 9.61 -0.76
CA LEU C 224 13.45 9.43 -2.15
C LEU C 224 12.83 8.05 -2.34
N PRO C 225 11.96 7.90 -3.33
CA PRO C 225 11.30 6.60 -3.55
C PRO C 225 12.30 5.51 -3.87
N SER C 226 11.94 4.28 -3.51
CA SER C 226 12.86 3.15 -3.61
C SER C 226 13.21 2.80 -5.05
N ASN C 227 12.43 3.26 -6.03
CA ASN C 227 12.73 3.01 -7.42
C ASN C 227 13.32 4.23 -8.12
N CYS C 228 13.67 5.27 -7.36
CA CYS C 228 14.27 6.47 -7.90
C CYS C 228 15.77 6.28 -8.00
N TRP C 229 16.34 6.50 -9.19
CA TRP C 229 17.75 6.24 -9.37
C TRP C 229 18.63 7.28 -8.67
N GLN C 230 18.10 8.49 -8.44
CA GLN C 230 18.86 9.50 -7.72
C GLN C 230 19.13 9.06 -6.29
N LYS C 231 18.20 8.31 -5.70
CA LYS C 231 18.42 7.80 -4.35
C LYS C 231 19.64 6.89 -4.29
N TYR C 232 19.81 6.02 -5.28
CA TYR C 232 20.94 5.11 -5.30
C TYR C 232 22.22 5.80 -5.74
N LYS C 233 22.12 6.80 -6.60
CA LYS C 233 23.30 7.62 -6.91
C LYS C 233 23.81 8.30 -5.64
N ALA C 234 22.89 8.87 -4.85
CA ALA C 234 23.28 9.50 -3.60
C ALA C 234 23.88 8.50 -2.64
N ARG C 235 23.28 7.31 -2.54
CA ARG C 235 23.81 6.30 -1.63
C ARG C 235 25.20 5.86 -2.03
N GLN C 236 25.42 5.70 -3.33
CA GLN C 236 26.71 5.30 -3.86
C GLN C 236 27.77 6.35 -3.55
N ILE C 237 27.43 7.61 -3.76
CA ILE C 237 28.37 8.70 -3.49
C ILE C 237 28.68 8.79 -2.00
N CYS C 238 27.66 8.65 -1.15
CA CYS C 238 27.87 8.71 0.29
C CYS C 238 28.76 7.56 0.77
N ASN C 239 28.55 6.37 0.21
CA ASN C 239 29.39 5.24 0.56
C ASN C 239 30.84 5.49 0.16
N ASP C 240 31.08 6.04 -1.02
CA ASP C 240 32.45 6.36 -1.40
C ASP C 240 33.04 7.42 -0.48
N ILE C 241 32.23 8.38 -0.05
CA ILE C 241 32.73 9.42 0.85
C ILE C 241 33.18 8.80 2.15
N MET C 242 32.43 7.85 2.68
CA MET C 242 32.89 7.14 3.87
C MET C 242 34.16 6.34 3.60
N ASN C 243 34.20 5.61 2.49
CA ASN C 243 35.38 4.82 2.20
C ASN C 243 36.62 5.68 1.97
N THR C 244 36.42 6.95 1.62
CA THR C 244 37.52 7.85 1.30
C THR C 244 38.00 8.64 2.51
N PHE C 245 37.09 9.05 3.39
CA PHE C 245 37.46 9.93 4.48
C PHE C 245 38.31 9.20 5.52
N HIS C 246 39.42 9.82 5.90
CA HIS C 246 40.23 9.36 7.02
C HIS C 246 40.40 10.55 7.96
N PRO C 247 40.04 10.41 9.24
CA PRO C 247 40.19 11.56 10.14
C PRO C 247 41.63 12.01 10.35
N ASN C 248 42.61 11.19 10.00
CA ASN C 248 44.01 11.56 10.12
C ASN C 248 44.55 12.27 8.90
N ASP C 249 43.77 12.35 7.82
CA ASP C 249 44.19 12.99 6.58
C ASP C 249 43.14 14.00 6.20
N LEU C 250 43.47 15.29 6.27
CA LEU C 250 42.51 16.35 6.04
C LEU C 250 42.27 16.65 4.57
N SER C 251 43.10 16.15 3.66
CA SER C 251 42.82 16.29 2.25
C SER C 251 41.71 15.34 1.79
N THR C 252 41.46 14.28 2.56
CA THR C 252 40.34 13.41 2.27
C THR C 252 39.02 14.17 2.34
N ILE C 253 38.96 15.21 3.17
CA ILE C 253 37.76 16.05 3.21
C ILE C 253 37.53 16.71 1.86
N ASN C 254 38.59 17.26 1.28
CA ASN C 254 38.45 17.94 0.00
C ASN C 254 38.08 16.96 -1.11
N GLU C 255 38.69 15.77 -1.12
CA GLU C 255 38.30 14.85 -2.17
C GLU C 255 36.90 14.25 -1.93
N CYS C 256 36.44 14.19 -0.68
CA CYS C 256 35.06 13.82 -0.41
C CYS C 256 34.10 14.87 -0.95
N ARG C 257 34.43 16.15 -0.78
CA ARG C 257 33.61 17.20 -1.37
C ARG C 257 33.60 17.12 -2.89
N ASN C 258 34.75 16.81 -3.48
CA ASN C 258 34.79 16.60 -4.93
C ASN C 258 33.90 15.44 -5.35
N LEU C 259 33.88 14.37 -4.56
CA LEU C 259 32.97 13.26 -4.83
C LEU C 259 31.52 13.70 -4.77
N ALA C 260 31.17 14.49 -3.76
CA ALA C 260 29.81 14.96 -3.61
C ALA C 260 29.39 15.91 -4.72
N LYS C 261 30.35 16.55 -5.39
CA LYS C 261 30.03 17.43 -6.50
C LYS C 261 29.27 16.71 -7.62
N ALA C 262 29.45 15.39 -7.74
CA ALA C 262 28.75 14.65 -8.78
C ALA C 262 27.25 14.61 -8.53
N PHE C 263 26.80 14.86 -7.31
CA PHE C 263 25.40 14.91 -6.93
C PHE C 263 24.90 16.31 -6.69
N LEU C 264 25.73 17.20 -6.14
CA LEU C 264 25.29 18.54 -5.78
C LEU C 264 25.71 19.59 -6.79
N GLY C 265 26.55 19.26 -7.75
CA GLY C 265 27.05 20.27 -8.65
C GLY C 265 28.15 21.09 -8.02
N ASN C 266 28.57 22.13 -8.74
CA ASN C 266 29.72 22.92 -8.35
C ASN C 266 29.38 24.29 -7.77
N ASP C 267 28.10 24.66 -7.74
CA ASP C 267 27.72 26.01 -7.35
C ASP C 267 27.17 26.12 -5.94
N ILE C 268 27.16 25.03 -5.17
CA ILE C 268 26.50 25.05 -3.87
C ILE C 268 27.20 25.94 -2.85
N ASP C 269 28.43 26.36 -3.12
CA ASP C 269 29.19 27.13 -2.14
C ASP C 269 28.81 28.59 -2.09
N SER C 270 28.01 29.08 -3.02
CA SER C 270 27.64 30.49 -3.06
C SER C 270 26.16 30.58 -3.45
N GLU C 271 25.73 31.79 -3.77
CA GLU C 271 24.37 32.05 -4.22
C GLU C 271 24.21 31.84 -5.71
N ALA C 272 25.24 31.34 -6.39
CA ALA C 272 25.16 31.09 -7.82
C ALA C 272 24.30 29.87 -8.15
N VAL C 273 24.01 29.01 -7.16
CA VAL C 273 23.11 27.89 -7.41
C VAL C 273 21.75 28.40 -7.86
N PHE C 274 21.27 29.45 -7.22
CA PHE C 274 19.93 29.97 -7.50
C PHE C 274 19.85 30.73 -8.81
N GLU C 275 20.99 31.01 -9.44
CA GLU C 275 21.00 31.69 -10.73
C GLU C 275 20.90 30.73 -11.90
N LYS C 276 20.68 29.44 -11.63
CA LYS C 276 20.53 28.42 -12.65
C LYS C 276 19.12 27.86 -12.59
N ASN C 277 18.48 27.72 -13.75
CA ASN C 277 17.10 27.25 -13.85
C ASN C 277 16.14 28.14 -13.06
N ASN C 278 16.48 29.42 -12.93
CA ASN C 278 15.74 30.32 -12.05
C ASN C 278 14.52 30.93 -12.73
N ASP C 279 14.01 30.31 -13.79
CA ASP C 279 12.83 30.81 -14.47
C ASP C 279 11.62 29.90 -14.35
N LYS C 280 11.80 28.67 -13.87
CA LYS C 280 10.72 27.70 -13.75
C LYS C 280 10.72 27.06 -12.38
N ALA C 281 10.82 27.89 -11.35
CA ALA C 281 10.81 27.38 -9.97
C ALA C 281 9.43 26.87 -9.59
N ASN C 282 9.40 25.78 -8.84
CA ASN C 282 8.17 25.25 -8.29
C ASN C 282 8.00 25.53 -6.81
N VAL C 283 9.10 25.68 -6.09
CA VAL C 283 9.07 25.95 -4.65
C VAL C 283 9.75 27.28 -4.42
N PHE C 284 9.11 28.15 -3.65
CA PHE C 284 9.65 29.45 -3.34
C PHE C 284 9.89 29.51 -1.85
N ALA C 285 11.13 29.66 -1.44
CA ALA C 285 11.52 29.63 -0.05
C ALA C 285 11.62 31.05 0.49
N ILE C 286 11.07 31.28 1.66
CA ILE C 286 11.17 32.56 2.34
C ILE C 286 11.41 32.31 3.82
N GLY C 287 12.35 33.05 4.40
CA GLY C 287 12.62 32.91 5.81
C GLY C 287 11.53 33.55 6.66
N HIS C 288 11.30 32.98 7.82
CA HIS C 288 10.20 33.44 8.66
C HIS C 288 10.47 33.06 10.10
N CYS C 289 9.99 33.90 11.01
CA CYS C 289 10.11 33.66 12.44
C CYS C 289 8.81 34.09 13.08
N HIS C 290 7.99 33.12 13.44
CA HIS C 290 6.71 33.41 14.08
C HIS C 290 6.95 33.60 15.57
N ILE C 291 6.84 34.83 16.04
CA ILE C 291 6.96 35.17 17.44
C ILE C 291 5.56 35.44 17.96
N ASP C 292 5.05 34.57 18.81
CA ASP C 292 3.78 34.84 19.47
C ASP C 292 3.95 36.03 20.41
N THR C 293 3.14 37.06 20.22
CA THR C 293 3.25 38.26 21.05
C THR C 293 3.06 37.93 22.52
N ALA C 294 2.21 36.95 22.83
CA ALA C 294 2.19 36.32 24.15
C ALA C 294 1.49 34.99 24.00
N TRP C 295 2.23 33.89 24.15
CA TRP C 295 1.59 32.58 24.22
C TRP C 295 1.91 31.84 25.52
N LEU C 296 3.17 31.62 25.83
CA LEU C 296 3.56 30.90 27.03
C LEU C 296 4.60 31.70 27.80
N TRP C 297 4.63 33.00 27.59
CA TRP C 297 5.60 33.91 28.19
C TRP C 297 4.95 35.28 28.25
N PRO C 298 5.43 36.15 29.13
CA PRO C 298 4.86 37.50 29.20
C PRO C 298 5.19 38.32 27.96
N PHE C 299 4.55 39.49 27.86
CA PHE C 299 4.88 40.44 26.81
C PHE C 299 6.33 40.90 26.94
N ALA C 300 6.81 41.03 28.17
CA ALA C 300 8.17 41.50 28.41
C ALA C 300 9.20 40.55 27.84
N GLU C 301 8.92 39.25 27.83
CA GLU C 301 9.83 38.30 27.21
C GLU C 301 9.71 38.31 25.69
N THR C 302 8.51 38.57 25.17
CA THR C 302 8.36 38.75 23.73
C THR C 302 9.21 39.91 23.25
N ARG C 303 9.33 40.96 24.05
CA ARG C 303 10.14 42.09 23.65
C ARG C 303 11.58 41.69 23.38
N ARG C 304 12.13 40.81 24.20
CA ARG C 304 13.50 40.34 23.98
C ARG C 304 13.58 39.31 22.86
N LYS C 305 12.56 38.47 22.73
CA LYS C 305 12.54 37.50 21.64
C LYS C 305 12.58 38.20 20.29
N ILE C 306 11.88 39.32 20.17
CA ILE C 306 11.85 40.06 18.92
C ILE C 306 13.25 40.50 18.52
N VAL C 307 13.96 41.15 19.44
CA VAL C 307 15.26 41.70 19.10
C VAL C 307 16.27 40.59 18.86
N ARG C 308 16.22 39.52 19.66
CA ARG C 308 17.22 38.48 19.46
C ARG C 308 16.92 37.64 18.23
N SER C 309 15.68 37.61 17.75
CA SER C 309 15.42 36.99 16.45
C SER C 309 15.89 37.89 15.30
N TRP C 310 15.56 39.18 15.37
CA TRP C 310 15.81 40.03 14.21
C TRP C 310 17.26 40.42 14.06
N ALA C 311 17.99 40.61 15.17
CA ALA C 311 19.43 40.85 15.05
C ALA C 311 20.14 39.64 14.44
N THR C 312 19.73 38.43 14.86
CA THR C 312 20.28 37.22 14.27
C THR C 312 19.99 37.15 12.78
N GLN C 313 18.74 37.43 12.41
CA GLN C 313 18.38 37.38 11.00
C GLN C 313 19.13 38.43 10.20
N MET C 314 19.42 39.58 10.80
CA MET C 314 20.17 40.61 10.08
C MET C 314 21.62 40.21 9.86
N ASN C 315 22.26 39.58 10.86
CA ASN C 315 23.62 39.10 10.60
C ASN C 315 23.63 37.96 9.59
N ILE C 316 22.59 37.11 9.60
CA ILE C 316 22.49 36.07 8.58
C ILE C 316 22.31 36.68 7.20
N MET C 317 21.50 37.74 7.10
CA MET C 317 21.37 38.46 5.84
C MET C 317 22.71 39.01 5.38
N ASP C 318 23.52 39.46 6.32
CA ASP C 318 24.87 39.91 5.97
C ASP C 318 25.67 38.78 5.35
N ARG C 319 25.56 37.57 5.89
CA ARG C 319 26.37 36.48 5.36
C ARG C 319 25.79 35.83 4.12
N TYR C 320 24.47 35.83 3.94
CA TYR C 320 23.83 35.15 2.82
C TYR C 320 23.06 36.13 1.97
N PRO C 321 23.58 36.53 0.81
CA PRO C 321 22.97 37.63 0.05
C PRO C 321 21.64 37.28 -0.60
N GLU C 322 21.35 36.02 -0.84
CA GLU C 322 20.10 35.63 -1.47
C GLU C 322 18.97 35.45 -0.47
N TYR C 323 19.26 35.55 0.82
CA TYR C 323 18.31 35.20 1.85
C TYR C 323 17.34 36.35 2.12
N GLN C 324 16.07 36.01 2.23
CA GLN C 324 15.02 36.97 2.51
C GLN C 324 14.17 36.48 3.67
N PHE C 325 13.72 37.40 4.51
CA PHE C 325 13.04 37.09 5.75
C PHE C 325 11.80 37.97 5.85
N VAL C 326 10.66 37.36 6.12
CA VAL C 326 9.42 38.10 6.33
C VAL C 326 9.07 38.07 7.81
N CYS C 327 8.65 39.20 8.34
CA CYS C 327 8.04 39.23 9.66
C CYS C 327 6.85 40.18 9.62
N SER C 328 5.81 39.85 10.37
CA SER C 328 4.49 40.40 10.11
C SER C 328 4.08 41.55 11.02
N GLN C 329 4.05 41.32 12.33
CA GLN C 329 3.22 42.15 13.20
C GLN C 329 3.84 43.52 13.43
N ALA C 330 3.09 44.57 13.11
CA ALA C 330 3.59 45.93 13.24
C ALA C 330 3.87 46.31 14.69
N LEU C 331 3.11 45.75 15.62
CA LEU C 331 3.36 46.02 17.04
C LEU C 331 4.74 45.55 17.44
N GLN C 332 5.23 44.46 16.85
CA GLN C 332 6.57 43.99 17.18
C GLN C 332 7.63 44.95 16.66
N TYR C 333 7.40 45.55 15.49
CA TYR C 333 8.29 46.60 15.02
C TYR C 333 8.26 47.80 15.97
N LEU C 334 7.08 48.16 16.45
CA LEU C 334 6.99 49.27 17.40
C LEU C 334 7.74 48.97 18.68
N TRP C 335 7.62 47.74 19.17
CA TRP C 335 8.34 47.35 20.38
C TRP C 335 9.84 47.40 20.17
N LEU C 336 10.31 46.91 19.02
CA LEU C 336 11.73 47.00 18.71
C LEU C 336 12.19 48.45 18.65
N LYS C 337 11.38 49.31 18.02
CA LYS C 337 11.74 50.72 17.90
C LYS C 337 11.82 51.38 19.27
N GLU C 338 10.90 51.03 20.16
CA GLU C 338 10.95 51.57 21.52
C GLU C 338 12.17 51.09 22.27
N ASP C 339 12.49 49.79 22.15
CA ASP C 339 13.56 49.23 22.97
C ASP C 339 14.93 49.45 22.36
N HIS C 340 15.07 49.28 21.05
CA HIS C 340 16.36 49.33 20.36
C HIS C 340 16.25 50.21 19.13
N PRO C 341 16.26 51.54 19.30
CA PRO C 341 16.13 52.41 18.13
C PRO C 341 17.20 52.22 17.07
N ASP C 342 18.44 51.91 17.47
CA ASP C 342 19.50 51.74 16.50
C ASP C 342 19.33 50.45 15.70
N VAL C 343 18.89 49.39 16.36
CA VAL C 343 18.55 48.17 15.65
C VAL C 343 17.42 48.45 14.66
N PHE C 344 16.50 49.34 15.03
CA PHE C 344 15.40 49.67 14.13
C PHE C 344 15.90 50.45 12.92
N GLU C 345 16.86 51.35 13.11
CA GLU C 345 17.45 52.05 11.97
C GLU C 345 18.15 51.07 11.02
N LYS C 346 18.94 50.16 11.56
CA LYS C 346 19.56 49.13 10.74
C LYS C 346 18.50 48.29 10.03
N LEU C 347 17.42 47.97 10.74
CA LEU C 347 16.36 47.16 10.18
C LEU C 347 15.70 47.86 9.01
N LYS C 348 15.47 49.17 9.12
CA LYS C 348 14.82 49.85 8.01
C LYS C 348 15.76 49.98 6.82
N GLU C 349 17.07 50.04 7.05
CA GLU C 349 17.99 49.93 5.93
C GLU C 349 17.86 48.57 5.25
N TYR C 350 17.77 47.49 6.03
CA TYR C 350 17.60 46.17 5.44
C TYR C 350 16.30 46.08 4.66
N VAL C 351 15.23 46.66 5.20
CA VAL C 351 13.95 46.69 4.51
C VAL C 351 14.09 47.40 3.17
N ASN C 352 14.86 48.49 3.14
CA ASN C 352 15.14 49.16 1.88
C ASN C 352 15.85 48.24 0.90
N GLN C 353 16.80 47.44 1.40
CA GLN C 353 17.52 46.53 0.51
C GLN C 353 16.69 45.33 0.07
N ASN C 354 15.40 45.29 0.38
CA ASN C 354 14.47 44.25 -0.03
C ASN C 354 14.70 42.92 0.68
N LYS C 355 15.77 42.85 1.46
CA LYS C 355 15.81 41.85 2.50
C LYS C 355 14.94 42.33 3.66
N PHE C 356 14.53 41.41 4.51
CA PHE C 356 13.69 41.78 5.65
C PHE C 356 12.40 42.44 5.19
N ILE C 357 11.54 41.63 4.58
CA ILE C 357 10.27 42.10 4.03
C ILE C 357 9.19 42.16 5.11
N PRO C 358 8.65 43.34 5.43
CA PRO C 358 7.49 43.39 6.31
C PRO C 358 6.23 42.96 5.56
N ILE C 359 5.41 42.16 6.24
CA ILE C 359 4.27 41.51 5.62
C ILE C 359 3.09 41.57 6.58
N GLY C 360 1.93 41.23 6.08
CA GLY C 360 0.73 41.14 6.90
C GLY C 360 -0.12 42.37 6.99
N GLY C 361 0.51 43.51 7.25
CA GLY C 361 -0.20 44.77 7.30
C GLY C 361 -1.11 44.96 8.50
N SER C 362 -1.00 44.12 9.52
CA SER C 362 -1.85 44.24 10.69
C SER C 362 -1.00 44.55 11.91
N TRP C 363 -1.66 45.10 12.93
CA TRP C 363 -0.97 45.44 14.16
C TRP C 363 -0.41 44.20 14.85
N VAL C 364 -1.25 43.18 15.01
CA VAL C 364 -0.82 41.88 15.50
C VAL C 364 -1.42 40.82 14.59
N GLU C 365 -0.90 39.60 14.71
CA GLU C 365 -1.51 38.46 14.04
C GLU C 365 -2.68 38.02 14.89
N HIS C 366 -3.85 38.57 14.57
CA HIS C 366 -5.01 38.51 15.44
C HIS C 366 -5.90 37.33 15.07
N ASP C 367 -6.72 36.93 16.03
CA ASP C 367 -7.84 36.07 15.75
C ASP C 367 -8.87 36.83 14.93
N THR C 368 -9.57 36.11 14.05
CA THR C 368 -10.56 36.73 13.18
C THR C 368 -11.98 36.29 13.50
N ASN C 369 -12.17 35.47 14.52
CA ASN C 369 -13.50 35.03 14.89
C ASN C 369 -14.12 35.90 15.98
N ILE C 370 -13.35 36.20 17.02
CA ILE C 370 -13.87 36.89 18.20
C ILE C 370 -14.00 38.40 18.02
N PRO C 371 -12.99 39.12 17.54
CA PRO C 371 -13.12 40.58 17.49
C PRO C 371 -14.18 41.01 16.49
N ASN C 372 -14.82 42.13 16.79
CA ASN C 372 -15.86 42.64 15.91
C ASN C 372 -15.22 43.21 14.65
N GLY C 373 -16.07 43.60 13.70
CA GLY C 373 -15.57 44.01 12.40
C GLY C 373 -14.70 45.24 12.46
N GLU C 374 -15.08 46.22 13.26
CA GLU C 374 -14.28 47.42 13.38
C GLU C 374 -12.90 47.12 13.93
N SER C 375 -12.79 46.10 14.80
CA SER C 375 -11.48 45.69 15.28
C SER C 375 -10.60 45.16 14.16
N LEU C 376 -11.16 44.37 13.25
CA LEU C 376 -10.36 43.88 12.13
C LEU C 376 -9.92 45.02 11.23
N ILE C 377 -10.82 45.96 10.97
CA ILE C 377 -10.45 47.14 10.20
C ILE C 377 -9.35 47.92 10.91
N ARG C 378 -9.44 48.03 12.25
CA ARG C 378 -8.42 48.77 12.99
C ARG C 378 -7.08 48.06 12.95
N GLN C 379 -7.09 46.72 13.02
CA GLN C 379 -5.85 45.97 12.87
C GLN C 379 -5.16 46.38 11.58
N PHE C 380 -5.91 46.35 10.48
CA PHE C 380 -5.29 46.72 9.20
C PHE C 380 -4.91 48.20 9.17
N LEU C 381 -5.75 49.08 9.71
CA LEU C 381 -5.48 50.51 9.64
C LEU C 381 -4.20 50.87 10.39
N LEU C 382 -4.07 50.37 11.61
CA LEU C 382 -2.87 50.65 12.41
C LEU C 382 -1.64 49.99 11.81
N GLY C 383 -1.74 48.74 11.36
CA GLY C 383 -0.59 48.09 10.78
C GLY C 383 -0.11 48.78 9.52
N GLN C 384 -1.04 49.09 8.62
CA GLN C 384 -0.67 49.71 7.35
C GLN C 384 -0.14 51.12 7.57
N HIS C 385 -0.71 51.86 8.51
CA HIS C 385 -0.19 53.20 8.77
C HIS C 385 1.21 53.14 9.37
N PHE C 386 1.46 52.17 10.27
CA PHE C 386 2.81 52.03 10.81
C PHE C 386 3.80 51.68 9.72
N PHE C 387 3.44 50.74 8.84
CA PHE C 387 4.39 50.34 7.81
C PHE C 387 4.60 51.44 6.78
N GLU C 388 3.58 52.25 6.51
CA GLU C 388 3.74 53.37 5.59
C GLU C 388 4.52 54.51 6.21
N LYS C 389 4.49 54.62 7.54
CA LYS C 389 5.21 55.71 8.20
C LYS C 389 6.67 55.37 8.40
N GLU C 390 6.96 54.19 8.95
CA GLU C 390 8.34 53.83 9.24
C GLU C 390 9.11 53.47 7.98
N PHE C 391 8.49 52.72 7.09
CA PHE C 391 9.05 52.39 5.80
C PHE C 391 8.19 53.05 4.73
N GLY C 392 8.48 52.77 3.47
CA GLY C 392 7.63 53.30 2.44
C GLY C 392 6.68 52.25 1.90
N VAL C 393 6.46 51.19 2.67
CA VAL C 393 5.80 49.99 2.17
C VAL C 393 4.37 49.95 2.68
N ARG C 394 3.48 49.51 1.80
CA ARG C 394 2.14 49.09 2.17
C ARG C 394 2.02 47.62 1.87
N CYS C 395 1.63 46.82 2.85
CA CYS C 395 1.55 45.39 2.64
C CYS C 395 0.40 45.06 1.70
N ARG C 396 0.62 44.05 0.86
CA ARG C 396 -0.42 43.54 -0.03
C ARG C 396 -0.84 42.13 0.30
N THR C 397 -0.10 41.44 1.17
CA THR C 397 -0.41 40.08 1.57
C THR C 397 -0.84 40.10 3.02
N PHE C 398 -2.06 39.65 3.29
CA PHE C 398 -2.46 39.38 4.65
C PHE C 398 -1.78 38.09 5.11
N TRP C 399 -0.93 38.20 6.11
CA TRP C 399 -0.13 37.09 6.62
C TRP C 399 -0.74 36.64 7.93
N LEU C 400 -1.25 35.42 7.96
CA LEU C 400 -1.97 34.97 9.14
C LEU C 400 -1.87 33.45 9.26
N PRO C 401 -0.67 32.91 9.44
CA PRO C 401 -0.51 31.45 9.35
C PRO C 401 -0.90 30.69 10.61
N ASP C 402 -1.35 31.35 11.67
CA ASP C 402 -1.54 30.67 12.94
C ASP C 402 -2.88 30.99 13.59
N THR C 403 -3.82 31.55 12.85
CA THR C 403 -5.10 31.98 13.42
C THR C 403 -6.14 30.87 13.34
N PHE C 404 -6.92 30.72 14.42
CA PHE C 404 -7.86 29.60 14.55
C PHE C 404 -9.18 29.97 13.88
N GLY C 405 -9.21 29.81 12.57
CA GLY C 405 -10.44 30.08 11.85
C GLY C 405 -10.45 31.46 11.23
N TYR C 406 -11.16 31.58 10.12
CA TYR C 406 -11.16 32.79 9.31
C TYR C 406 -12.59 33.17 8.97
N SER C 407 -13.01 34.35 9.42
CA SER C 407 -14.40 34.74 9.27
C SER C 407 -14.71 35.14 7.84
N SER C 408 -15.99 35.17 7.52
CA SER C 408 -16.43 35.22 6.13
C SER C 408 -16.21 36.56 5.46
N GLN C 409 -15.97 37.63 6.22
CA GLN C 409 -15.78 38.94 5.61
C GLN C 409 -14.32 39.36 5.56
N ILE C 410 -13.40 38.48 5.96
CA ILE C 410 -11.99 38.82 5.90
C ILE C 410 -11.54 39.20 4.49
N PRO C 411 -11.93 38.49 3.43
CA PRO C 411 -11.51 38.95 2.10
C PRO C 411 -11.98 40.36 1.75
N GLN C 412 -13.18 40.74 2.17
CA GLN C 412 -13.65 42.09 1.89
C GLN C 412 -12.87 43.13 2.67
N ILE C 413 -12.59 42.86 3.94
CA ILE C 413 -11.81 43.79 4.75
C ILE C 413 -10.41 43.90 4.20
N CYS C 414 -9.85 42.79 3.73
CA CYS C 414 -8.55 42.81 3.09
C CYS C 414 -8.55 43.70 1.86
N ARG C 415 -9.53 43.52 0.98
CA ARG C 415 -9.59 44.33 -0.23
C ARG C 415 -9.79 45.80 0.10
N LEU C 416 -10.59 46.09 1.13
CA LEU C 416 -10.81 47.47 1.56
C LEU C 416 -9.54 48.08 2.11
N CYS C 417 -8.65 47.27 2.69
CA CYS C 417 -7.45 47.79 3.31
C CYS C 417 -6.21 47.56 2.45
N GLY C 418 -6.39 47.29 1.16
CA GLY C 418 -5.31 47.29 0.21
C GLY C 418 -4.59 45.98 0.02
N MET C 419 -5.09 44.87 0.54
CA MET C 419 -4.42 43.58 0.42
C MET C 419 -5.30 42.62 -0.35
N ASP C 420 -4.75 42.05 -1.42
CA ASP C 420 -5.47 41.10 -2.24
C ASP C 420 -4.89 39.70 -2.17
N ARG C 421 -3.92 39.47 -1.29
CA ARG C 421 -3.31 38.17 -1.12
C ARG C 421 -3.45 37.72 0.32
N PHE C 422 -3.58 36.42 0.51
CA PHE C 422 -3.73 35.85 1.83
C PHE C 422 -2.85 34.63 1.94
N LEU C 423 -2.07 34.58 3.01
CA LEU C 423 -1.24 33.43 3.31
C LEU C 423 -1.64 32.89 4.67
N THR C 424 -1.81 31.57 4.74
CA THR C 424 -2.17 30.91 5.98
C THR C 424 -1.90 29.42 5.86
N GLN C 425 -1.65 28.78 6.99
CA GLN C 425 -1.44 27.35 6.97
C GLN C 425 -2.23 26.62 8.05
N LYS C 426 -2.97 27.34 8.90
CA LYS C 426 -3.60 26.73 10.06
C LYS C 426 -4.65 25.70 9.66
N LEU C 427 -5.28 25.86 8.50
CA LEU C 427 -6.32 24.94 8.09
C LEU C 427 -5.81 23.53 7.86
N SER C 428 -4.49 23.33 7.81
CA SER C 428 -3.94 21.99 7.75
C SER C 428 -4.17 21.21 9.03
N TRP C 429 -4.55 21.86 10.13
CA TRP C 429 -4.87 21.18 11.37
C TRP C 429 -6.31 20.69 11.43
N ASN C 430 -7.08 20.86 10.36
CA ASN C 430 -8.42 20.31 10.29
C ASN C 430 -8.36 18.80 10.43
N ASN C 431 -8.91 18.27 11.53
CA ASN C 431 -8.78 16.84 11.84
C ASN C 431 -9.99 16.04 11.40
N ILE C 432 -10.84 16.60 10.52
CA ILE C 432 -11.93 15.84 9.94
C ILE C 432 -11.85 15.92 8.42
N ASN C 433 -11.85 17.13 7.87
CA ASN C 433 -11.84 17.36 6.43
C ASN C 433 -10.55 18.05 6.02
N SER C 434 -9.84 17.45 5.08
CA SER C 434 -8.73 18.15 4.46
C SER C 434 -9.29 19.24 3.55
N PHE C 435 -8.76 20.44 3.68
CA PHE C 435 -9.20 21.53 2.81
C PHE C 435 -8.90 21.17 1.36
N PRO C 436 -9.84 21.40 0.45
CA PRO C 436 -9.67 20.88 -0.92
C PRO C 436 -8.48 21.43 -1.68
N THR C 437 -8.05 22.66 -1.43
CA THR C 437 -7.10 23.32 -2.30
C THR C 437 -5.96 23.93 -1.52
N SER C 438 -4.84 24.12 -2.20
CA SER C 438 -3.70 24.86 -1.68
C SER C 438 -3.66 26.30 -2.17
N THR C 439 -4.07 26.55 -3.40
CA THR C 439 -4.12 27.88 -3.98
C THR C 439 -5.53 28.09 -4.52
N PHE C 440 -6.19 29.14 -4.06
CA PHE C 440 -7.58 29.33 -4.43
C PHE C 440 -7.95 30.79 -4.28
N ASN C 441 -9.15 31.12 -4.74
CA ASN C 441 -9.74 32.43 -4.53
C ASN C 441 -10.68 32.33 -3.34
N TRP C 442 -10.43 33.12 -2.32
CA TRP C 442 -11.29 33.17 -1.15
C TRP C 442 -12.19 34.39 -1.30
N VAL C 443 -13.50 34.14 -1.32
CA VAL C 443 -14.51 35.13 -1.64
C VAL C 443 -15.30 35.43 -0.38
N ALA C 444 -15.44 36.71 -0.07
CA ALA C 444 -16.16 37.13 1.12
C ALA C 444 -17.67 37.02 0.90
N LEU C 445 -18.44 37.39 1.93
CA LEU C 445 -19.89 37.39 1.82
C LEU C 445 -20.35 38.31 0.69
N ASP C 446 -19.72 39.46 0.55
CA ASP C 446 -20.13 40.44 -0.46
C ASP C 446 -19.68 40.08 -1.86
N GLY C 447 -18.73 39.17 -2.00
CA GLY C 447 -18.15 38.85 -3.30
C GLY C 447 -16.72 39.30 -3.47
N SER C 448 -16.18 40.07 -2.54
CA SER C 448 -14.78 40.46 -2.61
C SER C 448 -13.89 39.24 -2.45
N GLN C 449 -12.82 39.19 -3.22
CA GLN C 449 -11.96 38.02 -3.26
C GLN C 449 -10.52 38.41 -3.02
N VAL C 450 -9.84 37.58 -2.24
CA VAL C 450 -8.39 37.59 -2.19
C VAL C 450 -7.91 36.26 -2.77
N ILE C 451 -6.64 36.22 -3.12
CA ILE C 451 -6.03 34.97 -3.57
C ILE C 451 -5.26 34.39 -2.39
N CYS C 452 -5.63 33.19 -1.98
CA CYS C 452 -5.08 32.55 -0.81
C CYS C 452 -4.19 31.38 -1.22
N HIS C 453 -3.05 31.27 -0.57
CA HIS C 453 -2.18 30.11 -0.68
C HIS C 453 -1.94 29.54 0.70
N MET C 454 -2.03 28.21 0.80
CA MET C 454 -1.63 27.51 2.02
C MET C 454 -0.38 26.70 1.71
N PRO C 455 0.76 27.01 2.33
CA PRO C 455 2.01 26.30 2.02
C PRO C 455 1.84 24.80 2.11
N PRO C 456 2.07 24.08 1.00
CA PRO C 456 1.71 22.65 0.97
C PRO C 456 2.43 21.81 2.00
N ALA C 457 3.70 22.09 2.29
CA ALA C 457 4.34 21.51 3.46
C ALA C 457 3.76 22.20 4.68
N ASN C 458 2.92 21.50 5.42
CA ASN C 458 1.94 22.18 6.28
C ASN C 458 2.59 22.81 7.50
N THR C 459 3.51 23.75 7.28
CA THR C 459 4.20 24.44 8.36
C THR C 459 4.57 25.84 7.91
N TYR C 460 4.80 26.70 8.89
CA TYR C 460 5.51 27.95 8.70
C TYR C 460 6.85 27.93 9.42
N THR C 461 7.23 26.79 9.97
CA THR C 461 8.51 26.58 10.66
C THR C 461 9.24 25.39 10.05
N ALA C 462 9.34 25.37 8.72
CA ALA C 462 9.99 24.26 8.04
C ALA C 462 11.49 24.26 8.34
N ASP C 463 12.17 23.23 7.85
CA ASP C 463 13.57 23.01 8.17
C ASP C 463 14.49 22.93 6.96
N THR C 464 13.95 23.05 5.75
CA THR C 464 14.71 22.98 4.50
C THR C 464 15.42 21.65 4.31
N ASN C 465 14.97 20.59 4.98
CA ASN C 465 15.38 19.26 4.59
C ASN C 465 14.76 18.90 3.24
N VAL C 466 15.23 17.82 2.64
CA VAL C 466 14.69 17.46 1.34
C VAL C 466 13.21 17.09 1.45
N ASN C 467 12.77 16.60 2.61
CA ASN C 467 11.36 16.31 2.78
C ASN C 467 10.53 17.59 2.75
N ASP C 468 11.00 18.66 3.38
CA ASP C 468 10.27 19.92 3.36
C ASP C 468 10.19 20.50 1.95
N VAL C 469 11.31 20.49 1.22
CA VAL C 469 11.33 21.00 -0.14
C VAL C 469 10.43 20.15 -1.03
N LEU C 470 10.48 18.83 -0.88
CA LEU C 470 9.64 17.95 -1.68
C LEU C 470 8.17 18.18 -1.38
N HIS C 471 7.80 18.21 -0.10
CA HIS C 471 6.41 18.39 0.27
C HIS C 471 5.88 19.75 -0.09
N SER C 472 6.75 20.76 -0.22
CA SER C 472 6.28 22.06 -0.63
C SER C 472 5.64 22.04 -2.01
N ILE C 473 5.89 21.01 -2.81
CA ILE C 473 5.23 20.94 -4.11
C ILE C 473 4.39 19.69 -4.23
N ASP C 474 4.76 18.60 -3.56
CA ASP C 474 4.11 17.34 -3.87
C ASP C 474 2.91 17.03 -2.98
N GLN C 475 2.67 17.77 -1.91
CA GLN C 475 1.38 17.70 -1.24
C GLN C 475 0.58 18.97 -1.42
N HIS C 476 0.89 19.73 -2.46
CA HIS C 476 -0.01 20.74 -2.99
C HIS C 476 -1.32 20.08 -3.41
N LYS C 477 -2.43 20.66 -2.98
CA LYS C 477 -3.71 19.96 -3.07
C LYS C 477 -4.45 20.16 -4.38
N ASN C 478 -4.13 21.20 -5.15
CA ASN C 478 -4.77 21.45 -6.44
C ASN C 478 -3.71 21.76 -7.50
N LEU C 479 -2.74 20.86 -7.62
CA LEU C 479 -1.62 21.05 -8.54
C LEU C 479 -2.05 21.26 -9.98
N VAL C 480 -3.25 20.83 -10.37
CA VAL C 480 -3.71 21.05 -11.73
C VAL C 480 -3.93 22.54 -12.01
N ASN C 481 -4.18 23.35 -10.98
CA ASN C 481 -4.40 24.77 -11.18
C ASN C 481 -3.10 25.56 -11.17
N ASP C 482 -2.19 25.22 -10.27
CA ASP C 482 -0.90 25.86 -10.21
C ASP C 482 0.10 24.89 -9.61
N GLN C 483 1.35 25.00 -10.05
CA GLN C 483 2.39 24.11 -9.56
C GLN C 483 3.47 24.92 -8.88
N ALA C 484 3.07 25.83 -8.00
CA ALA C 484 3.99 26.64 -7.22
C ALA C 484 3.63 26.52 -5.76
N GLY C 485 4.61 26.18 -4.93
CA GLY C 485 4.42 26.08 -3.50
C GLY C 485 5.36 27.02 -2.77
N LEU C 486 4.87 27.57 -1.67
CA LEU C 486 5.68 28.43 -0.83
C LEU C 486 6.25 27.61 0.31
N LEU C 487 7.56 27.72 0.50
CA LEU C 487 8.26 27.05 1.59
C LEU C 487 8.64 28.11 2.62
N VAL C 488 7.96 28.07 3.76
CA VAL C 488 8.16 29.05 4.82
C VAL C 488 9.01 28.36 5.88
N PHE C 489 10.29 28.73 5.95
CA PHE C 489 11.23 28.03 6.80
C PHE C 489 11.75 28.95 7.89
N GLY C 490 12.08 28.35 9.02
CA GLY C 490 12.50 29.07 10.19
C GLY C 490 12.13 28.26 11.41
N ILE C 491 12.44 28.83 12.57
CA ILE C 491 11.97 28.30 13.85
C ILE C 491 11.05 29.34 14.46
N GLY C 492 9.85 28.93 14.79
CA GLY C 492 8.80 29.87 15.19
C GLY C 492 7.92 29.35 16.28
N ASP C 493 6.64 29.70 16.22
CA ASP C 493 5.69 29.52 17.32
C ASP C 493 6.16 30.28 18.56
N GLY C 494 6.88 31.37 18.35
CA GLY C 494 7.47 32.15 19.42
C GLY C 494 8.95 31.85 19.54
N GLY C 495 9.80 32.69 18.95
CA GLY C 495 11.22 32.46 19.05
C GLY C 495 12.12 33.14 18.04
N GLY C 496 13.03 32.37 17.45
CA GLY C 496 14.03 32.94 16.55
C GLY C 496 14.12 32.12 15.28
N GLY C 497 14.31 32.81 14.16
CA GLY C 497 14.00 32.25 12.86
C GLY C 497 14.98 31.24 12.32
N PRO C 498 15.21 31.28 11.01
CA PRO C 498 16.09 30.30 10.38
C PRO C 498 17.55 30.46 10.83
N THR C 499 18.26 29.35 10.77
CA THR C 499 19.67 29.25 11.06
C THR C 499 20.47 29.21 9.77
N PRO C 500 21.76 29.53 9.81
CA PRO C 500 22.59 29.40 8.60
C PRO C 500 22.65 27.98 8.06
N GLU C 501 22.49 26.99 8.93
CA GLU C 501 22.45 25.60 8.47
C GLU C 501 21.31 25.38 7.50
N MET C 502 20.16 26.00 7.74
CA MET C 502 19.03 25.85 6.85
C MET C 502 19.30 26.49 5.49
N LEU C 503 20.03 27.60 5.46
CA LEU C 503 20.39 28.20 4.18
C LEU C 503 21.39 27.33 3.43
N GLU C 504 22.34 26.72 4.14
CA GLU C 504 23.24 25.77 3.48
C GLU C 504 22.47 24.59 2.89
N LYS C 505 21.52 24.05 3.65
CA LYS C 505 20.73 22.95 3.13
C LYS C 505 19.87 23.38 1.95
N LEU C 506 19.38 24.61 1.95
CA LEU C 506 18.61 25.11 0.81
C LEU C 506 19.48 25.23 -0.43
N ARG C 507 20.70 25.74 -0.27
CA ARG C 507 21.62 25.82 -1.40
C ARG C 507 21.91 24.44 -1.96
N ARG C 508 22.10 23.45 -1.07
CA ARG C 508 22.40 22.11 -1.56
C ARG C 508 21.18 21.44 -2.19
N CYS C 509 19.97 21.72 -1.69
CA CYS C 509 18.78 21.22 -2.35
C CYS C 509 18.66 21.78 -3.75
N LYS C 510 18.93 23.08 -3.91
CA LYS C 510 18.92 23.69 -5.23
C LYS C 510 19.99 23.07 -6.12
N GLY C 511 21.18 22.82 -5.58
CA GLY C 511 22.22 22.19 -6.36
C GLY C 511 21.85 20.78 -6.81
N ILE C 512 21.20 20.01 -5.93
CA ILE C 512 20.72 18.69 -6.31
C ILE C 512 19.71 18.79 -7.44
N ALA C 513 18.76 19.73 -7.31
CA ALA C 513 17.78 19.92 -8.37
C ALA C 513 18.45 20.30 -9.69
N ASN C 514 19.51 21.10 -9.62
CA ASN C 514 20.23 21.48 -10.83
C ASN C 514 20.98 20.31 -11.44
N THR C 515 21.50 19.42 -10.61
CA THR C 515 22.44 18.40 -11.08
C THR C 515 21.76 17.09 -11.46
N VAL C 516 21.05 16.47 -10.53
CA VAL C 516 20.39 15.20 -10.79
C VAL C 516 18.89 15.35 -10.95
N GLY C 517 18.30 16.46 -10.52
CA GLY C 517 16.97 16.85 -10.94
C GLY C 517 15.80 15.99 -10.51
N TYR C 518 15.75 15.55 -9.26
CA TYR C 518 14.52 14.99 -8.72
C TYR C 518 13.83 15.94 -7.76
N LEU C 519 14.60 16.65 -6.94
CA LEU C 519 14.05 17.64 -6.07
C LEU C 519 13.45 18.78 -6.89
N PRO C 520 12.45 19.47 -6.37
CA PRO C 520 11.88 20.61 -7.09
C PRO C 520 12.89 21.74 -7.23
N ASN C 521 12.73 22.48 -8.32
CA ASN C 521 13.48 23.71 -8.51
C ASN C 521 13.04 24.72 -7.46
N VAL C 522 13.91 25.00 -6.50
CA VAL C 522 13.59 25.88 -5.39
C VAL C 522 14.25 27.23 -5.62
N LYS C 523 13.49 28.30 -5.39
CA LYS C 523 13.97 29.66 -5.54
C LYS C 523 14.01 30.33 -4.18
N LEU C 524 15.09 31.07 -3.92
CA LEU C 524 15.26 31.70 -2.62
C LEU C 524 15.16 33.22 -2.65
N GLY C 525 15.46 33.87 -3.76
CA GLY C 525 15.53 35.32 -3.74
C GLY C 525 14.26 36.07 -4.08
N ASN C 526 13.11 35.44 -3.94
CA ASN C 526 11.83 36.04 -4.31
C ASN C 526 11.01 36.35 -3.07
N THR C 527 10.29 37.46 -3.10
CA THR C 527 9.41 37.82 -2.01
C THR C 527 8.09 37.06 -2.12
N VAL C 528 7.32 37.10 -1.04
CA VAL C 528 6.01 36.46 -1.04
C VAL C 528 5.09 37.12 -2.07
N ASP C 529 5.19 38.44 -2.20
CA ASP C 529 4.39 39.13 -3.20
C ASP C 529 4.79 38.76 -4.61
N GLU C 530 6.07 38.49 -4.87
CA GLU C 530 6.46 37.98 -6.18
C GLU C 530 5.93 36.57 -6.42
N PHE C 531 5.85 35.76 -5.36
CA PHE C 531 5.24 34.43 -5.48
C PHE C 531 3.78 34.54 -5.89
N PHE C 532 3.05 35.46 -5.25
CA PHE C 532 1.65 35.64 -5.63
C PHE C 532 1.52 36.28 -7.01
N ASP C 533 2.47 37.13 -7.39
CA ASP C 533 2.49 37.68 -8.74
C ASP C 533 2.66 36.57 -9.77
N GLY C 534 3.54 35.61 -9.49
CA GLY C 534 3.68 34.47 -10.38
C GLY C 534 2.40 33.66 -10.49
N ILE C 535 1.74 33.42 -9.35
CA ILE C 535 0.48 32.69 -9.40
C ILE C 535 -0.55 33.42 -10.24
N LEU C 536 -0.67 34.73 -10.03
CA LEU C 536 -1.66 35.51 -10.78
C LEU C 536 -1.33 35.56 -12.26
N LYS C 537 -0.05 35.64 -12.60
CA LYS C 537 0.34 35.65 -14.00
C LYS C 537 0.04 34.32 -14.68
N ARG C 538 0.28 33.21 -13.98
CA ARG C 538 0.07 31.90 -14.59
C ARG C 538 -1.41 31.54 -14.67
N THR C 539 -2.25 32.06 -13.78
CA THR C 539 -3.64 31.63 -13.69
C THR C 539 -4.61 32.64 -14.29
N ASN C 540 -4.14 33.52 -15.17
CA ASN C 540 -4.98 34.53 -15.81
C ASN C 540 -5.62 35.44 -14.77
N ALA C 541 -4.76 36.07 -13.96
CA ALA C 541 -5.20 36.89 -12.84
C ALA C 541 -6.11 36.13 -11.89
N GLY C 542 -5.80 34.86 -11.67
CA GLY C 542 -6.53 34.05 -10.72
C GLY C 542 -7.87 33.55 -11.19
N GLN C 543 -8.24 33.79 -12.45
CA GLN C 543 -9.56 33.41 -12.91
C GLN C 543 -9.75 31.90 -12.94
N THR C 544 -8.70 31.13 -13.18
CA THR C 544 -8.82 29.69 -13.27
C THR C 544 -8.70 28.99 -11.93
N LEU C 545 -8.43 29.72 -10.86
CA LEU C 545 -8.29 29.09 -9.56
C LEU C 545 -9.65 28.68 -9.01
N PRO C 546 -9.71 27.62 -8.22
CA PRO C 546 -10.95 27.28 -7.53
C PRO C 546 -11.34 28.36 -6.54
N SER C 547 -12.62 28.46 -6.28
CA SER C 547 -13.16 29.44 -5.35
C SER C 547 -13.56 28.78 -4.05
N TRP C 548 -13.43 29.54 -2.96
CA TRP C 548 -14.08 29.21 -1.70
C TRP C 548 -14.89 30.43 -1.29
N ASN C 549 -16.19 30.23 -1.13
CA ASN C 549 -17.10 31.30 -0.75
C ASN C 549 -17.41 31.20 0.73
N GLY C 550 -17.17 32.27 1.46
CA GLY C 550 -17.56 32.34 2.84
C GLY C 550 -16.46 31.98 3.80
N GLU C 551 -16.89 31.60 5.00
CA GLU C 551 -15.96 31.38 6.10
C GLU C 551 -15.11 30.14 5.87
N LEU C 552 -13.81 30.28 6.14
CA LEU C 552 -12.90 29.14 6.16
C LEU C 552 -12.96 28.53 7.56
N TYR C 553 -13.72 27.47 7.72
CA TYR C 553 -13.96 26.92 9.05
C TYR C 553 -12.77 26.09 9.51
N PHE C 554 -12.27 26.40 10.69
CA PHE C 554 -11.17 25.68 11.31
C PHE C 554 -11.77 24.58 12.18
N GLU C 555 -11.58 23.33 11.78
CA GLU C 555 -12.17 22.20 12.48
C GLU C 555 -11.27 21.77 13.63
N PHE C 556 -11.00 22.72 14.52
CA PHE C 556 -10.04 22.56 15.59
C PHE C 556 -10.12 23.79 16.47
N HIS C 557 -9.68 23.65 17.71
CA HIS C 557 -9.59 24.75 18.66
C HIS C 557 -10.93 25.48 18.83
N ARG C 558 -12.02 24.71 18.89
CA ARG C 558 -13.34 25.32 19.05
C ARG C 558 -13.56 25.82 20.46
N GLY C 559 -12.93 25.18 21.44
CA GLY C 559 -13.04 25.65 22.81
C GLY C 559 -12.54 27.06 23.01
N THR C 560 -11.79 27.59 22.03
CA THR C 560 -11.35 28.97 22.08
C THR C 560 -12.47 29.97 21.94
N TYR C 561 -13.69 29.55 21.57
CA TYR C 561 -14.80 30.50 21.55
C TYR C 561 -15.27 30.87 22.95
N THR C 562 -14.98 30.04 23.94
CA THR C 562 -15.56 30.18 25.27
C THR C 562 -14.53 30.37 26.38
N THR C 563 -13.35 29.77 26.27
CA THR C 563 -12.38 29.85 27.33
C THR C 563 -11.87 31.28 27.52
N GLN C 564 -11.47 31.60 28.74
CA GLN C 564 -11.15 32.96 29.16
C GLN C 564 -12.35 33.88 28.93
N ALA C 565 -13.43 33.58 29.67
CA ALA C 565 -14.68 34.31 29.50
C ALA C 565 -14.53 35.77 29.90
N GLU C 566 -13.72 36.04 30.94
CA GLU C 566 -13.56 37.42 31.39
C GLU C 566 -12.93 38.28 30.31
N LEU C 567 -11.91 37.76 29.63
CA LEU C 567 -11.26 38.52 28.57
C LEU C 567 -12.20 38.77 27.41
N LYS C 568 -13.06 37.80 27.08
CA LYS C 568 -13.97 37.98 25.95
C LYS C 568 -15.07 38.98 26.28
N LYS C 569 -15.61 38.91 27.49
CA LYS C 569 -16.56 39.93 27.91
C LYS C 569 -15.93 41.31 27.90
N LEU C 570 -14.69 41.41 28.39
CA LEU C 570 -13.99 42.68 28.38
C LEU C 570 -13.74 43.17 26.97
N MET C 571 -13.40 42.27 26.05
CA MET C 571 -13.18 42.64 24.66
C MET C 571 -14.44 43.24 24.05
N ARG C 572 -15.59 42.59 24.26
CA ARG C 572 -16.81 43.16 23.68
C ARG C 572 -17.15 44.49 24.31
N LYS C 573 -17.05 44.59 25.64
CA LYS C 573 -17.36 45.86 26.30
C LYS C 573 -16.42 46.96 25.82
N VAL C 574 -15.15 46.64 25.63
CA VAL C 574 -14.18 47.63 25.21
C VAL C 574 -14.42 48.07 23.78
N GLU C 575 -14.77 47.14 22.90
CA GLU C 575 -15.08 47.52 21.52
C GLU C 575 -16.27 48.47 21.49
N ILE C 576 -17.33 48.14 22.23
CA ILE C 576 -18.50 49.02 22.24
C ILE C 576 -18.16 50.37 22.88
N ALA C 577 -17.35 50.36 23.94
CA ALA C 577 -16.97 51.60 24.59
C ALA C 577 -16.11 52.47 23.70
N LEU C 578 -15.19 51.86 22.93
CA LEU C 578 -14.37 52.62 22.01
C LEU C 578 -15.22 53.21 20.90
N HIS C 579 -16.21 52.46 20.41
CA HIS C 579 -17.15 53.02 19.45
C HIS C 579 -17.85 54.24 20.02
N ASP C 580 -18.38 54.12 21.24
CA ASP C 580 -19.10 55.24 21.86
C ASP C 580 -18.18 56.44 22.09
N ALA C 581 -16.95 56.19 22.55
CA ALA C 581 -16.03 57.27 22.83
C ALA C 581 -15.61 57.99 21.56
N GLU C 582 -15.33 57.26 20.49
CA GLU C 582 -14.98 57.91 19.24
C GLU C 582 -16.16 58.69 18.68
N TYR C 583 -17.38 58.17 18.85
CA TYR C 583 -18.57 58.88 18.40
C TYR C 583 -18.73 60.22 19.13
N VAL C 584 -18.70 60.18 20.46
CA VAL C 584 -18.90 61.43 21.20
C VAL C 584 -17.71 62.36 21.03
N SER C 585 -16.50 61.81 20.84
CA SER C 585 -15.35 62.66 20.60
C SER C 585 -15.46 63.36 19.26
N THR C 586 -15.94 62.65 18.24
CA THR C 586 -16.20 63.29 16.95
C THR C 586 -17.20 64.41 17.10
N LEU C 587 -18.29 64.15 17.83
CA LEU C 587 -19.31 65.18 18.03
C LEU C 587 -18.74 66.38 18.77
N ALA C 588 -17.96 66.14 19.83
CA ALA C 588 -17.41 67.23 20.62
C ALA C 588 -16.39 68.04 19.83
N SER C 589 -15.54 67.37 19.05
CA SER C 589 -14.59 68.11 18.23
C SER C 589 -15.29 68.90 17.14
N ILE C 590 -16.41 68.40 16.64
CA ILE C 590 -17.15 69.12 15.61
C ILE C 590 -17.83 70.36 16.19
N PHE C 591 -18.47 70.22 17.35
CA PHE C 591 -19.37 71.25 17.83
C PHE C 591 -18.79 72.11 18.94
N SER C 592 -17.74 71.65 19.63
CA SER C 592 -17.09 72.44 20.67
C SER C 592 -15.83 73.05 20.10
N LYS C 593 -15.68 74.37 20.28
CA LYS C 593 -14.52 75.06 19.73
C LYS C 593 -13.25 74.75 20.51
N ASP C 594 -13.37 74.46 21.81
CA ASP C 594 -12.22 74.26 22.68
C ASP C 594 -11.97 72.78 22.98
N TYR C 595 -12.37 71.88 22.09
CA TYR C 595 -12.12 70.46 22.26
C TYR C 595 -11.42 69.94 21.01
N SER C 596 -10.28 69.29 21.22
CA SER C 596 -9.55 68.66 20.15
C SER C 596 -9.78 67.16 20.18
N TYR C 597 -9.95 66.57 19.01
CA TYR C 597 -10.14 65.14 18.92
C TYR C 597 -8.92 64.43 19.50
N PRO C 598 -9.10 63.55 20.48
CA PRO C 598 -7.95 62.92 21.16
C PRO C 598 -7.36 61.77 20.34
N LYS C 599 -6.65 62.13 19.27
CA LYS C 599 -6.05 61.11 18.41
C LYS C 599 -5.02 60.29 19.16
N GLU C 600 -4.24 60.93 20.02
CA GLU C 600 -3.17 60.23 20.72
C GLU C 600 -3.73 59.23 21.74
N SER C 601 -4.67 59.68 22.57
CA SER C 601 -5.25 58.79 23.57
C SER C 601 -6.02 57.65 22.90
N LEU C 602 -6.79 57.96 21.87
CA LEU C 602 -7.51 56.92 21.16
C LEU C 602 -6.57 55.93 20.50
N GLN C 603 -5.47 56.43 19.95
CA GLN C 603 -4.49 55.54 19.33
C GLN C 603 -3.88 54.61 20.37
N ASP C 604 -3.58 55.12 21.55
CA ASP C 604 -3.04 54.26 22.60
C ASP C 604 -4.06 53.20 23.02
N LEU C 605 -5.32 53.61 23.21
CA LEU C 605 -6.33 52.66 23.62
C LEU C 605 -6.54 51.59 22.57
N TRP C 606 -6.56 51.98 21.30
CA TRP C 606 -6.71 51.00 20.23
C TRP C 606 -5.51 50.10 20.12
N ARG C 607 -4.30 50.63 20.38
CA ARG C 607 -3.13 49.76 20.34
C ARG C 607 -3.20 48.68 21.40
N ASP C 608 -3.62 49.05 22.62
CA ASP C 608 -3.78 48.03 23.66
C ASP C 608 -4.88 47.04 23.29
N THR C 609 -6.01 47.54 22.81
CA THR C 609 -7.13 46.66 22.46
C THR C 609 -6.74 45.68 21.38
N LEU C 610 -6.07 46.15 20.34
CA LEU C 610 -5.67 45.27 19.25
C LEU C 610 -4.57 44.33 19.68
N LEU C 611 -3.73 44.74 20.63
CA LEU C 611 -2.75 43.83 21.18
C LEU C 611 -3.42 42.66 21.88
N CYS C 612 -4.51 42.91 22.59
CA CYS C 612 -5.15 41.80 23.27
C CYS C 612 -5.99 40.93 22.34
N GLN C 613 -6.14 41.29 21.08
CA GLN C 613 -6.80 40.43 20.11
C GLN C 613 -5.84 39.49 19.41
N PHE C 614 -4.63 39.33 19.96
CA PHE C 614 -3.66 38.43 19.37
C PHE C 614 -4.20 37.01 19.32
N HIS C 615 -3.84 36.27 18.28
CA HIS C 615 -4.46 34.99 17.97
C HIS C 615 -4.20 33.92 19.02
N ASP C 616 -3.49 34.23 20.10
CA ASP C 616 -3.39 33.32 21.23
C ASP C 616 -3.94 33.91 22.52
N VAL C 617 -3.95 35.22 22.67
CA VAL C 617 -4.44 35.84 23.90
C VAL C 617 -5.96 35.84 23.92
N LEU C 618 -6.58 36.47 22.93
CA LEU C 618 -8.04 36.55 22.89
C LEU C 618 -8.72 35.19 22.84
N PRO C 619 -8.29 34.22 22.02
CA PRO C 619 -8.94 32.90 22.06
C PRO C 619 -8.79 32.19 23.39
N GLY C 620 -7.86 32.61 24.24
CA GLY C 620 -7.84 32.10 25.59
C GLY C 620 -6.92 30.92 25.81
N SER C 621 -5.78 30.92 25.14
CA SER C 621 -4.89 29.77 25.14
C SER C 621 -3.48 30.17 25.56
N CYS C 622 -3.38 30.94 26.62
CA CYS C 622 -2.10 31.40 27.14
C CYS C 622 -1.95 30.95 28.59
N ILE C 623 -0.73 31.11 29.09
CA ILE C 623 -0.43 30.81 30.49
C ILE C 623 -1.06 31.89 31.37
N GLU C 624 -1.10 31.64 32.68
CA GLU C 624 -1.82 32.52 33.58
C GLU C 624 -1.18 33.90 33.67
N MET C 625 0.15 33.98 33.56
CA MET C 625 0.80 35.29 33.63
C MET C 625 0.39 36.20 32.48
N VAL C 626 0.14 35.61 31.31
CA VAL C 626 -0.31 36.40 30.18
C VAL C 626 -1.62 37.10 30.51
N TYR C 627 -2.55 36.40 31.14
CA TYR C 627 -3.81 37.03 31.49
C TYR C 627 -3.70 37.92 32.71
N LYS C 628 -2.80 37.61 33.64
CA LYS C 628 -2.47 38.56 34.70
C LYS C 628 -1.91 39.85 34.14
N ASP C 629 -1.42 39.83 32.90
CA ASP C 629 -1.11 41.08 32.20
C ASP C 629 -2.30 41.62 31.41
N ALA C 630 -3.01 40.76 30.68
CA ALA C 630 -3.99 41.19 29.69
C ALA C 630 -5.28 41.72 30.31
N ILE C 631 -5.81 41.01 31.32
CA ILE C 631 -7.04 41.48 31.96
C ILE C 631 -6.88 42.86 32.58
N PRO C 632 -5.82 43.16 33.34
CA PRO C 632 -5.66 44.53 33.84
C PRO C 632 -5.50 45.57 32.74
N ILE C 633 -4.81 45.27 31.65
CA ILE C 633 -4.65 46.33 30.66
C ILE C 633 -5.96 46.51 29.89
N MET C 634 -6.74 45.45 29.74
CA MET C 634 -8.08 45.58 29.16
C MET C 634 -9.00 46.40 30.05
N SER C 635 -8.93 46.17 31.37
CA SER C 635 -9.71 46.98 32.30
C SER C 635 -9.26 48.43 32.26
N LYS C 636 -7.95 48.66 32.13
CA LYS C 636 -7.45 50.02 32.02
C LYS C 636 -7.92 50.68 30.73
N VAL C 637 -7.98 49.92 29.64
CA VAL C 637 -8.52 50.46 28.39
C VAL C 637 -9.97 50.86 28.57
N LEU C 638 -10.76 49.99 29.22
CA LEU C 638 -12.15 50.32 29.47
C LEU C 638 -12.29 51.58 30.31
N LYS C 639 -11.49 51.70 31.37
CA LYS C 639 -11.58 52.85 32.26
C LYS C 639 -11.16 54.14 31.55
N ASN C 640 -10.07 54.09 30.79
CA ASN C 640 -9.61 55.29 30.10
C ASN C 640 -10.54 55.68 28.96
N THR C 641 -11.14 54.69 28.31
CA THR C 641 -12.14 54.98 27.29
C THR C 641 -13.34 55.70 27.90
N GLU C 642 -13.78 55.23 29.07
CA GLU C 642 -14.88 55.91 29.75
C GLU C 642 -14.50 57.34 30.13
N ALA C 643 -13.28 57.54 30.60
CA ALA C 643 -12.83 58.89 30.93
C ALA C 643 -12.84 59.79 29.71
N LEU C 644 -12.33 59.29 28.58
CA LEU C 644 -12.34 60.06 27.34
C LEU C 644 -13.75 60.41 26.92
N LEU C 645 -14.66 59.45 27.00
CA LEU C 645 -16.05 59.68 26.64
C LEU C 645 -16.67 60.76 27.53
N TRP C 646 -16.38 60.72 28.82
CA TRP C 646 -16.96 61.72 29.71
C TRP C 646 -16.38 63.11 29.47
N GLN C 647 -15.10 63.19 29.11
CA GLN C 647 -14.55 64.49 28.71
C GLN C 647 -15.29 65.04 27.50
N ALA C 648 -15.50 64.20 26.49
CA ALA C 648 -16.22 64.66 25.31
C ALA C 648 -17.64 65.07 25.66
N ILE C 649 -18.31 64.30 26.51
CA ILE C 649 -19.68 64.61 26.90
C ILE C 649 -19.74 65.95 27.63
N GLU C 650 -18.81 66.16 28.57
CA GLU C 650 -18.75 67.44 29.27
C GLU C 650 -18.57 68.59 28.29
N GLN C 651 -17.75 68.39 27.26
CA GLN C 651 -17.63 69.41 26.24
C GLN C 651 -18.93 69.60 25.47
N LEU C 652 -19.76 68.57 25.40
CA LEU C 652 -21.03 68.67 24.68
C LEU C 652 -22.16 69.26 25.51
N GLY C 653 -21.94 69.53 26.80
CA GLY C 653 -22.93 70.16 27.63
C GLY C 653 -23.63 69.28 28.63
N PHE C 654 -23.17 68.06 28.85
CA PHE C 654 -23.78 67.14 29.78
C PHE C 654 -22.74 66.69 30.81
N LYS C 655 -23.20 65.89 31.77
CA LYS C 655 -22.32 65.36 32.80
C LYS C 655 -22.91 64.06 33.31
N LYS C 656 -22.11 63.34 34.10
CA LYS C 656 -22.59 62.10 34.69
C LYS C 656 -23.72 62.38 35.67
N ALA C 657 -24.55 61.35 35.90
CA ALA C 657 -25.79 61.52 36.64
C ALA C 657 -25.55 61.95 38.07
N SER C 658 -24.51 61.41 38.71
CA SER C 658 -24.04 61.81 40.03
C SER C 658 -24.99 61.43 41.16
N SER C 659 -26.15 60.85 40.83
CA SER C 659 -27.07 60.27 41.81
C SER C 659 -27.52 61.27 42.86
N SER C 660 -27.58 62.55 42.50
CA SER C 660 -28.12 63.58 43.37
C SER C 660 -29.21 64.39 42.70
N ASP C 661 -29.18 64.48 41.37
CA ASP C 661 -30.19 65.21 40.63
C ASP C 661 -31.48 64.40 40.62
N ASN C 662 -32.61 65.09 40.51
CA ASN C 662 -33.91 64.43 40.51
C ASN C 662 -34.15 63.70 39.19
N LYS C 663 -35.02 62.69 39.26
CA LYS C 663 -35.19 61.75 38.15
C LYS C 663 -35.74 62.43 36.90
N GLU C 664 -36.60 63.44 37.06
CA GLU C 664 -37.29 64.00 35.90
C GLU C 664 -36.37 64.70 34.93
N GLN C 665 -35.13 65.00 35.30
CA GLN C 665 -34.17 65.62 34.40
C GLN C 665 -33.03 64.69 34.01
N LEU C 666 -33.14 63.40 34.32
CA LEU C 666 -32.16 62.43 33.88
C LEU C 666 -32.31 62.16 32.39
N CYS C 667 -31.18 62.05 31.71
CA CYS C 667 -31.14 61.70 30.30
C CYS C 667 -30.40 60.39 30.13
N LEU C 668 -30.47 59.85 28.92
CA LEU C 668 -29.80 58.60 28.59
C LEU C 668 -29.12 58.77 27.26
N LEU C 669 -27.84 58.42 27.19
CA LEU C 669 -27.09 58.48 25.95
C LEU C 669 -27.32 57.21 25.15
N ASN C 670 -27.61 57.35 23.87
CA ASN C 670 -27.95 56.21 23.03
C ASN C 670 -26.74 55.67 22.27
N THR C 671 -26.15 56.49 21.40
CA THR C 671 -25.03 56.11 20.53
C THR C 671 -25.38 54.99 19.55
N LEU C 672 -26.60 54.55 19.52
CA LEU C 672 -26.91 53.68 18.41
C LEU C 672 -27.48 54.49 17.26
N PRO C 673 -27.22 54.10 16.01
CA PRO C 673 -27.62 54.95 14.88
C PRO C 673 -29.08 54.80 14.50
N TRP C 674 -29.97 54.75 15.49
CA TRP C 674 -31.40 54.69 15.25
C TRP C 674 -32.08 55.00 16.58
N ASN C 675 -33.38 55.22 16.51
CA ASN C 675 -34.16 55.55 17.70
C ASN C 675 -34.48 54.26 18.44
N VAL C 676 -33.84 54.06 19.59
CA VAL C 676 -34.29 53.05 20.55
C VAL C 676 -35.44 53.68 21.32
N ARG C 677 -36.67 53.40 20.90
CA ARG C 677 -37.80 54.22 21.36
C ARG C 677 -37.89 54.26 22.87
N GLY C 678 -37.46 53.21 23.56
CA GLY C 678 -37.50 53.19 25.00
C GLY C 678 -36.50 52.24 25.60
N VAL C 679 -35.92 52.64 26.73
CA VAL C 679 -34.93 51.85 27.44
C VAL C 679 -35.31 51.84 28.92
N ILE C 680 -35.29 50.68 29.53
CA ILE C 680 -35.52 50.57 30.96
C ILE C 680 -34.17 50.35 31.64
N THR C 681 -33.78 51.26 32.52
CA THR C 681 -32.50 51.17 33.19
C THR C 681 -32.66 51.40 34.68
N GLU C 682 -31.78 50.80 35.45
CA GLU C 682 -31.72 51.07 36.87
C GLU C 682 -31.04 52.41 37.12
N THR C 683 -31.56 53.15 38.09
CA THR C 683 -30.93 54.37 38.55
C THR C 683 -30.33 54.22 39.94
N GLU C 684 -31.12 53.77 40.90
CA GLU C 684 -30.63 53.42 42.22
C GLU C 684 -30.28 51.93 42.23
N GLU C 685 -30.07 51.35 43.41
CA GLU C 685 -29.71 49.94 43.48
C GLU C 685 -30.82 49.05 42.92
N ASN C 686 -32.08 49.48 43.01
CA ASN C 686 -33.18 48.66 42.56
C ASN C 686 -34.30 49.44 41.85
N LYS C 687 -34.13 50.74 41.64
CA LYS C 687 -35.19 51.55 41.05
C LYS C 687 -35.03 51.56 39.54
N LEU C 688 -36.08 51.15 38.83
CA LEU C 688 -36.09 51.11 37.38
C LEU C 688 -36.80 52.34 36.83
N VAL C 689 -36.21 52.94 35.81
CA VAL C 689 -36.76 54.12 35.16
C VAL C 689 -36.82 53.84 33.67
N TYR C 690 -37.93 54.27 33.05
CA TYR C 690 -38.13 54.13 31.62
C TYR C 690 -37.78 55.45 30.95
N PHE C 691 -36.84 55.40 30.01
CA PHE C 691 -36.44 56.55 29.22
C PHE C 691 -36.98 56.39 27.81
N GLU C 692 -37.61 57.44 27.30
CA GLU C 692 -38.17 57.39 25.96
C GLU C 692 -37.63 58.56 25.15
N SER C 693 -37.71 58.43 23.84
CA SER C 693 -37.33 59.49 22.93
C SER C 693 -38.28 59.45 21.75
N CYS C 694 -39.01 60.55 21.52
CA CYS C 694 -39.99 60.55 20.44
C CYS C 694 -39.33 60.74 19.09
N ASP C 695 -38.53 61.79 18.94
CA ASP C 695 -37.89 62.10 17.65
C ASP C 695 -36.38 61.99 17.72
N GLY C 696 -35.72 62.74 18.61
CA GLY C 696 -34.28 62.68 18.69
C GLY C 696 -33.82 61.34 19.22
N LYS C 697 -32.83 60.75 18.55
CA LYS C 697 -32.40 59.41 18.92
C LYS C 697 -31.22 59.40 19.87
N GLY C 698 -30.40 60.44 19.88
CA GLY C 698 -29.19 60.43 20.68
C GLY C 698 -29.47 60.46 22.18
N ILE C 699 -30.45 61.24 22.60
CA ILE C 699 -30.73 61.46 24.01
C ILE C 699 -32.16 61.01 24.29
N LEU C 700 -32.31 60.22 25.35
CA LEU C 700 -33.61 59.76 25.81
C LEU C 700 -33.93 60.41 27.15
N THR C 701 -35.16 60.85 27.34
CA THR C 701 -35.54 61.52 28.56
C THR C 701 -36.42 60.62 29.41
N ALA C 702 -36.36 60.81 30.72
CA ALA C 702 -37.15 60.01 31.64
C ALA C 702 -38.64 60.22 31.38
N ALA C 703 -39.40 59.14 31.42
CA ALA C 703 -40.80 59.15 31.05
C ALA C 703 -41.69 59.41 32.24
N HIS C 704 -42.75 60.18 32.02
CA HIS C 704 -43.77 60.41 33.03
C HIS C 704 -44.87 59.36 32.97
N THR C 705 -45.40 59.13 31.77
CA THR C 705 -46.51 58.20 31.62
C THR C 705 -46.07 56.76 31.91
N SER C 706 -47.03 55.96 32.36
CA SER C 706 -46.80 54.54 32.53
C SER C 706 -46.73 53.85 31.17
N LEU C 707 -46.30 52.60 31.18
CA LEU C 707 -46.13 51.86 29.94
C LEU C 707 -47.49 51.47 29.36
N LYS C 708 -47.60 51.54 28.04
CA LYS C 708 -48.81 51.07 27.38
C LYS C 708 -48.97 49.56 27.52
N HIS C 709 -47.87 48.83 27.55
CA HIS C 709 -47.88 47.37 27.64
C HIS C 709 -46.97 46.94 28.78
N PRO C 710 -47.45 47.01 30.01
CA PRO C 710 -46.61 46.64 31.15
C PRO C 710 -46.39 45.13 31.22
N ALA C 711 -45.33 44.75 31.92
CA ALA C 711 -45.02 43.36 32.18
C ALA C 711 -45.51 42.99 33.58
N ALA C 712 -45.85 41.72 33.76
CA ALA C 712 -46.34 41.25 35.04
C ALA C 712 -45.74 39.91 35.36
N ALA C 713 -45.54 39.64 36.64
CA ALA C 713 -45.08 38.34 37.11
C ALA C 713 -46.05 37.84 38.16
N TYR C 714 -46.66 36.70 37.92
CA TYR C 714 -47.55 36.12 38.90
C TYR C 714 -47.29 34.64 39.00
N GLN C 715 -48.07 33.96 39.83
CA GLN C 715 -47.90 32.54 40.07
C GLN C 715 -49.14 31.79 39.64
N LYS C 716 -48.96 30.48 39.47
CA LYS C 716 -49.99 29.58 38.98
C LYS C 716 -49.85 28.29 39.79
N ASP C 717 -50.33 27.18 39.23
CA ASP C 717 -50.20 25.92 39.95
C ASP C 717 -48.71 25.56 40.00
N ASP C 718 -48.04 26.09 41.04
CA ASP C 718 -46.60 25.96 41.27
C ASP C 718 -45.75 26.38 40.06
N ASN C 719 -46.35 27.10 39.11
CA ASN C 719 -45.61 27.64 37.98
C ASN C 719 -45.60 29.16 38.07
N PHE C 720 -44.55 29.76 37.53
CA PHE C 720 -44.41 31.21 37.51
C PHE C 720 -44.64 31.72 36.10
N ILE C 721 -45.40 32.79 35.97
CA ILE C 721 -45.75 33.35 34.68
C ILE C 721 -45.17 34.75 34.59
N LEU C 722 -44.33 34.97 33.58
CA LEU C 722 -43.88 36.30 33.19
C LEU C 722 -44.65 36.67 31.93
N VAL C 723 -45.51 37.67 32.03
CA VAL C 723 -46.42 37.95 30.93
C VAL C 723 -46.20 39.37 30.45
N ASN C 724 -46.45 39.56 29.16
CA ASN C 724 -46.22 40.80 28.46
C ASN C 724 -47.42 41.03 27.56
N ASP C 725 -47.35 42.07 26.73
CA ASP C 725 -48.29 42.15 25.63
C ASP C 725 -47.93 41.16 24.54
N HIS C 726 -46.66 40.82 24.42
CA HIS C 726 -46.14 40.01 23.34
C HIS C 726 -45.89 38.55 23.73
N LEU C 727 -45.37 38.29 24.92
CA LEU C 727 -44.92 36.96 25.29
C LEU C 727 -45.54 36.53 26.61
N ARG C 728 -45.76 35.23 26.74
CA ARG C 728 -46.09 34.61 28.02
C ARG C 728 -45.06 33.52 28.29
N VAL C 729 -44.32 33.66 29.38
CA VAL C 729 -43.26 32.73 29.76
C VAL C 729 -43.74 31.95 30.97
N THR C 730 -43.87 30.65 30.80
CA THR C 730 -44.25 29.74 31.88
C THR C 730 -43.00 29.01 32.35
N ILE C 731 -42.63 29.27 33.60
CA ILE C 731 -41.41 28.77 34.22
C ILE C 731 -41.79 27.76 35.28
N ALA C 732 -41.22 26.56 35.19
CA ALA C 732 -41.43 25.55 36.21
C ALA C 732 -40.74 25.96 37.50
N PRO C 733 -41.17 25.43 38.64
CA PRO C 733 -40.43 25.67 39.88
C PRO C 733 -39.01 25.17 39.81
N ASN C 734 -38.75 24.23 38.89
CA ASN C 734 -37.41 23.79 38.56
C ASN C 734 -36.56 24.90 37.99
N GLY C 735 -37.18 25.91 37.38
CA GLY C 735 -36.48 26.95 36.67
C GLY C 735 -36.53 26.80 35.17
N LEU C 736 -36.86 25.63 34.67
CA LEU C 736 -37.00 25.43 33.23
C LEU C 736 -38.18 26.22 32.71
N ILE C 737 -38.02 26.79 31.52
CA ILE C 737 -39.11 27.48 30.87
C ILE C 737 -40.00 26.43 30.24
N LEU C 738 -41.16 26.18 30.85
CA LEU C 738 -42.07 25.17 30.34
C LEU C 738 -42.72 25.63 29.04
N SER C 739 -43.03 26.90 28.93
CA SER C 739 -43.73 27.37 27.75
C SER C 739 -43.28 28.78 27.40
N LEU C 740 -43.18 29.05 26.11
CA LEU C 740 -42.89 30.39 25.59
C LEU C 740 -43.93 30.65 24.53
N PHE C 741 -44.98 31.39 24.88
CA PHE C 741 -46.13 31.56 24.01
C PHE C 741 -46.12 32.96 23.43
N ASP C 742 -46.21 33.05 22.11
CA ASP C 742 -46.31 34.33 21.42
C ASP C 742 -47.79 34.64 21.51
N LEU C 743 -48.13 35.84 21.98
CA LEU C 743 -49.53 36.20 22.18
C LEU C 743 -50.17 36.82 20.94
N HIS C 744 -49.40 37.52 20.12
CA HIS C 744 -49.95 38.07 18.89
C HIS C 744 -50.23 36.97 17.88
N LYS C 745 -49.19 36.25 17.49
CA LYS C 745 -49.34 35.00 16.76
C LYS C 745 -49.54 33.92 17.81
N GLU C 746 -50.77 33.46 17.98
CA GLU C 746 -51.07 32.62 19.13
C GLU C 746 -50.42 31.25 18.97
N ARG C 747 -49.10 31.20 19.09
CA ARG C 747 -48.36 29.97 18.82
C ARG C 747 -47.31 29.70 19.90
N GLU C 748 -47.18 28.44 20.24
CA GLU C 748 -46.12 28.01 21.15
C GLU C 748 -44.79 28.02 20.41
N ILE C 749 -43.74 28.40 21.12
CA ILE C 749 -42.41 28.57 20.53
C ILE C 749 -41.45 27.44 20.88
N LEU C 750 -41.76 26.59 21.85
CA LEU C 750 -40.72 25.74 22.43
C LEU C 750 -40.58 24.37 21.76
N ASP C 751 -41.66 23.62 21.58
CA ASP C 751 -41.57 22.24 21.07
C ASP C 751 -40.72 21.36 21.99
N LEU C 752 -41.30 21.09 23.17
CA LEU C 752 -40.73 20.12 24.07
C LEU C 752 -41.11 18.69 23.74
N LYS C 753 -41.91 18.47 22.69
CA LYS C 753 -42.42 17.15 22.39
C LYS C 753 -41.48 16.32 21.53
N SER C 754 -40.76 16.96 20.61
CA SER C 754 -39.77 16.28 19.81
C SER C 754 -38.37 16.64 20.29
N GLY C 755 -37.39 15.91 19.80
CA GLY C 755 -36.01 16.12 20.21
C GLY C 755 -35.71 15.46 21.53
N LYS C 756 -34.43 15.52 21.90
CA LYS C 756 -33.97 14.91 23.15
C LYS C 756 -34.47 15.69 24.36
N ASN C 757 -34.61 17.01 24.23
CA ASN C 757 -35.00 17.86 25.34
C ASN C 757 -36.52 17.83 25.48
N HIS C 758 -37.01 17.27 26.58
CA HIS C 758 -38.43 17.27 26.88
C HIS C 758 -38.78 18.11 28.10
N ALA C 759 -37.79 18.58 28.86
CA ALA C 759 -38.03 19.31 30.10
C ALA C 759 -37.54 20.74 29.92
N GLY C 760 -38.39 21.58 29.35
CA GLY C 760 -38.18 23.01 29.36
C GLY C 760 -37.03 23.56 28.54
N ALA C 761 -37.15 24.84 28.19
CA ALA C 761 -36.07 25.60 27.59
C ALA C 761 -35.25 26.28 28.68
N ASN C 762 -34.20 26.98 28.27
CA ASN C 762 -33.23 27.55 29.20
C ASN C 762 -32.71 26.47 30.15
N GLN C 763 -32.39 25.33 29.58
CA GLN C 763 -31.93 24.19 30.36
C GLN C 763 -30.42 24.25 30.48
N TYR C 764 -29.91 24.31 31.70
CA TYR C 764 -28.48 24.35 31.93
C TYR C 764 -27.94 22.94 32.01
N VAL C 765 -26.91 22.67 31.21
CA VAL C 765 -26.32 21.34 31.12
C VAL C 765 -24.82 21.47 31.33
N LEU C 766 -24.26 20.57 32.11
CA LEU C 766 -22.84 20.53 32.42
C LEU C 766 -22.25 19.32 31.71
N PHE C 767 -21.55 19.55 30.60
CA PHE C 767 -20.92 18.49 29.85
C PHE C 767 -19.51 18.22 30.36
N GLU C 768 -19.10 16.97 30.32
CA GLU C 768 -17.71 16.64 30.62
C GLU C 768 -16.86 16.99 29.42
N ASP C 769 -15.89 17.88 29.61
CA ASP C 769 -15.18 18.44 28.46
C ASP C 769 -14.09 17.52 27.95
N THR C 770 -13.03 17.33 28.75
CA THR C 770 -11.89 16.46 28.48
C THR C 770 -11.51 16.35 27.02
N PRO C 771 -11.04 17.41 26.38
CA PRO C 771 -10.61 17.31 24.98
C PRO C 771 -9.40 16.42 24.83
N LEU C 772 -9.06 16.13 23.57
CA LEU C 772 -8.03 15.14 23.30
C LEU C 772 -6.64 15.61 23.70
N SER C 773 -6.20 16.76 23.18
CA SER C 773 -4.85 17.22 23.47
C SER C 773 -4.78 18.56 24.16
N TRP C 774 -5.40 19.59 23.60
CA TRP C 774 -5.18 20.98 24.01
C TRP C 774 -6.38 21.44 24.82
N GLN C 775 -6.23 21.49 26.14
CA GLN C 775 -7.39 21.67 27.01
C GLN C 775 -8.01 23.06 26.84
N ALA C 776 -7.21 24.11 26.80
CA ALA C 776 -7.78 25.45 26.64
C ALA C 776 -8.24 25.70 25.22
N TRP C 777 -7.63 25.04 24.24
CA TRP C 777 -8.00 25.28 22.86
C TRP C 777 -9.26 24.54 22.46
N ASP C 778 -9.37 23.27 22.82
CA ASP C 778 -10.21 22.33 22.11
C ASP C 778 -11.43 21.91 22.91
N THR C 779 -12.52 21.68 22.18
CA THR C 779 -13.65 20.87 22.64
C THR C 779 -13.96 19.85 21.57
N GLU C 780 -14.25 18.63 21.99
CA GLU C 780 -14.46 17.54 21.04
C GLU C 780 -15.95 17.27 20.86
N VAL C 781 -16.27 16.65 19.73
CA VAL C 781 -17.66 16.35 19.42
C VAL C 781 -18.22 15.31 20.37
N PHE C 782 -17.37 14.46 20.96
CA PHE C 782 -17.86 13.48 21.91
C PHE C 782 -18.13 14.07 23.29
N SER C 783 -17.84 15.35 23.49
CA SER C 783 -18.12 15.99 24.77
C SER C 783 -19.60 16.08 25.08
N LEU C 784 -20.46 16.02 24.05
CA LEU C 784 -21.90 16.07 24.26
C LEU C 784 -22.49 14.75 24.70
N GLU C 785 -21.71 13.67 24.70
CA GLU C 785 -22.24 12.35 25.03
C GLU C 785 -22.30 12.09 26.52
N LYS C 786 -21.63 12.90 27.34
CA LYS C 786 -21.57 12.70 28.77
C LYS C 786 -21.84 14.03 29.45
N TYR C 787 -22.93 14.11 30.21
CA TYR C 787 -23.39 15.38 30.72
C TYR C 787 -24.28 15.17 31.93
N GLU C 788 -24.51 16.24 32.66
CA GLU C 788 -25.45 16.29 33.77
C GLU C 788 -26.37 17.48 33.59
N VAL C 789 -27.66 17.25 33.56
CA VAL C 789 -28.63 18.34 33.46
C VAL C 789 -28.81 18.94 34.85
N LEU C 790 -28.69 20.27 34.93
CA LEU C 790 -28.84 20.98 36.19
C LEU C 790 -30.31 21.35 36.36
N ASP C 791 -31.04 20.50 37.08
CA ASP C 791 -32.48 20.68 37.25
C ASP C 791 -32.87 20.60 38.71
N LYS C 792 -32.06 21.18 39.60
CA LYS C 792 -32.37 21.22 41.02
C LYS C 792 -32.60 22.64 41.52
N GLY C 793 -32.93 23.57 40.62
CA GLY C 793 -33.07 24.95 41.01
C GLY C 793 -34.39 25.25 41.68
N LYS C 794 -34.43 26.40 42.35
CA LYS C 794 -35.63 26.92 42.99
C LYS C 794 -35.92 28.31 42.44
N VAL C 795 -37.19 28.59 42.19
CA VAL C 795 -37.62 29.84 41.57
C VAL C 795 -38.30 30.71 42.60
N SER C 796 -37.97 32.00 42.59
CA SER C 796 -38.66 33.01 43.38
C SER C 796 -38.93 34.21 42.47
N ILE C 797 -40.00 34.93 42.77
CA ILE C 797 -40.36 36.13 42.01
C ILE C 797 -39.49 37.28 42.51
N LYS C 798 -38.57 37.75 41.66
CA LYS C 798 -37.76 38.90 42.05
C LYS C 798 -38.55 40.19 41.96
N GLU C 799 -39.34 40.36 40.90
CA GLU C 799 -40.12 41.58 40.76
C GLU C 799 -41.29 41.30 39.83
N SER C 800 -42.35 42.08 39.98
CA SER C 800 -43.54 41.92 39.16
C SER C 800 -44.03 43.25 38.61
N GLY C 801 -43.26 44.31 38.77
CA GLY C 801 -43.71 45.65 38.49
C GLY C 801 -43.96 45.86 37.02
N PRO C 802 -44.56 47.01 36.68
CA PRO C 802 -44.92 47.24 35.27
C PRO C 802 -43.73 47.33 34.34
N LEU C 803 -42.59 47.86 34.81
CA LEU C 803 -41.47 48.06 33.91
C LEU C 803 -40.78 46.75 33.59
N ARG C 804 -40.57 45.90 34.59
CA ARG C 804 -39.85 44.65 34.37
C ARG C 804 -40.34 43.62 35.37
N ALA C 805 -40.89 42.53 34.86
CA ALA C 805 -41.19 41.35 35.66
C ALA C 805 -40.05 40.36 35.55
N SER C 806 -39.80 39.65 36.64
CA SER C 806 -38.59 38.84 36.70
C SER C 806 -38.68 37.85 37.83
N VAL C 807 -38.26 36.61 37.56
CA VAL C 807 -38.09 35.58 38.57
C VAL C 807 -36.61 35.30 38.72
N VAL C 808 -36.26 34.64 39.81
CA VAL C 808 -34.88 34.27 40.11
C VAL C 808 -34.83 32.75 40.29
N VAL C 809 -33.91 32.11 39.59
CA VAL C 809 -33.66 30.69 39.74
C VAL C 809 -32.32 30.51 40.44
N ASP C 810 -32.32 29.74 41.52
CA ASP C 810 -31.13 29.43 42.28
C ASP C 810 -30.74 28.00 41.97
N ILE C 811 -29.76 27.83 41.09
CA ILE C 811 -29.40 26.53 40.53
C ILE C 811 -28.09 26.08 41.16
N PRO C 812 -28.05 24.96 41.86
CA PRO C 812 -26.78 24.40 42.33
C PRO C 812 -26.10 23.62 41.21
N ILE C 813 -24.98 24.16 40.73
CA ILE C 813 -24.22 23.44 39.70
C ILE C 813 -23.59 22.20 40.29
N SER C 814 -22.92 22.35 41.42
CA SER C 814 -22.31 21.25 42.16
C SER C 814 -21.89 21.80 43.52
N GLU C 815 -21.14 21.02 44.27
CA GLU C 815 -20.36 21.58 45.35
C GLU C 815 -19.30 22.51 44.75
N LEU C 816 -19.07 23.63 45.43
CA LEU C 816 -18.10 24.64 45.03
C LEU C 816 -18.53 25.47 43.83
N SER C 817 -19.61 25.10 43.16
CA SER C 817 -20.06 25.80 41.97
C SER C 817 -21.56 26.05 42.07
N HIS C 818 -21.95 27.30 41.95
CA HIS C 818 -23.34 27.69 42.13
C HIS C 818 -23.70 28.71 41.06
N MET C 819 -24.99 28.85 40.79
CA MET C 819 -25.39 29.87 39.84
C MET C 819 -26.79 30.37 40.17
N LYS C 820 -27.00 31.64 39.90
CA LYS C 820 -28.27 32.32 40.12
C LYS C 820 -28.72 32.91 38.80
N ALA C 821 -29.80 32.39 38.24
CA ALA C 821 -30.31 32.82 36.95
C ALA C 821 -31.54 33.67 37.15
N THR C 822 -31.53 34.86 36.57
CA THR C 822 -32.64 35.78 36.61
C THR C 822 -33.28 35.80 35.22
N ILE C 823 -34.58 35.55 35.17
CA ILE C 823 -35.35 35.55 33.93
C ILE C 823 -36.31 36.72 34.00
N SER C 824 -36.23 37.62 33.03
CA SER C 824 -36.98 38.87 33.08
C SER C 824 -37.69 39.15 31.78
N LEU C 825 -38.85 39.78 31.90
CA LEU C 825 -39.61 40.34 30.79
C LEU C 825 -39.83 41.81 31.07
N GLU C 826 -39.66 42.64 30.07
CA GLU C 826 -39.83 44.07 30.22
C GLU C 826 -41.12 44.50 29.53
N GLY C 827 -41.82 45.45 30.13
CA GLY C 827 -42.89 46.12 29.44
C GLY C 827 -42.35 47.10 28.44
N TYR C 828 -43.25 47.61 27.61
CA TYR C 828 -42.83 48.51 26.55
C TYR C 828 -44.00 49.36 26.11
N ASN C 829 -43.69 50.41 25.36
CA ASN C 829 -44.70 51.19 24.63
C ASN C 829 -44.78 50.77 23.18
N ASP C 830 -43.64 50.50 22.55
CA ASP C 830 -43.58 50.06 21.17
C ASP C 830 -42.82 48.75 21.10
N CYS C 831 -43.21 47.89 20.16
CA CYS C 831 -42.60 46.57 20.06
C CYS C 831 -41.14 46.64 19.65
N SER C 832 -40.68 47.77 19.11
CA SER C 832 -39.31 47.89 18.65
C SER C 832 -38.30 48.04 19.78
N GLU C 833 -38.74 48.31 21.00
CA GLU C 833 -37.84 48.39 22.14
C GLU C 833 -37.77 47.07 22.90
N PHE C 834 -38.43 46.03 22.42
CA PHE C 834 -38.40 44.72 23.05
C PHE C 834 -37.14 43.96 22.65
N THR C 835 -36.51 43.33 23.63
CA THR C 835 -35.36 42.45 23.38
C THR C 835 -35.65 41.00 23.72
N GLY C 836 -36.90 40.66 23.99
CA GLY C 836 -37.25 39.29 24.31
C GLY C 836 -37.14 38.99 25.79
N VAL C 837 -37.09 37.69 26.08
CA VAL C 837 -36.90 37.20 27.44
C VAL C 837 -35.42 37.32 27.79
N ASN C 838 -35.12 38.08 28.83
CA ASN C 838 -33.74 38.31 29.23
C ASN C 838 -33.33 37.34 30.31
N PHE C 839 -32.07 36.96 30.29
CA PHE C 839 -31.49 36.03 31.24
C PHE C 839 -30.17 36.60 31.72
N THR C 840 -30.02 36.70 33.04
CA THR C 840 -28.77 37.13 33.66
C THR C 840 -28.34 36.02 34.62
N CYS C 841 -27.23 35.38 34.32
CA CYS C 841 -26.70 34.29 35.13
C CYS C 841 -25.48 34.79 35.88
N GLU C 842 -25.51 34.69 37.20
CA GLU C 842 -24.35 34.94 38.05
C GLU C 842 -23.82 33.59 38.48
N VAL C 843 -22.63 33.23 38.01
CA VAL C 843 -22.08 31.90 38.21
C VAL C 843 -20.83 32.02 39.06
N ASP C 844 -20.82 31.34 40.20
CA ASP C 844 -19.59 30.99 40.89
C ASP C 844 -19.12 29.68 40.29
N TRP C 845 -18.06 29.76 39.51
CA TRP C 845 -17.61 28.71 38.60
C TRP C 845 -16.30 28.16 39.15
N HIS C 846 -16.33 26.90 39.59
CA HIS C 846 -15.16 26.25 40.15
C HIS C 846 -15.07 24.80 39.69
N GLU C 847 -15.61 24.51 38.53
CA GLU C 847 -15.60 23.16 38.00
C GLU C 847 -14.25 22.81 37.40
N SER C 848 -14.09 21.54 37.08
CA SER C 848 -12.87 21.06 36.45
C SER C 848 -13.23 20.25 35.22
N CYS C 849 -12.75 20.67 34.06
CA CYS C 849 -13.01 19.98 32.79
C CYS C 849 -14.51 19.83 32.55
N LYS C 850 -15.27 20.87 32.88
CA LYS C 850 -16.70 20.91 32.63
C LYS C 850 -17.01 22.04 31.67
N PHE C 851 -18.12 21.89 30.96
CA PHE C 851 -18.59 22.86 29.98
C PHE C 851 -20.05 23.13 30.28
N LEU C 852 -20.33 24.29 30.86
CA LEU C 852 -21.69 24.70 31.12
C LEU C 852 -22.27 25.35 29.87
N LYS C 853 -23.42 24.84 29.41
CA LYS C 853 -24.16 25.38 28.28
C LYS C 853 -25.61 25.51 28.66
N VAL C 854 -26.36 26.27 27.86
CA VAL C 854 -27.80 26.42 28.06
C VAL C 854 -28.50 26.14 26.74
N GLU C 855 -29.58 25.36 26.81
CA GLU C 855 -30.28 24.86 25.64
C GLU C 855 -31.68 25.43 25.57
N PHE C 856 -32.13 25.69 24.34
CA PHE C 856 -33.50 26.11 24.03
C PHE C 856 -34.00 25.30 22.85
N PRO C 857 -34.87 24.32 23.06
CA PRO C 857 -35.60 23.73 21.92
C PRO C 857 -36.68 24.69 21.46
N VAL C 858 -36.77 24.91 20.14
CA VAL C 858 -37.43 26.14 19.69
C VAL C 858 -38.47 26.01 18.58
N ASP C 859 -38.93 24.80 18.28
CA ASP C 859 -40.06 24.63 17.36
C ASP C 859 -39.85 25.33 16.02
N ILE C 860 -38.61 25.37 15.56
CA ILE C 860 -38.27 25.93 14.27
C ILE C 860 -37.68 24.81 13.44
N HIS C 861 -38.09 24.73 12.18
CA HIS C 861 -37.55 23.73 11.27
C HIS C 861 -36.86 24.44 10.11
N SER C 862 -35.54 24.33 10.07
CA SER C 862 -34.77 24.95 9.01
C SER C 862 -33.47 24.17 8.83
N GLU C 863 -32.96 24.19 7.61
CA GLU C 863 -31.72 23.50 7.29
C GLU C 863 -30.49 24.32 7.65
N PHE C 864 -30.65 25.60 7.94
CA PHE C 864 -29.53 26.45 8.30
C PHE C 864 -29.95 27.34 9.45
N ALA C 865 -28.94 27.84 10.16
CA ALA C 865 -29.10 28.87 11.17
C ALA C 865 -28.24 30.06 10.78
N SER C 866 -28.69 31.24 11.15
CA SER C 866 -28.00 32.48 10.83
C SER C 866 -27.24 32.96 12.05
N TYR C 867 -25.94 33.17 11.91
CA TYR C 867 -25.10 33.64 12.99
C TYR C 867 -24.53 34.98 12.59
N GLU C 868 -24.70 35.98 13.45
CA GLU C 868 -24.09 37.26 13.16
C GLU C 868 -22.58 37.15 13.33
N THR C 869 -21.85 37.52 12.30
CA THR C 869 -20.41 37.60 12.31
C THR C 869 -20.03 39.00 11.88
N GLN C 870 -18.73 39.28 11.88
CA GLN C 870 -18.25 40.61 11.55
C GLN C 870 -18.83 41.09 10.24
N PHE C 871 -19.62 42.16 10.31
CA PHE C 871 -20.17 42.82 9.14
C PHE C 871 -21.07 41.90 8.33
N GLY C 872 -21.83 41.04 8.99
CA GLY C 872 -22.84 40.32 8.23
C GLY C 872 -23.27 39.05 8.93
N ILE C 873 -23.78 38.13 8.12
CA ILE C 873 -24.38 36.89 8.59
C ILE C 873 -23.65 35.73 7.95
N THR C 874 -23.29 34.74 8.74
CA THR C 874 -22.81 33.46 8.25
C THR C 874 -23.90 32.42 8.48
N LYS C 875 -24.21 31.65 7.46
CA LYS C 875 -25.21 30.60 7.57
C LYS C 875 -24.53 29.26 7.79
N ARG C 876 -24.91 28.58 8.85
CA ARG C 876 -24.31 27.29 9.11
C ARG C 876 -25.38 26.20 9.05
N PRO C 877 -25.02 24.99 8.67
CA PRO C 877 -26.00 23.91 8.62
C PRO C 877 -26.45 23.49 10.01
N THR C 878 -27.61 22.86 10.06
CA THR C 878 -28.15 22.33 11.30
C THR C 878 -28.33 20.82 11.27
N HIS C 879 -27.65 20.09 10.37
CA HIS C 879 -28.07 18.74 10.06
C HIS C 879 -27.03 17.63 10.13
N TYR C 880 -25.74 17.93 10.24
CA TYR C 880 -24.69 16.89 10.35
C TYR C 880 -24.66 15.93 9.16
N ASN C 881 -25.01 16.37 7.96
CA ASN C 881 -25.12 15.44 6.84
C ASN C 881 -23.77 14.84 6.47
N THR C 882 -22.80 15.69 6.13
CA THR C 882 -21.48 15.25 5.72
C THR C 882 -20.50 15.55 6.83
N SER C 883 -19.24 15.17 6.60
CA SER C 883 -18.19 15.44 7.58
C SER C 883 -17.90 16.93 7.70
N TRP C 884 -18.19 17.71 6.65
CA TRP C 884 -18.09 19.16 6.77
C TRP C 884 -19.08 19.69 7.79
N ASP C 885 -20.31 19.17 7.78
CA ASP C 885 -21.31 19.58 8.74
C ASP C 885 -21.07 18.97 10.10
N VAL C 886 -20.51 17.77 10.16
CA VAL C 886 -20.16 17.16 11.44
C VAL C 886 -19.10 17.98 12.15
N ALA C 887 -18.17 18.55 11.40
CA ALA C 887 -17.11 19.36 11.98
C ALA C 887 -17.65 20.62 12.64
N LYS C 888 -18.80 21.11 12.21
CA LYS C 888 -19.36 22.35 12.75
C LYS C 888 -20.33 22.10 13.89
N PHE C 889 -19.93 21.32 14.89
CA PHE C 889 -20.81 21.08 16.03
C PHE C 889 -20.87 22.25 16.99
N GLU C 890 -19.84 23.09 17.03
CA GLU C 890 -19.90 24.36 17.71
C GLU C 890 -19.30 25.42 16.80
N VAL C 891 -19.97 26.57 16.72
CA VAL C 891 -19.59 27.62 15.78
C VAL C 891 -19.49 28.94 16.52
N CYS C 892 -18.84 29.90 15.88
CA CYS C 892 -18.61 31.21 16.44
C CYS C 892 -19.61 32.21 15.88
N HIS C 893 -20.15 33.05 16.74
CA HIS C 893 -21.06 34.11 16.34
C HIS C 893 -20.75 35.34 17.18
N GLN C 894 -21.13 36.51 16.66
CA GLN C 894 -20.78 37.73 17.38
C GLN C 894 -21.79 38.06 18.47
N LYS C 895 -23.00 38.45 18.09
CA LYS C 895 -23.95 38.96 19.08
C LYS C 895 -25.33 38.31 19.01
N PHE C 896 -25.66 37.62 17.94
CA PHE C 896 -26.89 36.86 17.94
C PHE C 896 -26.72 35.63 17.07
N ALA C 897 -27.50 34.61 17.40
CA ALA C 897 -27.68 33.44 16.55
C ALA C 897 -29.16 33.33 16.25
N ASP C 898 -29.52 33.27 14.98
CA ASP C 898 -30.92 33.21 14.60
C ASP C 898 -31.25 31.87 13.98
N TYR C 899 -32.39 31.31 14.38
CA TYR C 899 -32.91 30.08 13.82
C TYR C 899 -34.33 30.38 13.36
N SER C 900 -34.51 30.50 12.04
CA SER C 900 -35.79 30.92 11.48
C SER C 900 -36.23 29.96 10.39
N ASP C 901 -37.52 29.72 10.34
CA ASP C 901 -38.17 29.12 9.18
C ASP C 901 -38.90 30.23 8.42
N PHE C 902 -39.75 29.83 7.48
CA PHE C 902 -40.43 30.79 6.62
C PHE C 902 -41.33 31.74 7.40
N THR C 903 -41.97 31.26 8.47
CA THR C 903 -42.97 32.06 9.15
C THR C 903 -42.56 32.58 10.52
N TYR C 904 -41.56 31.97 11.15
CA TYR C 904 -41.21 32.34 12.51
C TYR C 904 -39.73 32.09 12.73
N GLY C 905 -39.19 32.72 13.76
CA GLY C 905 -37.80 32.51 14.10
C GLY C 905 -37.54 32.88 15.54
N VAL C 906 -36.41 32.39 16.03
CA VAL C 906 -35.95 32.68 17.38
C VAL C 906 -34.49 33.10 17.30
N SER C 907 -34.19 34.27 17.85
CA SER C 907 -32.82 34.72 17.98
C SER C 907 -32.37 34.57 19.41
N VAL C 908 -31.14 34.15 19.61
CA VAL C 908 -30.50 34.21 20.91
C VAL C 908 -29.46 35.30 20.83
N LEU C 909 -29.70 36.38 21.56
CA LEU C 909 -28.77 37.49 21.67
C LEU C 909 -27.90 37.25 22.90
N ASN C 910 -26.70 37.80 22.87
CA ASN C 910 -25.82 37.70 24.02
C ASN C 910 -24.94 38.93 24.06
N ASP C 911 -24.36 39.19 25.22
CA ASP C 911 -23.44 40.29 25.34
C ASP C 911 -22.00 39.88 25.66
N CYS C 912 -21.71 38.60 25.88
CA CYS C 912 -20.35 38.20 26.15
C CYS C 912 -19.95 36.84 25.59
N LYS C 913 -20.82 36.15 24.85
CA LYS C 913 -20.57 34.78 24.48
C LYS C 913 -20.35 34.66 22.98
N TYR C 914 -19.55 33.69 22.58
CA TYR C 914 -19.20 33.53 21.17
C TYR C 914 -19.41 32.13 20.63
N GLY C 915 -19.71 31.15 21.48
CA GLY C 915 -19.91 29.79 21.03
C GLY C 915 -21.39 29.44 20.99
N PHE C 916 -21.83 28.93 19.84
CA PHE C 916 -23.22 28.55 19.67
C PHE C 916 -23.29 27.25 18.89
N SER C 917 -24.43 26.59 19.00
CA SER C 917 -24.70 25.38 18.24
C SER C 917 -26.19 25.27 18.01
N THR C 918 -26.61 25.28 16.75
CA THR C 918 -28.01 25.04 16.39
C THR C 918 -28.05 23.78 15.55
N HIS C 919 -28.68 22.73 16.05
CA HIS C 919 -28.78 21.48 15.32
C HIS C 919 -30.12 20.85 15.63
N GLY C 920 -31.03 20.89 14.66
CA GLY C 920 -32.29 20.22 14.79
C GLY C 920 -33.14 20.73 15.94
N ASN C 921 -33.67 21.94 15.82
CA ASN C 921 -34.63 22.52 16.77
C ASN C 921 -34.02 22.80 18.13
N LEU C 922 -32.75 22.49 18.36
CA LEU C 922 -32.09 22.74 19.63
C LEU C 922 -31.03 23.82 19.45
N MET C 923 -31.26 24.99 20.06
CA MET C 923 -30.29 26.05 20.10
C MET C 923 -29.55 25.98 21.43
N ARG C 924 -28.22 26.01 21.38
CA ARG C 924 -27.41 25.85 22.57
C ARG C 924 -26.33 26.91 22.59
N LEU C 925 -26.29 27.69 23.66
CA LEU C 925 -25.29 28.72 23.85
C LEU C 925 -24.23 28.21 24.82
N SER C 926 -22.97 28.28 24.40
CA SER C 926 -21.87 27.84 25.25
C SER C 926 -21.56 28.92 26.27
N LEU C 927 -21.62 28.57 27.55
CA LEU C 927 -21.49 29.55 28.62
C LEU C 927 -20.10 29.55 29.25
N LEU C 928 -19.65 28.42 29.78
CA LEU C 928 -18.41 28.43 30.55
C LEU C 928 -17.64 27.15 30.35
N ARG C 929 -16.32 27.27 30.27
CA ARG C 929 -15.43 26.12 30.27
C ARG C 929 -14.53 26.19 31.49
N SER C 930 -13.93 25.06 31.85
CA SER C 930 -12.97 24.98 32.94
C SER C 930 -11.76 24.17 32.51
N PRO C 931 -10.96 24.69 31.59
CA PRO C 931 -9.73 23.99 31.20
C PRO C 931 -8.63 24.21 32.23
N LYS C 932 -7.63 23.33 32.18
CA LYS C 932 -6.57 23.36 33.17
C LYS C 932 -5.16 23.41 32.59
N GLN C 933 -4.97 23.15 31.30
CA GLN C 933 -3.62 22.79 30.89
C GLN C 933 -2.67 23.98 30.76
N PRO C 934 -2.99 25.04 30.00
CA PRO C 934 -2.06 26.18 30.01
C PRO C 934 -2.27 27.05 31.23
N ASP C 935 -3.51 27.18 31.66
CA ASP C 935 -3.87 27.96 32.84
C ASP C 935 -4.69 27.06 33.76
N ALA C 936 -4.19 26.84 34.97
CA ALA C 936 -4.85 25.93 35.90
C ALA C 936 -6.04 26.55 36.61
N HIS C 937 -6.25 27.86 36.47
CA HIS C 937 -7.39 28.56 37.05
C HIS C 937 -8.04 29.44 35.99
N ALA C 938 -8.29 28.85 34.82
CA ALA C 938 -8.66 29.63 33.65
C ALA C 938 -9.88 30.52 33.91
N ASP C 939 -11.03 29.90 34.18
CA ASP C 939 -12.26 30.66 34.33
C ASP C 939 -12.84 30.58 35.74
N MET C 940 -12.02 30.21 36.71
CA MET C 940 -12.51 30.05 38.06
C MET C 940 -12.85 31.41 38.68
N GLY C 941 -14.02 31.51 39.29
CA GLY C 941 -14.43 32.76 39.87
C GLY C 941 -15.86 33.13 39.56
N LYS C 942 -16.16 34.42 39.55
CA LYS C 942 -17.52 34.88 39.34
C LYS C 942 -17.70 35.38 37.91
N HIS C 943 -18.83 35.04 37.31
CA HIS C 943 -19.14 35.39 35.94
C HIS C 943 -20.56 35.92 35.85
N THR C 944 -20.73 37.02 35.12
CA THR C 944 -22.03 37.55 34.80
C THR C 944 -22.28 37.34 33.32
N ILE C 945 -23.30 36.58 32.99
CA ILE C 945 -23.61 36.22 31.61
C ILE C 945 -25.00 36.71 31.29
N ARG C 946 -25.12 37.56 30.28
CA ARG C 946 -26.41 38.05 29.84
C ARG C 946 -26.72 37.50 28.46
N TYR C 947 -27.94 37.01 28.29
CA TYR C 947 -28.39 36.58 26.97
C TYR C 947 -29.90 36.68 26.92
N ALA C 948 -30.42 36.82 25.72
CA ALA C 948 -31.85 37.02 25.53
C ALA C 948 -32.38 36.06 24.48
N VAL C 949 -33.60 35.59 24.69
CA VAL C 949 -34.32 34.83 23.69
C VAL C 949 -35.36 35.74 23.07
N TYR C 950 -35.22 36.01 21.78
CA TYR C 950 -35.98 37.01 21.05
C TYR C 950 -36.75 36.30 19.95
N PRO C 951 -37.99 35.93 20.19
CA PRO C 951 -38.79 35.33 19.12
C PRO C 951 -39.43 36.40 18.24
N HIS C 952 -39.50 36.10 16.95
CA HIS C 952 -40.01 37.05 15.97
C HIS C 952 -40.80 36.29 14.93
N SER C 953 -41.77 36.96 14.31
CA SER C 953 -42.78 36.31 13.51
C SER C 953 -42.47 36.30 12.03
N LYS C 954 -41.20 36.33 11.66
CA LYS C 954 -40.81 36.29 10.26
C LYS C 954 -39.44 35.64 10.18
N PRO C 955 -38.85 35.48 8.99
CA PRO C 955 -37.43 35.18 8.93
C PRO C 955 -36.62 36.32 9.54
N LEU C 956 -35.33 36.04 9.74
CA LEU C 956 -34.44 37.02 10.35
C LEU C 956 -34.44 38.32 9.56
N ASP C 957 -34.62 39.43 10.26
CA ASP C 957 -34.64 40.75 9.64
C ASP C 957 -33.96 41.74 10.58
N SER C 958 -34.08 43.03 10.27
CA SER C 958 -33.33 44.06 10.98
C SER C 958 -33.76 44.21 12.43
N SER C 959 -34.95 43.73 12.80
CA SER C 959 -35.38 43.85 14.18
C SER C 959 -34.47 43.06 15.11
N THR C 960 -34.06 41.86 14.69
CA THR C 960 -33.11 41.09 15.48
C THR C 960 -31.77 41.79 15.58
N VAL C 961 -31.30 42.36 14.48
CA VAL C 961 -30.01 43.04 14.47
C VAL C 961 -30.03 44.21 15.44
N ARG C 962 -31.10 45.01 15.38
CA ARG C 962 -31.22 46.16 16.27
C ARG C 962 -31.39 45.72 17.71
N ALA C 963 -32.11 44.63 17.94
CA ALA C 963 -32.27 44.11 19.29
C ALA C 963 -30.95 43.64 19.87
N ALA C 964 -30.11 43.00 19.05
CA ALA C 964 -28.80 42.57 19.52
C ALA C 964 -27.91 43.76 19.83
N HIS C 965 -27.92 44.77 18.97
CA HIS C 965 -27.13 45.96 19.25
C HIS C 965 -27.59 46.66 20.51
N LYS C 966 -28.91 46.74 20.71
CA LYS C 966 -29.44 47.36 21.92
C LYS C 966 -29.10 46.54 23.15
N PHE C 967 -29.21 45.21 23.04
CA PHE C 967 -28.86 44.32 24.14
C PHE C 967 -27.40 44.50 24.54
N ASN C 968 -26.53 44.80 23.58
CA ASN C 968 -25.12 44.98 23.87
C ASN C 968 -24.74 46.41 24.22
N SER C 969 -25.68 47.35 24.17
CA SER C 969 -25.35 48.75 24.37
C SER C 969 -25.19 49.08 25.84
N ASN C 970 -24.36 50.07 26.10
CA ASN C 970 -24.20 50.65 27.43
C ASN C 970 -24.87 52.01 27.39
N PHE C 971 -26.10 52.08 27.88
CA PHE C 971 -26.83 53.34 27.92
C PHE C 971 -26.44 54.10 29.19
N ARG C 972 -25.87 55.28 29.02
CA ARG C 972 -25.26 56.02 30.12
C ARG C 972 -26.20 57.10 30.62
N LEU C 973 -26.35 57.18 31.93
CA LEU C 973 -27.19 58.21 32.54
C LEU C 973 -26.47 59.55 32.50
N LEU C 974 -27.17 60.56 32.01
CA LEU C 974 -26.63 61.89 31.81
C LEU C 974 -27.48 62.92 32.54
N THR C 975 -26.89 64.08 32.76
CA THR C 975 -27.61 65.23 33.29
C THR C 975 -27.15 66.45 32.50
N ARG C 976 -28.09 67.27 32.07
CA ARG C 976 -27.73 68.52 31.41
C ARG C 976 -26.89 69.36 32.36
N ALA C 977 -25.72 69.78 31.90
CA ALA C 977 -24.90 70.66 32.72
C ALA C 977 -25.53 72.04 32.82
N SER C 978 -26.28 72.45 31.80
CA SER C 978 -26.98 73.72 31.79
C SER C 978 -28.24 73.56 30.97
N ASP C 979 -28.86 74.68 30.61
CA ASP C 979 -29.92 74.71 29.62
C ASP C 979 -29.61 75.64 28.47
N THR C 980 -28.43 76.24 28.44
CA THR C 980 -28.00 77.09 27.35
C THR C 980 -27.06 76.40 26.38
N ALA C 981 -26.43 75.31 26.79
CA ALA C 981 -25.62 74.48 25.91
C ALA C 981 -26.08 73.02 25.95
N ASN C 982 -27.34 72.79 26.28
CA ASN C 982 -27.89 71.44 26.36
C ASN C 982 -28.53 71.01 25.04
N LEU C 983 -28.03 71.51 23.92
CA LEU C 983 -28.60 71.14 22.63
C LEU C 983 -28.28 69.69 22.32
N ASP C 984 -29.23 69.00 21.69
CA ASP C 984 -29.05 67.62 21.29
C ASP C 984 -28.53 67.59 19.86
N ILE C 985 -27.20 67.62 19.73
CA ILE C 985 -26.50 67.51 18.46
C ILE C 985 -26.18 66.05 18.18
N PHE C 986 -26.70 65.16 19.00
CA PHE C 986 -26.39 63.74 18.86
C PHE C 986 -27.05 63.12 17.65
N ASP C 987 -27.82 63.90 16.88
CA ASP C 987 -28.40 63.44 15.62
C ASP C 987 -27.73 64.10 14.42
N ALA C 988 -26.48 64.53 14.57
CA ALA C 988 -25.79 65.19 13.47
C ALA C 988 -25.57 64.25 12.29
N PHE C 989 -25.25 62.99 12.57
CA PHE C 989 -25.03 62.00 11.52
C PHE C 989 -26.07 60.90 11.66
N GLN C 990 -26.92 60.77 10.65
CA GLN C 990 -27.97 59.78 10.66
C GLN C 990 -27.93 58.97 9.38
N LEU C 991 -28.47 57.77 9.44
CA LEU C 991 -28.66 56.93 8.27
C LEU C 991 -30.15 56.63 8.16
N VAL C 992 -30.75 57.04 7.04
CA VAL C 992 -32.18 56.94 6.85
C VAL C 992 -32.44 56.06 5.63
N GLY C 993 -33.23 55.03 5.81
CA GLY C 993 -33.51 54.14 4.71
C GLY C 993 -33.76 52.73 5.21
N GLU C 994 -33.36 51.76 4.40
CA GLU C 994 -33.61 50.38 4.73
C GLU C 994 -32.92 50.03 6.05
N PRO C 995 -33.65 49.49 7.04
CA PRO C 995 -33.06 49.31 8.37
C PRO C 995 -31.99 48.25 8.43
N ASN C 996 -31.78 47.47 7.37
CA ASN C 996 -30.68 46.52 7.38
C ASN C 996 -29.33 47.18 7.11
N VAL C 997 -29.32 48.46 6.76
CA VAL C 997 -28.09 49.21 6.60
C VAL C 997 -27.76 49.87 7.92
N ILE C 998 -26.58 49.56 8.45
CA ILE C 998 -26.16 49.97 9.78
C ILE C 998 -25.04 50.99 9.65
N LEU C 999 -25.22 52.14 10.28
CA LEU C 999 -24.14 53.10 10.48
C LEU C 999 -23.36 52.62 11.70
N SER C 1000 -22.39 51.74 11.47
CA SER C 1000 -21.77 51.03 12.57
C SER C 1000 -20.75 51.87 13.33
N HIS C 1001 -20.08 52.81 12.68
CA HIS C 1001 -19.01 53.53 13.33
C HIS C 1001 -18.90 54.95 12.80
N ILE C 1002 -18.69 55.89 13.70
CA ILE C 1002 -18.44 57.28 13.38
C ILE C 1002 -17.12 57.68 14.02
N LYS C 1003 -16.26 58.31 13.24
CA LYS C 1003 -14.88 58.50 13.63
C LYS C 1003 -14.33 59.71 12.92
N MET C 1004 -13.21 60.23 13.41
CA MET C 1004 -12.47 61.26 12.71
C MET C 1004 -11.31 60.61 11.97
N ALA C 1005 -11.04 61.09 10.77
CA ALA C 1005 -9.98 60.51 9.96
C ALA C 1005 -8.63 60.69 10.64
N GLU C 1006 -7.73 59.75 10.37
CA GLU C 1006 -6.39 59.83 10.93
C GLU C 1006 -5.64 61.05 10.40
N LYS C 1007 -5.78 61.35 9.11
CA LYS C 1007 -4.97 62.38 8.49
C LYS C 1007 -5.51 63.78 8.78
N GLY C 1008 -6.73 64.06 8.32
CA GLY C 1008 -7.26 65.41 8.41
C GLY C 1008 -8.31 65.60 9.47
N LYS C 1009 -9.25 66.50 9.21
CA LYS C 1009 -10.36 66.76 10.10
C LYS C 1009 -11.70 66.31 9.52
N SER C 1010 -11.66 65.29 8.67
CA SER C 1010 -12.87 64.75 8.09
C SER C 1010 -13.45 63.66 8.98
N ILE C 1011 -14.74 63.43 8.83
CA ILE C 1011 -15.45 62.44 9.63
C ILE C 1011 -15.56 61.16 8.82
N ILE C 1012 -15.25 60.04 9.45
CA ILE C 1012 -15.31 58.74 8.80
C ILE C 1012 -16.54 58.02 9.31
N LEU C 1013 -17.43 57.64 8.40
CA LEU C 1013 -18.63 56.88 8.72
C LEU C 1013 -18.50 55.50 8.13
N ARG C 1014 -18.50 54.48 8.97
CA ARG C 1014 -18.53 53.11 8.51
C ARG C 1014 -19.97 52.66 8.42
N VAL C 1015 -20.36 52.15 7.25
CA VAL C 1015 -21.71 51.70 6.98
C VAL C 1015 -21.61 50.28 6.48
N TYR C 1016 -22.55 49.43 6.84
CA TYR C 1016 -22.52 48.11 6.24
C TYR C 1016 -23.92 47.55 6.10
N GLU C 1017 -24.07 46.68 5.11
CA GLU C 1017 -25.32 45.96 4.86
C GLU C 1017 -25.21 44.82 5.86
N SER C 1018 -26.22 44.61 6.68
CA SER C 1018 -26.11 43.63 7.74
C SER C 1018 -26.78 42.30 7.40
N LEU C 1019 -27.73 42.27 6.46
CA LEU C 1019 -28.54 41.07 6.29
C LEU C 1019 -28.43 40.42 4.92
N GLY C 1020 -27.78 41.07 3.96
CA GLY C 1020 -27.45 40.37 2.74
C GLY C 1020 -28.27 40.69 1.51
N GLY C 1021 -28.65 41.95 1.33
CA GLY C 1021 -29.32 42.36 0.10
C GLY C 1021 -28.87 43.74 -0.29
N LYS C 1022 -28.83 43.99 -1.58
CA LYS C 1022 -28.53 45.33 -2.08
C LYS C 1022 -29.56 46.31 -1.55
N SER C 1023 -29.09 47.36 -0.87
CA SER C 1023 -29.96 48.24 -0.13
C SER C 1023 -29.61 49.69 -0.40
N ARG C 1024 -30.60 50.56 -0.22
CA ARG C 1024 -30.43 51.99 -0.45
C ARG C 1024 -30.67 52.74 0.84
N ALA C 1025 -29.86 53.75 1.09
CA ALA C 1025 -30.01 54.58 2.26
C ALA C 1025 -29.57 55.98 1.92
N ARG C 1026 -29.68 56.88 2.88
CA ARG C 1026 -29.18 58.23 2.76
C ARG C 1026 -28.49 58.61 4.05
N LEU C 1027 -27.29 59.15 3.94
CA LEU C 1027 -26.63 59.79 5.07
C LEU C 1027 -27.19 61.18 5.22
N VAL C 1028 -27.76 61.47 6.39
CA VAL C 1028 -28.31 62.79 6.69
C VAL C 1028 -27.36 63.46 7.66
N ILE C 1029 -26.78 64.58 7.24
CA ILE C 1029 -25.87 65.37 8.06
C ILE C 1029 -26.57 66.68 8.36
N LYS C 1030 -26.94 66.88 9.62
CA LYS C 1030 -27.94 67.91 9.91
C LYS C 1030 -27.32 69.26 10.31
N SER C 1031 -26.62 69.32 11.43
CA SER C 1031 -26.21 70.63 11.95
C SER C 1031 -24.81 71.00 11.49
N LEU C 1032 -24.55 70.89 10.19
CA LEU C 1032 -23.19 71.01 9.71
C LEU C 1032 -23.19 71.55 8.29
N THR C 1033 -22.10 72.20 7.93
CA THR C 1033 -21.86 72.63 6.55
C THR C 1033 -20.92 71.61 5.93
N VAL C 1034 -21.42 70.88 4.94
CA VAL C 1034 -20.69 69.77 4.35
C VAL C 1034 -20.04 70.26 3.07
N ALA C 1035 -18.70 70.30 3.07
CA ALA C 1035 -17.98 70.65 1.87
C ALA C 1035 -18.12 69.55 0.82
N SER C 1036 -17.90 68.30 1.23
CA SER C 1036 -18.04 67.19 0.30
C SER C 1036 -18.20 65.90 1.06
N VAL C 1037 -18.69 64.88 0.36
CA VAL C 1037 -18.76 63.52 0.87
C VAL C 1037 -18.18 62.60 -0.18
N THR C 1038 -17.21 61.78 0.21
CA THR C 1038 -16.60 60.83 -0.71
C THR C 1038 -16.75 59.43 -0.16
N LYS C 1039 -16.77 58.45 -1.05
CA LYS C 1039 -16.63 57.07 -0.67
C LYS C 1039 -15.15 56.74 -0.66
N CYS C 1040 -14.68 56.18 0.45
CA CYS C 1040 -13.28 55.84 0.65
C CYS C 1040 -13.19 54.38 1.10
N ASN C 1041 -11.97 53.93 1.35
CA ASN C 1041 -11.70 52.55 1.73
C ASN C 1041 -11.35 52.47 3.22
N GLY C 1042 -10.96 51.27 3.66
CA GLY C 1042 -10.68 51.06 5.07
C GLY C 1042 -9.53 51.90 5.58
N LEU C 1043 -8.60 52.26 4.71
CA LEU C 1043 -7.49 53.13 5.08
C LEU C 1043 -7.84 54.61 4.92
N GLU C 1044 -9.10 54.91 4.63
CA GLU C 1044 -9.61 56.28 4.52
C GLU C 1044 -8.96 57.03 3.35
N GLU C 1045 -8.76 56.32 2.25
CA GLU C 1045 -8.29 56.92 1.00
C GLU C 1045 -9.47 57.03 0.04
N ASP C 1046 -9.67 58.23 -0.51
CA ASP C 1046 -10.85 58.49 -1.32
C ASP C 1046 -10.90 57.55 -2.53
N LEU C 1047 -12.08 56.96 -2.75
CA LEU C 1047 -12.33 56.14 -3.91
C LEU C 1047 -13.14 56.86 -4.96
N GLU C 1048 -14.20 57.57 -4.54
CA GLU C 1048 -15.01 58.32 -5.49
C GLU C 1048 -15.72 59.45 -4.75
N GLU C 1049 -16.21 60.40 -5.52
CA GLU C 1049 -16.96 61.53 -4.99
C GLU C 1049 -18.44 61.27 -5.10
N LEU C 1050 -19.18 61.57 -4.03
CA LEU C 1050 -20.61 61.31 -3.99
C LEU C 1050 -21.38 62.61 -4.13
N CYS C 1051 -22.58 62.51 -4.68
CA CYS C 1051 -23.45 63.65 -4.86
C CYS C 1051 -24.21 63.89 -3.57
N THR C 1052 -23.96 65.02 -2.93
CA THR C 1052 -24.64 65.39 -1.69
C THR C 1052 -25.69 66.44 -2.01
N LEU C 1053 -26.94 66.16 -1.62
CA LEU C 1053 -28.03 67.10 -1.84
C LEU C 1053 -27.96 68.24 -0.84
N LYS C 1054 -28.95 69.12 -0.88
CA LYS C 1054 -29.02 70.22 0.09
C LYS C 1054 -30.50 70.46 0.37
N SER C 1055 -30.97 69.93 1.49
CA SER C 1055 -32.37 70.05 1.89
C SER C 1055 -32.52 71.30 2.76
N ASN C 1056 -33.64 71.41 3.47
CA ASN C 1056 -33.90 72.59 4.27
C ASN C 1056 -32.75 72.91 5.21
N ASP C 1057 -32.27 71.92 5.96
CA ASP C 1057 -31.17 72.14 6.88
C ASP C 1057 -30.15 71.01 6.90
N TYR C 1058 -30.30 69.97 6.09
CA TYR C 1058 -29.35 68.87 6.10
C TYR C 1058 -28.83 68.61 4.69
N TYR C 1059 -28.12 67.50 4.50
CA TYR C 1059 -27.42 67.31 3.24
C TYR C 1059 -27.77 66.05 2.46
N GLU C 1060 -28.07 64.94 3.12
CA GLU C 1060 -28.76 63.82 2.47
C GLU C 1060 -27.99 63.29 1.26
N VAL C 1061 -26.86 62.65 1.54
CA VAL C 1061 -26.11 61.91 0.51
C VAL C 1061 -26.77 60.55 0.28
N PRO C 1062 -27.32 60.28 -0.89
CA PRO C 1062 -27.86 58.94 -1.14
C PRO C 1062 -26.77 57.94 -1.46
N ILE C 1063 -26.88 56.76 -0.86
CA ILE C 1063 -25.89 55.70 -0.99
C ILE C 1063 -26.60 54.39 -1.30
N GLU C 1064 -25.88 53.52 -1.99
CA GLU C 1064 -26.35 52.18 -2.31
C GLU C 1064 -25.27 51.17 -1.95
N LEU C 1065 -25.64 50.15 -1.19
CA LEU C 1065 -24.72 49.11 -0.76
C LEU C 1065 -25.10 47.79 -1.41
N ARG C 1066 -24.08 47.01 -1.75
CA ARG C 1066 -24.30 45.67 -2.25
C ARG C 1066 -24.69 44.76 -1.09
N ALA C 1067 -24.77 43.45 -1.35
CA ALA C 1067 -25.43 42.53 -0.44
C ALA C 1067 -24.85 42.58 0.96
N PHE C 1068 -23.53 42.45 1.09
CA PHE C 1068 -22.90 42.46 2.40
C PHE C 1068 -21.77 43.46 2.44
N GLU C 1069 -21.94 44.59 1.76
CA GLU C 1069 -20.85 45.52 1.54
C GLU C 1069 -20.53 46.30 2.80
N ILE C 1070 -19.23 46.51 3.02
CA ILE C 1070 -18.73 47.44 4.02
C ILE C 1070 -18.30 48.69 3.27
N ALA C 1071 -18.98 49.79 3.50
CA ALA C 1071 -18.67 51.07 2.87
C ALA C 1071 -18.13 52.03 3.91
N THR C 1072 -17.22 52.88 3.46
CA THR C 1072 -16.66 53.93 4.29
C THR C 1072 -16.89 55.25 3.59
N PHE C 1073 -17.37 56.24 4.32
CA PHE C 1073 -17.67 57.54 3.76
C PHE C 1073 -16.90 58.60 4.52
N LYS C 1074 -16.21 59.46 3.79
CA LYS C 1074 -15.46 60.56 4.36
C LYS C 1074 -16.25 61.85 4.13
N VAL C 1075 -16.68 62.46 5.20
CA VAL C 1075 -17.40 63.74 5.16
C VAL C 1075 -16.39 64.84 5.46
N ASN C 1076 -16.14 65.69 4.49
CA ASN C 1076 -15.31 66.87 4.67
C ASN C 1076 -16.22 68.05 4.94
N LEU C 1077 -16.09 68.64 6.12
CA LEU C 1077 -16.90 69.76 6.54
C LEU C 1077 -16.30 71.06 6.02
N GLY C 1078 -16.92 72.17 6.39
CA GLY C 1078 -16.49 73.47 5.93
C GLY C 1078 -17.27 73.93 4.73
N PHE C 1079 -16.78 75.02 4.14
CA PHE C 1079 -17.49 75.70 3.07
C PHE C 1079 -16.88 75.46 1.70
N LYS C 1080 -15.60 75.11 1.62
CA LYS C 1080 -14.91 74.83 0.37
C LYS C 1080 -15.09 75.95 -0.67
N SER C 1097 -9.46 47.15 -18.57
CA SER C 1097 -9.74 46.24 -17.46
C SER C 1097 -8.70 46.38 -16.36
N VAL C 1098 -7.85 47.39 -16.48
CA VAL C 1098 -6.86 47.68 -15.46
C VAL C 1098 -7.44 48.71 -14.50
N ALA C 1099 -7.42 48.40 -13.21
CA ALA C 1099 -7.93 49.28 -12.18
C ALA C 1099 -6.78 49.84 -11.37
N CYS C 1100 -6.98 51.06 -10.87
CA CYS C 1100 -5.97 51.67 -10.01
C CYS C 1100 -5.93 50.95 -8.67
N ASN C 1101 -4.71 50.67 -8.20
CA ASN C 1101 -4.53 49.89 -6.98
C ASN C 1101 -4.88 50.66 -5.72
N THR C 1102 -5.06 51.98 -5.81
CA THR C 1102 -5.47 52.78 -4.66
C THR C 1102 -6.97 53.03 -4.66
N CYS C 1103 -7.48 53.66 -5.71
CA CYS C 1103 -8.92 53.76 -5.94
C CYS C 1103 -9.30 52.72 -6.97
N LEU C 1104 -10.12 51.76 -6.57
CA LEU C 1104 -10.35 50.57 -7.39
C LEU C 1104 -11.25 50.88 -8.58
N LYS C 1105 -10.83 51.88 -9.35
CA LYS C 1105 -11.59 52.36 -10.50
C LYS C 1105 -10.88 51.96 -11.78
N ILE C 1106 -11.66 51.64 -12.81
CA ILE C 1106 -11.08 51.26 -14.09
C ILE C 1106 -10.34 52.45 -14.67
N ILE C 1107 -9.07 52.23 -15.05
CA ILE C 1107 -8.23 53.30 -15.56
C ILE C 1107 -8.54 53.46 -17.05
N ARG C 1108 -9.22 54.55 -17.40
CA ARG C 1108 -9.49 54.86 -18.79
C ARG C 1108 -8.43 55.76 -19.40
N ASN C 1109 -7.87 56.67 -18.62
CA ASN C 1109 -6.81 57.55 -19.08
C ASN C 1109 -5.46 56.86 -18.89
N ASP C 1110 -4.38 57.62 -18.96
CA ASP C 1110 -3.06 57.04 -18.76
C ASP C 1110 -2.90 56.55 -17.32
N SER C 1111 -2.07 55.52 -17.16
CA SER C 1111 -1.81 54.92 -15.86
C SER C 1111 -0.31 54.90 -15.61
N PHE C 1112 0.06 54.54 -14.38
CA PHE C 1112 1.45 54.38 -14.00
C PHE C 1112 1.64 52.97 -13.48
N HIS C 1113 2.50 52.22 -14.15
CA HIS C 1113 2.73 50.81 -13.84
C HIS C 1113 4.08 50.68 -13.15
N CYS C 1114 4.11 50.02 -12.00
CA CYS C 1114 5.36 49.80 -11.29
C CYS C 1114 6.12 48.66 -11.95
N THR C 1115 7.35 48.93 -12.39
CA THR C 1115 8.16 47.91 -13.05
C THR C 1115 8.81 46.94 -12.08
N LYS C 1116 8.88 47.29 -10.80
CA LYS C 1116 9.57 46.46 -9.83
C LYS C 1116 8.80 45.18 -9.56
N CYS C 1117 7.49 45.19 -9.86
CA CYS C 1117 6.58 44.09 -9.56
C CYS C 1117 5.67 43.90 -10.78
N PHE C 1118 4.64 43.08 -10.61
CA PHE C 1118 3.84 42.59 -11.72
C PHE C 1118 2.47 43.21 -11.83
N ASP C 1119 1.80 43.51 -10.71
CA ASP C 1119 0.38 43.82 -10.72
C ASP C 1119 0.08 45.06 -9.89
N PHE C 1120 0.84 46.14 -10.08
CA PHE C 1120 0.55 47.41 -9.42
C PHE C 1120 0.47 48.50 -10.48
N ASP C 1121 -0.75 48.99 -10.73
CA ASP C 1121 -0.99 50.09 -11.65
C ASP C 1121 -1.76 51.16 -10.91
N VAL C 1122 -1.28 52.39 -10.97
CA VAL C 1122 -1.92 53.51 -10.30
C VAL C 1122 -2.38 54.51 -11.35
N CYS C 1123 -3.47 55.19 -11.04
CA CYS C 1123 -4.00 56.19 -11.97
C CYS C 1123 -3.22 57.50 -11.82
N ARG C 1124 -3.48 58.42 -12.75
CA ARG C 1124 -2.75 59.68 -12.75
C ARG C 1124 -3.04 60.50 -11.50
N ASP C 1125 -4.29 60.52 -11.06
CA ASP C 1125 -4.65 61.31 -9.88
C ASP C 1125 -3.97 60.76 -8.64
N CYS C 1126 -4.03 59.44 -8.43
CA CYS C 1126 -3.37 58.85 -7.27
C CYS C 1126 -1.86 58.94 -7.38
N TYR C 1127 -1.32 58.89 -8.60
CA TYR C 1127 0.11 59.11 -8.77
C TYR C 1127 0.51 60.50 -8.33
N ALA C 1128 -0.27 61.52 -8.70
CA ALA C 1128 0.01 62.88 -8.25
C ALA C 1128 -0.12 62.98 -6.74
N LYS C 1129 -1.10 62.26 -6.16
CA LYS C 1129 -1.28 62.23 -4.71
C LYS C 1129 -0.16 61.50 -3.99
N GLN C 1130 0.74 60.84 -4.73
CA GLN C 1130 1.78 59.99 -4.16
C GLN C 1130 1.19 58.82 -3.38
N ALA C 1131 -0.02 58.40 -3.77
CA ALA C 1131 -0.69 57.28 -3.13
C ALA C 1131 -0.44 56.01 -3.95
N PHE C 1132 0.80 55.54 -3.88
CA PHE C 1132 1.18 54.35 -4.62
C PHE C 1132 2.08 53.43 -3.80
N LEU C 1133 1.99 53.50 -2.47
CA LEU C 1133 2.81 52.63 -1.63
C LEU C 1133 2.30 51.20 -1.72
N HIS C 1134 3.24 50.26 -1.79
CA HIS C 1134 2.93 48.85 -1.96
C HIS C 1134 4.18 48.04 -1.61
N PRO C 1135 4.16 46.70 -1.67
CA PRO C 1135 5.38 45.95 -1.31
C PRO C 1135 6.50 46.15 -2.31
N CYS C 1136 6.95 47.39 -2.45
CA CYS C 1136 8.12 47.75 -3.25
C CYS C 1136 8.78 48.90 -2.51
N PRO C 1137 9.86 48.64 -1.79
CA PRO C 1137 10.52 49.73 -1.05
C PRO C 1137 11.00 50.85 -1.95
N LYS C 1138 11.43 50.52 -3.17
CA LYS C 1138 11.91 51.50 -4.14
C LYS C 1138 11.14 51.32 -5.43
N PRO C 1139 9.90 51.81 -5.49
CA PRO C 1139 9.08 51.60 -6.68
C PRO C 1139 9.52 52.47 -7.84
N HIS C 1140 9.49 51.90 -9.04
CA HIS C 1140 9.78 52.61 -10.28
C HIS C 1140 8.55 52.53 -11.17
N PHE C 1141 7.99 53.69 -11.49
CA PHE C 1141 6.75 53.77 -12.24
C PHE C 1141 7.03 54.25 -13.66
N VAL C 1142 6.54 53.50 -14.63
CA VAL C 1142 6.59 53.90 -16.03
C VAL C 1142 5.17 54.26 -16.47
N LEU C 1143 5.08 55.21 -17.38
CA LEU C 1143 3.79 55.72 -17.84
C LEU C 1143 3.24 54.83 -18.94
N VAL C 1144 1.94 54.59 -18.91
CA VAL C 1144 1.24 53.77 -19.90
C VAL C 1144 0.09 54.57 -20.46
N ARG C 1145 0.02 54.69 -21.79
CA ARG C 1145 -1.02 55.45 -22.45
C ARG C 1145 -2.14 54.53 -22.92
N SER C 1146 -3.22 55.15 -23.38
CA SER C 1146 -4.40 54.46 -23.90
C SER C 1146 -4.98 53.46 -22.89
N THR D 2 8.09 -44.16 18.62
CA THR D 2 7.73 -42.93 17.94
C THR D 2 7.47 -43.18 16.46
N LEU D 3 6.65 -42.31 15.87
CA LEU D 3 6.40 -42.37 14.43
C LEU D 3 7.30 -41.44 13.64
N PHE D 4 7.93 -40.48 14.29
CA PHE D 4 8.83 -39.54 13.64
C PHE D 4 10.12 -40.25 13.24
N PRO D 5 10.38 -40.46 11.95
CA PRO D 5 11.59 -41.18 11.56
C PRO D 5 12.84 -40.41 11.92
N VAL D 6 13.89 -41.16 12.24
CA VAL D 6 15.17 -40.55 12.56
C VAL D 6 15.79 -39.90 11.33
N LEU D 7 15.83 -40.62 10.23
CA LEU D 7 16.54 -40.17 9.04
C LEU D 7 15.56 -39.57 8.04
N ASN D 8 15.96 -38.46 7.45
CA ASN D 8 15.20 -37.76 6.42
C ASN D 8 16.08 -37.71 5.17
N ASN D 9 15.77 -38.54 4.19
CA ASN D 9 16.44 -38.51 2.90
C ASN D 9 15.52 -38.06 1.79
N THR D 10 14.44 -37.38 2.11
CA THR D 10 13.48 -36.91 1.11
C THR D 10 13.20 -35.44 1.37
N PRO D 11 14.01 -34.55 0.81
CA PRO D 11 13.76 -33.12 1.03
C PRO D 11 12.41 -32.70 0.48
N VAL D 12 11.74 -31.85 1.22
CA VAL D 12 10.46 -31.28 0.83
C VAL D 12 10.66 -29.77 0.72
N GLY D 13 10.26 -29.20 -0.40
CA GLY D 13 10.38 -27.79 -0.60
C GLY D 13 9.16 -27.04 -0.09
N LYS D 14 9.38 -25.79 0.28
CA LYS D 14 8.26 -24.92 0.60
C LYS D 14 7.51 -24.58 -0.68
N GLN D 15 6.20 -24.72 -0.66
CA GLN D 15 5.39 -24.49 -1.85
C GLN D 15 5.44 -23.02 -2.25
N VAL D 16 5.65 -22.78 -3.54
CA VAL D 16 5.56 -21.43 -4.08
C VAL D 16 4.09 -21.03 -4.14
N ASP D 17 3.77 -19.86 -3.57
CA ASP D 17 2.38 -19.47 -3.43
C ASP D 17 1.70 -19.33 -4.79
N SER D 18 2.31 -18.60 -5.71
CA SER D 18 1.65 -18.30 -6.97
C SER D 18 1.43 -19.57 -7.80
N ILE D 19 2.43 -20.45 -7.85
CA ILE D 19 2.31 -21.64 -8.67
C ILE D 19 1.19 -22.54 -8.16
N TYR D 20 1.16 -22.78 -6.85
CA TYR D 20 0.16 -23.67 -6.28
C TYR D 20 -1.21 -23.04 -6.20
N GLU D 21 -1.30 -21.72 -6.19
CA GLU D 21 -2.60 -21.06 -6.27
C GLU D 21 -3.16 -21.11 -7.68
N SER D 22 -2.32 -20.89 -8.69
CA SER D 22 -2.82 -20.97 -10.06
C SER D 22 -3.00 -22.40 -10.53
N ARG D 23 -2.40 -23.38 -9.85
CA ARG D 23 -2.75 -24.76 -10.13
C ARG D 23 -4.21 -25.03 -9.82
N LEU D 24 -4.78 -24.30 -8.86
CA LEU D 24 -6.16 -24.54 -8.45
C LEU D 24 -7.14 -24.29 -9.58
N ASP D 25 -6.78 -23.43 -10.53
CA ASP D 25 -7.72 -23.03 -11.57
C ASP D 25 -8.04 -24.16 -12.54
N GLN D 26 -7.20 -25.18 -12.65
CA GLN D 26 -7.42 -26.18 -13.67
C GLN D 26 -8.22 -27.39 -13.20
N PHE D 27 -8.61 -27.44 -11.92
CA PHE D 27 -9.44 -28.56 -11.47
C PHE D 27 -10.85 -28.48 -12.05
N LEU D 28 -11.39 -27.27 -12.18
CA LEU D 28 -12.72 -27.08 -12.75
C LEU D 28 -12.67 -26.47 -14.14
N SER D 29 -11.49 -26.30 -14.72
CA SER D 29 -11.37 -25.70 -16.02
C SER D 29 -11.83 -26.68 -17.10
N GLU D 30 -12.52 -26.15 -18.11
CA GLU D 30 -12.93 -26.91 -19.27
C GLU D 30 -12.00 -26.67 -20.46
N GLY D 31 -10.71 -26.46 -20.18
CA GLY D 31 -9.74 -26.18 -21.22
C GLY D 31 -8.89 -27.36 -21.59
N GLN D 32 -7.58 -27.15 -21.70
CA GLN D 32 -6.69 -28.17 -22.26
C GLN D 32 -6.68 -29.43 -21.40
N TYR D 33 -6.66 -29.28 -20.08
CA TYR D 33 -6.61 -30.41 -19.18
C TYR D 33 -7.97 -30.86 -18.70
N ARG D 34 -9.03 -30.54 -19.45
CA ARG D 34 -10.38 -30.91 -19.06
C ARG D 34 -10.50 -32.42 -18.82
N ASP D 35 -9.81 -33.22 -19.63
CA ASP D 35 -9.95 -34.66 -19.57
C ASP D 35 -9.35 -35.27 -18.30
N PHE D 36 -8.50 -34.54 -17.60
CA PHE D 36 -7.83 -35.05 -16.42
C PHE D 36 -8.42 -34.50 -15.13
N ASN D 37 -9.44 -33.66 -15.22
CA ASN D 37 -9.95 -32.97 -14.03
C ASN D 37 -11.45 -33.19 -13.86
N LEU D 38 -12.05 -32.47 -12.93
CA LEU D 38 -13.44 -32.72 -12.57
C LEU D 38 -14.44 -32.58 -13.71
N PRO D 39 -14.35 -31.61 -14.61
CA PRO D 39 -15.40 -31.48 -15.63
C PRO D 39 -15.56 -32.69 -16.52
N SER D 40 -14.56 -33.58 -16.57
CA SER D 40 -14.69 -34.79 -17.36
C SER D 40 -15.72 -35.75 -16.80
N VAL D 41 -16.09 -35.63 -15.54
CA VAL D 41 -17.02 -36.58 -14.92
C VAL D 41 -18.28 -35.88 -14.45
N TYR D 42 -18.65 -34.79 -15.12
CA TYR D 42 -19.87 -34.08 -14.76
C TYR D 42 -21.13 -34.81 -15.22
N ASP D 43 -21.06 -35.55 -16.33
CA ASP D 43 -22.23 -35.77 -17.17
C ASP D 43 -22.98 -37.07 -16.91
N HIS D 44 -22.30 -38.22 -16.89
CA HIS D 44 -22.95 -39.54 -17.01
C HIS D 44 -23.71 -39.65 -18.34
N ALA D 45 -22.95 -39.64 -19.43
CA ALA D 45 -23.46 -40.03 -20.76
C ALA D 45 -24.61 -39.13 -21.22
N ARG D 46 -24.25 -37.88 -21.53
CA ARG D 46 -25.15 -36.96 -22.20
C ARG D 46 -25.63 -37.50 -23.55
N ILE D 47 -26.88 -37.23 -23.88
CA ILE D 47 -27.52 -37.69 -25.12
C ILE D 47 -28.12 -36.49 -25.86
N ASP D 48 -27.83 -36.37 -27.15
CA ASP D 48 -28.40 -35.27 -27.91
C ASP D 48 -28.79 -35.64 -29.34
N ASN D 49 -28.99 -36.91 -29.63
CA ASN D 49 -29.22 -37.30 -31.02
C ASN D 49 -30.68 -37.10 -31.42
N PRO D 50 -30.94 -36.85 -32.69
CA PRO D 50 -32.33 -36.88 -33.19
C PRO D 50 -32.85 -38.31 -33.25
N SER D 51 -34.16 -38.43 -33.39
CA SER D 51 -34.77 -39.75 -33.49
C SER D 51 -34.44 -40.45 -34.80
N GLY D 52 -34.09 -39.69 -35.84
CA GLY D 52 -33.67 -40.31 -37.09
C GLY D 52 -32.37 -41.09 -36.97
N ASP D 53 -31.57 -40.81 -35.95
CA ASP D 53 -30.37 -41.59 -35.70
C ASP D 53 -30.65 -42.90 -34.99
N VAL D 54 -31.87 -43.11 -34.51
CA VAL D 54 -32.23 -44.30 -33.74
C VAL D 54 -33.55 -44.82 -34.30
N ASN D 55 -33.47 -45.78 -35.21
CA ASN D 55 -34.65 -46.44 -35.77
C ASN D 55 -34.69 -47.93 -35.48
N ASN D 56 -33.55 -48.61 -35.61
CA ASN D 56 -33.47 -50.03 -35.32
C ASN D 56 -33.54 -50.33 -33.83
N ASP D 57 -33.21 -49.34 -33.00
CA ASP D 57 -33.22 -49.54 -31.56
C ASP D 57 -34.16 -48.61 -30.81
N LEU D 58 -35.03 -49.20 -30.00
CA LEU D 58 -35.98 -48.45 -29.19
C LEU D 58 -35.46 -48.24 -27.76
N SER D 59 -34.15 -48.09 -27.59
CA SER D 59 -33.56 -48.09 -26.26
C SER D 59 -32.59 -46.96 -25.96
N LYS D 60 -32.12 -46.22 -26.96
CA LYS D 60 -31.05 -45.26 -26.72
C LYS D 60 -31.50 -43.81 -26.74
N GLY D 61 -32.80 -43.55 -26.75
CA GLY D 61 -33.31 -42.21 -26.54
C GLY D 61 -32.97 -41.21 -27.63
N PHE D 62 -33.60 -40.04 -27.59
CA PHE D 62 -33.36 -39.02 -28.60
C PHE D 62 -33.94 -37.71 -28.11
N VAL D 63 -33.63 -36.65 -28.87
CA VAL D 63 -34.23 -35.33 -28.69
C VAL D 63 -34.65 -34.83 -30.06
N ASP D 64 -35.94 -34.56 -30.22
CA ASP D 64 -36.49 -34.09 -31.48
C ASP D 64 -37.08 -32.70 -31.28
N LEU D 65 -36.72 -31.77 -32.17
CA LEU D 65 -37.15 -30.39 -32.07
C LEU D 65 -37.90 -30.00 -33.33
N LYS D 66 -39.16 -29.60 -33.16
CA LYS D 66 -39.93 -28.99 -34.23
C LYS D 66 -40.09 -27.51 -33.91
N VAL D 67 -39.73 -26.64 -34.85
CA VAL D 67 -39.75 -25.21 -34.64
C VAL D 67 -40.89 -24.60 -35.44
N TYR D 68 -41.71 -23.81 -34.76
CA TYR D 68 -42.69 -22.93 -35.39
C TYR D 68 -42.18 -21.50 -35.28
N ARG D 69 -42.20 -20.78 -36.39
CA ARG D 69 -41.68 -19.42 -36.44
C ARG D 69 -42.85 -18.44 -36.48
N VAL D 70 -42.88 -17.53 -35.52
CA VAL D 70 -43.92 -16.50 -35.51
C VAL D 70 -43.69 -15.56 -36.68
N PRO D 71 -44.69 -15.32 -37.53
CA PRO D 71 -44.45 -14.59 -38.78
C PRO D 71 -43.92 -13.17 -38.56
N ASP D 72 -44.67 -12.37 -37.83
CA ASP D 72 -44.27 -11.00 -37.53
C ASP D 72 -43.32 -11.02 -36.35
N LEU D 73 -43.07 -9.85 -35.76
CA LEU D 73 -42.34 -9.77 -34.49
C LEU D 73 -43.26 -9.84 -33.28
N SER D 74 -44.42 -10.48 -33.43
CA SER D 74 -45.39 -10.58 -32.35
C SER D 74 -44.99 -11.67 -31.37
N ARG D 75 -45.70 -11.71 -30.25
CA ARG D 75 -45.40 -12.64 -29.15
C ARG D 75 -46.68 -13.36 -28.76
N PRO D 76 -47.12 -14.32 -29.56
CA PRO D 76 -48.34 -15.05 -29.23
C PRO D 76 -48.18 -15.86 -27.95
N SER D 77 -49.30 -16.05 -27.25
CA SER D 77 -49.29 -16.80 -26.01
C SER D 77 -49.27 -18.30 -26.31
N PHE D 78 -49.18 -19.10 -25.24
CA PHE D 78 -49.14 -20.54 -25.39
C PHE D 78 -50.41 -21.07 -26.05
N ASN D 79 -51.56 -20.57 -25.63
CA ASN D 79 -52.82 -21.08 -26.16
C ASN D 79 -53.08 -20.64 -27.59
N GLU D 80 -52.43 -19.57 -28.03
CA GLU D 80 -52.52 -19.14 -29.42
C GLU D 80 -51.56 -19.88 -30.33
N VAL D 81 -50.72 -20.75 -29.77
CA VAL D 81 -49.73 -21.47 -30.58
C VAL D 81 -49.97 -22.96 -30.47
N VAL D 82 -49.85 -23.50 -29.26
CA VAL D 82 -49.91 -24.94 -29.07
C VAL D 82 -51.33 -25.43 -29.27
N GLY D 83 -51.53 -26.30 -30.25
CA GLY D 83 -52.84 -26.77 -30.63
C GLY D 83 -53.44 -26.06 -31.83
N HIS D 84 -52.88 -24.92 -32.22
CA HIS D 84 -53.36 -24.17 -33.37
C HIS D 84 -52.33 -24.15 -34.49
N LYS D 85 -51.11 -23.68 -34.22
CA LYS D 85 -50.09 -23.64 -35.24
C LYS D 85 -49.50 -25.04 -35.47
N LYS D 86 -48.80 -25.17 -36.58
CA LYS D 86 -48.23 -26.46 -36.99
C LYS D 86 -46.73 -26.43 -36.74
N PHE D 87 -46.25 -27.39 -35.95
CA PHE D 87 -44.82 -27.58 -35.74
C PHE D 87 -44.35 -28.60 -36.76
N ASP D 88 -43.87 -28.10 -37.90
CA ASP D 88 -43.48 -28.95 -39.02
C ASP D 88 -41.99 -28.89 -39.32
N GLU D 89 -41.43 -27.69 -39.41
CA GLU D 89 -40.01 -27.56 -39.67
C GLU D 89 -39.21 -28.16 -38.54
N THR D 90 -38.14 -28.88 -38.88
CA THR D 90 -37.30 -29.54 -37.89
C THR D 90 -36.09 -28.66 -37.61
N ALA D 91 -35.76 -28.50 -36.33
CA ALA D 91 -34.60 -27.74 -35.91
C ALA D 91 -33.58 -28.69 -35.28
N SER D 92 -32.32 -28.28 -35.34
CA SER D 92 -31.24 -29.10 -34.83
C SER D 92 -30.13 -28.19 -34.31
N LYS D 93 -29.24 -28.75 -33.51
CA LYS D 93 -28.12 -27.99 -32.99
C LYS D 93 -27.28 -27.43 -34.12
N GLY D 94 -26.85 -26.18 -33.96
CA GLY D 94 -26.19 -25.46 -35.02
C GLY D 94 -27.09 -24.61 -35.88
N ASP D 95 -28.40 -24.74 -35.71
CA ASP D 95 -29.33 -23.92 -36.49
C ASP D 95 -29.28 -22.47 -36.02
N THR D 96 -29.77 -21.59 -36.88
CA THR D 96 -29.77 -20.15 -36.63
C THR D 96 -31.20 -19.64 -36.72
N PHE D 97 -31.57 -18.74 -35.82
CA PHE D 97 -32.97 -18.40 -35.62
C PHE D 97 -33.18 -16.89 -35.61
N GLY D 98 -33.84 -16.38 -36.65
CA GLY D 98 -34.60 -15.16 -36.59
C GLY D 98 -33.82 -13.88 -36.41
N PRO D 99 -34.42 -12.77 -36.81
CA PRO D 99 -33.86 -11.45 -36.50
C PRO D 99 -34.11 -11.12 -35.03
N SER D 100 -33.70 -9.91 -34.65
CA SER D 100 -33.86 -9.47 -33.27
C SER D 100 -35.34 -9.40 -32.91
N TRP D 101 -35.64 -9.75 -31.66
CA TRP D 101 -36.96 -9.71 -31.06
C TRP D 101 -37.92 -10.73 -31.67
N ALA D 102 -37.44 -11.60 -32.54
CA ALA D 102 -38.30 -12.63 -33.11
C ALA D 102 -38.54 -13.74 -32.10
N THR D 103 -39.69 -14.39 -32.23
CA THR D 103 -40.10 -15.44 -31.31
C THR D 103 -40.17 -16.76 -32.08
N PHE D 104 -39.62 -17.82 -31.47
CA PHE D 104 -39.69 -19.16 -32.01
C PHE D 104 -40.25 -20.08 -30.94
N TRP D 105 -41.09 -21.01 -31.34
CA TRP D 105 -41.64 -22.01 -30.44
C TRP D 105 -41.06 -23.36 -30.83
N PHE D 106 -40.59 -24.11 -29.83
CA PHE D 106 -40.00 -25.42 -30.06
C PHE D 106 -40.87 -26.44 -29.36
N GLU D 107 -41.34 -27.42 -30.12
CA GLU D 107 -41.88 -28.65 -29.55
C GLU D 107 -40.73 -29.62 -29.40
N VAL D 108 -40.44 -30.00 -28.16
CA VAL D 108 -39.34 -30.87 -27.83
C VAL D 108 -39.92 -32.21 -27.41
N HIS D 109 -39.60 -33.24 -28.17
CA HIS D 109 -40.01 -34.60 -27.86
C HIS D 109 -38.75 -35.37 -27.46
N ILE D 110 -38.72 -35.88 -26.25
CA ILE D 110 -37.53 -36.54 -25.75
C ILE D 110 -37.86 -37.99 -25.42
N ARG D 111 -36.86 -38.85 -25.62
CA ARG D 111 -36.92 -40.23 -25.18
C ARG D 111 -35.70 -40.51 -24.35
N LEU D 112 -35.91 -40.78 -23.07
CA LEU D 112 -34.82 -41.21 -22.22
C LEU D 112 -34.46 -42.65 -22.53
N PRO D 113 -33.18 -42.97 -22.71
CA PRO D 113 -32.80 -44.38 -22.79
C PRO D 113 -33.17 -45.10 -21.51
N LYS D 114 -33.63 -46.35 -21.62
CA LYS D 114 -33.96 -47.10 -20.41
C LYS D 114 -32.76 -47.41 -19.55
N SER D 115 -31.54 -47.33 -20.10
CA SER D 115 -30.36 -47.45 -19.24
C SER D 115 -30.29 -46.30 -18.24
N TRP D 116 -31.05 -45.22 -18.46
CA TRP D 116 -31.20 -44.15 -17.50
C TRP D 116 -32.33 -44.39 -16.51
N ALA D 117 -32.73 -45.66 -16.30
CA ALA D 117 -33.64 -45.92 -15.21
C ALA D 117 -33.00 -45.56 -13.87
N LYS D 118 -31.68 -45.66 -13.79
CA LYS D 118 -30.86 -45.09 -12.74
C LYS D 118 -30.75 -43.60 -13.02
N TYR D 119 -29.75 -42.92 -12.46
CA TYR D 119 -29.58 -41.49 -12.72
C TYR D 119 -30.77 -40.71 -12.17
N GLU D 120 -30.83 -40.65 -10.84
CA GLU D 120 -31.95 -40.06 -10.12
C GLU D 120 -32.28 -38.63 -10.52
N GLN D 121 -31.41 -37.99 -11.31
CA GLN D 121 -31.73 -36.68 -11.86
C GLN D 121 -31.33 -36.64 -13.33
N VAL D 122 -32.24 -36.15 -14.17
CA VAL D 122 -32.01 -36.03 -15.60
C VAL D 122 -32.27 -34.59 -16.00
N ILE D 123 -31.34 -34.01 -16.74
CA ILE D 123 -31.36 -32.60 -17.11
C ILE D 123 -31.58 -32.48 -18.60
N PHE D 124 -32.42 -31.55 -19.01
CA PHE D 124 -32.47 -31.11 -20.38
C PHE D 124 -31.70 -29.79 -20.47
N GLN D 125 -30.63 -29.79 -21.26
CA GLN D 125 -29.78 -28.61 -21.41
C GLN D 125 -30.16 -27.89 -22.69
N TRP D 126 -30.36 -26.59 -22.60
CA TRP D 126 -30.79 -25.79 -23.73
C TRP D 126 -29.94 -24.53 -23.75
N ASN D 127 -29.10 -24.38 -24.76
CA ASN D 127 -28.29 -23.19 -24.90
C ASN D 127 -28.41 -22.65 -26.32
N CYS D 128 -29.43 -21.85 -26.54
CA CYS D 128 -29.43 -20.83 -27.57
C CYS D 128 -29.25 -19.52 -26.83
N ASP D 129 -28.34 -18.67 -27.30
CA ASP D 129 -27.87 -17.59 -26.45
C ASP D 129 -28.94 -16.51 -26.29
N ASN D 130 -30.10 -16.89 -25.76
CA ASN D 130 -31.25 -16.00 -25.67
C ASN D 130 -32.19 -16.55 -24.60
N GLU D 131 -33.43 -16.10 -24.61
CA GLU D 131 -34.40 -16.40 -23.57
C GLU D 131 -35.08 -17.76 -23.80
N GLY D 132 -35.57 -18.34 -22.71
CA GLY D 132 -36.04 -19.71 -22.67
C GLY D 132 -37.52 -19.92 -22.45
N LEU D 133 -37.90 -20.18 -21.20
CA LEU D 133 -39.28 -20.50 -20.80
C LEU D 133 -39.78 -21.81 -21.43
N VAL D 134 -39.26 -22.90 -20.86
CA VAL D 134 -39.92 -24.20 -21.01
C VAL D 134 -41.37 -24.08 -20.62
N TYR D 135 -42.25 -24.62 -21.45
CA TYR D 135 -43.68 -24.76 -21.13
C TYR D 135 -44.02 -26.24 -21.07
N SER D 136 -44.79 -26.62 -20.06
CA SER D 136 -45.33 -27.96 -20.05
C SER D 136 -46.40 -28.10 -21.14
N GLN D 137 -46.89 -29.32 -21.31
CA GLN D 137 -47.93 -29.55 -22.31
C GLN D 137 -49.22 -28.81 -21.95
N ASP D 138 -49.56 -28.78 -20.67
CA ASP D 138 -50.74 -28.07 -20.19
C ASP D 138 -50.56 -26.56 -20.15
N GLY D 139 -49.48 -26.03 -20.70
CA GLY D 139 -49.27 -24.61 -20.75
C GLY D 139 -48.64 -23.99 -19.52
N VAL D 140 -48.22 -24.80 -18.57
CA VAL D 140 -47.62 -24.30 -17.33
C VAL D 140 -46.17 -23.90 -17.58
N PRO D 141 -45.79 -22.65 -17.34
CA PRO D 141 -44.36 -22.29 -17.44
C PRO D 141 -43.58 -22.96 -16.32
N LEU D 142 -42.44 -23.52 -16.67
CA LEU D 142 -41.71 -24.36 -15.73
C LEU D 142 -40.30 -23.84 -15.43
N GLN D 143 -39.57 -23.38 -16.43
CA GLN D 143 -38.17 -23.08 -16.25
C GLN D 143 -37.72 -22.17 -17.37
N ALA D 144 -36.95 -21.15 -17.03
CA ALA D 144 -36.41 -20.23 -18.01
C ALA D 144 -35.00 -20.63 -18.42
N PHE D 145 -34.61 -20.17 -19.60
CA PHE D 145 -33.25 -20.29 -20.09
C PHE D 145 -32.73 -18.91 -20.42
N SER D 146 -31.49 -18.62 -20.03
CA SER D 146 -30.88 -17.32 -20.29
C SER D 146 -29.44 -17.57 -20.72
N GLY D 147 -29.23 -17.72 -22.02
CA GLY D 147 -27.88 -17.91 -22.53
C GLY D 147 -27.22 -19.09 -21.86
N SER D 148 -25.98 -18.88 -21.43
CA SER D 148 -25.22 -19.93 -20.76
C SER D 148 -25.31 -19.86 -19.24
N GLU D 149 -25.82 -18.76 -18.68
CA GLU D 149 -25.91 -18.67 -17.23
C GLU D 149 -27.05 -19.51 -16.67
N ARG D 150 -28.05 -19.83 -17.48
CA ARG D 150 -29.18 -20.67 -17.05
C ARG D 150 -29.54 -21.57 -18.24
N THR D 151 -29.09 -22.82 -18.19
CA THR D 151 -29.28 -23.75 -19.29
C THR D 151 -30.00 -25.03 -18.92
N ASP D 152 -30.07 -25.39 -17.65
CA ASP D 152 -30.58 -26.69 -17.24
C ASP D 152 -32.06 -26.61 -16.89
N PHE D 153 -32.78 -27.67 -17.24
CA PHE D 153 -34.17 -27.86 -16.85
C PHE D 153 -34.29 -29.27 -16.30
N ILE D 154 -34.65 -29.40 -15.04
CA ILE D 154 -34.73 -30.70 -14.39
C ILE D 154 -36.05 -31.35 -14.76
N LEU D 155 -35.98 -32.53 -15.38
CA LEU D 155 -37.19 -33.25 -15.73
C LEU D 155 -37.92 -33.66 -14.45
N PRO D 156 -39.20 -33.39 -14.33
CA PRO D 156 -39.86 -33.46 -13.02
C PRO D 156 -40.28 -34.85 -12.58
N ASP D 157 -39.45 -35.86 -12.80
CA ASP D 157 -39.62 -37.18 -12.20
C ASP D 157 -40.95 -37.84 -12.57
N SER D 158 -41.76 -37.15 -13.37
CA SER D 158 -43.03 -37.67 -13.82
C SER D 158 -43.03 -38.07 -15.28
N TRP D 159 -42.21 -37.41 -16.10
CA TRP D 159 -42.14 -37.75 -17.52
C TRP D 159 -40.73 -38.17 -17.93
N LYS D 160 -39.92 -38.61 -16.97
CA LYS D 160 -38.70 -39.33 -17.32
C LYS D 160 -39.02 -40.74 -17.80
N THR D 161 -40.00 -41.39 -17.16
CA THR D 161 -40.38 -42.73 -17.59
C THR D 161 -41.16 -42.71 -18.89
N THR D 162 -42.10 -41.78 -19.03
CA THR D 162 -42.92 -41.69 -20.22
C THR D 162 -42.26 -40.78 -21.24
N GLU D 163 -42.24 -41.22 -22.49
CA GLU D 163 -41.65 -40.45 -23.57
C GLU D 163 -42.50 -39.23 -23.88
N ASP D 164 -42.18 -38.09 -23.27
CA ASP D 164 -43.07 -36.94 -23.25
C ASP D 164 -42.51 -35.80 -24.09
N THR D 165 -43.29 -34.74 -24.17
CA THR D 165 -42.94 -33.55 -24.94
C THR D 165 -43.22 -32.31 -24.10
N PHE D 166 -42.50 -31.24 -24.43
CA PHE D 166 -42.78 -29.93 -23.83
C PHE D 166 -42.49 -28.88 -24.89
N TYR D 167 -42.59 -27.62 -24.50
CA TYR D 167 -42.43 -26.53 -25.43
C TYR D 167 -41.47 -25.50 -24.85
N ILE D 168 -40.78 -24.81 -25.74
CA ILE D 168 -39.84 -23.75 -25.38
C ILE D 168 -40.16 -22.53 -26.22
N GLU D 169 -40.48 -21.42 -25.56
CA GLU D 169 -40.81 -20.18 -26.26
C GLU D 169 -39.54 -19.33 -26.31
N MET D 170 -38.78 -19.50 -27.38
CA MET D 170 -37.52 -18.79 -27.53
C MET D 170 -37.77 -17.35 -27.98
N ALA D 171 -37.10 -16.41 -27.33
CA ALA D 171 -37.12 -15.02 -27.73
C ALA D 171 -35.74 -14.64 -28.25
N CYS D 172 -35.70 -14.08 -29.46
CA CYS D 172 -34.42 -13.79 -30.12
C CYS D 172 -33.90 -12.43 -29.65
N ASN D 173 -33.50 -12.40 -28.40
CA ASN D 173 -32.84 -11.25 -27.80
C ASN D 173 -32.08 -11.72 -26.57
N GLY D 174 -31.05 -10.96 -26.22
CA GLY D 174 -30.28 -11.28 -25.04
C GLY D 174 -31.00 -10.88 -23.77
N MET D 175 -30.28 -11.01 -22.66
CA MET D 175 -30.81 -10.57 -21.38
C MET D 175 -31.07 -9.07 -21.35
N PHE D 176 -30.38 -8.32 -22.21
CA PHE D 176 -30.42 -6.87 -22.23
C PHE D 176 -30.71 -6.36 -23.63
N GLY D 177 -31.60 -7.04 -24.35
CA GLY D 177 -31.87 -6.66 -25.72
C GLY D 177 -30.76 -7.13 -26.65
N THR D 178 -30.64 -6.42 -27.77
CA THR D 178 -29.65 -6.77 -28.78
C THR D 178 -28.35 -5.99 -28.61
N GLY D 179 -28.43 -4.67 -28.74
CA GLY D 179 -27.31 -3.82 -28.37
C GLY D 179 -26.49 -3.20 -29.48
N ALA D 180 -26.15 -3.97 -30.52
CA ALA D 180 -25.33 -3.50 -31.65
C ALA D 180 -23.96 -3.00 -31.18
N GLY D 181 -23.16 -3.95 -30.71
CA GLY D 181 -21.79 -3.66 -30.34
C GLY D 181 -21.57 -3.41 -28.86
N SER D 182 -22.38 -2.54 -28.26
CA SER D 182 -22.35 -2.32 -26.83
C SER D 182 -23.74 -2.53 -26.28
N GLN D 183 -23.81 -2.73 -24.96
CA GLN D 183 -25.10 -3.01 -24.34
C GLN D 183 -26.08 -1.85 -24.49
N ILE D 184 -25.60 -0.63 -24.29
CA ILE D 184 -26.47 0.55 -24.34
C ILE D 184 -26.44 1.24 -25.70
N ALA D 185 -25.77 0.65 -26.69
CA ALA D 185 -25.86 1.16 -28.04
C ALA D 185 -27.23 0.81 -28.61
N PRO D 186 -27.67 1.50 -29.67
CA PRO D 186 -29.03 1.27 -30.17
C PRO D 186 -29.19 -0.15 -30.66
N PRO D 187 -30.40 -0.70 -30.58
CA PRO D 187 -30.59 -2.12 -30.88
C PRO D 187 -30.18 -2.48 -32.31
N ASP D 188 -29.60 -3.67 -32.44
CA ASP D 188 -29.28 -4.23 -33.74
C ASP D 188 -30.48 -5.05 -34.21
N PRO D 189 -31.18 -4.64 -35.28
CA PRO D 189 -32.41 -5.33 -35.66
C PRO D 189 -32.21 -6.62 -36.44
N ASN D 190 -30.97 -6.97 -36.79
CA ASN D 190 -30.70 -8.13 -37.64
C ASN D 190 -29.81 -9.15 -36.94
N ARG D 191 -29.90 -9.24 -35.62
CA ARG D 191 -29.11 -10.21 -34.89
C ARG D 191 -29.67 -11.61 -35.08
N TYR D 192 -28.78 -12.59 -35.15
CA TYR D 192 -29.18 -13.98 -35.31
C TYR D 192 -28.51 -14.82 -34.24
N PHE D 193 -29.22 -15.83 -33.78
CA PHE D 193 -28.82 -16.65 -32.64
C PHE D 193 -28.69 -18.10 -33.05
N THR D 194 -27.71 -18.78 -32.48
CA THR D 194 -27.36 -20.15 -32.86
C THR D 194 -27.62 -21.08 -31.70
N LEU D 195 -28.32 -22.18 -31.97
CA LEU D 195 -28.60 -23.20 -30.98
C LEU D 195 -27.36 -24.07 -30.80
N THR D 196 -26.77 -24.02 -29.61
CA THR D 196 -25.53 -24.75 -29.35
C THR D 196 -25.71 -25.93 -28.40
N LYS D 197 -26.83 -26.05 -27.72
CA LYS D 197 -27.08 -27.20 -26.85
C LYS D 197 -28.57 -27.47 -26.79
N ALA D 198 -28.95 -28.70 -27.07
CA ALA D 198 -30.31 -29.18 -26.89
C ALA D 198 -30.28 -30.60 -26.36
N ASP D 199 -29.43 -30.84 -25.37
CA ASP D 199 -29.04 -32.17 -24.96
C ASP D 199 -29.81 -32.65 -23.75
N LEU D 200 -29.92 -33.97 -23.62
CA LEU D 200 -30.36 -34.61 -22.39
C LEU D 200 -29.12 -35.02 -21.62
N VAL D 201 -29.09 -34.70 -20.34
CA VAL D 201 -27.95 -34.97 -19.49
C VAL D 201 -28.43 -35.68 -18.23
N ALA D 202 -27.56 -36.48 -17.64
CA ALA D 202 -27.85 -37.21 -16.42
C ALA D 202 -26.76 -36.91 -15.40
N PRO D 203 -26.73 -35.70 -14.85
CA PRO D 203 -25.52 -35.19 -14.21
C PRO D 203 -25.06 -36.06 -13.04
N ASN D 204 -23.75 -36.08 -12.85
CA ASN D 204 -23.12 -36.73 -11.71
C ASN D 204 -23.28 -35.80 -10.51
N LEU D 205 -24.25 -36.09 -9.65
CA LEU D 205 -24.55 -35.18 -8.53
C LEU D 205 -23.40 -35.04 -7.55
N PRO D 206 -22.73 -36.10 -7.11
CA PRO D 206 -21.54 -35.90 -6.26
C PRO D 206 -20.46 -35.08 -6.93
N ALA D 207 -20.27 -35.23 -8.24
CA ALA D 207 -19.28 -34.43 -8.93
C ALA D 207 -19.61 -32.95 -8.91
N MET D 208 -20.89 -32.60 -9.12
CA MET D 208 -21.27 -31.20 -9.07
C MET D 208 -21.21 -30.64 -7.65
N ALA D 209 -21.54 -31.47 -6.66
CA ALA D 209 -21.39 -31.03 -5.28
C ALA D 209 -19.92 -30.76 -4.96
N LEU D 210 -19.02 -31.63 -5.42
CA LEU D 210 -17.60 -31.38 -5.25
C LEU D 210 -17.15 -30.15 -6.01
N ALA D 211 -17.74 -29.90 -7.17
CA ALA D 211 -17.39 -28.72 -7.94
C ALA D 211 -17.75 -27.46 -7.17
N TYR D 212 -18.92 -27.44 -6.52
CA TYR D 212 -19.30 -26.30 -5.70
C TYR D 212 -18.36 -26.14 -4.51
N ASP D 213 -18.06 -27.24 -3.82
CA ASP D 213 -17.11 -27.20 -2.71
C ASP D 213 -15.79 -26.59 -3.14
N PHE D 214 -15.24 -27.10 -4.23
CA PHE D 214 -13.94 -26.66 -4.70
C PHE D 214 -13.99 -25.22 -5.16
N LEU D 215 -15.08 -24.80 -5.80
CA LEU D 215 -15.20 -23.42 -6.24
C LEU D 215 -15.17 -22.46 -5.06
N LEU D 216 -15.92 -22.79 -4.00
CA LEU D 216 -15.90 -21.92 -2.82
C LEU D 216 -14.53 -21.89 -2.16
N MET D 217 -13.90 -23.06 -2.02
CA MET D 217 -12.60 -23.10 -1.38
C MET D 217 -11.54 -22.37 -2.21
N GLN D 218 -11.63 -22.48 -3.53
CA GLN D 218 -10.67 -21.79 -4.40
C GLN D 218 -10.89 -20.29 -4.36
N GLN D 219 -12.15 -19.86 -4.25
CA GLN D 219 -12.40 -18.43 -4.06
C GLN D 219 -11.85 -17.95 -2.72
N CYS D 220 -11.93 -18.77 -1.69
CA CYS D 220 -11.30 -18.42 -0.43
C CYS D 220 -9.79 -18.28 -0.60
N VAL D 221 -9.20 -19.18 -1.38
CA VAL D 221 -7.76 -19.09 -1.65
C VAL D 221 -7.43 -17.78 -2.36
N LYS D 222 -8.25 -17.38 -3.33
CA LYS D 222 -7.93 -16.20 -4.13
C LYS D 222 -8.27 -14.89 -3.42
N GLN D 223 -9.27 -14.87 -2.55
CA GLN D 223 -9.78 -13.61 -2.01
C GLN D 223 -9.28 -13.29 -0.62
N LEU D 224 -9.03 -14.28 0.22
CA LEU D 224 -8.70 -14.01 1.61
C LEU D 224 -7.33 -13.35 1.72
N PRO D 225 -7.09 -12.59 2.78
CA PRO D 225 -5.80 -11.90 2.93
C PRO D 225 -4.64 -12.88 3.01
N SER D 226 -3.47 -12.42 2.57
CA SER D 226 -2.33 -13.30 2.43
C SER D 226 -1.79 -13.80 3.77
N ASN D 227 -2.16 -13.16 4.88
CA ASN D 227 -1.74 -13.59 6.20
C ASN D 227 -2.85 -14.32 6.95
N CYS D 228 -3.96 -14.62 6.27
CA CYS D 228 -5.08 -15.33 6.87
C CYS D 228 -4.83 -16.82 6.77
N TRP D 229 -4.89 -17.53 7.90
CA TRP D 229 -4.57 -18.94 7.89
C TRP D 229 -5.66 -19.78 7.21
N GLN D 230 -6.90 -19.28 7.19
CA GLN D 230 -7.96 -19.99 6.50
C GLN D 230 -7.69 -20.09 5.01
N LYS D 231 -7.03 -19.07 4.44
CA LYS D 231 -6.67 -19.12 3.04
C LYS D 231 -5.75 -20.29 2.74
N TYR D 232 -4.76 -20.52 3.59
CA TYR D 232 -3.82 -21.60 3.38
C TYR D 232 -4.41 -22.95 3.74
N LYS D 233 -5.31 -23.00 4.71
CA LYS D 233 -6.05 -24.23 4.97
C LYS D 233 -6.86 -24.63 3.74
N ALA D 234 -7.54 -23.66 3.13
CA ALA D 234 -8.30 -23.93 1.92
C ALA D 234 -7.40 -24.38 0.79
N ARG D 235 -6.25 -23.72 0.63
CA ARG D 235 -5.33 -24.10 -0.45
C ARG D 235 -4.81 -25.51 -0.26
N GLN D 236 -4.50 -25.86 0.99
CA GLN D 236 -4.00 -27.18 1.31
C GLN D 236 -5.04 -28.24 0.99
N ILE D 237 -6.28 -27.99 1.39
CA ILE D 237 -7.37 -28.94 1.13
C ILE D 237 -7.61 -29.08 -0.37
N CYS D 238 -7.61 -27.96 -1.10
CA CYS D 238 -7.83 -28.01 -2.54
C CYS D 238 -6.72 -28.80 -3.23
N ASN D 239 -5.48 -28.60 -2.79
CA ASN D 239 -4.37 -29.34 -3.36
C ASN D 239 -4.52 -30.84 -3.12
N ASP D 240 -4.92 -31.23 -1.90
CA ASP D 240 -5.17 -32.65 -1.67
C ASP D 240 -6.30 -33.18 -2.52
N ILE D 241 -7.33 -32.37 -2.75
CA ILE D 241 -8.45 -32.81 -3.57
C ILE D 241 -7.97 -33.09 -4.98
N MET D 242 -7.11 -32.24 -5.53
CA MET D 242 -6.52 -32.53 -6.82
C MET D 242 -5.67 -33.79 -6.79
N ASN D 243 -4.81 -33.93 -5.79
CA ASN D 243 -3.95 -35.10 -5.73
C ASN D 243 -4.74 -36.38 -5.54
N THR D 244 -5.97 -36.28 -5.04
CA THR D 244 -6.79 -37.45 -4.75
C THR D 244 -7.70 -37.82 -5.92
N PHE D 245 -8.24 -36.84 -6.63
CA PHE D 245 -9.23 -37.12 -7.65
C PHE D 245 -8.60 -37.82 -8.86
N HIS D 246 -9.22 -38.91 -9.29
CA HIS D 246 -8.87 -39.57 -10.54
C HIS D 246 -10.15 -39.69 -11.35
N PRO D 247 -10.18 -39.19 -12.58
CA PRO D 247 -11.41 -39.28 -13.37
C PRO D 247 -11.85 -40.70 -13.69
N ASN D 248 -10.96 -41.67 -13.55
CA ASN D 248 -11.30 -43.07 -13.80
C ASN D 248 -11.84 -43.78 -12.57
N ASP D 249 -11.82 -43.12 -11.41
CA ASP D 249 -12.31 -43.72 -10.16
C ASP D 249 -13.29 -42.74 -9.54
N LEU D 250 -14.57 -43.13 -9.52
CA LEU D 250 -15.63 -42.25 -9.06
C LEU D 250 -15.76 -42.19 -7.54
N SER D 251 -15.13 -43.09 -6.80
CA SER D 251 -15.12 -42.97 -5.34
C SER D 251 -14.16 -41.89 -4.88
N THR D 252 -13.21 -41.51 -5.73
CA THR D 252 -12.34 -40.39 -5.41
C THR D 252 -13.15 -39.10 -5.24
N ILE D 253 -14.28 -38.98 -5.94
CA ILE D 253 -15.14 -37.83 -5.75
C ILE D 253 -15.66 -37.78 -4.32
N ASN D 254 -16.10 -38.92 -3.80
CA ASN D 254 -16.63 -38.96 -2.45
C ASN D 254 -15.54 -38.67 -1.42
N GLU D 255 -14.34 -39.23 -1.61
CA GLU D 255 -13.31 -38.91 -0.62
C GLU D 255 -12.79 -37.47 -0.78
N CYS D 256 -12.90 -36.88 -1.96
CA CYS D 256 -12.60 -35.46 -2.11
C CYS D 256 -13.61 -34.61 -1.34
N ARG D 257 -14.89 -34.98 -1.41
CA ARG D 257 -15.89 -34.27 -0.62
C ARG D 257 -15.63 -34.43 0.87
N ASN D 258 -15.22 -35.62 1.29
CA ASN D 258 -14.85 -35.82 2.70
C ASN D 258 -13.67 -34.93 3.08
N LEU D 259 -12.70 -34.77 2.18
CA LEU D 259 -11.59 -33.85 2.44
C LEU D 259 -12.08 -32.43 2.59
N ALA D 260 -12.99 -32.00 1.72
CA ALA D 260 -13.52 -30.65 1.78
C ALA D 260 -14.35 -30.40 3.03
N LYS D 261 -14.87 -31.46 3.66
CA LYS D 261 -15.64 -31.30 4.89
C LYS D 261 -14.82 -30.65 6.00
N ALA D 262 -13.49 -30.78 5.95
CA ALA D 262 -12.65 -30.16 6.97
C ALA D 262 -12.68 -28.64 6.90
N PHE D 263 -13.09 -28.07 5.77
CA PHE D 263 -13.22 -26.64 5.57
C PHE D 263 -14.66 -26.18 5.55
N LEU D 264 -15.57 -26.98 5.00
CA LEU D 264 -16.97 -26.55 4.85
C LEU D 264 -17.88 -27.13 5.91
N GLY D 265 -17.42 -28.07 6.73
CA GLY D 265 -18.29 -28.71 7.66
C GLY D 265 -19.15 -29.77 7.01
N ASN D 266 -20.08 -30.30 7.79
CA ASN D 266 -20.88 -31.44 7.36
C ASN D 266 -22.31 -31.09 6.98
N ASP D 267 -22.73 -29.84 7.14
CA ASP D 267 -24.13 -29.47 6.95
C ASP D 267 -24.41 -28.78 5.63
N ILE D 268 -23.41 -28.62 4.75
CA ILE D 268 -23.61 -27.83 3.54
C ILE D 268 -24.59 -28.46 2.55
N ASP D 269 -24.94 -29.73 2.73
CA ASP D 269 -25.79 -30.41 1.76
C ASP D 269 -27.27 -30.10 1.91
N SER D 270 -27.67 -29.42 2.98
CA SER D 270 -29.07 -29.11 3.22
C SER D 270 -29.16 -27.69 3.78
N GLU D 271 -30.33 -27.35 4.28
CA GLU D 271 -30.58 -26.06 4.91
C GLU D 271 -30.21 -26.07 6.39
N ALA D 272 -29.61 -27.14 6.88
CA ALA D 272 -29.19 -27.21 8.27
C ALA D 272 -27.98 -26.33 8.56
N VAL D 273 -27.24 -25.90 7.52
CA VAL D 273 -26.12 -24.99 7.75
C VAL D 273 -26.62 -23.71 8.40
N PHE D 274 -27.75 -23.21 7.95
CA PHE D 274 -28.27 -21.93 8.43
C PHE D 274 -28.88 -22.03 9.82
N GLU D 275 -29.05 -23.24 10.35
CA GLU D 275 -29.58 -23.43 11.69
C GLU D 275 -28.49 -23.42 12.75
N LYS D 276 -27.25 -23.11 12.36
CA LYS D 276 -26.13 -23.03 13.28
C LYS D 276 -25.62 -21.60 13.32
N ASN D 277 -25.37 -21.10 14.53
CA ASN D 277 -24.93 -19.71 14.73
C ASN D 277 -25.93 -18.71 14.16
N ASN D 278 -27.21 -19.08 14.13
CA ASN D 278 -28.23 -18.29 13.47
C ASN D 278 -28.79 -17.19 14.33
N ASP D 279 -28.07 -16.78 15.37
CA ASP D 279 -28.53 -15.69 16.22
C ASP D 279 -27.67 -14.45 16.15
N LYS D 280 -26.50 -14.52 15.52
CA LYS D 280 -25.58 -13.39 15.42
C LYS D 280 -25.11 -13.21 14.00
N ALA D 281 -26.04 -13.21 13.05
CA ALA D 281 -25.70 -13.03 11.65
C ALA D 281 -25.28 -11.60 11.37
N ASN D 282 -24.29 -11.45 10.51
CA ASN D 282 -23.86 -10.13 10.06
C ASN D 282 -24.32 -9.82 8.65
N VAL D 283 -24.51 -10.83 7.82
CA VAL D 283 -24.94 -10.65 6.43
C VAL D 283 -26.27 -11.37 6.28
N PHE D 284 -27.24 -10.68 5.69
CA PHE D 284 -28.56 -11.24 5.46
C PHE D 284 -28.78 -11.31 3.97
N ALA D 285 -28.93 -12.51 3.44
CA ALA D 285 -29.06 -12.74 2.02
C ALA D 285 -30.53 -12.84 1.64
N ILE D 286 -30.91 -12.17 0.57
CA ILE D 286 -32.26 -12.25 0.03
C ILE D 286 -32.17 -12.32 -1.49
N GLY D 287 -32.95 -13.21 -2.09
CA GLY D 287 -32.97 -13.31 -3.53
C GLY D 287 -33.73 -12.17 -4.17
N HIS D 288 -33.30 -11.78 -5.35
CA HIS D 288 -33.88 -10.62 -6.00
C HIS D 288 -33.67 -10.72 -7.49
N CYS D 289 -34.62 -10.17 -8.23
CA CYS D 289 -34.54 -10.12 -9.69
C CYS D 289 -35.09 -8.77 -10.13
N HIS D 290 -34.19 -7.88 -10.50
CA HIS D 290 -34.59 -6.55 -10.95
C HIS D 290 -34.94 -6.63 -12.42
N ILE D 291 -36.22 -6.52 -12.74
CA ILE D 291 -36.72 -6.50 -14.10
C ILE D 291 -37.10 -5.06 -14.42
N ASP D 292 -36.35 -4.43 -15.30
CA ASP D 292 -36.73 -3.11 -15.77
C ASP D 292 -38.02 -3.22 -16.59
N THR D 293 -39.04 -2.48 -16.19
CA THR D 293 -40.32 -2.55 -16.89
C THR D 293 -40.17 -2.18 -18.36
N ALA D 294 -39.26 -1.26 -18.67
CA ALA D 294 -38.79 -1.07 -20.05
C ALA D 294 -37.47 -0.33 -19.96
N TRP D 295 -36.37 -1.00 -20.32
CA TRP D 295 -35.10 -0.30 -20.45
C TRP D 295 -34.51 -0.44 -21.85
N LEU D 296 -34.29 -1.66 -22.33
CA LEU D 296 -33.70 -1.88 -23.64
C LEU D 296 -34.55 -2.85 -24.45
N TRP D 297 -35.81 -2.97 -24.09
CA TRP D 297 -36.75 -3.91 -24.69
C TRP D 297 -38.14 -3.31 -24.53
N PRO D 298 -39.10 -3.73 -25.35
CA PRO D 298 -40.46 -3.21 -25.20
C PRO D 298 -41.12 -3.71 -23.93
N PHE D 299 -42.29 -3.13 -23.62
CA PHE D 299 -43.10 -3.63 -22.52
C PHE D 299 -43.53 -5.07 -22.76
N ALA D 300 -43.78 -5.42 -24.02
CA ALA D 300 -44.24 -6.75 -24.36
C ALA D 300 -43.20 -7.81 -24.02
N GLU D 301 -41.91 -7.46 -24.13
CA GLU D 301 -40.87 -8.40 -23.73
C GLU D 301 -40.70 -8.45 -22.22
N THR D 302 -40.94 -7.33 -21.52
CA THR D 302 -40.96 -7.34 -20.07
C THR D 302 -42.02 -8.29 -19.55
N ARG D 303 -43.15 -8.37 -20.26
CA ARG D 303 -44.22 -9.27 -19.82
C ARG D 303 -43.74 -10.71 -19.77
N ARG D 304 -42.94 -11.13 -20.74
CA ARG D 304 -42.41 -12.49 -20.73
C ARG D 304 -41.26 -12.65 -19.76
N LYS D 305 -40.43 -11.61 -19.60
CA LYS D 305 -39.35 -11.68 -18.64
C LYS D 305 -39.89 -11.90 -17.23
N ILE D 306 -41.01 -11.26 -16.90
CA ILE D 306 -41.59 -11.40 -15.58
C ILE D 306 -41.95 -12.86 -15.30
N VAL D 307 -42.67 -13.49 -16.22
CA VAL D 307 -43.14 -14.84 -15.97
C VAL D 307 -41.98 -15.83 -15.97
N ARG D 308 -41.01 -15.64 -16.88
CA ARG D 308 -39.93 -16.61 -16.91
C ARG D 308 -38.96 -16.41 -15.75
N SER D 309 -38.91 -15.23 -15.14
CA SER D 309 -38.16 -15.09 -13.90
C SER D 309 -38.90 -15.73 -12.73
N TRP D 310 -40.20 -15.45 -12.60
CA TRP D 310 -40.90 -15.86 -11.39
C TRP D 310 -41.22 -17.34 -11.37
N ALA D 311 -41.52 -17.94 -12.53
CA ALA D 311 -41.70 -19.40 -12.55
C ALA D 311 -40.40 -20.11 -12.17
N THR D 312 -39.27 -19.61 -12.67
CA THR D 312 -37.98 -20.17 -12.29
C THR D 312 -37.75 -20.04 -10.79
N GLN D 313 -38.02 -18.86 -10.25
CA GLN D 313 -37.82 -18.66 -8.82
C GLN D 313 -38.75 -19.55 -7.99
N MET D 314 -39.95 -19.81 -8.49
CA MET D 314 -40.87 -20.67 -7.75
C MET D 314 -40.40 -22.12 -7.76
N ASN D 315 -39.87 -22.62 -8.88
CA ASN D 315 -39.32 -23.97 -8.83
C ASN D 315 -38.08 -24.04 -7.97
N ILE D 316 -37.26 -22.98 -7.95
CA ILE D 316 -36.11 -22.94 -7.06
C ILE D 316 -36.57 -22.95 -5.60
N MET D 317 -37.63 -22.20 -5.29
CA MET D 317 -38.21 -22.24 -3.95
C MET D 317 -38.65 -23.65 -3.59
N ASP D 318 -39.19 -24.38 -4.56
CA ASP D 318 -39.55 -25.77 -4.32
C ASP D 318 -38.33 -26.59 -3.93
N ARG D 319 -37.20 -26.36 -4.58
CA ARG D 319 -36.03 -27.18 -4.28
C ARG D 319 -35.26 -26.71 -3.06
N TYR D 320 -35.28 -25.42 -2.74
CA TYR D 320 -34.49 -24.87 -1.63
C TYR D 320 -35.40 -24.24 -0.58
N PRO D 321 -35.64 -24.92 0.55
CA PRO D 321 -36.66 -24.44 1.49
C PRO D 321 -36.28 -23.18 2.25
N GLU D 322 -35.00 -22.86 2.38
CA GLU D 322 -34.59 -21.67 3.09
C GLU D 322 -34.56 -20.44 2.22
N TYR D 323 -34.80 -20.59 0.93
CA TYR D 323 -34.60 -19.51 -0.02
C TYR D 323 -35.80 -18.57 -0.04
N GLN D 324 -35.52 -17.27 -0.04
CA GLN D 324 -36.54 -16.25 -0.11
C GLN D 324 -36.20 -15.25 -1.19
N PHE D 325 -37.23 -14.75 -1.87
CA PHE D 325 -37.09 -13.92 -3.05
C PHE D 325 -38.01 -12.72 -2.90
N VAL D 326 -37.48 -11.53 -3.11
CA VAL D 326 -38.27 -10.31 -3.09
C VAL D 326 -38.41 -9.80 -4.52
N CYS D 327 -39.62 -9.37 -4.86
CA CYS D 327 -39.82 -8.61 -6.10
C CYS D 327 -40.80 -7.49 -5.82
N SER D 328 -40.58 -6.35 -6.47
CA SER D 328 -41.13 -5.08 -6.00
C SER D 328 -42.40 -4.64 -6.72
N GLN D 329 -42.32 -4.45 -8.04
CA GLN D 329 -43.27 -3.57 -8.71
C GLN D 329 -44.64 -4.22 -8.85
N ALA D 330 -45.67 -3.55 -8.33
CA ALA D 330 -47.02 -4.10 -8.36
C ALA D 330 -47.55 -4.23 -9.79
N LEU D 331 -47.14 -3.34 -10.68
CA LEU D 331 -47.57 -3.45 -12.07
C LEU D 331 -47.10 -4.76 -12.69
N GLN D 332 -45.93 -5.25 -12.28
CA GLN D 332 -45.46 -6.53 -12.81
C GLN D 332 -46.32 -7.68 -12.32
N TYR D 333 -46.78 -7.61 -11.07
CA TYR D 333 -47.75 -8.59 -10.59
C TYR D 333 -49.05 -8.51 -11.39
N LEU D 334 -49.51 -7.30 -11.70
CA LEU D 334 -50.72 -7.15 -12.49
C LEU D 334 -50.54 -7.74 -13.88
N TRP D 335 -49.39 -7.52 -14.48
CA TRP D 335 -49.11 -8.07 -15.80
C TRP D 335 -49.09 -9.59 -15.77
N LEU D 336 -48.46 -10.17 -14.74
CA LEU D 336 -48.47 -11.62 -14.60
C LEU D 336 -49.88 -12.14 -14.41
N LYS D 337 -50.69 -11.44 -13.61
CA LYS D 337 -52.06 -11.87 -13.38
C LYS D 337 -52.88 -11.83 -14.66
N GLU D 338 -52.66 -10.80 -15.48
CA GLU D 338 -53.36 -10.72 -16.76
C GLU D 338 -52.91 -11.83 -17.70
N ASP D 339 -51.61 -12.11 -17.76
CA ASP D 339 -51.11 -13.05 -18.76
C ASP D 339 -51.23 -14.49 -18.29
N HIS D 340 -50.91 -14.77 -17.02
CA HIS D 340 -50.84 -16.13 -16.50
C HIS D 340 -51.57 -16.19 -15.16
N PRO D 341 -52.90 -16.25 -15.18
CA PRO D 341 -53.64 -16.28 -13.92
C PRO D 341 -53.29 -17.46 -13.02
N ASP D 342 -52.99 -18.62 -13.60
CA ASP D 342 -52.68 -19.78 -12.78
C ASP D 342 -51.32 -19.64 -12.10
N VAL D 343 -50.35 -19.09 -12.83
CA VAL D 343 -49.07 -18.77 -12.23
C VAL D 343 -49.27 -17.78 -11.10
N PHE D 344 -50.22 -16.86 -11.24
CA PHE D 344 -50.47 -15.88 -10.19
C PHE D 344 -51.10 -16.55 -8.96
N GLU D 345 -51.98 -17.52 -9.17
CA GLU D 345 -52.52 -18.26 -8.03
C GLU D 345 -51.42 -19.02 -7.28
N LYS D 346 -50.55 -19.71 -8.02
CA LYS D 346 -49.42 -20.37 -7.39
C LYS D 346 -48.54 -19.37 -6.66
N LEU D 347 -48.33 -18.20 -7.27
CA LEU D 347 -47.50 -17.17 -6.68
C LEU D 347 -48.08 -16.68 -5.37
N LYS D 348 -49.39 -16.49 -5.31
CA LYS D 348 -49.97 -16.00 -4.06
C LYS D 348 -49.93 -17.07 -2.98
N GLU D 349 -49.98 -18.35 -3.36
CA GLU D 349 -49.70 -19.38 -2.37
C GLU D 349 -48.28 -19.26 -1.83
N TYR D 350 -47.31 -19.05 -2.71
CA TYR D 350 -45.92 -18.88 -2.26
C TYR D 350 -45.79 -17.67 -1.35
N VAL D 351 -46.46 -16.58 -1.70
CA VAL D 351 -46.45 -15.38 -0.85
C VAL D 351 -47.00 -15.71 0.53
N ASN D 352 -48.05 -16.52 0.58
CA ASN D 352 -48.57 -16.97 1.87
C ASN D 352 -47.51 -17.75 2.64
N GLN D 353 -46.75 -18.60 1.96
CA GLN D 353 -45.72 -19.37 2.65
C GLN D 353 -44.50 -18.54 3.05
N ASN D 354 -44.54 -17.22 2.89
CA ASN D 354 -43.48 -16.30 3.30
C ASN D 354 -42.25 -16.40 2.41
N LYS D 355 -42.23 -17.36 1.51
CA LYS D 355 -41.36 -17.25 0.35
C LYS D 355 -42.00 -16.28 -0.62
N PHE D 356 -41.19 -15.73 -1.52
CA PHE D 356 -41.70 -14.78 -2.51
C PHE D 356 -42.36 -13.58 -1.82
N ILE D 357 -41.51 -12.76 -1.21
CA ILE D 357 -41.95 -11.59 -0.48
C ILE D 357 -42.18 -10.40 -1.42
N PRO D 358 -43.39 -9.88 -1.53
CA PRO D 358 -43.58 -8.63 -2.25
C PRO D 358 -43.10 -7.45 -1.42
N ILE D 359 -42.41 -6.52 -2.08
CA ILE D 359 -41.73 -5.43 -1.42
C ILE D 359 -41.94 -4.15 -2.21
N GLY D 360 -41.58 -3.04 -1.62
CA GLY D 360 -41.62 -1.75 -2.31
C GLY D 360 -42.88 -0.96 -2.17
N GLY D 361 -44.03 -1.60 -2.37
CA GLY D 361 -45.30 -0.94 -2.19
C GLY D 361 -45.65 0.08 -3.25
N SER D 362 -44.94 0.13 -4.36
CA SER D 362 -45.22 1.10 -5.40
C SER D 362 -45.63 0.39 -6.68
N TRP D 363 -46.32 1.12 -7.54
CA TRP D 363 -46.78 0.55 -8.80
C TRP D 363 -45.61 0.14 -9.69
N VAL D 364 -44.64 1.03 -9.86
CA VAL D 364 -43.39 0.72 -10.54
C VAL D 364 -42.26 1.25 -9.69
N GLU D 365 -41.05 0.81 -10.00
CA GLU D 365 -39.85 1.38 -9.39
C GLU D 365 -39.55 2.67 -10.15
N HIS D 366 -40.10 3.76 -9.64
CA HIS D 366 -40.17 5.01 -10.37
C HIS D 366 -38.98 5.90 -10.03
N ASP D 367 -38.73 6.85 -10.94
CA ASP D 367 -37.87 7.97 -10.62
C ASP D 367 -38.56 8.87 -9.61
N THR D 368 -37.77 9.49 -8.74
CA THR D 368 -38.31 10.35 -7.70
C THR D 368 -37.96 11.81 -7.89
N ASN D 369 -37.27 12.15 -8.97
CA ASN D 369 -36.92 13.54 -9.23
C ASN D 369 -37.93 14.23 -10.14
N ILE D 370 -38.32 13.57 -11.22
CA ILE D 370 -39.16 14.19 -12.25
C ILE D 370 -40.64 14.23 -11.88
N PRO D 371 -41.27 13.14 -11.45
CA PRO D 371 -42.71 13.20 -11.22
C PRO D 371 -43.06 14.13 -10.07
N ASN D 372 -44.23 14.75 -10.16
CA ASN D 372 -44.66 15.65 -9.11
C ASN D 372 -45.07 14.85 -7.88
N GLY D 373 -45.36 15.58 -6.81
CA GLY D 373 -45.60 14.92 -5.53
C GLY D 373 -46.81 14.00 -5.55
N GLU D 374 -47.89 14.43 -6.19
CA GLU D 374 -49.07 13.59 -6.27
C GLU D 374 -48.79 12.31 -7.01
N SER D 375 -47.88 12.34 -7.99
CA SER D 375 -47.49 11.10 -8.66
C SER D 375 -46.80 10.12 -7.72
N LEU D 376 -45.93 10.62 -6.85
CA LEU D 376 -45.28 9.72 -5.88
C LEU D 376 -46.30 9.13 -4.93
N ILE D 377 -47.24 9.96 -4.45
CA ILE D 377 -48.30 9.45 -3.60
C ILE D 377 -49.12 8.41 -4.35
N ARG D 378 -49.39 8.64 -5.64
CA ARG D 378 -50.18 7.68 -6.41
C ARG D 378 -49.43 6.37 -6.61
N GLN D 379 -48.11 6.45 -6.83
CA GLN D 379 -47.31 5.24 -6.90
C GLN D 379 -47.54 4.39 -5.66
N PHE D 380 -47.41 5.01 -4.49
CA PHE D 380 -47.62 4.23 -3.27
C PHE D 380 -49.07 3.79 -3.11
N LEU D 381 -50.03 4.65 -3.45
CA LEU D 381 -51.43 4.31 -3.26
C LEU D 381 -51.84 3.10 -4.10
N LEU D 382 -51.48 3.13 -5.38
CA LEU D 382 -51.81 2.02 -6.27
C LEU D 382 -51.05 0.76 -5.90
N GLY D 383 -49.76 0.86 -5.59
CA GLY D 383 -49.01 -0.32 -5.21
C GLY D 383 -49.54 -0.96 -3.95
N GLN D 384 -49.77 -0.15 -2.91
CA GLN D 384 -50.22 -0.69 -1.64
C GLN D 384 -51.63 -1.25 -1.76
N HIS D 385 -52.50 -0.61 -2.54
CA HIS D 385 -53.84 -1.16 -2.71
C HIS D 385 -53.80 -2.48 -3.47
N PHE D 386 -52.94 -2.58 -4.49
CA PHE D 386 -52.82 -3.85 -5.19
C PHE D 386 -52.31 -4.95 -4.27
N PHE D 387 -51.29 -4.65 -3.47
CA PHE D 387 -50.74 -5.68 -2.60
C PHE D 387 -51.72 -6.06 -1.49
N GLU D 388 -52.52 -5.11 -1.01
CA GLU D 388 -53.52 -5.42 0.00
C GLU D 388 -54.70 -6.18 -0.59
N LYS D 389 -54.97 -6.00 -1.87
CA LYS D 389 -56.10 -6.69 -2.49
C LYS D 389 -55.75 -8.11 -2.90
N GLU D 390 -54.62 -8.28 -3.60
CA GLU D 390 -54.25 -9.60 -4.08
C GLU D 390 -53.73 -10.49 -2.97
N PHE D 391 -52.90 -9.95 -2.11
CA PHE D 391 -52.40 -10.63 -0.93
C PHE D 391 -52.96 -9.92 0.29
N GLY D 392 -52.53 -10.34 1.48
CA GLY D 392 -52.97 -9.63 2.65
C GLY D 392 -51.89 -8.71 3.18
N VAL D 393 -50.94 -8.35 2.33
CA VAL D 393 -49.71 -7.70 2.75
C VAL D 393 -49.77 -6.22 2.42
N ARG D 394 -49.26 -5.41 3.34
CA ARG D 394 -48.93 -4.01 3.08
C ARG D 394 -47.43 -3.87 3.23
N CYS D 395 -46.77 -3.35 2.21
CA CYS D 395 -45.32 -3.22 2.27
C CYS D 395 -44.92 -2.17 3.30
N ARG D 396 -43.81 -2.44 3.99
CA ARG D 396 -43.24 -1.49 4.93
C ARG D 396 -41.89 -0.98 4.48
N THR D 397 -41.28 -1.58 3.48
CA THR D 397 -39.99 -1.16 2.96
C THR D 397 -40.19 -0.58 1.58
N PHE D 398 -39.80 0.68 1.41
CA PHE D 398 -39.71 1.24 0.08
C PHE D 398 -38.46 0.67 -0.59
N TRP D 399 -38.66 -0.06 -1.67
CA TRP D 399 -37.59 -0.75 -2.38
C TRP D 399 -37.32 0.02 -3.66
N LEU D 400 -36.13 0.58 -3.76
CA LEU D 400 -35.83 1.44 -4.89
C LEU D 400 -34.35 1.42 -5.19
N PRO D 401 -33.79 0.28 -5.57
CA PRO D 401 -32.33 0.17 -5.66
C PRO D 401 -31.73 0.72 -6.94
N ASP D 402 -32.51 1.27 -7.87
CA ASP D 402 -31.99 1.64 -9.17
C ASP D 402 -32.42 3.02 -9.63
N THR D 403 -32.93 3.85 -8.72
CA THR D 403 -33.46 5.16 -9.09
C THR D 403 -32.38 6.23 -9.02
N PHE D 404 -32.38 7.13 -10.01
CA PHE D 404 -31.31 8.13 -10.15
C PHE D 404 -31.65 9.34 -9.29
N GLY D 405 -31.33 9.24 -8.02
CA GLY D 405 -31.56 10.37 -7.14
C GLY D 405 -32.85 10.25 -6.37
N TYR D 406 -32.87 10.83 -5.17
CA TYR D 406 -33.97 10.69 -4.24
C TYR D 406 -34.36 12.05 -3.71
N SER D 407 -35.59 12.46 -3.96
CA SER D 407 -36.01 13.80 -3.62
C SER D 407 -36.24 13.94 -2.12
N SER D 408 -36.29 15.18 -1.65
CA SER D 408 -36.18 15.46 -0.23
C SER D 408 -37.43 15.10 0.56
N GLN D 409 -38.57 14.91 -0.09
CA GLN D 409 -39.79 14.59 0.62
C GLN D 409 -40.16 13.13 0.55
N ILE D 410 -39.30 12.29 -0.04
CA ILE D 410 -39.59 10.86 -0.11
C ILE D 410 -39.79 10.24 1.27
N PRO D 411 -38.98 10.54 2.29
CA PRO D 411 -39.27 9.96 3.60
C PRO D 411 -40.64 10.32 4.16
N GLN D 412 -41.10 11.55 3.92
CA GLN D 412 -42.43 11.93 4.40
C GLN D 412 -43.53 11.19 3.66
N ILE D 413 -43.40 11.07 2.34
CA ILE D 413 -44.39 10.35 1.56
C ILE D 413 -44.40 8.88 1.95
N CYS D 414 -43.22 8.32 2.22
CA CYS D 414 -43.12 6.96 2.71
C CYS D 414 -43.87 6.78 4.03
N ARG D 415 -43.61 7.67 4.99
CA ARG D 415 -44.28 7.56 6.28
C ARG D 415 -45.78 7.73 6.14
N LEU D 416 -46.22 8.63 5.25
CA LEU D 416 -47.64 8.83 5.01
C LEU D 416 -48.28 7.60 4.37
N CYS D 417 -47.51 6.83 3.60
CA CYS D 417 -48.06 5.67 2.92
C CYS D 417 -47.70 4.36 3.61
N GLY D 418 -47.29 4.41 4.86
CA GLY D 418 -47.13 3.23 5.68
C GLY D 418 -45.79 2.55 5.64
N MET D 419 -44.77 3.16 5.05
CA MET D 419 -43.46 2.54 4.95
C MET D 419 -42.43 3.37 5.70
N ASP D 420 -41.73 2.73 6.64
CA ASP D 420 -40.71 3.39 7.42
C ASP D 420 -39.32 2.88 7.13
N ARG D 421 -39.16 2.03 6.13
CA ARG D 421 -37.87 1.49 5.74
C ARG D 421 -37.60 1.81 4.29
N PHE D 422 -36.33 2.02 3.97
CA PHE D 422 -35.92 2.34 2.62
C PHE D 422 -34.70 1.53 2.27
N LEU D 423 -34.74 0.88 1.12
CA LEU D 423 -33.61 0.13 0.60
C LEU D 423 -33.24 0.72 -0.75
N THR D 424 -31.95 0.94 -0.95
CA THR D 424 -31.44 1.48 -2.19
C THR D 424 -29.94 1.25 -2.28
N GLN D 425 -29.44 1.15 -3.50
CA GLN D 425 -28.00 1.01 -3.67
C GLN D 425 -27.43 1.95 -4.72
N LYS D 426 -28.27 2.74 -5.39
CA LYS D 426 -27.81 3.52 -6.53
C LYS D 426 -26.78 4.57 -6.14
N LEU D 427 -26.82 5.06 -4.90
CA LEU D 427 -25.89 6.09 -4.47
C LEU D 427 -24.45 5.62 -4.47
N SER D 428 -24.21 4.31 -4.59
CA SER D 428 -22.85 3.81 -4.74
C SER D 428 -22.23 4.22 -6.07
N TRP D 429 -23.01 4.69 -7.02
CA TRP D 429 -22.49 5.18 -8.29
C TRP D 429 -22.06 6.63 -8.24
N ASN D 430 -22.13 7.28 -7.08
CA ASN D 430 -21.62 8.63 -6.91
C ASN D 430 -20.12 8.64 -7.23
N ASN D 431 -19.75 9.33 -8.31
CA ASN D 431 -18.36 9.30 -8.79
C ASN D 431 -17.56 10.49 -8.31
N ILE D 432 -18.03 11.21 -7.28
CA ILE D 432 -17.25 12.26 -6.66
C ILE D 432 -17.15 12.01 -5.16
N ASN D 433 -18.28 11.90 -4.49
CA ASN D 433 -18.34 11.71 -3.05
C ASN D 433 -18.94 10.36 -2.71
N SER D 434 -18.22 9.57 -1.93
CA SER D 434 -18.81 8.37 -1.36
C SER D 434 -19.80 8.78 -0.28
N PHE D 435 -20.99 8.21 -0.34
CA PHE D 435 -21.98 8.51 0.69
C PHE D 435 -21.45 8.06 2.04
N PRO D 436 -21.60 8.89 3.08
CA PRO D 436 -20.92 8.59 4.35
C PRO D 436 -21.35 7.30 5.03
N THR D 437 -22.59 6.85 4.87
CA THR D 437 -23.10 5.78 5.70
C THR D 437 -23.76 4.70 4.86
N SER D 438 -23.84 3.51 5.43
CA SER D 438 -24.60 2.40 4.86
C SER D 438 -25.97 2.24 5.50
N THR D 439 -26.09 2.51 6.79
CA THR D 439 -27.35 2.43 7.52
C THR D 439 -27.54 3.75 8.23
N PHE D 440 -28.66 4.42 7.97
CA PHE D 440 -28.84 5.75 8.52
C PHE D 440 -30.32 6.07 8.57
N ASN D 441 -30.63 7.20 9.20
CA ASN D 441 -31.97 7.74 9.20
C ASN D 441 -32.05 8.83 8.14
N TRP D 442 -32.94 8.65 7.19
CA TRP D 442 -33.15 9.63 6.14
C TRP D 442 -34.36 10.46 6.53
N VAL D 443 -34.15 11.76 6.67
CA VAL D 443 -35.13 12.69 7.21
C VAL D 443 -35.61 13.60 6.10
N ALA D 444 -36.92 13.72 5.95
CA ALA D 444 -37.49 14.55 4.90
C ALA D 444 -37.41 16.02 5.28
N LEU D 445 -37.91 16.89 4.39
CA LEU D 445 -37.94 18.31 4.68
C LEU D 445 -38.74 18.61 5.94
N ASP D 446 -39.85 17.91 6.13
CA ASP D 446 -40.71 18.17 7.29
C ASP D 446 -40.18 17.58 8.58
N GLY D 447 -39.23 16.66 8.51
CA GLY D 447 -38.76 15.96 9.68
C GLY D 447 -39.13 14.49 9.74
N SER D 448 -39.99 14.03 8.84
CA SER D 448 -40.32 12.61 8.79
C SER D 448 -39.10 11.80 8.40
N GLN D 449 -38.93 10.66 9.03
CA GLN D 449 -37.74 9.85 8.84
C GLN D 449 -38.11 8.43 8.48
N VAL D 450 -37.35 7.88 7.54
CA VAL D 450 -37.32 6.44 7.32
C VAL D 450 -35.93 5.96 7.69
N ILE D 451 -35.80 4.66 7.89
CA ILE D 451 -34.50 4.06 8.11
C ILE D 451 -34.03 3.46 6.80
N CYS D 452 -32.89 3.91 6.31
CA CYS D 452 -32.38 3.53 5.01
C CYS D 452 -31.14 2.66 5.19
N HIS D 453 -31.08 1.60 4.40
CA HIS D 453 -29.89 0.78 4.28
C HIS D 453 -29.47 0.72 2.83
N MET D 454 -28.17 0.88 2.59
CA MET D 454 -27.60 0.64 1.27
C MET D 454 -26.72 -0.59 1.33
N PRO D 455 -27.06 -1.67 0.62
CA PRO D 455 -26.28 -2.92 0.71
C PRO D 455 -24.81 -2.67 0.47
N PRO D 456 -23.96 -2.99 1.45
CA PRO D 456 -22.55 -2.58 1.37
C PRO D 456 -21.81 -3.14 0.17
N ALA D 457 -22.08 -4.38 -0.22
CA ALA D 457 -21.62 -4.86 -1.52
C ALA D 457 -22.47 -4.17 -2.58
N ASN D 458 -21.88 -3.23 -3.29
CA ASN D 458 -22.69 -2.21 -3.95
C ASN D 458 -23.44 -2.74 -5.16
N THR D 459 -24.31 -3.71 -4.94
CA THR D 459 -25.10 -4.30 -6.01
C THR D 459 -26.43 -4.78 -5.45
N TYR D 460 -27.39 -4.94 -6.36
CA TYR D 460 -28.58 -5.73 -6.11
C TYR D 460 -28.62 -6.98 -6.97
N THR D 461 -27.53 -7.24 -7.69
CA THR D 461 -27.36 -8.42 -8.53
C THR D 461 -26.09 -9.16 -8.16
N ALA D 462 -25.91 -9.41 -6.86
CA ALA D 462 -24.72 -10.09 -6.38
C ALA D 462 -24.70 -11.54 -6.86
N ASP D 463 -23.60 -12.23 -6.57
CA ASP D 463 -23.37 -13.57 -7.07
C ASP D 463 -23.13 -14.61 -5.99
N THR D 464 -23.12 -14.22 -4.72
CA THR D 464 -22.89 -15.11 -3.58
C THR D 464 -21.52 -15.77 -3.62
N ASN D 465 -20.56 -15.20 -4.35
CA ASN D 465 -19.18 -15.59 -4.17
C ASN D 465 -18.69 -15.12 -2.80
N VAL D 466 -17.53 -15.61 -2.39
CA VAL D 466 -17.04 -15.19 -1.07
C VAL D 466 -16.73 -13.70 -1.06
N ASN D 467 -16.39 -13.12 -2.21
CA ASN D 467 -16.17 -11.68 -2.24
C ASN D 467 -17.46 -10.91 -1.97
N ASP D 468 -18.58 -11.36 -2.53
CA ASP D 468 -19.85 -10.69 -2.28
C ASP D 468 -20.27 -10.80 -0.82
N VAL D 469 -20.14 -11.99 -0.23
CA VAL D 469 -20.48 -12.18 1.17
C VAL D 469 -19.57 -11.35 2.06
N LEU D 470 -18.27 -11.32 1.75
CA LEU D 470 -17.33 -10.54 2.55
C LEU D 470 -17.64 -9.05 2.46
N HIS D 471 -17.83 -8.55 1.23
CA HIS D 471 -18.09 -7.14 1.04
C HIS D 471 -19.42 -6.71 1.61
N SER D 472 -20.37 -7.63 1.75
CA SER D 472 -21.64 -7.27 2.36
C SER D 472 -21.48 -6.78 3.79
N ILE D 473 -20.35 -7.07 4.44
CA ILE D 473 -20.16 -6.57 5.78
C ILE D 473 -18.92 -5.69 5.86
N ASP D 474 -17.92 -5.94 5.03
CA ASP D 474 -16.64 -5.27 5.28
C ASP D 474 -16.47 -3.96 4.51
N GLN D 475 -17.34 -3.64 3.56
CA GLN D 475 -17.39 -2.28 3.03
C GLN D 475 -18.66 -1.57 3.46
N HIS D 476 -19.28 -2.02 4.53
CA HIS D 476 -20.25 -1.23 5.27
C HIS D 476 -19.58 0.05 5.76
N LYS D 477 -20.23 1.18 5.54
CA LYS D 477 -19.58 2.47 5.69
C LYS D 477 -19.65 3.05 7.09
N ASN D 478 -20.58 2.60 7.92
CA ASN D 478 -20.70 3.08 9.30
C ASN D 478 -20.86 1.91 10.25
N LEU D 479 -19.91 0.96 10.16
CA LEU D 479 -19.96 -0.26 10.96
C LEU D 479 -20.02 -0.01 12.46
N VAL D 480 -19.58 1.16 12.93
CA VAL D 480 -19.66 1.45 14.36
C VAL D 480 -21.11 1.58 14.82
N ASN D 481 -22.04 1.90 13.93
CA ASN D 481 -23.44 2.04 14.30
C ASN D 481 -24.18 0.72 14.23
N ASP D 482 -23.92 -0.07 13.20
CA ASP D 482 -24.52 -1.37 13.06
C ASP D 482 -23.60 -2.25 12.25
N GLN D 483 -23.61 -3.55 12.55
CA GLN D 483 -22.76 -4.49 11.85
C GLN D 483 -23.61 -5.52 11.14
N ALA D 484 -24.64 -5.06 10.42
CA ALA D 484 -25.50 -5.93 9.64
C ALA D 484 -25.55 -5.41 8.22
N GLY D 485 -25.28 -6.27 7.26
CA GLY D 485 -25.35 -5.92 5.85
C GLY D 485 -26.34 -6.81 5.13
N LEU D 486 -27.03 -6.22 4.16
CA LEU D 486 -27.96 -6.97 3.33
C LEU D 486 -27.26 -7.38 2.05
N LEU D 487 -27.34 -8.66 1.72
CA LEU D 487 -26.78 -9.21 0.49
C LEU D 487 -27.94 -9.51 -0.44
N VAL D 488 -28.06 -8.71 -1.50
CA VAL D 488 -29.15 -8.83 -2.47
C VAL D 488 -28.57 -9.54 -3.68
N PHE D 489 -28.89 -10.81 -3.86
CA PHE D 489 -28.27 -11.61 -4.89
C PHE D 489 -29.29 -12.05 -5.92
N GLY D 490 -28.83 -12.22 -7.14
CA GLY D 490 -29.66 -12.55 -8.27
C GLY D 490 -29.01 -12.00 -9.52
N ILE D 491 -29.69 -12.21 -10.64
CA ILE D 491 -29.33 -11.58 -11.90
C ILE D 491 -30.46 -10.64 -12.28
N GLY D 492 -30.13 -9.39 -12.52
CA GLY D 492 -31.14 -8.35 -12.68
C GLY D 492 -30.78 -7.33 -13.72
N ASP D 493 -31.16 -6.08 -13.47
CA ASP D 493 -31.15 -5.01 -14.46
C ASP D 493 -32.02 -5.37 -15.66
N GLY D 494 -33.07 -6.16 -15.40
CA GLY D 494 -33.93 -6.66 -16.45
C GLY D 494 -33.60 -8.10 -16.77
N GLY D 495 -34.35 -9.04 -16.20
CA GLY D 495 -34.09 -10.44 -16.48
C GLY D 495 -34.62 -11.47 -15.51
N GLY D 496 -33.76 -12.41 -15.12
CA GLY D 496 -34.19 -13.52 -14.28
C GLY D 496 -33.22 -13.72 -13.13
N GLY D 497 -33.78 -14.06 -11.97
CA GLY D 497 -33.08 -13.88 -10.72
C GLY D 497 -31.98 -14.87 -10.41
N PRO D 498 -31.86 -15.24 -9.14
CA PRO D 498 -30.80 -16.15 -8.73
C PRO D 498 -30.95 -17.55 -9.32
N THR D 499 -29.83 -18.21 -9.47
CA THR D 499 -29.72 -19.58 -9.93
C THR D 499 -29.50 -20.51 -8.75
N PRO D 500 -29.79 -21.81 -8.91
CA PRO D 500 -29.49 -22.75 -7.82
C PRO D 500 -28.02 -22.82 -7.46
N GLU D 501 -27.14 -22.51 -8.41
CA GLU D 501 -25.70 -22.46 -8.10
C GLU D 501 -25.41 -21.43 -7.03
N MET D 502 -26.09 -20.29 -7.08
CA MET D 502 -25.87 -19.26 -6.08
C MET D 502 -26.35 -19.71 -4.70
N LEU D 503 -27.42 -20.48 -4.63
CA LEU D 503 -27.86 -21.01 -3.34
C LEU D 503 -26.88 -22.05 -2.81
N GLU D 504 -26.32 -22.88 -3.69
CA GLU D 504 -25.27 -23.81 -3.25
C GLU D 504 -24.06 -23.06 -2.71
N LYS D 505 -23.65 -22.02 -3.40
CA LYS D 505 -22.52 -21.23 -2.93
C LYS D 505 -22.83 -20.53 -1.61
N LEU D 506 -24.07 -20.09 -1.43
CA LEU D 506 -24.45 -19.48 -0.16
C LEU D 506 -24.40 -20.49 0.98
N ARG D 507 -24.89 -21.70 0.74
CA ARG D 507 -24.81 -22.75 1.75
C ARG D 507 -23.36 -23.04 2.12
N ARG D 508 -22.48 -23.08 1.12
CA ARG D 508 -21.09 -23.38 1.41
C ARG D 508 -20.39 -22.21 2.10
N CYS D 509 -20.76 -20.96 1.78
CA CYS D 509 -20.22 -19.83 2.51
C CYS D 509 -20.62 -19.89 3.97
N LYS D 510 -21.88 -20.23 4.24
CA LYS D 510 -22.33 -20.40 5.61
C LYS D 510 -21.58 -21.53 6.31
N GLY D 511 -21.36 -22.64 5.60
CA GLY D 511 -20.61 -23.74 6.18
C GLY D 511 -19.17 -23.36 6.52
N ILE D 512 -18.54 -22.58 5.63
CA ILE D 512 -17.19 -22.09 5.91
C ILE D 512 -17.19 -21.21 7.15
N ALA D 513 -18.18 -20.31 7.25
CA ALA D 513 -18.26 -19.45 8.43
C ALA D 513 -18.47 -20.28 9.69
N ASN D 514 -19.23 -21.36 9.59
CA ASN D 514 -19.45 -22.23 10.75
C ASN D 514 -18.20 -22.98 11.14
N THR D 515 -17.39 -23.37 10.15
CA THR D 515 -16.30 -24.31 10.39
C THR D 515 -14.98 -23.63 10.70
N VAL D 516 -14.49 -22.80 9.79
CA VAL D 516 -13.22 -22.11 9.99
C VAL D 516 -13.39 -20.65 10.33
N GLY D 517 -14.57 -20.06 10.10
CA GLY D 517 -14.94 -18.80 10.71
C GLY D 517 -14.17 -17.55 10.33
N TYR D 518 -13.89 -17.36 9.06
CA TYR D 518 -13.43 -16.05 8.60
C TYR D 518 -14.50 -15.30 7.84
N LEU D 519 -15.28 -16.01 7.02
CA LEU D 519 -16.38 -15.39 6.33
C LEU D 519 -17.45 -14.95 7.34
N PRO D 520 -18.22 -13.92 7.02
CA PRO D 520 -19.28 -13.49 7.93
C PRO D 520 -20.35 -14.55 8.07
N ASN D 521 -20.97 -14.55 9.25
CA ASN D 521 -22.14 -15.36 9.49
C ASN D 521 -23.28 -14.85 8.61
N VAL D 522 -23.64 -15.63 7.59
CA VAL D 522 -24.65 -15.22 6.63
C VAL D 522 -25.95 -15.96 6.93
N LYS D 523 -27.06 -15.23 6.91
CA LYS D 523 -28.38 -15.78 7.17
C LYS D 523 -29.21 -15.71 5.89
N LEU D 524 -29.93 -16.77 5.59
CA LEU D 524 -30.71 -16.83 4.35
C LEU D 524 -32.22 -16.80 4.57
N GLY D 525 -32.72 -17.24 5.70
CA GLY D 525 -34.16 -17.38 5.83
C GLY D 525 -34.90 -16.19 6.40
N ASN D 526 -34.33 -15.00 6.32
CA ASN D 526 -34.92 -13.81 6.90
C ASN D 526 -35.40 -12.86 5.81
N THR D 527 -36.52 -12.20 6.05
CA THR D 527 -37.03 -11.21 5.11
C THR D 527 -36.30 -9.88 5.28
N VAL D 528 -36.48 -9.00 4.32
CA VAL D 528 -35.89 -7.66 4.39
C VAL D 528 -36.46 -6.91 5.59
N ASP D 529 -37.75 -7.07 5.86
CA ASP D 529 -38.34 -6.42 7.01
C ASP D 529 -37.80 -6.96 8.32
N GLU D 530 -37.47 -8.25 8.39
CA GLU D 530 -36.80 -8.76 9.59
C GLU D 530 -35.39 -8.20 9.72
N PHE D 531 -34.70 -7.97 8.60
CA PHE D 531 -33.40 -7.32 8.64
C PHE D 531 -33.50 -5.91 9.23
N PHE D 532 -34.50 -5.16 8.78
CA PHE D 532 -34.69 -3.82 9.34
C PHE D 532 -35.16 -3.88 10.79
N ASP D 533 -35.94 -4.90 11.15
CA ASP D 533 -36.32 -5.10 12.54
C ASP D 533 -35.09 -5.33 13.41
N GLY D 534 -34.14 -6.13 12.93
CA GLY D 534 -32.91 -6.32 13.67
C GLY D 534 -32.14 -5.02 13.83
N ILE D 535 -32.05 -4.23 12.76
CA ILE D 535 -31.34 -2.95 12.86
C ILE D 535 -32.02 -2.05 13.89
N LEU D 536 -33.34 -1.97 13.85
CA LEU D 536 -34.06 -1.11 14.79
C LEU D 536 -33.93 -1.60 16.22
N LYS D 537 -33.93 -2.91 16.42
CA LYS D 537 -33.76 -3.46 17.76
C LYS D 537 -32.38 -3.17 18.31
N ARG D 538 -31.35 -3.29 17.47
CA ARG D 538 -29.99 -3.08 17.95
C ARG D 538 -29.66 -1.61 18.16
N THR D 539 -30.31 -0.70 17.44
CA THR D 539 -29.94 0.71 17.46
C THR D 539 -30.89 1.56 18.28
N ASN D 540 -31.65 0.96 19.19
CA ASN D 540 -32.62 1.66 20.04
C ASN D 540 -33.65 2.38 19.17
N ALA D 541 -34.34 1.60 18.35
CA ALA D 541 -35.30 2.12 17.39
C ALA D 541 -34.69 3.17 16.47
N GLY D 542 -33.44 2.93 16.07
CA GLY D 542 -32.77 3.80 15.13
C GLY D 542 -32.26 5.10 15.69
N GLN D 543 -32.36 5.32 17.01
CA GLN D 543 -31.97 6.60 17.58
C GLN D 543 -30.47 6.85 17.45
N THR D 544 -29.65 5.80 17.49
CA THR D 544 -28.21 5.98 17.43
C THR D 544 -27.67 6.04 16.01
N LEU D 545 -28.51 5.86 15.00
CA LEU D 545 -28.03 5.89 13.63
C LEU D 545 -27.73 7.33 13.21
N PRO D 546 -26.77 7.52 12.31
CA PRO D 546 -26.56 8.84 11.74
C PRO D 546 -27.75 9.29 10.93
N SER D 547 -27.92 10.59 10.83
CA SER D 547 -29.02 11.19 10.08
C SER D 547 -28.52 11.75 8.77
N TRP D 548 -29.39 11.71 7.77
CA TRP D 548 -29.24 12.52 6.56
C TRP D 548 -30.52 13.31 6.38
N ASN D 549 -30.38 14.63 6.36
CA ASN D 549 -31.51 15.52 6.21
C ASN D 549 -31.59 16.00 4.77
N GLY D 550 -32.74 15.80 4.14
CA GLY D 550 -32.97 16.34 2.84
C GLY D 550 -32.70 15.37 1.71
N GLU D 551 -32.47 15.94 0.54
CA GLU D 551 -32.35 15.15 -0.67
C GLU D 551 -31.06 14.33 -0.69
N LEU D 552 -31.19 13.08 -1.09
CA LEU D 552 -30.04 12.22 -1.35
C LEU D 552 -29.60 12.47 -2.78
N TYR D 553 -28.58 13.29 -2.97
CA TYR D 553 -28.21 13.69 -4.31
C TYR D 553 -27.40 12.60 -5.00
N PHE D 554 -27.84 12.22 -6.20
CA PHE D 554 -27.14 11.23 -7.01
C PHE D 554 -26.18 11.96 -7.92
N GLU D 555 -24.88 11.79 -7.69
CA GLU D 555 -23.85 12.50 -8.45
C GLU D 555 -23.53 11.75 -9.72
N PHE D 556 -24.57 11.55 -10.53
CA PHE D 556 -24.51 10.72 -11.71
C PHE D 556 -25.83 10.85 -12.44
N HIS D 557 -25.82 10.56 -13.73
CA HIS D 557 -27.03 10.52 -14.55
C HIS D 557 -27.81 11.83 -14.49
N ARG D 558 -27.08 12.96 -14.50
CA ARG D 558 -27.75 14.26 -14.43
C ARG D 558 -28.42 14.62 -15.75
N GLY D 559 -27.88 14.13 -16.86
CA GLY D 559 -28.51 14.37 -18.15
C GLY D 559 -29.91 13.83 -18.24
N THR D 560 -30.30 12.96 -17.31
CA THR D 560 -31.66 12.46 -17.25
C THR D 560 -32.68 13.52 -16.87
N TYR D 561 -32.25 14.70 -16.41
CA TYR D 561 -33.23 15.76 -16.16
C TYR D 561 -33.77 16.37 -17.44
N THR D 562 -33.06 16.23 -18.55
CA THR D 562 -33.37 16.95 -19.77
C THR D 562 -33.65 16.04 -20.97
N THR D 563 -33.01 14.88 -21.05
CA THR D 563 -33.17 14.02 -22.22
C THR D 563 -34.60 13.49 -22.30
N GLN D 564 -35.04 13.22 -23.53
CA GLN D 564 -36.44 12.88 -23.82
C GLN D 564 -37.36 14.02 -23.35
N ALA D 565 -37.18 15.17 -23.99
CA ALA D 565 -37.93 16.36 -23.59
C ALA D 565 -39.42 16.20 -23.85
N GLU D 566 -39.78 15.50 -24.93
CA GLU D 566 -41.20 15.32 -25.24
C GLU D 566 -41.91 14.54 -24.15
N LEU D 567 -41.28 13.48 -23.66
CA LEU D 567 -41.89 12.68 -22.60
C LEU D 567 -42.04 13.48 -21.32
N LYS D 568 -41.07 14.33 -21.01
CA LYS D 568 -41.13 15.10 -19.77
C LYS D 568 -42.20 16.18 -19.85
N LYS D 569 -42.29 16.86 -20.99
CA LYS D 569 -43.38 17.81 -21.19
C LYS D 569 -44.73 17.12 -21.09
N LEU D 570 -44.85 15.94 -21.70
CA LEU D 570 -46.09 15.19 -21.64
C LEU D 570 -46.40 14.76 -20.22
N MET D 571 -45.39 14.36 -19.46
CA MET D 571 -45.59 13.97 -18.07
C MET D 571 -46.16 15.13 -17.25
N ARG D 572 -45.57 16.32 -17.39
CA ARG D 572 -46.10 17.44 -16.61
C ARG D 572 -47.51 17.80 -17.05
N LYS D 573 -47.76 17.83 -18.36
CA LYS D 573 -49.11 18.16 -18.85
C LYS D 573 -50.11 17.13 -18.35
N VAL D 574 -49.73 15.86 -18.35
CA VAL D 574 -50.65 14.80 -17.94
C VAL D 574 -50.92 14.87 -16.45
N GLU D 575 -49.90 15.16 -15.64
CA GLU D 575 -50.13 15.29 -14.20
C GLU D 575 -51.11 16.43 -13.92
N ILE D 576 -50.90 17.58 -14.57
CA ILE D 576 -51.81 18.70 -14.35
C ILE D 576 -53.21 18.38 -14.87
N ALA D 577 -53.30 17.69 -16.01
CA ALA D 577 -54.59 17.33 -16.57
C ALA D 577 -55.32 16.33 -15.68
N LEU D 578 -54.60 15.38 -15.10
CA LEU D 578 -55.23 14.42 -14.20
C LEU D 578 -55.72 15.11 -12.94
N HIS D 579 -54.95 16.07 -12.43
CA HIS D 579 -55.41 16.88 -11.30
C HIS D 579 -56.72 17.59 -11.65
N ASP D 580 -56.75 18.25 -12.80
CA ASP D 580 -57.95 18.98 -13.21
C ASP D 580 -59.14 18.05 -13.40
N ALA D 581 -58.91 16.89 -14.03
CA ALA D 581 -60.00 15.95 -14.30
C ALA D 581 -60.56 15.37 -13.02
N GLU D 582 -59.69 15.00 -12.07
CA GLU D 582 -60.18 14.49 -10.81
C GLU D 582 -60.92 15.56 -10.03
N TYR D 583 -60.47 16.81 -10.12
CA TYR D 583 -61.16 17.91 -9.45
C TYR D 583 -62.58 18.10 -10.01
N VAL D 584 -62.70 18.21 -11.33
CA VAL D 584 -64.03 18.44 -11.89
C VAL D 584 -64.89 17.20 -11.76
N SER D 585 -64.29 16.01 -11.78
CA SER D 585 -65.07 14.80 -11.57
C SER D 585 -65.60 14.72 -10.16
N THR D 586 -64.80 15.12 -9.17
CA THR D 586 -65.29 15.21 -7.81
C THR D 586 -66.45 16.17 -7.71
N LEU D 587 -66.31 17.35 -8.33
CA LEU D 587 -67.39 18.33 -8.30
C LEU D 587 -68.66 17.79 -8.97
N ALA D 588 -68.51 17.16 -10.12
CA ALA D 588 -69.66 16.65 -10.85
C ALA D 588 -70.35 15.52 -10.09
N SER D 589 -69.57 14.61 -9.51
CA SER D 589 -70.18 13.54 -8.72
C SER D 589 -70.86 14.08 -7.47
N ILE D 590 -70.34 15.16 -6.90
CA ILE D 590 -70.96 15.74 -5.72
C ILE D 590 -72.27 16.43 -6.09
N PHE D 591 -72.28 17.21 -7.16
CA PHE D 591 -73.40 18.10 -7.43
C PHE D 591 -74.36 17.61 -8.49
N SER D 592 -73.95 16.68 -9.34
CA SER D 592 -74.83 16.11 -10.35
C SER D 592 -75.34 14.76 -9.87
N LYS D 593 -76.67 14.58 -9.92
CA LYS D 593 -77.25 13.34 -9.44
C LYS D 593 -77.00 12.18 -10.39
N ASP D 594 -76.86 12.45 -11.69
CA ASP D 594 -76.72 11.41 -12.69
C ASP D 594 -75.29 11.27 -13.20
N TYR D 595 -74.30 11.61 -12.36
CA TYR D 595 -72.91 11.43 -12.72
C TYR D 595 -72.22 10.63 -11.63
N SER D 596 -71.57 9.55 -12.03
CA SER D 596 -70.79 8.72 -11.13
C SER D 596 -69.32 9.02 -11.31
N TYR D 597 -68.60 9.09 -10.20
CA TYR D 597 -67.17 9.33 -10.24
C TYR D 597 -66.49 8.22 -11.03
N PRO D 598 -65.75 8.54 -12.08
CA PRO D 598 -65.16 7.50 -12.95
C PRO D 598 -63.91 6.87 -12.35
N LYS D 599 -64.12 6.03 -11.33
CA LYS D 599 -62.99 5.39 -10.66
C LYS D 599 -62.22 4.49 -11.62
N GLU D 600 -62.93 3.78 -12.49
CA GLU D 600 -62.29 2.83 -13.37
C GLU D 600 -61.44 3.54 -14.42
N SER D 601 -62.00 4.55 -15.08
CA SER D 601 -61.25 5.27 -16.10
C SER D 601 -60.07 6.00 -15.49
N LEU D 602 -60.28 6.65 -14.34
CA LEU D 602 -59.18 7.34 -13.68
C LEU D 602 -58.11 6.37 -13.24
N GLN D 603 -58.51 5.19 -12.76
CA GLN D 603 -57.52 4.18 -12.38
C GLN D 603 -56.69 3.73 -13.57
N ASP D 604 -57.33 3.54 -14.73
CA ASP D 604 -56.58 3.17 -15.91
C ASP D 604 -55.61 4.27 -16.33
N LEU D 605 -56.07 5.52 -16.32
CA LEU D 605 -55.21 6.62 -16.71
C LEU D 605 -54.03 6.76 -15.77
N TRP D 606 -54.27 6.62 -14.47
CA TRP D 606 -53.18 6.69 -13.50
C TRP D 606 -52.24 5.51 -13.64
N ARG D 607 -52.75 4.33 -13.97
CA ARG D 607 -51.86 3.20 -14.17
C ARG D 607 -50.90 3.44 -15.33
N ASP D 608 -51.42 3.96 -16.45
CA ASP D 608 -50.54 4.30 -17.56
C ASP D 608 -49.54 5.39 -17.18
N THR D 609 -50.02 6.44 -16.52
CA THR D 609 -49.15 7.55 -16.15
C THR D 609 -48.03 7.08 -15.24
N LEU D 610 -48.36 6.28 -14.23
CA LEU D 610 -47.35 5.80 -13.30
C LEU D 610 -46.43 4.79 -13.95
N LEU D 611 -46.92 4.05 -14.94
CA LEU D 611 -46.06 3.17 -15.71
C LEU D 611 -44.99 3.97 -16.44
N CYS D 612 -45.36 5.12 -17.00
CA CYS D 612 -44.35 5.88 -17.71
C CYS D 612 -43.40 6.65 -16.80
N GLN D 613 -43.62 6.64 -15.50
CA GLN D 613 -42.68 7.22 -14.56
C GLN D 613 -41.63 6.23 -14.09
N PHE D 614 -41.49 5.10 -14.77
CA PHE D 614 -40.50 4.11 -14.42
C PHE D 614 -39.11 4.71 -14.46
N HIS D 615 -38.24 4.26 -13.55
CA HIS D 615 -36.95 4.90 -13.32
C HIS D 615 -36.01 4.81 -14.51
N ASP D 616 -36.42 4.21 -15.62
CA ASP D 616 -35.65 4.28 -16.85
C ASP D 616 -36.39 4.94 -17.99
N VAL D 617 -37.71 4.91 -17.99
CA VAL D 617 -38.49 5.50 -19.08
C VAL D 617 -38.53 7.02 -18.93
N LEU D 618 -39.06 7.50 -17.81
CA LEU D 618 -39.18 8.93 -17.59
C LEU D 618 -37.85 9.67 -17.61
N PRO D 619 -36.78 9.19 -16.97
CA PRO D 619 -35.49 9.90 -17.07
C PRO D 619 -34.94 9.93 -18.48
N GLY D 620 -35.42 9.09 -19.37
CA GLY D 620 -35.07 9.23 -20.77
C GLY D 620 -33.90 8.39 -21.23
N SER D 621 -33.79 7.19 -20.70
CA SER D 621 -32.61 6.35 -20.93
C SER D 621 -33.01 4.99 -21.46
N CYS D 622 -33.90 4.98 -22.44
CA CYS D 622 -34.38 3.74 -23.04
C CYS D 622 -34.10 3.77 -24.55
N ILE D 623 -34.27 2.60 -25.16
CA ILE D 623 -34.13 2.48 -26.61
C ILE D 623 -35.32 3.15 -27.28
N GLU D 624 -35.23 3.35 -28.60
CA GLU D 624 -36.23 4.12 -29.31
C GLU D 624 -37.58 3.44 -29.32
N MET D 625 -37.62 2.11 -29.35
CA MET D 625 -38.90 1.41 -29.36
C MET D 625 -39.68 1.65 -28.07
N VAL D 626 -38.97 1.79 -26.95
CA VAL D 626 -39.64 2.08 -25.69
C VAL D 626 -40.41 3.39 -25.79
N TYR D 627 -39.82 4.41 -26.39
CA TYR D 627 -40.52 5.68 -26.52
C TYR D 627 -41.55 5.66 -27.63
N LYS D 628 -41.32 4.88 -28.68
CA LYS D 628 -42.38 4.64 -29.66
C LYS D 628 -43.58 3.96 -29.03
N ASP D 629 -43.40 3.34 -27.88
CA ASP D 629 -44.54 2.90 -27.08
C ASP D 629 -45.02 3.96 -26.10
N ALA D 630 -44.11 4.63 -25.39
CA ALA D 630 -44.45 5.47 -24.25
C ALA D 630 -45.08 6.79 -24.66
N ILE D 631 -44.52 7.47 -25.67
CA ILE D 631 -45.10 8.74 -26.10
C ILE D 631 -46.53 8.59 -26.58
N PRO D 632 -46.88 7.61 -27.43
CA PRO D 632 -48.30 7.44 -27.78
C PRO D 632 -49.20 7.12 -26.60
N ILE D 633 -48.75 6.33 -25.63
CA ILE D 633 -49.69 6.01 -24.56
C ILE D 633 -49.82 7.21 -23.63
N MET D 634 -48.77 8.02 -23.50
CA MET D 634 -48.87 9.28 -22.76
C MET D 634 -49.82 10.26 -23.45
N SER D 635 -49.74 10.35 -24.78
CA SER D 635 -50.68 11.18 -25.52
C SER D 635 -52.10 10.67 -25.38
N LYS D 636 -52.27 9.35 -25.36
CA LYS D 636 -53.60 8.78 -25.17
C LYS D 636 -54.12 9.07 -23.76
N VAL D 637 -53.24 9.04 -22.77
CA VAL D 637 -53.65 9.42 -21.41
C VAL D 637 -54.10 10.87 -21.38
N LEU D 638 -53.35 11.75 -22.04
CA LEU D 638 -53.74 13.15 -22.08
C LEU D 638 -55.10 13.33 -22.74
N LYS D 639 -55.31 12.65 -23.87
CA LYS D 639 -56.55 12.77 -24.61
C LYS D 639 -57.73 12.24 -23.82
N ASN D 640 -57.58 11.07 -23.20
CA ASN D 640 -58.67 10.48 -22.44
C ASN D 640 -58.95 11.25 -21.16
N THR D 641 -57.91 11.83 -20.55
CA THR D 641 -58.12 12.70 -19.40
C THR D 641 -58.93 13.92 -19.79
N GLU D 642 -58.62 14.51 -20.94
CA GLU D 642 -59.40 15.65 -21.41
C GLU D 642 -60.86 15.25 -21.67
N ALA D 643 -61.08 14.08 -22.26
CA ALA D 643 -62.44 13.62 -22.48
C ALA D 643 -63.20 13.44 -21.18
N LEU D 644 -62.55 12.85 -20.18
CA LEU D 644 -63.17 12.67 -18.87
C LEU D 644 -63.52 14.02 -18.24
N LEU D 645 -62.59 14.98 -18.33
CA LEU D 645 -62.83 16.30 -17.79
C LEU D 645 -64.02 16.96 -18.47
N TRP D 646 -64.12 16.82 -19.79
CA TRP D 646 -65.23 17.45 -20.48
C TRP D 646 -66.56 16.79 -20.17
N GLN D 647 -66.57 15.47 -19.94
CA GLN D 647 -67.79 14.84 -19.47
C GLN D 647 -68.23 15.40 -18.12
N ALA D 648 -67.27 15.53 -17.20
CA ALA D 648 -67.61 16.10 -15.89
C ALA D 648 -68.12 17.53 -16.03
N ILE D 649 -67.47 18.33 -16.88
CA ILE D 649 -67.87 19.72 -17.07
C ILE D 649 -69.28 19.80 -17.64
N GLU D 650 -69.57 18.97 -18.65
CA GLU D 650 -70.92 18.94 -19.20
C GLU D 650 -71.94 18.59 -18.13
N GLN D 651 -71.59 17.67 -17.23
CA GLN D 651 -72.49 17.40 -16.12
C GLN D 651 -72.63 18.59 -15.20
N LEU D 652 -71.62 19.46 -15.15
CA LEU D 652 -71.67 20.63 -14.28
C LEU D 652 -72.40 21.81 -14.90
N GLY D 653 -72.81 21.73 -16.16
CA GLY D 653 -73.56 22.78 -16.80
C GLY D 653 -72.82 23.63 -17.82
N PHE D 654 -71.62 23.24 -18.21
CA PHE D 654 -70.83 24.00 -19.17
C PHE D 654 -70.47 23.10 -20.36
N LYS D 655 -69.81 23.69 -21.33
CA LYS D 655 -69.37 22.96 -22.50
C LYS D 655 -68.15 23.66 -23.09
N LYS D 656 -67.50 22.99 -24.04
CA LYS D 656 -66.36 23.58 -24.71
C LYS D 656 -66.78 24.80 -25.51
N ALA D 657 -65.81 25.69 -25.75
CA ALA D 657 -66.11 27.00 -26.32
C ALA D 657 -66.70 26.90 -27.72
N SER D 658 -66.20 25.96 -28.52
CA SER D 658 -66.73 25.62 -29.84
C SER D 658 -66.51 26.71 -30.89
N SER D 659 -65.93 27.86 -30.49
CA SER D 659 -65.50 28.90 -31.42
C SER D 659 -66.64 29.42 -32.30
N SER D 660 -67.86 29.38 -31.79
CA SER D 660 -69.00 29.98 -32.47
C SER D 660 -69.76 30.95 -31.59
N ASP D 661 -69.69 30.75 -30.27
CA ASP D 661 -70.37 31.65 -29.34
C ASP D 661 -69.61 32.97 -29.28
N ASN D 662 -70.31 34.05 -28.96
CA ASN D 662 -69.69 35.37 -28.89
C ASN D 662 -68.82 35.50 -27.64
N LYS D 663 -67.86 36.41 -27.71
CA LYS D 663 -66.81 36.49 -26.71
C LYS D 663 -67.35 36.87 -25.33
N GLU D 664 -68.39 37.70 -25.27
CA GLU D 664 -68.84 38.23 -23.99
C GLU D 664 -69.39 37.17 -23.06
N GLN D 665 -69.70 35.97 -23.54
CA GLN D 665 -70.18 34.89 -22.69
C GLN D 665 -69.17 33.76 -22.54
N LEU D 666 -67.93 33.97 -22.98
CA LEU D 666 -66.89 32.97 -22.76
C LEU D 666 -66.46 32.97 -21.31
N CYS D 667 -66.23 31.78 -20.77
CA CYS D 667 -65.72 31.60 -19.43
C CYS D 667 -64.37 30.90 -19.49
N LEU D 668 -63.70 30.85 -18.36
CA LEU D 668 -62.40 30.22 -18.24
C LEU D 668 -62.40 29.38 -16.98
N LEU D 669 -62.00 28.12 -17.11
CA LEU D 669 -61.89 27.23 -15.96
C LEU D 669 -60.54 27.42 -15.28
N ASN D 670 -60.55 27.57 -13.97
CA ASN D 670 -59.33 27.86 -13.23
C ASN D 670 -58.67 26.60 -12.68
N THR D 671 -59.36 25.88 -11.80
CA THR D 671 -58.85 24.69 -11.11
C THR D 671 -57.64 24.97 -10.23
N LEU D 672 -57.24 26.20 -10.12
CA LEU D 672 -56.25 26.42 -9.07
C LEU D 672 -56.94 26.82 -7.78
N PRO D 673 -56.41 26.45 -6.62
CA PRO D 673 -57.13 26.68 -5.38
C PRO D 673 -56.98 28.09 -4.84
N TRP D 674 -57.06 29.09 -5.72
CA TRP D 674 -57.03 30.48 -5.33
C TRP D 674 -57.51 31.30 -6.52
N ASN D 675 -57.76 32.57 -6.28
CA ASN D 675 -58.24 33.46 -7.32
C ASN D 675 -57.06 33.92 -8.17
N VAL D 676 -56.98 33.42 -9.39
CA VAL D 676 -56.10 34.02 -10.40
C VAL D 676 -56.85 35.22 -10.96
N ARG D 677 -56.56 36.40 -10.43
CA ARG D 677 -57.46 37.54 -10.66
C ARG D 677 -57.68 37.80 -12.14
N GLY D 678 -56.71 37.49 -12.99
CA GLY D 678 -56.86 37.69 -14.41
C GLY D 678 -55.95 36.80 -15.23
N VAL D 679 -56.46 36.34 -16.36
CA VAL D 679 -55.72 35.47 -17.27
C VAL D 679 -55.90 36.01 -18.68
N ILE D 680 -54.82 36.11 -19.42
CA ILE D 680 -54.87 36.51 -20.83
C ILE D 680 -54.70 35.25 -21.66
N THR D 681 -55.69 34.92 -22.47
CA THR D 681 -55.64 33.73 -23.29
C THR D 681 -56.05 34.05 -24.72
N GLU D 682 -55.50 33.28 -25.65
CA GLU D 682 -55.94 33.38 -27.04
C GLU D 682 -57.27 32.67 -27.21
N THR D 683 -58.14 33.26 -28.02
CA THR D 683 -59.39 32.63 -28.42
C THR D 683 -59.39 32.20 -29.88
N GLU D 684 -59.07 33.11 -30.78
CA GLU D 684 -58.85 32.77 -32.18
C GLU D 684 -57.37 32.50 -32.39
N GLU D 685 -56.93 32.45 -33.65
CA GLU D 685 -55.52 32.16 -33.91
C GLU D 685 -54.61 33.24 -33.34
N ASN D 686 -55.09 34.48 -33.23
CA ASN D 686 -54.25 35.56 -32.74
C ASN D 686 -54.97 36.54 -31.84
N LYS D 687 -56.24 36.31 -31.49
CA LYS D 687 -57.00 37.25 -30.70
C LYS D 687 -56.84 36.93 -29.22
N LEU D 688 -56.38 37.91 -28.45
CA LEU D 688 -56.17 37.76 -27.02
C LEU D 688 -57.35 38.35 -26.26
N VAL D 689 -57.81 37.63 -25.26
CA VAL D 689 -58.93 38.05 -24.42
C VAL D 689 -58.48 37.96 -22.97
N TYR D 690 -58.86 38.96 -22.19
CA TYR D 690 -58.57 39.03 -20.77
C TYR D 690 -59.79 38.54 -20.00
N PHE D 691 -59.61 37.50 -19.18
CA PHE D 691 -60.65 36.96 -18.33
C PHE D 691 -60.34 37.35 -16.90
N GLU D 692 -61.33 37.88 -16.20
CA GLU D 692 -61.15 38.28 -14.81
C GLU D 692 -62.21 37.61 -13.96
N SER D 693 -61.93 37.54 -12.66
CA SER D 693 -62.87 37.02 -11.69
C SER D 693 -62.72 37.84 -10.41
N CYS D 694 -63.80 38.48 -9.98
CA CYS D 694 -63.72 39.33 -8.81
C CYS D 694 -63.72 38.52 -7.52
N ASP D 695 -64.72 37.66 -7.36
CA ASP D 695 -64.86 36.88 -6.13
C ASP D 695 -64.71 35.38 -6.38
N GLY D 696 -65.54 34.80 -7.24
CA GLY D 696 -65.45 33.38 -7.50
C GLY D 696 -64.16 33.04 -8.22
N LYS D 697 -63.46 32.01 -7.74
CA LYS D 697 -62.17 31.68 -8.31
C LYS D 697 -62.23 30.62 -9.38
N GLY D 698 -63.24 29.75 -9.36
CA GLY D 698 -63.28 28.65 -10.31
C GLY D 698 -63.49 29.09 -11.74
N ILE D 699 -64.35 30.08 -11.96
CA ILE D 699 -64.74 30.51 -13.29
C ILE D 699 -64.37 31.97 -13.46
N LEU D 700 -63.71 32.27 -14.57
CA LEU D 700 -63.35 33.64 -14.93
C LEU D 700 -64.15 34.06 -16.14
N THR D 701 -64.65 35.30 -16.13
CA THR D 701 -65.47 35.79 -17.22
C THR D 701 -64.69 36.78 -18.06
N ALA D 702 -65.05 36.86 -19.34
CA ALA D 702 -64.38 37.79 -20.24
C ALA D 702 -64.60 39.23 -19.79
N ALA D 703 -63.55 40.02 -19.87
CA ALA D 703 -63.57 41.38 -19.33
C ALA D 703 -64.00 42.39 -20.39
N HIS D 704 -64.76 43.38 -19.95
CA HIS D 704 -65.14 44.50 -20.80
C HIS D 704 -64.13 45.63 -20.73
N THR D 705 -63.76 46.04 -19.52
CA THR D 705 -62.87 47.15 -19.34
C THR D 705 -61.47 46.81 -19.84
N SER D 706 -60.75 47.86 -20.26
CA SER D 706 -59.35 47.70 -20.61
C SER D 706 -58.51 47.52 -19.36
N LEU D 707 -57.25 47.14 -19.56
CA LEU D 707 -56.36 46.87 -18.43
C LEU D 707 -55.95 48.17 -17.76
N LYS D 708 -55.87 48.13 -16.43
CA LYS D 708 -55.37 49.28 -15.69
C LYS D 708 -53.90 49.52 -15.98
N HIS D 709 -53.13 48.46 -16.21
CA HIS D 709 -51.69 48.56 -16.47
C HIS D 709 -51.37 47.79 -17.74
N PRO D 710 -51.61 48.39 -18.90
CA PRO D 710 -51.34 47.71 -20.16
C PRO D 710 -49.85 47.56 -20.42
N ALA D 711 -49.51 46.61 -21.27
CA ALA D 711 -48.15 46.39 -21.72
C ALA D 711 -47.96 47.04 -23.09
N ALA D 712 -46.74 47.46 -23.36
CA ALA D 712 -46.43 48.11 -24.63
C ALA D 712 -45.12 47.60 -25.16
N ALA D 713 -44.99 47.57 -26.48
CA ALA D 713 -43.74 47.21 -27.14
C ALA D 713 -43.40 48.31 -28.12
N TYR D 714 -42.25 48.94 -27.94
CA TYR D 714 -41.82 49.97 -28.87
C TYR D 714 -40.35 49.78 -29.17
N GLN D 715 -39.80 50.68 -29.97
CA GLN D 715 -38.41 50.60 -30.38
C GLN D 715 -37.65 51.81 -29.89
N LYS D 716 -36.33 51.68 -29.90
CA LYS D 716 -35.41 52.68 -29.40
C LYS D 716 -34.21 52.69 -30.35
N ASP D 717 -33.07 53.15 -29.88
CA ASP D 717 -31.90 53.15 -30.74
C ASP D 717 -31.50 51.70 -31.00
N ASP D 718 -32.12 51.13 -32.04
CA ASP D 718 -31.97 49.73 -32.45
C ASP D 718 -32.23 48.74 -31.31
N ASN D 719 -32.84 49.18 -30.22
CA ASN D 719 -33.23 48.31 -29.13
C ASN D 719 -34.75 48.24 -29.05
N PHE D 720 -35.26 47.11 -28.58
CA PHE D 720 -36.69 46.91 -28.41
C PHE D 720 -37.04 46.95 -26.94
N ILE D 721 -38.11 47.65 -26.60
CA ILE D 721 -38.52 47.83 -25.22
C ILE D 721 -39.89 47.19 -25.04
N LEU D 722 -39.96 46.23 -24.12
CA LEU D 722 -41.22 45.69 -23.64
C LEU D 722 -41.47 46.29 -22.27
N VAL D 723 -42.49 47.10 -22.15
CA VAL D 723 -42.68 47.88 -20.93
C VAL D 723 -44.03 47.55 -20.32
N ASN D 724 -44.07 47.64 -19.00
CA ASN D 724 -45.22 47.28 -18.20
C ASN D 724 -45.38 48.36 -17.15
N ASP D 725 -46.31 48.15 -16.22
CA ASP D 725 -46.29 48.96 -15.01
C ASP D 725 -45.17 48.53 -14.09
N HIS D 726 -44.78 47.26 -14.16
CA HIS D 726 -43.83 46.67 -13.24
C HIS D 726 -42.43 46.52 -13.81
N LEU D 727 -42.29 46.15 -15.08
CA LEU D 727 -41.00 45.81 -15.64
C LEU D 727 -40.75 46.58 -16.92
N ARG D 728 -39.48 46.87 -17.18
CA ARG D 728 -39.03 47.36 -18.47
C ARG D 728 -37.94 46.42 -18.97
N VAL D 729 -38.18 45.80 -20.12
CA VAL D 729 -37.27 44.83 -20.73
C VAL D 729 -36.65 45.48 -21.94
N THR D 730 -35.33 45.65 -21.91
CA THR D 730 -34.57 46.19 -23.03
C THR D 730 -33.86 45.03 -23.72
N ILE D 731 -34.25 44.79 -24.97
CA ILE D 731 -33.78 43.66 -25.77
C ILE D 731 -32.93 44.21 -26.90
N ALA D 732 -31.70 43.69 -27.01
CA ALA D 732 -30.83 44.05 -28.09
C ALA D 732 -31.36 43.49 -29.41
N PRO D 733 -30.98 44.07 -30.54
CA PRO D 733 -31.34 43.46 -31.82
C PRO D 733 -30.79 42.07 -31.97
N ASN D 734 -29.75 41.75 -31.20
CA ASN D 734 -29.22 40.40 -31.08
C ASN D 734 -30.24 39.44 -30.49
N GLY D 735 -31.19 39.94 -29.72
CA GLY D 735 -32.12 39.13 -28.97
C GLY D 735 -31.80 39.00 -27.49
N LEU D 736 -30.59 39.34 -27.10
CA LEU D 736 -30.22 39.33 -25.69
C LEU D 736 -30.99 40.41 -24.95
N ILE D 737 -31.41 40.09 -23.73
CA ILE D 737 -32.06 41.07 -22.88
C ILE D 737 -30.96 41.93 -22.28
N LEU D 738 -30.83 43.15 -22.77
CA LEU D 738 -29.79 44.05 -22.27
C LEU D 738 -30.11 44.53 -20.86
N SER D 739 -31.38 44.77 -20.58
CA SER D 739 -31.73 45.31 -19.28
C SER D 739 -33.07 44.77 -18.83
N LEU D 740 -33.18 44.50 -17.54
CA LEU D 740 -34.44 44.11 -16.92
C LEU D 740 -34.61 45.01 -15.71
N PHE D 741 -35.42 46.06 -15.85
CA PHE D 741 -35.53 47.10 -14.84
C PHE D 741 -36.85 46.96 -14.12
N ASP D 742 -36.79 46.90 -12.79
CA ASP D 742 -37.98 46.87 -11.96
C ASP D 742 -38.35 48.33 -11.84
N LEU D 743 -39.60 48.67 -12.13
CA LEU D 743 -40.03 50.07 -12.12
C LEU D 743 -40.51 50.54 -10.76
N HIS D 744 -41.09 49.65 -9.96
CA HIS D 744 -41.52 50.04 -8.62
C HIS D 744 -40.31 50.24 -7.72
N LYS D 745 -39.52 49.20 -7.54
CA LYS D 745 -38.20 49.32 -6.93
C LYS D 745 -37.26 49.69 -8.07
N GLU D 746 -36.86 50.95 -8.15
CA GLU D 746 -36.16 51.41 -9.34
C GLU D 746 -34.77 50.81 -9.41
N ARG D 747 -34.69 49.51 -9.68
CA ARG D 747 -33.42 48.80 -9.64
C ARG D 747 -33.24 47.89 -10.85
N GLU D 748 -32.03 47.86 -11.35
CA GLU D 748 -31.67 46.92 -12.41
C GLU D 748 -31.55 45.51 -11.85
N ILE D 749 -31.98 44.53 -12.62
CA ILE D 749 -32.04 43.15 -12.17
C ILE D 749 -30.93 42.28 -12.75
N LEU D 750 -30.21 42.73 -13.77
CA LEU D 750 -29.40 41.80 -14.55
C LEU D 750 -27.96 41.65 -14.07
N ASP D 751 -27.22 42.74 -13.85
CA ASP D 751 -25.80 42.64 -13.51
C ASP D 751 -25.00 41.95 -14.62
N LEU D 752 -24.89 42.66 -15.74
CA LEU D 752 -24.01 42.24 -16.81
C LEU D 752 -22.56 42.65 -16.59
N LYS D 753 -22.25 43.33 -15.48
CA LYS D 753 -20.92 43.86 -15.27
C LYS D 753 -19.97 42.87 -14.63
N SER D 754 -20.47 42.02 -13.73
CA SER D 754 -19.67 40.98 -13.14
C SER D 754 -20.05 39.63 -13.73
N GLY D 755 -19.24 38.63 -13.44
CA GLY D 755 -19.45 37.30 -13.98
C GLY D 755 -18.93 37.17 -15.40
N LYS D 756 -19.00 35.93 -15.90
CA LYS D 756 -18.53 35.66 -17.25
C LYS D 756 -19.46 36.25 -18.31
N ASN D 757 -20.75 36.32 -18.02
CA ASN D 757 -21.73 36.80 -18.99
C ASN D 757 -21.77 38.32 -18.94
N HIS D 758 -21.35 38.96 -20.03
CA HIS D 758 -21.44 40.39 -20.16
C HIS D 758 -22.41 40.85 -21.23
N ALA D 759 -22.94 39.93 -22.04
CA ALA D 759 -23.82 40.27 -23.15
C ALA D 759 -25.21 39.70 -22.87
N GLY D 760 -26.00 40.45 -22.12
CA GLY D 760 -27.41 40.18 -21.99
C GLY D 760 -27.83 38.92 -21.26
N ALA D 761 -29.07 38.94 -20.76
CA ALA D 761 -29.71 37.77 -20.21
C ALA D 761 -30.49 37.05 -21.30
N ASN D 762 -31.10 35.93 -20.94
CA ASN D 762 -31.75 35.04 -21.90
C ASN D 762 -30.78 34.68 -23.02
N GLN D 763 -29.56 34.35 -22.62
CA GLN D 763 -28.51 34.03 -23.58
C GLN D 763 -28.53 32.54 -23.86
N TYR D 764 -28.72 32.17 -25.12
CA TYR D 764 -28.75 30.77 -25.50
C TYR D 764 -27.33 30.30 -25.80
N VAL D 765 -26.94 29.21 -25.16
CA VAL D 765 -25.60 28.66 -25.29
C VAL D 765 -25.70 27.20 -25.65
N LEU D 766 -24.88 26.77 -26.60
CA LEU D 766 -24.84 25.39 -27.07
C LEU D 766 -23.54 24.78 -26.57
N PHE D 767 -23.62 23.95 -25.54
CA PHE D 767 -22.45 23.29 -24.97
C PHE D 767 -22.21 21.96 -25.68
N GLU D 768 -20.94 21.60 -25.83
CA GLU D 768 -20.60 20.27 -26.32
C GLU D 768 -20.79 19.28 -25.19
N ASP D 769 -21.67 18.30 -25.39
CA ASP D 769 -22.07 17.44 -24.28
C ASP D 769 -21.06 16.33 -24.00
N THR D 770 -20.93 15.39 -24.94
CA THR D 770 -19.99 14.26 -24.91
C THR D 770 -19.70 13.72 -23.50
N PRO D 771 -20.68 13.14 -22.82
CA PRO D 771 -20.41 12.55 -21.49
C PRO D 771 -19.46 11.37 -21.59
N LEU D 772 -19.02 10.91 -20.42
CA LEU D 772 -17.97 9.91 -20.38
C LEU D 772 -18.44 8.55 -20.89
N SER D 773 -19.51 8.01 -20.31
CA SER D 773 -19.96 6.68 -20.69
C SER D 773 -21.37 6.63 -21.23
N TRP D 774 -22.35 7.14 -20.49
CA TRP D 774 -23.76 6.90 -20.77
C TRP D 774 -24.36 8.16 -21.37
N GLN D 775 -24.55 8.16 -22.69
CA GLN D 775 -24.87 9.40 -23.39
C GLN D 775 -26.24 9.94 -23.00
N ALA D 776 -27.26 9.09 -22.93
CA ALA D 776 -28.58 9.57 -22.57
C ALA D 776 -28.69 9.87 -21.08
N TRP D 777 -27.90 9.19 -20.25
CA TRP D 777 -27.99 9.38 -18.82
C TRP D 777 -27.25 10.62 -18.36
N ASP D 778 -26.03 10.83 -18.85
CA ASP D 778 -25.03 11.62 -18.15
C ASP D 778 -24.75 12.95 -18.85
N THR D 779 -24.48 13.96 -18.03
CA THR D 779 -23.76 15.16 -18.44
C THR D 779 -22.63 15.40 -17.46
N GLU D 780 -21.48 15.79 -17.98
CA GLU D 780 -20.29 15.94 -17.14
C GLU D 780 -20.05 17.41 -16.82
N VAL D 781 -19.31 17.62 -15.73
CA VAL D 781 -19.01 18.98 -15.30
C VAL D 781 -18.11 19.69 -16.29
N PHE D 782 -17.32 18.94 -17.06
CA PHE D 782 -16.47 19.58 -18.06
C PHE D 782 -17.22 19.98 -19.32
N SER D 783 -18.51 19.66 -19.41
CA SER D 783 -19.29 20.05 -20.57
C SER D 783 -19.46 21.55 -20.69
N LEU D 784 -19.31 22.30 -19.59
CA LEU D 784 -19.44 23.74 -19.62
C LEU D 784 -18.19 24.44 -20.13
N GLU D 785 -17.09 23.71 -20.35
CA GLU D 785 -15.84 24.32 -20.75
C GLU D 785 -15.75 24.57 -22.25
N LYS D 786 -16.63 23.96 -23.03
CA LYS D 786 -16.60 24.07 -24.48
C LYS D 786 -18.01 24.35 -24.98
N TYR D 787 -18.21 25.51 -25.60
CA TYR D 787 -19.55 25.98 -25.90
C TYR D 787 -19.50 27.00 -27.02
N GLU D 788 -20.66 27.26 -27.59
CA GLU D 788 -20.86 28.33 -28.58
C GLU D 788 -22.06 29.16 -28.16
N VAL D 789 -21.85 30.45 -28.00
CA VAL D 789 -22.95 31.35 -27.67
C VAL D 789 -23.73 31.65 -28.94
N LEU D 790 -25.05 31.49 -28.89
CA LEU D 790 -25.90 31.75 -30.04
C LEU D 790 -26.33 33.21 -30.00
N ASP D 791 -25.59 34.06 -30.72
CA ASP D 791 -25.84 35.49 -30.70
C ASP D 791 -25.93 36.04 -32.11
N LYS D 792 -26.59 35.32 -33.02
CA LYS D 792 -26.81 35.78 -34.38
C LYS D 792 -28.29 36.01 -34.69
N GLY D 793 -29.11 36.19 -33.66
CA GLY D 793 -30.53 36.32 -33.87
C GLY D 793 -30.95 37.68 -34.35
N LYS D 794 -32.16 37.74 -34.88
CA LYS D 794 -32.80 38.99 -35.31
C LYS D 794 -34.12 39.15 -34.57
N VAL D 795 -34.41 40.37 -34.15
CA VAL D 795 -35.59 40.67 -33.35
C VAL D 795 -36.60 41.44 -34.20
N SER D 796 -37.87 41.04 -34.08
CA SER D 796 -38.97 41.77 -34.66
C SER D 796 -40.07 41.89 -33.61
N ILE D 797 -40.86 42.95 -33.70
CA ILE D 797 -41.97 43.17 -32.77
C ILE D 797 -43.13 42.32 -33.24
N LYS D 798 -43.48 41.29 -32.46
CA LYS D 798 -44.65 40.48 -32.80
C LYS D 798 -45.93 41.20 -32.48
N GLU D 799 -46.01 41.85 -31.33
CA GLU D 799 -47.22 42.56 -30.96
C GLU D 799 -46.87 43.63 -29.93
N SER D 800 -47.70 44.66 -29.87
CA SER D 800 -47.48 45.76 -28.94
C SER D 800 -48.75 46.14 -28.20
N GLY D 801 -49.80 45.33 -28.34
CA GLY D 801 -51.12 45.69 -27.85
C GLY D 801 -51.16 45.78 -26.35
N PRO D 802 -52.27 46.28 -25.81
CA PRO D 802 -52.35 46.46 -24.36
C PRO D 802 -52.31 45.17 -23.56
N LEU D 803 -52.85 44.07 -24.09
CA LEU D 803 -52.91 42.84 -23.31
C LEU D 803 -51.54 42.18 -23.23
N ARG D 804 -50.82 42.12 -24.33
CA ARG D 804 -49.53 41.45 -24.34
C ARG D 804 -48.63 42.09 -25.38
N ALA D 805 -47.50 42.61 -24.94
CA ALA D 805 -46.44 43.06 -25.82
C ALA D 805 -45.41 41.96 -25.95
N SER D 806 -44.82 41.85 -27.15
CA SER D 806 -44.00 40.70 -27.43
C SER D 806 -43.14 40.97 -28.65
N VAL D 807 -41.87 40.57 -28.56
CA VAL D 807 -40.96 40.56 -29.70
C VAL D 807 -40.64 39.12 -30.04
N VAL D 808 -40.11 38.92 -31.24
CA VAL D 808 -39.72 37.60 -31.74
C VAL D 808 -38.25 37.64 -32.09
N VAL D 809 -37.50 36.66 -31.58
CA VAL D 809 -36.10 36.51 -31.91
C VAL D 809 -35.95 35.27 -32.78
N ASP D 810 -35.32 35.42 -33.93
CA ASP D 810 -35.07 34.33 -34.85
C ASP D 810 -33.59 33.97 -34.75
N ILE D 811 -33.29 32.91 -34.01
CA ILE D 811 -31.93 32.55 -33.65
C ILE D 811 -31.52 31.33 -34.47
N PRO D 812 -30.48 31.43 -35.29
CA PRO D 812 -29.94 30.24 -35.96
C PRO D 812 -29.02 29.47 -35.03
N ILE D 813 -29.46 28.28 -34.61
CA ILE D 813 -28.61 27.45 -33.77
C ILE D 813 -27.42 26.93 -34.57
N SER D 814 -27.69 26.39 -35.74
CA SER D 814 -26.66 25.92 -36.67
C SER D 814 -27.35 25.64 -38.00
N GLU D 815 -26.64 25.01 -38.90
CA GLU D 815 -27.30 24.33 -40.00
C GLU D 815 -28.11 23.18 -39.44
N LEU D 816 -29.30 22.96 -40.00
CA LEU D 816 -30.23 21.91 -39.60
C LEU D 816 -30.93 22.17 -38.28
N SER D 817 -30.51 23.18 -37.53
CA SER D 817 -31.09 23.47 -36.23
C SER D 817 -31.38 24.95 -36.13
N HIS D 818 -32.63 25.27 -35.82
CA HIS D 818 -33.08 26.66 -35.79
C HIS D 818 -33.98 26.85 -34.59
N MET D 819 -34.13 28.09 -34.16
CA MET D 819 -35.05 28.35 -33.06
C MET D 819 -35.62 29.75 -33.17
N LYS D 820 -36.86 29.87 -32.73
CA LYS D 820 -37.59 31.13 -32.73
C LYS D 820 -38.04 31.40 -31.30
N ALA D 821 -37.49 32.43 -30.69
CA ALA D 821 -37.79 32.77 -29.31
C ALA D 821 -38.69 33.98 -29.27
N THR D 822 -39.82 33.85 -28.57
CA THR D 822 -40.76 34.92 -28.36
C THR D 822 -40.64 35.40 -26.92
N ILE D 823 -40.42 36.70 -26.75
CA ILE D 823 -40.30 37.32 -25.44
C ILE D 823 -41.51 38.23 -25.26
N SER D 824 -42.28 38.00 -24.21
CA SER D 824 -43.55 38.70 -24.04
C SER D 824 -43.69 39.26 -22.64
N LEU D 825 -44.37 40.40 -22.56
CA LEU D 825 -44.83 40.99 -21.32
C LEU D 825 -46.32 41.18 -21.42
N GLU D 826 -47.03 40.86 -20.34
CA GLU D 826 -48.48 40.99 -20.31
C GLU D 826 -48.86 42.17 -19.43
N GLY D 827 -49.89 42.89 -19.84
CA GLY D 827 -50.52 43.85 -18.97
C GLY D 827 -51.35 43.16 -17.92
N TYR D 828 -51.79 43.94 -16.94
CA TYR D 828 -52.55 43.36 -15.84
C TYR D 828 -53.38 44.44 -15.18
N ASN D 829 -54.32 44.00 -14.35
CA ASN D 829 -55.05 44.88 -13.45
C ASN D 829 -54.47 44.82 -12.04
N ASP D 830 -54.08 43.64 -11.58
CA ASP D 830 -53.49 43.44 -10.28
C ASP D 830 -52.16 42.73 -10.44
N CYS D 831 -51.20 43.05 -9.57
CA CYS D 831 -49.86 42.49 -9.68
C CYS D 831 -49.84 41.00 -9.43
N SER D 832 -50.89 40.43 -8.84
CA SER D 832 -50.91 39.01 -8.52
C SER D 832 -51.16 38.13 -9.74
N GLU D 833 -51.58 38.69 -10.86
CA GLU D 833 -51.76 37.93 -12.08
C GLU D 833 -50.55 37.99 -13.00
N PHE D 834 -49.48 38.64 -12.55
CA PHE D 834 -48.24 38.74 -13.32
C PHE D 834 -47.40 37.48 -13.17
N THR D 835 -46.87 36.98 -14.27
CA THR D 835 -45.94 35.86 -14.25
C THR D 835 -44.55 36.25 -14.72
N GLY D 836 -44.28 37.53 -14.88
CA GLY D 836 -42.97 37.97 -15.31
C GLY D 836 -42.83 38.04 -16.81
N VAL D 837 -41.57 38.08 -17.25
CA VAL D 837 -41.24 38.07 -18.67
C VAL D 837 -41.36 36.64 -19.17
N ASN D 838 -42.22 36.42 -20.15
CA ASN D 838 -42.45 35.08 -20.67
C ASN D 838 -41.60 34.83 -21.90
N PHE D 839 -41.18 33.59 -22.08
CA PHE D 839 -40.36 33.17 -23.18
C PHE D 839 -40.94 31.89 -23.75
N THR D 840 -41.18 31.88 -25.04
CA THR D 840 -41.64 30.69 -25.76
C THR D 840 -40.64 30.41 -26.88
N CYS D 841 -39.94 29.31 -26.78
CA CYS D 841 -38.93 28.92 -27.76
C CYS D 841 -39.47 27.77 -28.59
N GLU D 842 -39.53 27.96 -29.90
CA GLU D 842 -39.84 26.89 -30.84
C GLU D 842 -38.53 26.47 -31.48
N VAL D 843 -38.08 25.26 -31.19
CA VAL D 843 -36.77 24.79 -31.60
C VAL D 843 -36.95 23.64 -32.57
N ASP D 844 -36.40 23.79 -33.78
CA ASP D 844 -36.09 22.66 -34.64
C ASP D 844 -34.72 22.18 -34.24
N TRP D 845 -34.68 21.03 -33.59
CA TRP D 845 -33.51 20.53 -32.86
C TRP D 845 -32.99 19.32 -33.61
N HIS D 846 -31.79 19.45 -34.19
CA HIS D 846 -31.17 18.37 -34.95
C HIS D 846 -29.68 18.30 -34.67
N GLU D 847 -29.27 18.72 -33.49
CA GLU D 847 -27.87 18.72 -33.12
C GLU D 847 -27.41 17.32 -32.73
N SER D 848 -26.11 17.18 -32.56
CA SER D 848 -25.52 15.92 -32.14
C SER D 848 -24.58 16.18 -30.97
N CYS D 849 -24.85 15.55 -29.84
CA CYS D 849 -24.03 15.70 -28.64
C CYS D 849 -23.90 17.16 -28.24
N LYS D 850 -24.99 17.91 -28.36
CA LYS D 850 -25.05 19.30 -27.94
C LYS D 850 -26.07 19.46 -26.83
N PHE D 851 -25.87 20.48 -26.01
CA PHE D 851 -26.73 20.80 -24.89
C PHE D 851 -27.08 22.27 -24.99
N LEU D 852 -28.30 22.56 -25.40
CA LEU D 852 -28.78 23.93 -25.45
C LEU D 852 -29.31 24.34 -24.08
N LYS D 853 -28.79 25.44 -23.55
CA LYS D 853 -29.21 26.02 -22.29
C LYS D 853 -29.43 27.51 -22.49
N VAL D 854 -30.12 28.13 -21.52
CA VAL D 854 -30.33 29.57 -21.53
C VAL D 854 -29.92 30.14 -20.19
N GLU D 855 -29.19 31.24 -20.21
CA GLU D 855 -28.57 31.83 -19.03
C GLU D 855 -29.18 33.19 -18.73
N PHE D 856 -29.31 33.49 -17.44
CA PHE D 856 -29.73 34.80 -16.94
C PHE D 856 -28.81 35.20 -15.79
N PRO D 857 -27.88 36.13 -16.01
CA PRO D 857 -27.18 36.75 -14.87
C PRO D 857 -28.13 37.73 -14.18
N VAL D 858 -28.19 37.66 -12.85
CA VAL D 858 -29.38 38.21 -12.19
C VAL D 858 -29.15 39.13 -10.99
N ASP D 859 -27.93 39.61 -10.76
CA ASP D 859 -27.69 40.63 -9.75
C ASP D 859 -28.22 40.24 -8.38
N ILE D 860 -28.17 38.95 -8.07
CA ILE D 860 -28.57 38.44 -6.77
C ILE D 860 -27.34 37.83 -6.14
N HIS D 861 -27.14 38.09 -4.86
CA HIS D 861 -26.02 37.50 -4.14
C HIS D 861 -26.57 36.66 -2.99
N SER D 862 -26.41 35.35 -3.11
CA SER D 862 -26.88 34.43 -2.09
C SER D 862 -26.05 33.16 -2.15
N GLU D 863 -25.91 32.52 -1.00
CA GLU D 863 -25.14 31.28 -0.91
C GLU D 863 -25.96 30.06 -1.31
N PHE D 864 -27.28 30.20 -1.44
CA PHE D 864 -28.12 29.09 -1.83
C PHE D 864 -29.16 29.59 -2.82
N ALA D 865 -29.71 28.65 -3.57
CA ALA D 865 -30.85 28.88 -4.44
C ALA D 865 -31.96 27.92 -4.02
N SER D 866 -33.19 28.36 -4.20
CA SER D 866 -34.36 27.59 -3.83
C SER D 866 -34.96 26.94 -5.08
N TYR D 867 -35.10 25.64 -5.06
CA TYR D 867 -35.67 24.90 -6.17
C TYR D 867 -36.94 24.23 -5.69
N GLU D 868 -38.04 24.45 -6.40
CA GLU D 868 -39.25 23.76 -6.05
C GLU D 868 -39.12 22.28 -6.41
N THR D 869 -39.35 21.43 -5.43
CA THR D 869 -39.38 20.00 -5.60
C THR D 869 -40.71 19.51 -5.06
N GLN D 870 -40.95 18.21 -5.18
CA GLN D 870 -42.22 17.63 -4.77
C GLN D 870 -42.56 18.04 -3.35
N PHE D 871 -43.65 18.78 -3.21
CA PHE D 871 -44.19 19.17 -1.92
C PHE D 871 -43.21 20.02 -1.11
N GLY D 872 -42.46 20.88 -1.77
CA GLY D 872 -41.68 21.83 -0.99
C GLY D 872 -40.52 22.39 -1.76
N ILE D 873 -39.52 22.84 -1.01
CA ILE D 873 -38.37 23.55 -1.55
C ILE D 873 -37.12 22.81 -1.12
N THR D 874 -36.22 22.58 -2.06
CA THR D 874 -34.87 22.11 -1.77
C THR D 874 -33.90 23.25 -1.99
N LYS D 875 -33.03 23.49 -1.03
CA LYS D 875 -32.03 24.54 -1.14
C LYS D 875 -30.71 23.93 -1.60
N ARG D 876 -30.16 24.47 -2.67
CA ARG D 876 -28.89 23.96 -3.14
C ARG D 876 -27.84 25.06 -3.08
N PRO D 877 -26.58 24.72 -2.88
CA PRO D 877 -25.54 25.73 -2.83
C PRO D 877 -25.29 26.35 -4.20
N THR D 878 -24.70 27.53 -4.18
CA THR D 878 -24.34 28.23 -5.41
C THR D 878 -22.84 28.47 -5.53
N HIS D 879 -22.00 27.73 -4.80
CA HIS D 879 -20.62 28.17 -4.60
C HIS D 879 -19.50 27.19 -4.90
N TYR D 880 -19.78 25.91 -5.13
CA TYR D 880 -18.72 24.93 -5.47
C TYR D 880 -17.63 24.81 -4.42
N ASN D 881 -17.94 25.01 -3.14
CA ASN D 881 -16.89 25.03 -2.12
C ASN D 881 -16.22 23.67 -1.98
N THR D 882 -16.99 22.64 -1.66
CA THR D 882 -16.46 21.30 -1.46
C THR D 882 -16.86 20.43 -2.65
N SER D 883 -16.42 19.18 -2.60
CA SER D 883 -16.77 18.23 -3.65
C SER D 883 -18.25 17.88 -3.64
N TRP D 884 -18.91 18.02 -2.49
CA TRP D 884 -20.36 17.87 -2.45
C TRP D 884 -21.04 18.95 -3.28
N ASP D 885 -20.55 20.19 -3.19
CA ASP D 885 -21.10 21.27 -3.98
C ASP D 885 -20.65 21.21 -5.42
N VAL D 886 -19.45 20.72 -5.68
CA VAL D 886 -18.98 20.54 -7.05
C VAL D 886 -19.85 19.53 -7.78
N ALA D 887 -20.29 18.50 -7.08
CA ALA D 887 -21.13 17.48 -7.69
C ALA D 887 -22.48 18.03 -8.14
N LYS D 888 -22.95 19.11 -7.52
CA LYS D 888 -24.25 19.67 -7.85
C LYS D 888 -24.17 20.77 -8.89
N PHE D 889 -23.50 20.51 -10.02
CA PHE D 889 -23.42 21.52 -11.06
C PHE D 889 -24.70 21.64 -11.87
N GLU D 890 -25.50 20.59 -11.94
CA GLU D 890 -26.86 20.66 -12.46
C GLU D 890 -27.77 19.92 -11.51
N VAL D 891 -28.93 20.52 -11.24
CA VAL D 891 -29.85 20.01 -10.23
C VAL D 891 -31.25 19.93 -10.83
N CYS D 892 -32.10 19.17 -10.16
CA CYS D 892 -33.47 18.94 -10.60
C CYS D 892 -34.42 19.83 -9.81
N HIS D 893 -35.36 20.43 -10.51
CA HIS D 893 -36.40 21.24 -9.89
C HIS D 893 -37.71 20.98 -10.61
N GLN D 894 -38.82 21.24 -9.93
CA GLN D 894 -40.11 20.92 -10.55
C GLN D 894 -40.59 22.03 -11.47
N LYS D 895 -40.97 23.17 -10.91
CA LYS D 895 -41.62 24.20 -11.72
C LYS D 895 -41.02 25.59 -11.58
N PHE D 896 -40.21 25.83 -10.56
CA PHE D 896 -39.49 27.09 -10.49
C PHE D 896 -38.17 26.88 -9.78
N ALA D 897 -37.22 27.73 -10.13
CA ALA D 897 -35.96 27.86 -9.41
C ALA D 897 -35.87 29.30 -8.96
N ASP D 898 -35.67 29.52 -7.66
CA ASP D 898 -35.61 30.87 -7.13
C ASP D 898 -34.22 31.19 -6.63
N TYR D 899 -33.75 32.38 -6.96
CA TYR D 899 -32.47 32.90 -6.48
C TYR D 899 -32.76 34.24 -5.82
N SER D 900 -32.73 34.28 -4.49
CA SER D 900 -33.13 35.46 -3.75
C SER D 900 -32.06 35.82 -2.73
N ASP D 901 -31.85 37.11 -2.55
CA ASP D 901 -31.15 37.65 -1.41
C ASP D 901 -32.18 38.24 -0.44
N PHE D 902 -31.70 38.99 0.54
CA PHE D 902 -32.57 39.53 1.57
C PHE D 902 -33.63 40.48 1.01
N THR D 903 -33.30 41.25 -0.02
CA THR D 903 -34.20 42.29 -0.49
C THR D 903 -34.86 42.01 -1.83
N TYR D 904 -34.30 41.11 -2.64
CA TYR D 904 -34.82 40.90 -3.98
C TYR D 904 -34.55 39.47 -4.39
N GLY D 905 -35.28 39.01 -5.40
CA GLY D 905 -35.07 37.68 -5.92
C GLY D 905 -35.60 37.56 -7.33
N VAL D 906 -35.14 36.52 -8.01
CA VAL D 906 -35.56 36.20 -9.35
C VAL D 906 -35.93 34.73 -9.40
N SER D 907 -37.14 34.43 -9.85
CA SER D 907 -37.56 33.07 -10.08
C SER D 907 -37.56 32.79 -11.56
N VAL D 908 -37.13 31.61 -11.94
CA VAL D 908 -37.32 31.12 -13.30
C VAL D 908 -38.36 30.03 -13.22
N LEU D 909 -39.53 30.30 -13.79
CA LEU D 909 -40.61 29.34 -13.88
C LEU D 909 -40.49 28.62 -15.22
N ASN D 910 -41.00 27.40 -15.27
CA ASN D 910 -41.00 26.66 -16.52
C ASN D 910 -42.20 25.75 -16.53
N ASP D 911 -42.57 25.27 -17.72
CA ASP D 911 -43.65 24.33 -17.81
C ASP D 911 -43.24 22.96 -18.33
N CYS D 912 -41.99 22.75 -18.74
CA CYS D 912 -41.58 21.45 -19.21
C CYS D 912 -40.15 21.05 -18.84
N LYS D 913 -39.41 21.85 -18.10
CA LYS D 913 -37.99 21.63 -17.91
C LYS D 913 -37.70 21.25 -16.46
N TYR D 914 -36.66 20.45 -16.27
CA TYR D 914 -36.33 19.96 -14.95
C TYR D 914 -34.88 20.18 -14.54
N GLY D 915 -34.01 20.60 -15.45
CA GLY D 915 -32.62 20.81 -15.13
C GLY D 915 -32.32 22.29 -14.96
N PHE D 916 -31.69 22.62 -13.84
CA PHE D 916 -31.34 24.00 -13.55
C PHE D 916 -29.96 24.04 -12.92
N SER D 917 -29.35 25.22 -12.97
CA SER D 917 -28.06 25.44 -12.31
C SER D 917 -27.98 26.90 -11.92
N THR D 918 -27.86 27.18 -10.63
CA THR D 918 -27.61 28.54 -10.16
C THR D 918 -26.27 28.55 -9.45
N HIS D 919 -25.30 29.27 -9.99
CA HIS D 919 -23.98 29.34 -9.39
C HIS D 919 -23.43 30.73 -9.62
N GLY D 920 -23.39 31.52 -8.55
CA GLY D 920 -22.78 32.83 -8.61
C GLY D 920 -23.44 33.77 -9.59
N ASN D 921 -24.64 34.24 -9.28
CA ASN D 921 -25.36 35.26 -10.04
C ASN D 921 -25.78 34.80 -11.42
N LEU D 922 -25.45 33.58 -11.82
CA LEU D 922 -25.84 33.06 -13.13
C LEU D 922 -26.85 31.94 -12.95
N MET D 923 -28.09 32.18 -13.40
CA MET D 923 -29.12 31.17 -13.43
C MET D 923 -29.18 30.59 -14.83
N ARG D 924 -29.16 29.27 -14.94
CA ARG D 924 -29.11 28.59 -16.22
C ARG D 924 -30.14 27.48 -16.25
N LEU D 925 -31.03 27.53 -17.23
CA LEU D 925 -32.05 26.52 -17.42
C LEU D 925 -31.62 25.59 -18.55
N SER D 926 -31.60 24.29 -18.27
CA SER D 926 -31.23 23.31 -19.29
C SER D 926 -32.42 23.07 -20.21
N LEU D 927 -32.22 23.29 -21.51
CA LEU D 927 -33.31 23.23 -22.47
C LEU D 927 -33.34 21.92 -23.25
N LEU D 928 -32.26 21.59 -23.95
CA LEU D 928 -32.33 20.44 -24.85
C LEU D 928 -31.00 19.71 -24.89
N ARG D 929 -31.08 18.38 -24.95
CA ARG D 929 -29.91 17.56 -25.19
C ARG D 929 -30.09 16.79 -26.48
N SER D 930 -28.99 16.29 -27.03
CA SER D 930 -29.01 15.46 -28.23
C SER D 930 -28.12 14.25 -28.04
N PRO D 931 -28.51 13.32 -27.16
CA PRO D 931 -27.73 12.09 -27.00
C PRO D 931 -28.03 11.10 -28.11
N LYS D 932 -27.12 10.14 -28.28
CA LYS D 932 -27.23 9.20 -29.37
C LYS D 932 -27.17 7.73 -28.96
N GLN D 933 -26.76 7.41 -27.74
CA GLN D 933 -26.31 6.04 -27.53
C GLN D 933 -27.45 5.03 -27.38
N PRO D 934 -28.42 5.22 -26.48
CA PRO D 934 -29.53 4.24 -26.46
C PRO D 934 -30.54 4.55 -27.55
N ASP D 935 -30.76 5.83 -27.82
CA ASP D 935 -31.68 6.28 -28.85
C ASP D 935 -30.91 7.24 -29.77
N ALA D 936 -30.82 6.89 -31.05
CA ALA D 936 -30.04 7.69 -31.99
C ALA D 936 -30.78 8.92 -32.47
N HIS D 937 -32.07 9.05 -32.17
CA HIS D 937 -32.87 10.22 -32.53
C HIS D 937 -33.64 10.70 -31.31
N ALA D 938 -32.93 10.85 -30.20
CA ALA D 938 -33.58 11.06 -28.91
C ALA D 938 -34.52 12.25 -28.93
N ASP D 939 -33.98 13.45 -29.13
CA ASP D 939 -34.78 14.66 -29.04
C ASP D 939 -34.89 15.39 -30.38
N MET D 940 -34.61 14.70 -31.48
CA MET D 940 -34.62 15.36 -32.78
C MET D 940 -36.05 15.70 -33.19
N GLY D 941 -36.26 16.92 -33.65
CA GLY D 941 -37.58 17.33 -34.03
C GLY D 941 -37.95 18.70 -33.52
N LYS D 942 -39.24 18.95 -33.33
CA LYS D 942 -39.72 20.26 -32.92
C LYS D 942 -40.05 20.25 -31.43
N HIS D 943 -39.68 21.33 -30.74
CA HIS D 943 -39.89 21.45 -29.32
C HIS D 943 -40.44 22.83 -29.01
N THR D 944 -41.44 22.87 -28.14
CA THR D 944 -41.98 24.11 -27.62
C THR D 944 -41.60 24.19 -26.15
N ILE D 945 -40.84 25.21 -25.78
CA ILE D 945 -40.34 25.38 -24.43
C ILE D 945 -40.84 26.71 -23.91
N ARG D 946 -41.56 26.67 -22.80
CA ARG D 946 -42.04 27.88 -22.16
C ARG D 946 -41.34 28.05 -20.82
N TYR D 947 -40.86 29.27 -20.56
CA TYR D 947 -40.31 29.59 -19.26
C TYR D 947 -40.46 31.07 -19.03
N ALA D 948 -40.45 31.47 -17.77
CA ALA D 948 -40.68 32.85 -17.39
C ALA D 948 -39.62 33.30 -16.40
N VAL D 949 -39.22 34.55 -16.51
CA VAL D 949 -38.37 35.19 -15.53
C VAL D 949 -39.24 36.12 -14.69
N TYR D 950 -39.35 35.82 -13.41
CA TYR D 950 -40.29 36.45 -12.49
C TYR D 950 -39.48 37.12 -11.40
N PRO D 951 -39.17 38.40 -11.53
CA PRO D 951 -38.48 39.10 -10.44
C PRO D 951 -39.46 39.59 -9.39
N HIS D 952 -39.02 39.53 -8.14
CA HIS D 952 -39.86 39.88 -7.00
C HIS D 952 -39.01 40.59 -5.97
N SER D 953 -39.64 41.44 -5.18
CA SER D 953 -38.92 42.40 -4.34
C SER D 953 -38.74 41.93 -2.91
N LYS D 954 -38.69 40.62 -2.70
CA LYS D 954 -38.47 40.08 -1.36
C LYS D 954 -37.77 38.73 -1.50
N PRO D 955 -37.46 38.02 -0.43
CA PRO D 955 -37.11 36.62 -0.56
C PRO D 955 -38.28 35.83 -1.13
N LEU D 956 -37.99 34.58 -1.51
CA LEU D 956 -39.01 33.73 -2.11
C LEU D 956 -40.20 33.58 -1.18
N ASP D 957 -41.40 33.79 -1.73
CA ASP D 957 -42.64 33.68 -0.97
C ASP D 957 -43.71 33.07 -1.86
N SER D 958 -44.95 33.10 -1.39
CA SER D 958 -46.03 32.40 -2.08
C SER D 958 -46.36 32.97 -3.44
N SER D 959 -45.97 34.21 -3.71
CA SER D 959 -46.26 34.79 -5.01
C SER D 959 -45.55 34.03 -6.12
N THR D 960 -44.30 33.62 -5.89
CA THR D 960 -43.60 32.80 -6.87
C THR D 960 -44.26 31.45 -7.04
N VAL D 961 -44.69 30.84 -5.94
CA VAL D 961 -45.33 29.52 -6.03
C VAL D 961 -46.60 29.61 -6.84
N ARG D 962 -47.42 30.62 -6.56
CA ARG D 962 -48.66 30.79 -7.30
C ARG D 962 -48.40 31.15 -8.76
N ALA D 963 -47.37 31.93 -9.02
CA ALA D 963 -47.02 32.27 -10.39
C ALA D 963 -46.57 31.04 -11.17
N ALA D 964 -45.82 30.14 -10.53
CA ALA D 964 -45.41 28.91 -11.19
C ALA D 964 -46.59 28.00 -11.47
N HIS D 965 -47.50 27.87 -10.50
CA HIS D 965 -48.69 27.07 -10.74
C HIS D 965 -49.54 27.65 -11.86
N LYS D 966 -49.68 28.97 -11.89
CA LYS D 966 -50.46 29.60 -12.95
C LYS D 966 -49.77 29.45 -14.31
N PHE D 967 -48.44 29.60 -14.33
CA PHE D 967 -47.68 29.40 -15.55
C PHE D 967 -47.86 27.99 -16.09
N ASN D 968 -48.02 27.01 -15.21
CA ASN D 968 -48.19 25.63 -15.65
C ASN D 968 -49.64 25.24 -15.87
N SER D 969 -50.59 26.12 -15.61
CA SER D 969 -51.99 25.75 -15.69
C SER D 969 -52.49 25.75 -17.12
N ASN D 970 -53.47 24.90 -17.37
CA ASN D 970 -54.20 24.87 -18.63
C ASN D 970 -55.57 25.47 -18.36
N PHE D 971 -55.74 26.74 -18.69
CA PHE D 971 -57.01 27.42 -18.52
C PHE D 971 -57.90 27.14 -19.73
N ARG D 972 -59.04 26.50 -19.49
CA ARG D 972 -59.88 25.99 -20.56
C ARG D 972 -61.04 26.93 -20.83
N LEU D 973 -61.27 27.22 -22.11
CA LEU D 973 -62.38 28.07 -22.49
C LEU D 973 -63.69 27.30 -22.39
N LEU D 974 -64.66 27.89 -21.70
CA LEU D 974 -65.94 27.28 -21.41
C LEU D 974 -67.07 28.16 -21.94
N THR D 975 -68.24 27.55 -22.08
CA THR D 975 -69.46 28.27 -22.39
C THR D 975 -70.56 27.67 -21.53
N ARG D 976 -71.36 28.53 -20.90
CA ARG D 976 -72.51 28.04 -20.16
C ARG D 976 -73.44 27.27 -21.10
N ALA D 977 -73.76 26.04 -20.74
CA ALA D 977 -74.71 25.28 -21.54
C ALA D 977 -76.11 25.85 -21.41
N SER D 978 -76.42 26.47 -20.27
CA SER D 978 -77.70 27.10 -20.05
C SER D 978 -77.49 28.28 -19.10
N ASP D 979 -78.57 28.80 -18.55
CA ASP D 979 -78.51 29.75 -17.46
C ASP D 979 -79.29 29.28 -16.25
N THR D 980 -79.86 28.06 -16.29
CA THR D 980 -80.56 27.48 -15.16
C THR D 980 -79.74 26.47 -14.39
N ALA D 981 -78.68 25.93 -15.00
CA ALA D 981 -77.73 25.07 -14.31
C ALA D 981 -76.30 25.59 -14.45
N ASN D 982 -76.14 26.90 -14.67
CA ASN D 982 -74.83 27.51 -14.83
C ASN D 982 -74.26 28.02 -13.51
N LEU D 983 -74.62 27.38 -12.40
CA LEU D 983 -74.13 27.80 -11.10
C LEU D 983 -72.64 27.52 -10.99
N ASP D 984 -71.92 28.42 -10.34
CA ASP D 984 -70.48 28.26 -10.12
C ASP D 984 -70.27 27.59 -8.77
N ILE D 985 -70.26 26.25 -8.79
CA ILE D 985 -69.98 25.42 -7.63
C ILE D 985 -68.49 25.14 -7.55
N PHE D 986 -67.71 25.78 -8.41
CA PHE D 986 -66.27 25.52 -8.46
C PHE D 986 -65.54 26.07 -7.25
N ASP D 987 -66.25 26.71 -6.32
CA ASP D 987 -65.66 27.17 -5.06
C ASP D 987 -66.16 26.34 -3.88
N ALA D 988 -66.57 25.10 -4.13
CA ALA D 988 -67.08 24.25 -3.05
C ALA D 988 -66.00 23.95 -2.02
N PHE D 989 -64.77 23.72 -2.46
CA PHE D 989 -63.66 23.42 -1.57
C PHE D 989 -62.62 24.52 -1.71
N GLN D 990 -62.40 25.26 -0.63
CA GLN D 990 -61.44 26.35 -0.63
C GLN D 990 -60.50 26.20 0.54
N LEU D 991 -59.32 26.80 0.41
CA LEU D 991 -58.36 26.89 1.50
C LEU D 991 -58.09 28.36 1.75
N VAL D 992 -58.39 28.82 2.96
CA VAL D 992 -58.31 30.22 3.31
C VAL D 992 -57.31 30.39 4.43
N GLY D 993 -56.33 31.24 4.25
CA GLY D 993 -55.32 31.42 5.26
C GLY D 993 -53.99 31.79 4.63
N GLU D 994 -52.92 31.35 5.29
CA GLU D 994 -51.60 31.70 4.83
C GLU D 994 -51.38 31.17 3.42
N PRO D 995 -50.99 32.03 2.47
CA PRO D 995 -50.94 31.60 1.06
C PRO D 995 -49.86 30.59 0.76
N ASN D 996 -48.96 30.30 1.69
CA ASN D 996 -47.98 29.25 1.46
C ASN D 996 -48.56 27.86 1.63
N VAL D 997 -49.80 27.75 2.12
CA VAL D 997 -50.49 26.47 2.23
C VAL D 997 -51.28 26.26 0.95
N ILE D 998 -51.00 25.16 0.25
CA ILE D 998 -51.54 24.88 -1.06
C ILE D 998 -52.50 23.71 -0.95
N LEU D 999 -53.73 23.91 -1.41
CA LEU D 999 -54.67 22.81 -1.63
C LEU D 999 -54.31 22.20 -2.98
N SER D 1000 -53.39 21.24 -2.97
CA SER D 1000 -52.79 20.78 -4.20
C SER D 1000 -53.68 19.82 -4.97
N HIS D 1001 -54.52 19.04 -4.31
CA HIS D 1001 -55.27 18.02 -5.00
C HIS D 1001 -56.62 17.79 -4.32
N ILE D 1002 -57.65 17.64 -5.14
CA ILE D 1002 -58.99 17.30 -4.69
C ILE D 1002 -59.41 16.05 -5.43
N LYS D 1003 -59.92 15.07 -4.69
CA LYS D 1003 -60.11 13.73 -5.22
C LYS D 1003 -61.22 13.06 -4.44
N MET D 1004 -61.76 11.98 -4.99
CA MET D 1004 -62.67 11.12 -4.28
C MET D 1004 -61.91 9.92 -3.76
N ALA D 1005 -62.24 9.49 -2.54
CA ALA D 1005 -61.54 8.37 -1.94
C ALA D 1005 -61.75 7.10 -2.74
N GLU D 1006 -60.76 6.21 -2.69
CA GLU D 1006 -60.86 4.94 -3.38
C GLU D 1006 -61.99 4.09 -2.81
N LYS D 1007 -62.14 4.08 -1.48
CA LYS D 1007 -63.07 3.15 -0.86
C LYS D 1007 -64.51 3.67 -0.92
N GLY D 1008 -64.77 4.81 -0.31
CA GLY D 1008 -66.14 5.28 -0.17
C GLY D 1008 -66.48 6.44 -1.08
N LYS D 1009 -67.37 7.31 -0.60
CA LYS D 1009 -67.77 8.50 -1.33
C LYS D 1009 -67.30 9.78 -0.65
N SER D 1010 -66.18 9.69 0.07
CA SER D 1010 -65.61 10.86 0.72
C SER D 1010 -64.65 11.57 -0.22
N ILE D 1011 -64.45 12.85 0.06
CA ILE D 1011 -63.58 13.69 -0.76
C ILE D 1011 -62.22 13.76 -0.09
N ILE D 1012 -61.17 13.57 -0.87
CA ILE D 1012 -59.81 13.61 -0.37
C ILE D 1012 -59.19 14.93 -0.81
N LEU D 1013 -58.74 15.72 0.15
CA LEU D 1013 -58.05 16.98 -0.11
C LEU D 1013 -56.60 16.85 0.30
N ARG D 1014 -55.70 16.98 -0.64
CA ARG D 1014 -54.28 17.02 -0.34
C ARG D 1014 -53.87 18.46 -0.13
N VAL D 1015 -53.24 18.74 1.00
CA VAL D 1015 -52.81 20.07 1.37
C VAL D 1015 -51.33 19.98 1.71
N TYR D 1016 -50.55 20.99 1.36
CA TYR D 1016 -49.18 20.95 1.81
C TYR D 1016 -48.65 22.35 2.04
N GLU D 1017 -47.67 22.43 2.94
CA GLU D 1017 -46.97 23.67 3.25
C GLU D 1017 -45.94 23.71 2.13
N SER D 1018 -45.87 24.82 1.41
CA SER D 1018 -45.00 24.89 0.24
C SER D 1018 -43.67 25.56 0.51
N LEU D 1019 -43.57 26.41 1.53
CA LEU D 1019 -42.38 27.25 1.67
C LEU D 1019 -41.58 27.01 2.94
N GLY D 1020 -42.08 26.23 3.88
CA GLY D 1020 -41.24 25.79 4.98
C GLY D 1020 -41.44 26.46 6.31
N GLY D 1021 -42.68 26.76 6.68
CA GLY D 1021 -42.96 27.27 8.01
C GLY D 1021 -44.28 26.72 8.50
N LYS D 1022 -44.38 26.52 9.80
CA LYS D 1022 -45.65 26.11 10.40
C LYS D 1022 -46.71 27.15 10.10
N SER D 1023 -47.81 26.71 9.51
CA SER D 1023 -48.80 27.63 8.97
C SER D 1023 -50.20 27.18 9.36
N ARG D 1024 -51.11 28.14 9.39
CA ARG D 1024 -52.49 27.90 9.75
C ARG D 1024 -53.40 28.24 8.60
N ALA D 1025 -54.40 27.42 8.37
CA ALA D 1025 -55.36 27.67 7.32
C ALA D 1025 -56.71 27.13 7.77
N ARG D 1026 -57.71 27.30 6.91
CA ARG D 1026 -59.03 26.74 7.14
C ARG D 1026 -59.53 26.18 5.83
N LEU D 1027 -60.02 24.94 5.86
CA LEU D 1027 -60.76 24.39 4.74
C LEU D 1027 -62.18 24.91 4.81
N VAL D 1028 -62.62 25.58 3.76
CA VAL D 1028 -63.98 26.11 3.67
C VAL D 1028 -64.73 25.24 2.67
N ILE D 1029 -65.78 24.58 3.15
CA ILE D 1029 -66.62 23.72 2.33
C ILE D 1029 -67.98 24.40 2.26
N LYS D 1030 -68.34 24.90 1.08
CA LYS D 1030 -69.43 25.87 1.01
C LYS D 1030 -70.79 25.25 0.70
N SER D 1031 -70.96 24.68 -0.48
CA SER D 1031 -72.31 24.27 -0.90
C SER D 1031 -72.58 22.82 -0.56
N LEU D 1032 -72.32 22.41 0.68
CA LEU D 1032 -72.33 21.00 1.02
C LEU D 1032 -72.72 20.83 2.48
N THR D 1033 -73.28 19.68 2.78
CA THR D 1033 -73.54 19.26 4.16
C THR D 1033 -72.43 18.30 4.54
N VAL D 1034 -71.60 18.72 5.50
CA VAL D 1034 -70.40 17.98 5.87
C VAL D 1034 -70.73 17.16 7.11
N ALA D 1035 -70.74 15.84 6.96
CA ALA D 1035 -70.91 14.98 8.11
C ALA D 1035 -69.70 15.04 9.03
N SER D 1036 -68.50 14.92 8.46
CA SER D 1036 -67.30 15.01 9.27
C SER D 1036 -66.10 15.31 8.40
N VAL D 1037 -65.04 15.77 9.03
CA VAL D 1037 -63.75 15.95 8.39
C VAL D 1037 -62.69 15.30 9.26
N THR D 1038 -61.89 14.41 8.67
CA THR D 1038 -60.83 13.76 9.40
C THR D 1038 -59.50 14.01 8.71
N LYS D 1039 -58.43 13.98 9.49
CA LYS D 1039 -57.09 13.95 8.95
C LYS D 1039 -56.72 12.49 8.72
N CYS D 1040 -56.27 12.17 7.51
CA CYS D 1040 -55.92 10.82 7.11
C CYS D 1040 -54.52 10.84 6.49
N ASN D 1041 -54.06 9.67 6.06
CA ASN D 1041 -52.73 9.52 5.50
C ASN D 1041 -52.82 9.34 3.99
N GLY D 1042 -51.66 9.05 3.37
CA GLY D 1042 -51.61 8.94 1.92
C GLY D 1042 -52.46 7.82 1.38
N LEU D 1043 -52.69 6.78 2.17
CA LEU D 1043 -53.57 5.68 1.78
C LEU D 1043 -55.03 5.95 2.14
N GLU D 1044 -55.33 7.16 2.60
CA GLU D 1044 -56.69 7.58 2.93
C GLU D 1044 -57.28 6.78 4.08
N GLU D 1045 -56.45 6.50 5.08
CA GLU D 1045 -56.89 5.87 6.31
C GLU D 1045 -56.92 6.91 7.41
N ASP D 1046 -58.05 7.00 8.11
CA ASP D 1046 -58.25 8.07 9.08
C ASP D 1046 -57.18 8.03 10.17
N LEU D 1047 -56.61 9.19 10.45
CA LEU D 1047 -55.66 9.36 11.55
C LEU D 1047 -56.29 10.02 12.75
N GLU D 1048 -57.07 11.07 12.54
CA GLU D 1048 -57.72 11.74 13.65
C GLU D 1048 -58.95 12.48 13.14
N GLU D 1049 -59.83 12.85 14.06
CA GLU D 1049 -61.04 13.59 13.74
C GLU D 1049 -60.81 15.07 14.00
N LEU D 1050 -61.25 15.90 13.06
CA LEU D 1050 -61.04 17.33 13.15
C LEU D 1050 -62.34 18.04 13.53
N CYS D 1051 -62.21 19.17 14.20
CA CYS D 1051 -63.36 19.97 14.60
C CYS D 1051 -63.77 20.85 13.44
N THR D 1052 -64.95 20.62 12.91
CA THR D 1052 -65.48 21.42 11.81
C THR D 1052 -66.52 22.38 12.36
N LEU D 1053 -66.33 23.67 12.08
CA LEU D 1053 -67.26 24.69 12.54
C LEU D 1053 -68.51 24.68 11.67
N LYS D 1054 -69.42 25.62 11.91
CA LYS D 1054 -70.61 25.76 11.10
C LYS D 1054 -70.93 27.25 11.01
N SER D 1055 -70.55 27.86 9.91
CA SER D 1055 -70.76 29.28 9.68
C SER D 1055 -72.10 29.48 8.99
N ASN D 1056 -72.33 30.66 8.42
CA ASN D 1056 -73.61 30.97 7.80
C ASN D 1056 -74.00 29.91 6.77
N ASP D 1057 -73.08 29.56 5.87
CA ASP D 1057 -73.38 28.56 4.86
C ASP D 1057 -72.23 27.60 4.58
N TYR D 1058 -71.11 27.70 5.29
CA TYR D 1058 -69.98 26.82 5.05
C TYR D 1058 -69.55 26.14 6.34
N TYR D 1059 -68.40 25.47 6.34
CA TYR D 1059 -68.04 24.64 7.48
C TYR D 1059 -66.72 24.97 8.14
N GLU D 1060 -65.70 25.38 7.40
CA GLU D 1060 -64.53 26.04 8.00
C GLU D 1060 -63.84 25.16 9.05
N VAL D 1061 -63.20 24.11 8.57
CA VAL D 1061 -62.34 23.28 9.42
C VAL D 1061 -60.97 23.96 9.56
N PRO D 1062 -60.58 24.39 10.76
CA PRO D 1062 -59.25 24.97 10.92
C PRO D 1062 -58.18 23.89 10.98
N ILE D 1063 -57.08 24.11 10.28
CA ILE D 1063 -55.99 23.16 10.17
C ILE D 1063 -54.66 23.88 10.42
N GLU D 1064 -53.70 23.13 10.93
CA GLU D 1064 -52.34 23.62 11.14
C GLU D 1064 -51.36 22.63 10.54
N LEU D 1065 -50.45 23.14 9.73
CA LEU D 1065 -49.43 22.31 9.09
C LEU D 1065 -48.05 22.67 9.62
N ARG D 1066 -47.21 21.66 9.75
CA ARG D 1066 -45.82 21.88 10.12
C ARG D 1066 -45.07 22.44 8.92
N ALA D 1067 -43.74 22.54 9.04
CA ALA D 1067 -42.95 23.34 8.12
C ALA D 1067 -43.15 22.91 6.66
N PHE D 1068 -43.00 21.63 6.38
CA PHE D 1068 -43.15 21.16 5.01
C PHE D 1068 -44.10 19.98 4.96
N GLU D 1069 -45.15 20.03 5.77
CA GLU D 1069 -46.01 18.88 5.97
C GLU D 1069 -46.92 18.67 4.77
N ILE D 1070 -47.11 17.40 4.42
CA ILE D 1070 -48.14 16.99 3.49
C ILE D 1070 -49.28 16.41 4.31
N ALA D 1071 -50.42 17.06 4.29
CA ALA D 1071 -51.61 16.63 5.01
C ALA D 1071 -52.67 16.16 4.04
N THR D 1072 -53.43 15.17 4.47
CA THR D 1072 -54.55 14.66 3.71
C THR D 1072 -55.78 14.76 4.57
N PHE D 1073 -56.87 15.27 4.01
CA PHE D 1073 -58.11 15.45 4.75
C PHE D 1073 -59.22 14.72 4.02
N LYS D 1074 -59.97 13.92 4.76
CA LYS D 1074 -61.11 13.19 4.24
C LYS D 1074 -62.37 13.90 4.70
N VAL D 1075 -63.14 14.42 3.75
CA VAL D 1075 -64.41 15.06 4.01
C VAL D 1075 -65.51 14.04 3.72
N ASN D 1076 -66.23 13.65 4.75
CA ASN D 1076 -67.40 12.80 4.62
C ASN D 1076 -68.63 13.68 4.59
N LEU D 1077 -69.35 13.66 3.46
CA LEU D 1077 -70.53 14.46 3.28
C LEU D 1077 -71.75 13.75 3.87
N GLY D 1078 -72.91 14.36 3.69
CA GLY D 1078 -74.13 13.82 4.23
C GLY D 1078 -74.48 14.44 5.57
N PHE D 1079 -75.48 13.84 6.20
CA PHE D 1079 -76.05 14.40 7.43
C PHE D 1079 -75.64 13.65 8.69
N LYS D 1080 -75.23 12.39 8.57
CA LYS D 1080 -74.79 11.58 9.70
C LYS D 1080 -75.79 11.60 10.85
N SER D 1097 -44.94 5.24 24.69
CA SER D 1097 -44.17 5.68 23.54
C SER D 1097 -44.41 4.77 22.34
N VAL D 1098 -45.38 3.86 22.47
CA VAL D 1098 -45.76 2.98 21.39
C VAL D 1098 -46.91 3.63 20.62
N ALA D 1099 -46.74 3.77 19.31
CA ALA D 1099 -47.75 4.37 18.46
C ALA D 1099 -48.37 3.29 17.58
N CYS D 1100 -49.65 3.48 17.25
CA CYS D 1100 -50.32 2.57 16.35
C CYS D 1100 -49.75 2.70 14.94
N ASN D 1101 -49.50 1.57 14.31
CA ASN D 1101 -48.87 1.56 12.99
C ASN D 1101 -49.78 2.01 11.88
N THR D 1102 -51.09 2.13 12.12
CA THR D 1102 -52.03 2.64 11.13
C THR D 1102 -52.32 4.12 11.34
N CYS D 1103 -52.84 4.48 12.50
CA CYS D 1103 -52.96 5.87 12.91
C CYS D 1103 -51.81 6.17 13.86
N LEU D 1104 -50.93 7.08 13.46
CA LEU D 1104 -49.65 7.25 14.16
C LEU D 1104 -49.85 8.00 15.47
N LYS D 1105 -50.74 7.46 16.30
CA LYS D 1105 -51.11 8.06 17.57
C LYS D 1105 -50.53 7.22 18.70
N ILE D 1106 -50.13 7.89 19.78
CA ILE D 1106 -49.59 7.19 20.93
C ILE D 1106 -50.69 6.33 21.54
N ILE D 1107 -50.38 5.04 21.75
CA ILE D 1107 -51.36 4.11 22.28
C ILE D 1107 -51.36 4.24 23.79
N ARG D 1108 -52.42 4.83 24.34
CA ARG D 1108 -52.57 4.91 25.78
C ARG D 1108 -53.37 3.76 26.36
N ASN D 1109 -54.35 3.26 25.63
CA ASN D 1109 -55.14 2.12 26.05
C ASN D 1109 -54.44 0.83 25.63
N ASP D 1110 -55.15 -0.29 25.66
CA ASP D 1110 -54.56 -1.55 25.23
C ASP D 1110 -54.23 -1.53 23.74
N SER D 1111 -53.21 -2.29 23.37
CA SER D 1111 -52.76 -2.37 21.99
C SER D 1111 -52.72 -3.83 21.55
N PHE D 1112 -52.50 -4.03 20.26
CA PHE D 1112 -52.35 -5.37 19.71
C PHE D 1112 -51.00 -5.44 19.01
N HIS D 1113 -50.14 -6.33 19.49
CA HIS D 1113 -48.79 -6.48 19.00
C HIS D 1113 -48.70 -7.73 18.15
N CYS D 1114 -48.17 -7.60 16.93
CA CYS D 1114 -48.00 -8.75 16.05
C CYS D 1114 -46.76 -9.53 16.49
N THR D 1115 -46.95 -10.82 16.80
CA THR D 1115 -45.84 -11.65 17.24
C THR D 1115 -44.97 -12.15 16.12
N LYS D 1116 -45.48 -12.08 14.88
CA LYS D 1116 -44.73 -12.61 13.74
C LYS D 1116 -43.51 -11.76 13.43
N CYS D 1117 -43.52 -10.50 13.88
CA CYS D 1117 -42.50 -9.52 13.57
C CYS D 1117 -42.19 -8.76 14.86
N PHE D 1118 -41.42 -7.69 14.72
CA PHE D 1118 -40.82 -7.00 15.86
C PHE D 1118 -41.48 -5.66 16.20
N ASP D 1119 -41.91 -4.90 15.20
CA ASP D 1119 -42.27 -3.49 15.42
C ASP D 1119 -43.61 -3.15 14.77
N PHE D 1120 -44.63 -3.97 14.99
CA PHE D 1120 -45.97 -3.66 14.52
C PHE D 1120 -46.94 -3.75 15.69
N ASP D 1121 -47.43 -2.59 16.14
CA ASP D 1121 -48.42 -2.49 17.20
C ASP D 1121 -49.60 -1.69 16.67
N VAL D 1122 -50.79 -2.24 16.82
CA VAL D 1122 -52.00 -1.57 16.34
C VAL D 1122 -52.88 -1.27 17.55
N CYS D 1123 -53.63 -0.18 17.46
CA CYS D 1123 -54.52 0.19 18.55
C CYS D 1123 -55.82 -0.61 18.45
N ARG D 1124 -56.64 -0.50 19.51
CA ARG D 1124 -57.87 -1.28 19.57
C ARG D 1124 -58.84 -0.88 18.46
N ASP D 1125 -58.95 0.42 18.17
CA ASP D 1125 -59.87 0.87 17.13
C ASP D 1125 -59.45 0.36 15.76
N CYS D 1126 -58.17 0.50 15.43
CA CYS D 1126 -57.69 0.00 14.14
C CYS D 1126 -57.73 -1.51 14.08
N TYR D 1127 -57.53 -2.19 15.21
CA TYR D 1127 -57.68 -3.64 15.24
C TYR D 1127 -59.11 -4.04 14.91
N ALA D 1128 -60.09 -3.35 15.48
CA ALA D 1128 -61.48 -3.63 15.15
C ALA D 1128 -61.77 -3.33 13.69
N LYS D 1129 -61.15 -2.27 13.15
CA LYS D 1129 -61.29 -1.92 11.74
C LYS D 1129 -60.61 -2.92 10.81
N GLN D 1130 -59.84 -3.87 11.36
CA GLN D 1130 -59.04 -4.81 10.58
C GLN D 1130 -57.99 -4.07 9.76
N ALA D 1131 -57.56 -2.90 10.23
CA ALA D 1131 -56.53 -2.12 9.55
C ALA D 1131 -55.17 -2.40 10.19
N PHE D 1132 -54.69 -3.62 9.93
CA PHE D 1132 -53.40 -4.02 10.48
C PHE D 1132 -52.56 -4.78 9.45
N LEU D 1133 -52.79 -4.55 8.16
CA LEU D 1133 -52.01 -5.22 7.15
C LEU D 1133 -50.58 -4.68 7.13
N HIS D 1134 -49.62 -5.57 6.98
CA HIS D 1134 -48.20 -5.23 7.03
C HIS D 1134 -47.41 -6.40 6.45
N PRO D 1135 -46.06 -6.33 6.37
CA PRO D 1135 -45.33 -7.46 5.78
C PRO D 1135 -45.38 -8.70 6.66
N CYS D 1136 -46.59 -9.21 6.88
CA CYS D 1136 -46.81 -10.48 7.57
C CYS D 1136 -48.03 -11.10 6.89
N PRO D 1137 -47.82 -12.08 6.01
CA PRO D 1137 -48.97 -12.69 5.33
C PRO D 1137 -49.96 -13.31 6.29
N LYS D 1138 -49.48 -13.87 7.41
CA LYS D 1138 -50.33 -14.50 8.41
C LYS D 1138 -50.02 -13.88 9.77
N PRO D 1139 -50.53 -12.68 10.02
CA PRO D 1139 -50.21 -11.98 11.27
C PRO D 1139 -50.93 -12.59 12.46
N HIS D 1140 -50.22 -12.67 13.58
CA HIS D 1140 -50.78 -13.13 14.84
C HIS D 1140 -50.63 -12.02 15.86
N PHE D 1141 -51.76 -11.54 16.37
CA PHE D 1141 -51.79 -10.40 17.28
C PHE D 1141 -52.10 -10.86 18.69
N VAL D 1142 -51.25 -10.47 19.63
CA VAL D 1142 -51.48 -10.68 21.05
C VAL D 1142 -51.83 -9.34 21.68
N LEU D 1143 -52.68 -9.39 22.70
CA LEU D 1143 -53.15 -8.19 23.36
C LEU D 1143 -52.16 -7.73 24.42
N VAL D 1144 -51.98 -6.42 24.51
CA VAL D 1144 -51.06 -5.82 25.48
C VAL D 1144 -51.83 -4.76 26.26
N ARG D 1145 -51.78 -4.86 27.58
CA ARG D 1145 -52.50 -3.92 28.45
C ARG D 1145 -51.56 -2.84 28.95
N SER D 1146 -52.16 -1.84 29.60
CA SER D 1146 -51.43 -0.70 30.18
C SER D 1146 -50.59 0.02 29.13
ZN ZN E . 12.14 -16.34 -29.64
ZN ZN F . 36.18 0.78 -32.21
ZN ZN G . 47.47 -8.78 -30.33
ZN ZN H . 20.04 -14.64 26.02
ZN ZN I . 4.04 -39.56 27.70
ZN ZN J . 13.71 -50.09 23.45
ZN ZN K . 1.12 31.57 17.18
ZN ZN L . 5.91 47.52 -7.33
ZN ZN M . -6.28 56.04 -8.33
ZN ZN N . -33.29 -0.57 -13.58
ZN ZN O . -46.18 -8.76 11.84
ZN ZN P . -54.86 2.89 15.21
#